data_5EXD
#
_entry.id   5EXD
#
_cell.length_a   138.430
_cell.length_b   138.430
_cell.length_c   217.069
_cell.angle_alpha   90.00
_cell.angle_beta   90.00
_cell.angle_gamma   90.00
#
_symmetry.space_group_name_H-M   'P 43'
#
loop_
_entity.id
_entity.type
_entity.pdbx_description
1 polymer 'Oxalate oxidoreductase subunit alpha'
2 polymer 'Oxalate oxidoreductase subunit delta'
3 polymer 'Oxalate oxidoreductase subunit beta'
4 non-polymer 'IRON/SULFUR CLUSTER'
5 non-polymer 'THIAMINE DIPHOSPHATE'
6 non-polymer 'MAGNESIUM ION'
7 non-polymer '[2-[3-[(4-azanyl-2-methyl-pyrimidin-5-yl)methyl]-4-methyl-2-[1,1,2-tris(oxidanyl)-2-oxidanylidene-ethyl]-1,3-thiazol-3-ium-5-yl]ethoxy-oxidanyl-phosphoryl] hydrogen phosphate'
8 water water
#
loop_
_entity_poly.entity_id
_entity_poly.type
_entity_poly.pdbx_seq_one_letter_code
_entity_poly.pdbx_strand_id
1 'polypeptide(L)'
;MGKVRNISGCVAVAHGVRLADVDVICSYPIRPYTGIMSELARMVADGELDAEFVHGEGEHAQLSVVYGASAAGARVFTGS
SGVGVTYAMEVYSPISGERLPVQMAIADRTLDPPGDFGEEHTDAECCRDQGWIQGWASTPQEALDNTLIYYRVGEDQRVL
LPQYACLDGYFVSHILGPVDIPDEAQVKEFLPPYKNHHVLDPRKPQIIGPQIEPAMGPPLQYQRYQAVKGVHKVLEEACD
EFARIFGRKYDPYLDEYLTDDAEVIIFGQGAHMETAKAVARRLRNLGEKVGVARLRTFRPFPTEQIKERLSKFKAIGVLD
VSANFGISCSGGVLLSELRAALYDYGDKVKTVGFVAGLGGEVVTHDEFYRMFQKLKEIAKTGKVEQTSYWIPFEL
;
A,D,G,J
2 'polypeptide(L)'
;MSTKDLFAEPNLKQITVWARGVVMNKDARDIVVALTEAAAKEGKYVQAWENYVDLPDRIYVPVRAYARISSDPIESKYIY
ENETPDIVVLVEESLIKGVPILKGIRPGSTLVVNTKRSIDTILEFLGDTGNLAQIVTVDANSMAEAVMTLSGAEGATDAT
GIGAGIAAPIAGAVVKATGIVDVENLAAVVKNPAAMRRGYAEAQVRQLPPHEAVEEAAVSATELLRQMPFAGTVPSPVTE
NEGMVTGNWRIQRPIIDREACTECYTCWIYCPDSCITRTEEGPVFNMKYCKGCGLCTAVCPSGALTNVPELDFKD
;
B,E,H,K
3 'polypeptide(L)'
;MLDRIASIKKAPDEEYYVPGHRTCAGCGPALTYRLVAKAAGPNTIFIGPTGCMYVANTSYGCGPWRVPWIHAQITNGGAV
ASGIEAAYKAMIRKKKTDAEFPNIIVMAGDGGAVDIGLQALSAMLYRGHDVLFICYDNESYANTGIQTSPTTPYGANTTF
TPPGEVVPEGKKLFPKDNPKVIAHGHPELKYVATASIGWPVDLMNKVRKGLNQEGPAYIHIHAPCPKGWQFPADKTIEMA
KLAVQTGMFQLYEYENGEYKLSVKVDKRKPVSEYMKLQKRFAHLKPEHIAKMQAFVDARCAEVGITVPVVASNA
;
C,F,I,L
#
loop_
_chem_comp.id
_chem_comp.type
_chem_comp.name
_chem_comp.formula
MG non-polymer 'MAGNESIUM ION' 'Mg 2'
O2T non-polymer '[2-[3-[(4-azanyl-2-methyl-pyrimidin-5-yl)methyl]-4-methyl-2-[1,1,2-tris(oxidanyl)-2-oxidanylidene-ethyl]-1,3-thiazol-3-ium-5-yl]ethoxy-oxidanyl-phosphoryl] hydrogen phosphate' 'C14 H20 N4 O11 P2 S'
SF4 non-polymer 'IRON/SULFUR CLUSTER' 'Fe4 S4'
TPP non-polymer 'THIAMINE DIPHOSPHATE' 'C12 H19 N4 O7 P2 S 1'
#
# COMPACT_ATOMS: atom_id res chain seq x y z
N GLY A 2 20.92 2.41 7.57
CA GLY A 2 21.73 1.59 8.46
C GLY A 2 21.03 1.29 9.76
N LYS A 3 19.73 1.03 9.69
CA LYS A 3 18.95 0.70 10.88
C LYS A 3 19.23 -0.71 11.37
N VAL A 4 19.61 -0.83 12.64
CA VAL A 4 19.87 -2.13 13.25
C VAL A 4 18.62 -2.71 13.91
N ARG A 5 18.27 -3.94 13.56
CA ARG A 5 17.08 -4.58 14.12
C ARG A 5 17.39 -5.98 14.64
N ASN A 6 16.65 -6.41 15.65
CA ASN A 6 16.79 -7.76 16.18
C ASN A 6 15.74 -8.70 15.58
N ILE A 7 15.97 -9.14 14.36
CA ILE A 7 14.99 -9.97 13.64
C ILE A 7 15.49 -11.37 13.36
N SER A 8 14.57 -12.27 13.04
CA SER A 8 14.92 -13.64 12.71
C SER A 8 15.49 -13.70 11.31
N GLY A 9 15.86 -14.90 10.87
CA GLY A 9 16.38 -15.07 9.53
C GLY A 9 15.31 -14.90 8.47
N CYS A 10 14.12 -15.42 8.75
CA CYS A 10 13.00 -15.34 7.81
C CYS A 10 12.68 -13.90 7.43
N VAL A 11 12.54 -13.04 8.44
CA VAL A 11 12.26 -11.62 8.22
C VAL A 11 13.47 -10.94 7.57
N ALA A 12 14.65 -11.38 7.96
CA ALA A 12 15.89 -10.82 7.43
C ALA A 12 16.01 -11.03 5.93
N VAL A 13 15.67 -12.23 5.48
CA VAL A 13 15.70 -12.56 4.06
C VAL A 13 14.70 -11.70 3.29
N ALA A 14 13.50 -11.55 3.85
CA ALA A 14 12.44 -10.76 3.21
C ALA A 14 12.86 -9.31 3.04
N HIS A 15 13.59 -8.77 4.01
CA HIS A 15 14.09 -7.40 3.92
C HIS A 15 15.16 -7.29 2.85
N GLY A 16 15.92 -8.37 2.66
CA GLY A 16 16.89 -8.43 1.59
C GLY A 16 16.20 -8.50 0.25
N VAL A 17 15.11 -9.26 0.21
CA VAL A 17 14.28 -9.38 -1.00
C VAL A 17 13.58 -8.07 -1.32
N ARG A 18 13.12 -7.38 -0.28
CA ARG A 18 12.46 -6.09 -0.44
C ARG A 18 13.39 -5.03 -1.02
N LEU A 19 14.61 -4.99 -0.50
CA LEU A 19 15.60 -4.02 -0.93
C LEU A 19 16.11 -4.35 -2.32
N ALA A 20 15.89 -5.60 -2.74
CA ALA A 20 16.30 -6.03 -4.08
C ALA A 20 15.24 -5.63 -5.09
N ASP A 21 14.10 -5.16 -4.58
CA ASP A 21 12.97 -4.76 -5.41
C ASP A 21 12.56 -5.89 -6.34
N VAL A 22 12.45 -7.08 -5.77
CA VAL A 22 12.03 -8.26 -6.53
C VAL A 22 10.64 -8.03 -7.10
N ASP A 23 10.46 -8.41 -8.36
CA ASP A 23 9.24 -8.14 -9.10
C ASP A 23 8.24 -9.28 -9.03
N VAL A 24 8.74 -10.51 -9.01
CA VAL A 24 7.86 -11.68 -8.95
C VAL A 24 8.23 -12.60 -7.80
N ILE A 25 7.23 -12.93 -6.98
CA ILE A 25 7.41 -13.86 -5.86
C ILE A 25 6.40 -15.00 -5.95
N CYS A 26 6.88 -16.24 -5.95
CA CYS A 26 5.97 -17.39 -5.93
C CYS A 26 6.14 -18.18 -4.64
N SER A 27 5.02 -18.48 -3.99
CA SER A 27 5.05 -19.04 -2.64
C SER A 27 4.43 -20.44 -2.51
N TYR A 28 4.73 -21.09 -1.39
CA TYR A 28 4.13 -22.36 -1.00
C TYR A 28 4.56 -22.67 0.44
N PRO A 29 3.68 -23.29 1.24
CA PRO A 29 4.02 -23.52 2.66
C PRO A 29 4.83 -24.78 2.96
N ILE A 30 5.95 -24.61 3.67
CA ILE A 30 6.67 -25.71 4.31
C ILE A 30 7.67 -25.14 5.33
N ARG A 31 7.68 -25.70 6.54
CA ARG A 31 8.56 -25.22 7.60
C ARG A 31 10.01 -25.61 7.36
N PRO A 32 10.95 -24.73 7.75
CA PRO A 32 10.71 -23.45 8.42
C PRO A 32 10.87 -22.23 7.54
N TYR A 33 10.74 -22.41 6.22
CA TYR A 33 10.93 -21.29 5.31
C TYR A 33 9.64 -20.49 5.13
N THR A 34 8.52 -21.06 5.56
CA THR A 34 7.20 -20.45 5.40
C THR A 34 7.14 -18.98 5.84
N GLY A 35 7.79 -18.69 6.96
CA GLY A 35 7.80 -17.34 7.49
C GLY A 35 8.32 -16.29 6.53
N ILE A 36 9.17 -16.72 5.61
CA ILE A 36 9.70 -15.82 4.58
C ILE A 36 8.56 -15.35 3.68
N MET A 37 7.79 -16.29 3.16
CA MET A 37 6.67 -15.96 2.28
C MET A 37 5.58 -15.24 3.04
N SER A 38 5.40 -15.61 4.30
CA SER A 38 4.41 -14.97 5.17
C SER A 38 4.77 -13.51 5.41
N GLU A 39 6.05 -13.25 5.63
CA GLU A 39 6.54 -11.89 5.81
C GLU A 39 6.50 -11.12 4.49
N LEU A 40 6.87 -11.80 3.41
CA LEU A 40 6.80 -11.22 2.08
C LEU A 40 5.36 -10.90 1.67
N ALA A 41 4.43 -11.77 2.08
CA ALA A 41 3.01 -11.54 1.80
C ALA A 41 2.48 -10.31 2.54
N ARG A 42 2.97 -10.10 3.76
CA ARG A 42 2.55 -8.96 4.56
C ARG A 42 3.12 -7.68 3.99
N MET A 43 4.39 -7.73 3.61
CA MET A 43 5.09 -6.59 3.04
C MET A 43 4.43 -6.09 1.77
N VAL A 44 3.96 -7.03 0.95
CA VAL A 44 3.24 -6.70 -0.26
C VAL A 44 1.87 -6.13 0.05
N ALA A 45 1.16 -6.78 0.97
CA ALA A 45 -0.18 -6.37 1.36
C ALA A 45 -0.21 -4.99 1.99
N ASP A 46 0.85 -4.64 2.70
CA ASP A 46 0.93 -3.35 3.37
C ASP A 46 1.57 -2.26 2.49
N GLY A 47 1.98 -2.65 1.29
CA GLY A 47 2.57 -1.70 0.35
C GLY A 47 4.03 -1.38 0.61
N GLU A 48 4.69 -2.21 1.41
CA GLU A 48 6.10 -2.05 1.69
C GLU A 48 6.92 -2.48 0.48
N LEU A 49 6.31 -3.34 -0.33
CA LEU A 49 6.93 -3.83 -1.55
C LEU A 49 5.88 -3.98 -2.65
N ASP A 50 6.17 -3.45 -3.83
CA ASP A 50 5.30 -3.65 -4.98
C ASP A 50 5.78 -4.83 -5.80
N ALA A 51 5.05 -5.95 -5.70
CA ALA A 51 5.45 -7.18 -6.38
C ALA A 51 4.27 -8.12 -6.60
N GLU A 52 4.34 -8.93 -7.65
CA GLU A 52 3.33 -9.94 -7.90
C GLU A 52 3.57 -11.16 -7.01
N PHE A 53 2.64 -11.39 -6.09
CA PHE A 53 2.75 -12.49 -5.14
C PHE A 53 1.91 -13.68 -5.59
N VAL A 54 2.52 -14.56 -6.37
CA VAL A 54 1.81 -15.68 -6.99
C VAL A 54 1.69 -16.88 -6.06
N HIS A 55 0.48 -17.38 -5.91
CA HIS A 55 0.21 -18.55 -5.09
C HIS A 55 0.39 -19.83 -5.87
N GLY A 56 1.61 -20.38 -5.83
CA GLY A 56 1.93 -21.60 -6.54
C GLY A 56 1.18 -22.81 -6.00
N GLU A 57 0.90 -23.75 -6.89
CA GLU A 57 0.17 -24.97 -6.53
C GLU A 57 1.13 -26.00 -5.94
N GLY A 58 2.41 -25.70 -5.99
CA GLY A 58 3.44 -26.60 -5.50
C GLY A 58 4.82 -26.00 -5.70
N GLU A 59 5.85 -26.70 -5.22
CA GLU A 59 7.22 -26.20 -5.33
C GLU A 59 7.74 -26.33 -6.76
N HIS A 60 7.35 -27.41 -7.43
CA HIS A 60 7.69 -27.58 -8.83
C HIS A 60 7.14 -26.40 -9.61
N ALA A 61 5.97 -25.94 -9.18
CA ALA A 61 5.33 -24.77 -9.76
C ALA A 61 6.06 -23.50 -9.35
N GLN A 62 6.51 -23.44 -8.10
CA GLN A 62 7.24 -22.28 -7.60
C GLN A 62 8.41 -21.92 -8.50
N LEU A 63 9.27 -22.90 -8.73
CA LEU A 63 10.45 -22.72 -9.56
C LEU A 63 10.09 -22.54 -11.03
N SER A 64 8.94 -23.08 -11.42
CA SER A 64 8.48 -22.94 -12.79
C SER A 64 8.01 -21.53 -13.10
N VAL A 65 7.30 -20.93 -12.14
CA VAL A 65 6.80 -19.57 -12.28
C VAL A 65 7.95 -18.57 -12.43
N VAL A 66 8.86 -18.59 -11.45
CA VAL A 66 9.99 -17.67 -11.42
C VAL A 66 10.94 -17.91 -12.58
N TYR A 67 10.92 -19.12 -13.13
CA TYR A 67 11.65 -19.43 -14.35
C TYR A 67 11.14 -18.57 -15.51
N GLY A 68 9.83 -18.66 -15.76
CA GLY A 68 9.21 -17.91 -16.84
C GLY A 68 9.18 -16.41 -16.62
N ALA A 69 9.08 -16.00 -15.36
CA ALA A 69 9.03 -14.59 -15.02
C ALA A 69 10.39 -13.92 -15.24
N SER A 70 11.45 -14.65 -14.93
CA SER A 70 12.81 -14.13 -15.14
C SER A 70 13.09 -14.00 -16.62
N ALA A 71 12.56 -14.95 -17.40
CA ALA A 71 12.75 -14.96 -18.84
C ALA A 71 12.02 -13.80 -19.50
N ALA A 72 11.04 -13.25 -18.79
CA ALA A 72 10.30 -12.08 -19.27
C ALA A 72 10.99 -10.80 -18.81
N GLY A 73 12.15 -10.96 -18.17
CA GLY A 73 12.99 -9.84 -17.81
C GLY A 73 12.79 -9.29 -16.42
N ALA A 74 12.10 -10.04 -15.56
CA ALA A 74 11.82 -9.59 -14.21
C ALA A 74 12.72 -10.25 -13.16
N ARG A 75 13.07 -9.50 -12.13
CA ARG A 75 13.79 -10.06 -10.98
C ARG A 75 12.83 -10.89 -10.16
N VAL A 76 13.21 -12.13 -9.87
CA VAL A 76 12.31 -13.07 -9.21
C VAL A 76 12.90 -13.60 -7.91
N PHE A 77 12.03 -14.11 -7.04
CA PHE A 77 12.45 -14.74 -5.80
C PHE A 77 11.45 -15.81 -5.38
N THR A 78 11.96 -16.92 -4.90
CA THR A 78 11.12 -17.96 -4.32
C THR A 78 11.93 -18.75 -3.30
N GLY A 79 11.38 -19.87 -2.85
CA GLY A 79 12.08 -20.68 -1.87
C GLY A 79 11.27 -21.88 -1.42
N SER A 80 11.93 -22.78 -0.70
CA SER A 80 11.26 -23.95 -0.14
C SER A 80 12.14 -24.65 0.88
N SER A 81 11.71 -25.84 1.32
CA SER A 81 12.42 -26.60 2.32
C SER A 81 12.15 -28.09 2.18
N GLY A 82 13.06 -28.91 2.70
CA GLY A 82 12.88 -30.35 2.76
C GLY A 82 12.44 -31.02 1.47
N VAL A 83 11.31 -31.73 1.53
CA VAL A 83 10.78 -32.45 0.37
C VAL A 83 10.22 -31.49 -0.68
N GLY A 84 10.12 -30.22 -0.32
CA GLY A 84 9.77 -29.19 -1.27
C GLY A 84 10.92 -28.94 -2.23
N VAL A 85 12.14 -29.11 -1.73
CA VAL A 85 13.33 -28.94 -2.54
C VAL A 85 13.45 -30.04 -3.58
N THR A 86 13.11 -31.27 -3.20
CA THR A 86 13.20 -32.40 -4.11
C THR A 86 12.01 -32.51 -5.06
N TYR A 87 10.90 -31.86 -4.71
CA TYR A 87 9.72 -31.87 -5.57
C TYR A 87 9.95 -30.99 -6.80
N ALA A 88 10.67 -29.89 -6.62
CA ALA A 88 10.94 -28.96 -7.71
C ALA A 88 12.25 -29.28 -8.42
N MET A 89 12.72 -30.51 -8.26
CA MET A 89 14.03 -30.91 -8.76
C MET A 89 14.18 -30.79 -10.28
N GLU A 90 13.13 -31.12 -11.02
CA GLU A 90 13.21 -31.10 -12.48
C GLU A 90 13.53 -29.71 -13.04
N VAL A 91 13.04 -28.67 -12.38
CA VAL A 91 13.13 -27.32 -12.91
C VAL A 91 14.49 -26.66 -12.70
N TYR A 92 15.29 -27.20 -11.77
CA TYR A 92 16.57 -26.58 -11.43
C TYR A 92 17.54 -26.46 -12.60
N SER A 93 17.71 -27.56 -13.33
CA SER A 93 18.65 -27.61 -14.44
C SER A 93 18.31 -26.68 -15.62
N PRO A 94 17.02 -26.65 -16.06
CA PRO A 94 16.69 -25.71 -17.13
C PRO A 94 16.93 -24.25 -16.78
N ILE A 95 16.76 -23.90 -15.52
CA ILE A 95 16.95 -22.53 -15.06
C ILE A 95 18.40 -22.08 -15.25
N SER A 96 19.34 -22.92 -14.82
CA SER A 96 20.76 -22.62 -14.99
C SER A 96 21.14 -22.69 -16.46
N GLY A 97 20.63 -23.71 -17.16
CA GLY A 97 20.97 -23.92 -18.55
C GLY A 97 20.47 -22.83 -19.48
N GLU A 98 19.39 -22.18 -19.09
CA GLU A 98 18.87 -21.06 -19.86
C GLU A 98 19.36 -19.74 -19.28
N ARG A 99 20.29 -19.85 -18.34
CA ARG A 99 20.94 -18.69 -17.72
C ARG A 99 19.94 -17.69 -17.16
N LEU A 100 19.07 -18.17 -16.28
CA LEU A 100 18.08 -17.33 -15.63
C LEU A 100 18.38 -17.23 -14.14
N PRO A 101 18.84 -16.05 -13.69
CA PRO A 101 19.29 -15.81 -12.31
C PRO A 101 18.17 -15.85 -11.28
N VAL A 102 17.47 -16.97 -11.20
CA VAL A 102 16.46 -17.19 -10.18
C VAL A 102 17.11 -17.41 -8.82
N GLN A 103 16.73 -16.61 -7.83
CA GLN A 103 17.22 -16.85 -6.47
C GLN A 103 16.18 -17.62 -5.69
N MET A 104 16.62 -18.70 -5.06
CA MET A 104 15.73 -19.52 -4.23
C MET A 104 16.28 -19.69 -2.82
N ALA A 105 15.56 -19.17 -1.84
CA ALA A 105 15.95 -19.30 -0.44
C ALA A 105 15.61 -20.69 0.09
N ILE A 106 16.58 -21.33 0.71
CA ILE A 106 16.32 -22.63 1.31
C ILE A 106 16.62 -22.64 2.80
N ALA A 107 15.56 -22.62 3.60
CA ALA A 107 15.68 -22.90 5.02
C ALA A 107 15.62 -24.41 5.18
N ASP A 108 16.78 -25.02 5.38
CA ASP A 108 16.91 -26.47 5.32
C ASP A 108 15.95 -27.23 6.24
N ARG A 109 15.49 -28.38 5.76
CA ARG A 109 14.64 -29.25 6.54
C ARG A 109 14.89 -30.68 6.06
N THR A 110 14.83 -31.64 6.97
CA THR A 110 15.07 -33.03 6.61
C THR A 110 14.02 -33.52 5.61
N LEU A 111 14.38 -34.54 4.85
CA LEU A 111 13.44 -35.16 3.90
C LEU A 111 12.49 -36.07 4.66
N ASP A 112 11.65 -36.79 3.93
CA ASP A 112 10.80 -37.80 4.54
C ASP A 112 11.38 -39.18 4.24
N PRO A 113 11.84 -39.91 5.28
CA PRO A 113 11.96 -39.50 6.68
C PRO A 113 13.22 -38.67 6.90
N PRO A 114 13.42 -38.07 8.09
CA PRO A 114 12.62 -38.05 9.33
C PRO A 114 11.24 -37.42 9.15
N GLY A 115 11.19 -36.26 8.51
CA GLY A 115 9.92 -35.61 8.25
C GLY A 115 9.94 -34.10 8.35
N ASP A 116 8.88 -33.55 8.89
CA ASP A 116 8.61 -32.11 8.83
C ASP A 116 9.13 -31.34 10.05
N PHE A 117 9.96 -31.98 10.87
CA PHE A 117 10.46 -31.30 12.08
C PHE A 117 11.68 -30.41 11.80
N GLY A 118 12.87 -31.02 11.81
CA GLY A 118 14.10 -30.26 11.90
C GLY A 118 14.92 -30.23 10.63
N GLU A 119 16.10 -29.61 10.70
CA GLU A 119 16.90 -29.35 9.51
C GLU A 119 18.01 -30.36 9.24
N GLU A 120 18.27 -30.56 7.94
CA GLU A 120 19.48 -31.20 7.45
C GLU A 120 19.87 -30.49 6.16
N HIS A 121 21.15 -30.47 5.83
CA HIS A 121 21.59 -29.86 4.59
C HIS A 121 21.35 -30.77 3.39
N THR A 122 20.90 -31.99 3.66
CA THR A 122 20.70 -33.02 2.63
C THR A 122 19.84 -32.56 1.46
N ASP A 123 18.75 -31.86 1.76
CA ASP A 123 17.81 -31.42 0.73
C ASP A 123 18.48 -30.49 -0.29
N ALA A 124 19.20 -29.48 0.19
CA ALA A 124 19.85 -28.53 -0.70
C ALA A 124 21.08 -29.15 -1.36
N GLU A 125 21.67 -30.13 -0.71
CA GLU A 125 22.87 -30.78 -1.22
C GLU A 125 22.55 -31.74 -2.36
N CYS A 126 21.27 -31.92 -2.64
CA CYS A 126 20.85 -32.73 -3.78
C CYS A 126 21.01 -31.93 -5.07
N CYS A 127 21.06 -30.61 -4.95
CA CYS A 127 21.12 -29.71 -6.10
C CYS A 127 22.54 -29.30 -6.43
N ARG A 128 23.51 -30.13 -6.04
CA ARG A 128 24.92 -29.81 -6.19
C ARG A 128 25.37 -29.68 -7.64
N ASP A 129 24.66 -30.32 -8.54
CA ASP A 129 25.08 -30.42 -9.92
C ASP A 129 24.31 -29.50 -10.86
N GLN A 130 23.28 -28.86 -10.33
CA GLN A 130 22.32 -28.15 -11.17
C GLN A 130 22.89 -26.86 -11.77
N GLY A 131 24.08 -26.47 -11.32
CA GLY A 131 24.75 -25.31 -11.89
C GLY A 131 24.29 -24.00 -11.30
N TRP A 132 24.14 -23.97 -9.98
CA TRP A 132 23.74 -22.75 -9.28
C TRP A 132 24.84 -22.23 -8.36
N ILE A 133 24.67 -20.99 -7.91
CA ILE A 133 25.47 -20.46 -6.83
C ILE A 133 24.85 -20.91 -5.52
N GLN A 134 25.64 -21.50 -4.64
CA GLN A 134 25.09 -22.09 -3.43
C GLN A 134 25.99 -21.86 -2.21
N GLY A 135 25.41 -21.42 -1.11
CA GLY A 135 26.15 -21.17 0.11
C GLY A 135 25.23 -21.01 1.31
N TRP A 136 25.79 -21.21 2.49
CA TRP A 136 25.02 -21.14 3.73
C TRP A 136 25.30 -19.88 4.55
N ALA A 137 24.22 -19.25 5.03
CA ALA A 137 24.34 -18.15 5.97
C ALA A 137 24.15 -18.70 7.38
N SER A 138 25.05 -18.34 8.28
CA SER A 138 25.01 -18.89 9.63
C SER A 138 24.25 -17.98 10.60
N THR A 139 24.07 -16.74 10.19
CA THR A 139 23.37 -15.75 11.01
C THR A 139 22.34 -14.99 10.19
N PRO A 140 21.26 -14.52 10.85
CA PRO A 140 20.23 -13.69 10.21
C PRO A 140 20.77 -12.50 9.43
N GLN A 141 21.81 -11.85 9.94
CA GLN A 141 22.42 -10.72 9.23
C GLN A 141 23.02 -11.18 7.90
N GLU A 142 23.69 -12.32 7.92
CA GLU A 142 24.34 -12.85 6.73
C GLU A 142 23.33 -13.31 5.69
N ALA A 143 22.17 -13.76 6.16
CA ALA A 143 21.09 -14.20 5.29
C ALA A 143 20.57 -13.04 4.46
N LEU A 144 20.51 -11.87 5.07
CA LEU A 144 20.10 -10.66 4.36
C LEU A 144 21.19 -10.26 3.38
N ASP A 145 22.45 -10.37 3.82
CA ASP A 145 23.58 -9.93 3.01
C ASP A 145 23.75 -10.81 1.77
N ASN A 146 23.68 -12.14 1.96
CA ASN A 146 23.81 -13.07 0.86
C ASN A 146 22.71 -12.92 -0.19
N THR A 147 21.53 -12.50 0.25
CA THR A 147 20.44 -12.24 -0.68
C THR A 147 20.84 -11.19 -1.71
N LEU A 148 21.37 -10.07 -1.23
CA LEU A 148 21.80 -8.99 -2.12
C LEU A 148 23.03 -9.39 -2.94
N ILE A 149 23.98 -10.04 -2.28
CA ILE A 149 25.23 -10.46 -2.92
C ILE A 149 24.98 -11.47 -4.03
N TYR A 150 24.19 -12.51 -3.76
CA TYR A 150 23.92 -13.54 -4.75
C TYR A 150 23.14 -12.96 -5.93
N TYR A 151 22.35 -11.94 -5.65
CA TYR A 151 21.69 -11.20 -6.71
C TYR A 151 22.74 -10.46 -7.52
N ARG A 152 23.69 -9.84 -6.83
CA ARG A 152 24.75 -9.09 -7.49
C ARG A 152 25.66 -10.01 -8.30
N VAL A 153 26.08 -11.12 -7.69
CA VAL A 153 26.95 -12.08 -8.36
C VAL A 153 26.20 -12.88 -9.43
N GLY A 154 25.03 -13.38 -9.07
CA GLY A 154 24.26 -14.22 -9.97
C GLY A 154 23.69 -13.50 -11.18
N GLU A 155 23.28 -12.25 -11.00
CA GLU A 155 22.71 -11.49 -12.10
C GLU A 155 23.78 -10.72 -12.86
N ASP A 156 25.03 -10.91 -12.46
CA ASP A 156 26.13 -10.29 -13.18
C ASP A 156 26.14 -10.87 -14.59
N GLN A 157 26.26 -10.01 -15.59
CA GLN A 157 26.11 -10.44 -16.97
C GLN A 157 27.24 -11.34 -17.48
N ARG A 158 28.31 -11.44 -16.69
CA ARG A 158 29.39 -12.37 -17.03
C ARG A 158 29.09 -13.73 -16.41
N VAL A 159 28.08 -13.76 -15.54
CA VAL A 159 27.70 -14.98 -14.84
C VAL A 159 26.33 -15.45 -15.29
N LEU A 160 25.30 -14.67 -14.97
CA LEU A 160 23.92 -15.00 -15.31
C LEU A 160 23.56 -16.41 -14.85
N LEU A 161 23.62 -16.64 -13.54
CA LEU A 161 23.33 -17.95 -12.98
C LEU A 161 22.42 -17.83 -11.75
N PRO A 162 21.53 -18.81 -11.57
CA PRO A 162 20.62 -18.89 -10.41
C PRO A 162 21.36 -19.20 -9.11
N GLN A 163 20.76 -18.85 -7.98
CA GLN A 163 21.42 -18.99 -6.70
C GLN A 163 20.58 -19.71 -5.63
N TYR A 164 21.24 -20.51 -4.81
CA TYR A 164 20.60 -21.11 -3.64
C TYR A 164 21.05 -20.37 -2.38
N ALA A 165 20.27 -19.37 -1.96
CA ALA A 165 20.53 -18.71 -0.70
C ALA A 165 20.09 -19.62 0.44
N CYS A 166 21.03 -20.38 0.98
CA CYS A 166 20.71 -21.37 2.00
C CYS A 166 20.96 -20.83 3.41
N LEU A 167 20.17 -21.32 4.35
CA LEU A 167 20.29 -20.94 5.76
C LEU A 167 19.68 -22.06 6.60
N ASP A 168 20.28 -22.31 7.75
CA ASP A 168 19.87 -23.43 8.59
C ASP A 168 18.45 -23.32 9.09
N GLY A 169 17.73 -24.44 9.05
CA GLY A 169 16.35 -24.48 9.52
C GLY A 169 16.29 -24.26 11.01
N TYR A 170 15.34 -23.42 11.43
CA TYR A 170 15.15 -23.02 12.82
C TYR A 170 16.32 -22.20 13.38
N PHE A 171 17.53 -22.76 13.31
CA PHE A 171 18.70 -22.13 13.92
C PHE A 171 19.06 -20.77 13.33
N VAL A 172 18.76 -20.57 12.05
CA VAL A 172 18.98 -19.28 11.41
C VAL A 172 17.64 -18.63 11.10
N SER A 173 16.68 -19.44 10.67
CA SER A 173 15.38 -18.93 10.24
C SER A 173 14.57 -18.32 11.38
N HIS A 174 14.65 -18.93 12.56
CA HIS A 174 13.81 -18.51 13.68
C HIS A 174 14.52 -17.69 14.76
N ILE A 175 15.72 -18.10 15.14
CA ILE A 175 16.44 -17.44 16.24
C ILE A 175 16.82 -16.01 15.87
N LEU A 176 16.46 -15.07 16.74
CA LEU A 176 16.71 -13.66 16.53
C LEU A 176 18.20 -13.35 16.51
N GLY A 177 18.56 -12.30 15.78
CA GLY A 177 19.93 -11.86 15.70
C GLY A 177 20.00 -10.39 15.32
N PRO A 178 21.06 -9.71 15.78
CA PRO A 178 21.23 -8.29 15.44
C PRO A 178 21.44 -8.11 13.95
N VAL A 179 20.48 -7.47 13.28
CA VAL A 179 20.60 -7.29 11.83
C VAL A 179 20.62 -5.81 11.45
N ASP A 180 21.72 -5.38 10.84
CA ASP A 180 21.79 -4.04 10.29
C ASP A 180 21.12 -4.03 8.92
N ILE A 181 19.86 -3.63 8.88
CA ILE A 181 19.13 -3.54 7.63
C ILE A 181 19.55 -2.29 6.88
N PRO A 182 20.21 -2.47 5.73
CA PRO A 182 20.80 -1.38 4.96
C PRO A 182 19.79 -0.40 4.41
N ASP A 183 20.28 0.74 3.95
CA ASP A 183 19.44 1.77 3.34
C ASP A 183 19.26 1.41 1.87
N GLU A 184 18.20 1.92 1.24
CA GLU A 184 17.97 1.63 -0.18
C GLU A 184 19.02 2.26 -1.07
N ALA A 185 19.53 3.41 -0.65
CA ALA A 185 20.58 4.09 -1.42
C ALA A 185 21.84 3.23 -1.39
N GLN A 186 22.02 2.49 -0.31
CA GLN A 186 23.15 1.57 -0.20
C GLN A 186 22.96 0.41 -1.17
N VAL A 187 21.73 -0.06 -1.28
CA VAL A 187 21.41 -1.19 -2.15
C VAL A 187 21.37 -0.75 -3.61
N LYS A 188 20.84 0.45 -3.85
CA LYS A 188 20.80 1.01 -5.20
C LYS A 188 22.22 1.17 -5.72
N GLU A 189 23.12 1.52 -4.82
CA GLU A 189 24.54 1.67 -5.12
C GLU A 189 25.18 0.30 -5.40
N PHE A 190 24.67 -0.72 -4.73
CA PHE A 190 25.25 -2.06 -4.81
C PHE A 190 24.65 -2.92 -5.93
N LEU A 191 23.33 -2.87 -6.07
CA LEU A 191 22.64 -3.79 -6.99
C LEU A 191 21.96 -3.08 -8.16
N PRO A 192 22.55 -3.23 -9.36
CA PRO A 192 21.98 -2.71 -10.62
C PRO A 192 20.72 -3.47 -11.06
N PRO A 193 19.91 -2.85 -11.92
CA PRO A 193 18.72 -3.54 -12.45
C PRO A 193 19.09 -4.81 -13.21
N TYR A 194 18.22 -5.81 -13.14
CA TYR A 194 18.44 -7.08 -13.82
C TYR A 194 18.28 -6.98 -15.34
N LYS A 195 19.32 -7.36 -16.07
CA LYS A 195 19.28 -7.40 -17.53
C LYS A 195 20.05 -8.59 -18.07
N ASN A 196 19.34 -9.48 -18.78
CA ASN A 196 19.96 -10.65 -19.38
C ASN A 196 20.22 -10.42 -20.87
N HIS A 197 20.92 -11.36 -21.50
CA HIS A 197 21.21 -11.23 -22.92
C HIS A 197 20.03 -11.67 -23.77
N HIS A 198 19.19 -12.52 -23.20
CA HIS A 198 17.96 -12.91 -23.89
C HIS A 198 16.75 -12.65 -23.00
N VAL A 199 15.63 -12.34 -23.64
CA VAL A 199 14.40 -12.03 -22.93
C VAL A 199 13.21 -12.18 -23.88
N LEU A 200 12.08 -12.62 -23.35
CA LEU A 200 10.87 -12.79 -24.16
C LEU A 200 10.20 -11.45 -24.40
N ASP A 201 10.33 -10.94 -25.62
CA ASP A 201 9.77 -9.64 -25.98
C ASP A 201 9.37 -9.57 -27.45
N PRO A 202 8.06 -9.41 -27.71
CA PRO A 202 7.51 -9.35 -29.07
C PRO A 202 8.15 -8.26 -29.94
N ARG A 203 8.77 -7.26 -29.31
CA ARG A 203 9.43 -6.19 -30.04
C ARG A 203 10.79 -6.65 -30.51
N LYS A 204 11.43 -7.53 -29.73
CA LYS A 204 12.73 -8.06 -30.07
C LYS A 204 12.68 -9.58 -29.93
N PRO A 205 12.06 -10.26 -30.91
CA PRO A 205 11.73 -11.68 -30.77
C PRO A 205 12.94 -12.60 -30.65
N GLN A 206 12.88 -13.52 -29.69
CA GLN A 206 13.96 -14.49 -29.50
C GLN A 206 13.40 -15.88 -29.20
N ILE A 207 14.14 -16.90 -29.61
CA ILE A 207 13.73 -18.29 -29.40
C ILE A 207 14.58 -18.93 -28.30
N ILE A 208 14.02 -19.04 -27.11
CA ILE A 208 14.78 -19.48 -25.94
C ILE A 208 14.62 -20.97 -25.66
N GLY A 209 15.71 -21.71 -25.82
CA GLY A 209 15.74 -23.14 -25.55
C GLY A 209 15.29 -24.08 -26.65
N PRO A 210 15.86 -23.95 -27.86
CA PRO A 210 15.46 -24.90 -28.90
C PRO A 210 16.18 -26.23 -28.73
N GLN A 211 15.60 -27.33 -29.23
CA GLN A 211 16.29 -28.61 -29.21
C GLN A 211 17.56 -28.49 -30.05
N ILE A 212 18.71 -28.64 -29.38
CA ILE A 212 19.98 -28.38 -30.04
C ILE A 212 20.52 -29.61 -30.75
N GLU A 213 21.50 -29.36 -31.62
CA GLU A 213 22.17 -30.41 -32.36
C GLU A 213 22.92 -31.34 -31.41
N PRO A 214 22.83 -32.66 -31.66
CA PRO A 214 23.58 -33.70 -30.95
C PRO A 214 25.06 -33.38 -30.80
N ALA A 215 25.64 -32.79 -31.84
CA ALA A 215 27.05 -32.42 -31.84
C ALA A 215 27.29 -31.13 -31.06
N MET A 216 26.22 -30.39 -30.81
CA MET A 216 26.31 -29.13 -30.08
C MET A 216 26.05 -29.31 -28.59
N GLY A 217 25.95 -30.56 -28.17
CA GLY A 217 25.82 -30.90 -26.77
C GLY A 217 26.97 -30.41 -25.91
N PRO A 218 28.19 -30.93 -26.17
CA PRO A 218 29.39 -30.51 -25.43
C PRO A 218 29.69 -28.99 -25.46
N PRO A 219 29.53 -28.29 -26.60
CA PRO A 219 29.80 -26.85 -26.52
C PRO A 219 28.85 -26.11 -25.60
N LEU A 220 27.60 -26.54 -25.51
CA LEU A 220 26.64 -25.90 -24.62
C LEU A 220 26.96 -26.21 -23.17
N GLN A 221 27.37 -27.45 -22.90
CA GLN A 221 27.74 -27.86 -21.56
C GLN A 221 29.01 -27.15 -21.09
N TYR A 222 30.00 -27.05 -21.97
CA TYR A 222 31.26 -26.41 -21.64
C TYR A 222 31.10 -24.89 -21.50
N GLN A 223 30.10 -24.34 -22.18
CA GLN A 223 29.81 -22.92 -22.10
C GLN A 223 29.36 -22.54 -20.69
N ARG A 224 28.48 -23.35 -20.13
CA ARG A 224 27.98 -23.12 -18.77
C ARG A 224 29.05 -23.47 -17.75
N TYR A 225 29.90 -24.42 -18.08
CA TYR A 225 31.05 -24.78 -17.25
C TYR A 225 31.98 -23.61 -17.00
N GLN A 226 32.33 -22.90 -18.07
CA GLN A 226 33.20 -21.74 -17.97
C GLN A 226 32.52 -20.61 -17.21
N ALA A 227 31.20 -20.54 -17.34
CA ALA A 227 30.42 -19.54 -16.63
C ALA A 227 30.48 -19.81 -15.12
N VAL A 228 30.44 -21.08 -14.75
CA VAL A 228 30.56 -21.49 -13.35
C VAL A 228 31.95 -21.17 -12.81
N LYS A 229 32.98 -21.38 -13.63
CA LYS A 229 34.34 -21.14 -13.20
C LYS A 229 34.60 -19.67 -12.91
N GLY A 230 33.90 -18.80 -13.64
CA GLY A 230 34.10 -17.37 -13.51
C GLY A 230 33.30 -16.73 -12.40
N VAL A 231 32.55 -17.55 -11.67
CA VAL A 231 31.70 -17.06 -10.58
C VAL A 231 32.55 -16.50 -9.44
N HIS A 232 33.62 -17.22 -9.10
CA HIS A 232 34.47 -16.88 -7.98
C HIS A 232 35.03 -15.46 -8.09
N LYS A 233 35.49 -15.08 -9.28
CA LYS A 233 36.06 -13.76 -9.49
C LYS A 233 35.03 -12.64 -9.28
N VAL A 234 33.81 -12.87 -9.75
CA VAL A 234 32.74 -11.91 -9.58
C VAL A 234 32.31 -11.82 -8.12
N LEU A 235 32.31 -12.97 -7.45
CA LEU A 235 31.96 -13.05 -6.03
C LEU A 235 32.90 -12.21 -5.17
N GLU A 236 34.20 -12.33 -5.44
CA GLU A 236 35.21 -11.58 -4.70
C GLU A 236 35.00 -10.08 -4.86
N GLU A 237 34.66 -9.66 -6.07
CA GLU A 237 34.42 -8.25 -6.34
C GLU A 237 33.20 -7.74 -5.57
N ALA A 238 32.25 -8.62 -5.35
CA ALA A 238 31.02 -8.26 -4.66
C ALA A 238 31.24 -8.11 -3.16
N CYS A 239 32.11 -8.94 -2.60
CA CYS A 239 32.41 -8.88 -1.18
C CYS A 239 33.24 -7.65 -0.85
N ASP A 240 34.14 -7.30 -1.77
CA ASP A 240 34.93 -6.08 -1.65
C ASP A 240 34.04 -4.85 -1.80
N GLU A 241 33.02 -4.96 -2.65
CA GLU A 241 32.09 -3.87 -2.86
C GLU A 241 31.05 -3.78 -1.74
N PHE A 242 30.71 -4.94 -1.17
CA PHE A 242 29.74 -4.97 -0.07
C PHE A 242 30.32 -4.34 1.19
N ALA A 243 31.60 -4.59 1.43
CA ALA A 243 32.29 -4.01 2.58
C ALA A 243 32.41 -2.50 2.44
N ARG A 244 32.66 -2.05 1.21
CA ARG A 244 32.83 -0.63 0.93
C ARG A 244 31.51 0.13 1.13
N ILE A 245 30.41 -0.50 0.74
CA ILE A 245 29.10 0.15 0.77
C ILE A 245 28.36 -0.09 2.09
N PHE A 246 28.38 -1.33 2.57
CA PHE A 246 27.58 -1.71 3.74
C PHE A 246 28.40 -1.79 5.02
N GLY A 247 29.72 -1.71 4.92
CA GLY A 247 30.56 -1.68 6.09
C GLY A 247 30.83 -3.05 6.71
N ARG A 248 30.43 -4.10 6.00
CA ARG A 248 30.65 -5.47 6.48
C ARG A 248 31.54 -6.26 5.53
N LYS A 249 32.70 -6.68 6.01
CA LYS A 249 33.67 -7.40 5.20
C LYS A 249 33.49 -8.92 5.29
N TYR A 250 33.07 -9.53 4.18
CA TYR A 250 32.93 -10.97 4.10
C TYR A 250 34.08 -11.61 3.32
N ASP A 251 34.46 -12.82 3.73
CA ASP A 251 35.40 -13.62 2.96
C ASP A 251 34.63 -14.41 1.91
N PRO A 252 35.10 -14.37 0.65
CA PRO A 252 34.41 -15.03 -0.45
C PRO A 252 34.24 -16.54 -0.27
N TYR A 253 35.13 -17.19 0.46
CA TYR A 253 35.13 -18.65 0.51
C TYR A 253 35.08 -19.23 1.92
N LEU A 254 35.97 -18.77 2.80
CA LEU A 254 36.12 -19.38 4.11
C LEU A 254 36.04 -18.38 5.26
N ASP A 255 35.21 -18.69 6.24
CA ASP A 255 35.15 -17.90 7.47
C ASP A 255 36.03 -18.55 8.52
N GLU A 256 37.29 -18.09 8.59
CA GLU A 256 38.27 -18.69 9.47
C GLU A 256 38.30 -18.03 10.84
N TYR A 257 38.32 -18.85 11.88
CA TYR A 257 38.40 -18.34 13.25
C TYR A 257 39.51 -19.02 14.02
N LEU A 258 40.56 -18.26 14.34
CA LEU A 258 41.72 -18.77 15.07
C LEU A 258 42.32 -19.99 14.37
N THR A 259 42.77 -19.80 13.13
CA THR A 259 43.30 -20.89 12.34
C THR A 259 44.80 -20.74 12.07
N ASP A 260 45.34 -19.58 12.41
CA ASP A 260 46.75 -19.28 12.15
C ASP A 260 47.69 -20.28 12.82
N ASP A 261 47.48 -20.49 14.11
CA ASP A 261 48.34 -21.37 14.89
C ASP A 261 47.66 -22.69 15.24
N ALA A 262 46.52 -22.95 14.60
CA ALA A 262 45.76 -24.15 14.90
C ALA A 262 46.49 -25.40 14.41
N GLU A 263 46.43 -26.46 15.19
CA GLU A 263 47.03 -27.73 14.80
C GLU A 263 45.97 -28.63 14.16
N VAL A 264 44.76 -28.58 14.72
CA VAL A 264 43.62 -29.27 14.15
C VAL A 264 42.45 -28.29 14.01
N ILE A 265 41.63 -28.49 12.97
CA ILE A 265 40.47 -27.63 12.76
C ILE A 265 39.22 -28.43 12.46
N ILE A 266 38.07 -27.82 12.65
CA ILE A 266 36.80 -28.40 12.24
C ILE A 266 36.26 -27.63 11.03
N PHE A 267 36.05 -28.34 9.93
CA PHE A 267 35.56 -27.73 8.71
C PHE A 267 34.07 -28.01 8.56
N GLY A 268 33.32 -27.01 8.14
CA GLY A 268 31.89 -27.17 7.96
C GLY A 268 31.22 -25.88 7.51
N GLN A 269 29.89 -25.90 7.52
CA GLN A 269 29.12 -24.75 7.06
C GLN A 269 27.82 -24.62 7.85
N GLY A 270 27.26 -23.43 7.86
CA GLY A 270 25.98 -23.20 8.52
C GLY A 270 26.15 -22.61 9.90
N ALA A 271 25.04 -22.55 10.64
CA ALA A 271 25.02 -21.95 11.96
C ALA A 271 25.81 -22.76 13.00
N HIS A 272 25.90 -24.07 12.79
CA HIS A 272 26.59 -24.93 13.76
C HIS A 272 28.08 -24.63 13.86
N MET A 273 28.63 -23.94 12.88
CA MET A 273 30.03 -23.51 12.96
C MET A 273 30.20 -22.37 13.96
N GLU A 274 29.11 -21.64 14.21
CA GLU A 274 29.14 -20.60 15.23
C GLU A 274 29.28 -21.25 16.60
N THR A 275 28.60 -22.38 16.78
CA THR A 275 28.72 -23.19 17.99
C THR A 275 30.13 -23.74 18.11
N ALA A 276 30.69 -24.13 16.98
CA ALA A 276 32.05 -24.67 16.94
C ALA A 276 33.06 -23.61 17.34
N LYS A 277 32.81 -22.36 16.95
CA LYS A 277 33.70 -21.27 17.34
C LYS A 277 33.61 -21.02 18.84
N ALA A 278 32.45 -21.30 19.43
CA ALA A 278 32.24 -21.09 20.86
C ALA A 278 32.96 -22.14 21.67
N VAL A 279 33.15 -23.32 21.08
CA VAL A 279 33.87 -24.40 21.73
C VAL A 279 35.37 -24.18 21.51
N ALA A 280 35.71 -23.72 20.31
CA ALA A 280 37.10 -23.44 19.95
C ALA A 280 37.67 -22.33 20.82
N ARG A 281 36.86 -21.30 21.06
CA ARG A 281 37.28 -20.16 21.87
C ARG A 281 37.66 -20.58 23.28
N ARG A 282 36.86 -21.47 23.88
CA ARG A 282 37.14 -21.91 25.24
C ARG A 282 38.34 -22.83 25.31
N LEU A 283 38.51 -23.69 24.29
CA LEU A 283 39.66 -24.59 24.27
C LEU A 283 40.94 -23.82 24.00
N ARG A 284 40.82 -22.72 23.27
CA ARG A 284 41.95 -21.84 23.00
C ARG A 284 42.44 -21.16 24.28
N ASN A 285 41.50 -20.86 25.18
CA ASN A 285 41.86 -20.25 26.46
C ASN A 285 42.45 -21.26 27.44
N LEU A 286 42.26 -22.54 27.16
CA LEU A 286 42.86 -23.59 27.97
C LEU A 286 44.22 -23.98 27.40
N GLY A 287 44.63 -23.28 26.35
CA GLY A 287 45.95 -23.45 25.78
C GLY A 287 46.00 -24.44 24.62
N GLU A 288 44.85 -24.93 24.21
CA GLU A 288 44.78 -25.93 23.14
C GLU A 288 44.61 -25.25 21.78
N LYS A 289 45.56 -25.49 20.89
CA LYS A 289 45.58 -24.85 19.59
C LYS A 289 44.61 -25.50 18.59
N VAL A 290 43.33 -25.20 18.73
CA VAL A 290 42.31 -25.71 17.81
C VAL A 290 41.67 -24.55 17.05
N GLY A 291 41.08 -24.85 15.91
CA GLY A 291 40.47 -23.82 15.08
C GLY A 291 39.20 -24.28 14.37
N VAL A 292 38.60 -23.36 13.63
CA VAL A 292 37.37 -23.64 12.90
C VAL A 292 37.37 -22.91 11.55
N ALA A 293 37.02 -23.64 10.49
CA ALA A 293 36.93 -23.05 9.16
C ALA A 293 35.53 -23.24 8.59
N ARG A 294 34.76 -22.16 8.55
CA ARG A 294 33.39 -22.20 8.06
C ARG A 294 33.32 -21.90 6.57
N LEU A 295 32.71 -22.81 5.82
CA LEU A 295 32.56 -22.64 4.38
C LEU A 295 31.44 -21.67 4.06
N ARG A 296 31.77 -20.60 3.35
CA ARG A 296 30.78 -19.59 2.99
C ARG A 296 30.20 -19.83 1.61
N THR A 297 31.01 -20.41 0.72
CA THR A 297 30.57 -20.73 -0.62
C THR A 297 30.69 -22.23 -0.89
N PHE A 298 29.56 -22.89 -1.06
CA PHE A 298 29.54 -24.31 -1.33
C PHE A 298 29.65 -24.58 -2.84
N ARG A 299 28.96 -23.78 -3.62
CA ARG A 299 29.01 -23.87 -5.07
C ARG A 299 29.17 -22.48 -5.68
N PRO A 300 30.14 -22.33 -6.61
CA PRO A 300 31.11 -23.33 -7.03
C PRO A 300 32.15 -23.60 -5.95
N PHE A 301 32.52 -24.86 -5.77
CA PHE A 301 33.39 -25.26 -4.68
C PHE A 301 34.77 -24.59 -4.79
N PRO A 302 35.23 -23.96 -3.71
CA PRO A 302 36.56 -23.36 -3.66
C PRO A 302 37.63 -24.43 -3.47
N THR A 303 37.94 -25.16 -4.53
CA THR A 303 38.86 -26.30 -4.44
C THR A 303 40.29 -25.88 -4.13
N GLU A 304 40.81 -24.94 -4.91
CA GLU A 304 42.20 -24.50 -4.75
C GLU A 304 42.38 -23.59 -3.53
N GLN A 305 41.34 -22.84 -3.19
CA GLN A 305 41.38 -21.97 -2.03
C GLN A 305 41.52 -22.80 -0.76
N ILE A 306 40.84 -23.93 -0.73
CA ILE A 306 40.93 -24.86 0.39
C ILE A 306 42.30 -25.52 0.40
N LYS A 307 42.78 -25.92 -0.78
CA LYS A 307 44.08 -26.56 -0.91
C LYS A 307 45.20 -25.65 -0.44
N GLU A 308 45.05 -24.36 -0.67
CA GLU A 308 46.09 -23.39 -0.32
C GLU A 308 46.06 -23.00 1.15
N ARG A 309 44.86 -22.84 1.70
CA ARG A 309 44.69 -22.25 3.02
C ARG A 309 44.47 -23.26 4.14
N LEU A 310 44.09 -24.49 3.79
CA LEU A 310 43.78 -25.50 4.80
C LEU A 310 44.75 -26.67 4.77
N SER A 311 45.88 -26.48 4.09
CA SER A 311 46.86 -27.56 3.96
C SER A 311 48.00 -27.42 4.97
N LYS A 312 47.79 -26.63 6.01
CA LYS A 312 48.83 -26.40 7.00
C LYS A 312 48.48 -27.02 8.35
N PHE A 313 47.50 -27.91 8.36
CA PHE A 313 47.04 -28.51 9.61
C PHE A 313 47.35 -30.00 9.68
N LYS A 314 47.60 -30.49 10.89
CA LYS A 314 47.90 -31.90 11.11
C LYS A 314 46.69 -32.77 10.83
N ALA A 315 45.55 -32.35 11.35
CA ALA A 315 44.30 -33.07 11.15
C ALA A 315 43.14 -32.11 10.91
N ILE A 316 42.20 -32.52 10.08
CA ILE A 316 41.00 -31.72 9.82
C ILE A 316 39.73 -32.55 9.98
N GLY A 317 38.88 -32.15 10.90
CA GLY A 317 37.59 -32.79 11.06
C GLY A 317 36.54 -32.07 10.24
N VAL A 318 35.78 -32.83 9.46
CA VAL A 318 34.76 -32.25 8.60
C VAL A 318 33.37 -32.61 9.11
N LEU A 319 32.61 -31.60 9.49
CA LEU A 319 31.23 -31.82 9.95
C LEU A 319 30.23 -31.74 8.81
N ASP A 320 29.51 -32.84 8.60
CA ASP A 320 28.42 -32.88 7.64
C ASP A 320 27.07 -33.06 8.32
N VAL A 321 26.33 -31.96 8.45
CA VAL A 321 24.99 -32.00 9.04
C VAL A 321 24.00 -32.48 7.99
N SER A 322 24.13 -33.74 7.61
CA SER A 322 23.35 -34.30 6.51
C SER A 322 23.48 -35.81 6.40
N ALA A 323 22.59 -36.43 5.63
CA ALA A 323 22.63 -37.87 5.43
C ALA A 323 22.79 -38.23 3.96
N ASN A 324 24.01 -38.09 3.46
CA ASN A 324 24.34 -38.47 2.09
C ASN A 324 24.75 -39.93 2.02
N PHE A 325 23.76 -40.81 1.97
CA PHE A 325 23.98 -42.25 2.09
C PHE A 325 24.85 -42.83 0.98
N GLY A 326 25.60 -43.87 1.34
CA GLY A 326 26.37 -44.65 0.38
C GLY A 326 27.62 -43.96 -0.15
N ILE A 327 27.77 -42.68 0.15
CA ILE A 327 28.88 -41.89 -0.38
C ILE A 327 30.22 -42.42 0.13
N SER A 328 31.30 -42.07 -0.56
CA SER A 328 32.64 -42.49 -0.18
C SER A 328 33.01 -41.98 1.21
N CYS A 329 33.79 -42.78 1.93
CA CYS A 329 34.26 -42.49 3.28
C CYS A 329 33.14 -42.45 4.32
N SER A 330 31.93 -42.76 3.88
CA SER A 330 30.76 -42.89 4.77
C SER A 330 30.53 -41.68 5.66
N GLY A 331 30.92 -40.50 5.20
CA GLY A 331 30.67 -39.27 5.93
C GLY A 331 29.59 -38.45 5.24
N GLY A 332 29.99 -37.33 4.67
CA GLY A 332 29.06 -36.49 3.92
C GLY A 332 29.72 -35.98 2.65
N VAL A 333 29.07 -35.02 2.01
CA VAL A 333 29.58 -34.42 0.78
C VAL A 333 30.84 -33.59 1.07
N LEU A 334 30.80 -32.78 2.13
CA LEU A 334 31.90 -31.90 2.47
C LEU A 334 33.18 -32.68 2.71
N LEU A 335 33.06 -33.83 3.37
CA LEU A 335 34.20 -34.69 3.63
C LEU A 335 34.83 -35.13 2.32
N SER A 336 33.98 -35.59 1.41
CA SER A 336 34.44 -36.08 0.12
C SER A 336 35.06 -34.98 -0.73
N GLU A 337 34.48 -33.78 -0.67
CA GLU A 337 34.95 -32.67 -1.51
C GLU A 337 36.15 -31.96 -0.89
N LEU A 338 36.33 -32.10 0.41
CA LEU A 338 37.52 -31.55 1.07
C LEU A 338 38.72 -32.43 0.80
N ARG A 339 38.54 -33.74 0.94
CA ARG A 339 39.61 -34.69 0.67
C ARG A 339 40.05 -34.58 -0.78
N ALA A 340 39.11 -34.29 -1.67
CA ALA A 340 39.43 -34.10 -3.08
C ALA A 340 40.29 -32.86 -3.26
N ALA A 341 39.99 -31.82 -2.50
CA ALA A 341 40.73 -30.57 -2.60
C ALA A 341 42.12 -30.69 -1.99
N LEU A 342 42.23 -31.42 -0.89
CA LEU A 342 43.51 -31.60 -0.22
C LEU A 342 44.17 -32.94 -0.55
N TYR A 343 43.87 -33.47 -1.73
CA TYR A 343 44.35 -34.80 -2.11
C TYR A 343 45.89 -34.87 -2.21
N ASP A 344 46.50 -33.83 -2.76
CA ASP A 344 47.95 -33.79 -2.92
C ASP A 344 48.67 -33.78 -1.57
N TYR A 345 47.93 -33.43 -0.52
CA TYR A 345 48.46 -33.40 0.84
C TYR A 345 47.84 -34.52 1.67
N GLY A 346 47.47 -35.60 1.00
CA GLY A 346 46.76 -36.70 1.64
C GLY A 346 47.57 -37.49 2.66
N ASP A 347 48.88 -37.51 2.46
CA ASP A 347 49.76 -38.25 3.35
C ASP A 347 50.07 -37.44 4.61
N LYS A 348 50.05 -36.12 4.47
CA LYS A 348 50.38 -35.20 5.56
C LYS A 348 49.15 -34.73 6.34
N VAL A 349 48.23 -34.07 5.64
CA VAL A 349 47.03 -33.53 6.27
C VAL A 349 45.98 -34.60 6.51
N LYS A 350 45.87 -35.05 7.75
CA LYS A 350 44.91 -36.09 8.11
C LYS A 350 43.50 -35.52 8.12
N THR A 351 42.54 -36.30 7.62
CA THR A 351 41.15 -35.86 7.58
C THR A 351 40.20 -36.95 8.09
N VAL A 352 39.19 -36.53 8.83
CA VAL A 352 38.16 -37.44 9.32
C VAL A 352 36.81 -36.73 9.24
N GLY A 353 35.74 -37.48 9.00
CA GLY A 353 34.42 -36.91 8.88
C GLY A 353 33.59 -37.06 10.14
N PHE A 354 32.82 -36.03 10.45
CA PHE A 354 31.89 -36.08 11.58
C PHE A 354 30.47 -35.84 11.11
N VAL A 355 29.60 -36.81 11.34
CA VAL A 355 28.20 -36.69 10.94
C VAL A 355 27.32 -36.46 12.16
N ALA A 356 26.77 -35.25 12.28
CA ALA A 356 25.91 -34.92 13.40
C ALA A 356 24.80 -33.96 12.96
N GLY A 357 23.95 -33.56 13.92
CA GLY A 357 22.86 -32.66 13.62
C GLY A 357 21.77 -33.35 12.81
N LEU A 358 21.76 -34.67 12.85
CA LEU A 358 20.76 -35.46 12.14
C LEU A 358 19.36 -35.22 12.68
N GLY A 359 18.37 -35.23 11.78
CA GLY A 359 16.97 -35.06 12.16
C GLY A 359 16.63 -33.68 12.70
N GLY A 360 17.59 -32.77 12.64
CA GLY A 360 17.39 -31.43 13.15
C GLY A 360 17.89 -31.26 14.57
N GLU A 361 18.53 -32.30 15.10
CA GLU A 361 19.11 -32.23 16.44
C GLU A 361 20.20 -31.18 16.50
N VAL A 362 20.37 -30.58 17.67
CA VAL A 362 21.40 -29.57 17.86
C VAL A 362 22.78 -30.22 18.00
N VAL A 363 23.74 -29.73 17.23
CA VAL A 363 25.12 -30.17 17.41
C VAL A 363 25.66 -29.44 18.62
N THR A 364 25.64 -30.14 19.76
CA THR A 364 25.90 -29.51 21.04
C THR A 364 27.36 -29.12 21.22
N HIS A 365 27.62 -28.31 22.25
CA HIS A 365 28.98 -27.92 22.60
C HIS A 365 29.80 -29.13 22.98
N ASP A 366 29.21 -30.03 23.76
CA ASP A 366 29.86 -31.26 24.19
C ASP A 366 30.30 -32.12 23.01
N GLU A 367 29.44 -32.20 22.00
CA GLU A 367 29.74 -32.97 20.80
C GLU A 367 30.91 -32.35 20.05
N PHE A 368 30.94 -31.02 19.95
CA PHE A 368 32.05 -30.34 19.31
C PHE A 368 33.35 -30.52 20.09
N TYR A 369 33.23 -30.60 21.41
CA TYR A 369 34.38 -30.87 22.26
C TYR A 369 34.95 -32.25 21.96
N ARG A 370 34.05 -33.22 21.84
CA ARG A 370 34.45 -34.61 21.61
C ARG A 370 35.06 -34.79 20.22
N MET A 371 34.69 -33.90 19.30
CA MET A 371 35.29 -33.89 17.97
C MET A 371 36.72 -33.40 18.03
N PHE A 372 36.93 -32.30 18.76
CA PHE A 372 38.25 -31.69 18.88
C PHE A 372 39.24 -32.61 19.59
N GLN A 373 38.75 -33.39 20.55
CA GLN A 373 39.59 -34.32 21.28
C GLN A 373 40.02 -35.49 20.40
N LYS A 374 39.12 -35.91 19.52
CA LYS A 374 39.40 -36.97 18.55
C LYS A 374 40.49 -36.54 17.58
N LEU A 375 40.45 -35.26 17.21
CA LEU A 375 41.44 -34.67 16.31
C LEU A 375 42.84 -34.70 16.90
N LYS A 376 42.94 -34.51 18.21
CA LYS A 376 44.23 -34.57 18.90
C LYS A 376 44.80 -35.98 18.89
N GLU A 377 43.92 -36.98 18.94
CA GLU A 377 44.36 -38.38 18.89
C GLU A 377 44.95 -38.66 17.52
N ILE A 378 44.32 -38.08 16.50
CA ILE A 378 44.81 -38.25 15.14
C ILE A 378 46.10 -37.45 14.97
N ALA A 379 46.15 -36.27 15.58
CA ALA A 379 47.33 -35.41 15.47
C ALA A 379 48.54 -36.01 16.19
N LYS A 380 48.29 -36.78 17.24
CA LYS A 380 49.37 -37.42 17.98
C LYS A 380 49.86 -38.68 17.29
N THR A 381 48.91 -39.44 16.75
CA THR A 381 49.23 -40.73 16.14
C THR A 381 49.48 -40.62 14.64
N GLY A 382 48.78 -39.71 13.98
CA GLY A 382 48.89 -39.57 12.54
C GLY A 382 48.13 -40.66 11.81
N LYS A 383 47.17 -41.26 12.49
CA LYS A 383 46.40 -42.37 11.92
C LYS A 383 44.90 -42.16 12.05
N VAL A 384 44.16 -42.68 11.07
CA VAL A 384 42.70 -42.60 11.08
C VAL A 384 42.08 -43.99 11.00
N GLU A 385 41.43 -44.41 12.08
CA GLU A 385 40.77 -45.71 12.14
C GLU A 385 39.63 -45.80 11.15
N GLN A 386 38.56 -45.03 11.41
CA GLN A 386 37.44 -44.95 10.49
C GLN A 386 37.38 -43.56 9.87
N THR A 387 36.96 -43.47 8.62
CA THR A 387 36.96 -42.21 7.91
C THR A 387 35.85 -41.28 8.40
N SER A 388 34.86 -41.85 9.09
CA SER A 388 33.73 -41.06 9.60
C SER A 388 33.19 -41.58 10.91
N TYR A 389 32.65 -40.68 11.72
CA TYR A 389 31.96 -41.05 12.95
C TYR A 389 30.56 -40.45 12.98
N TRP A 390 29.57 -41.31 13.17
CA TRP A 390 28.18 -40.89 13.24
C TRP A 390 27.76 -40.58 14.66
N ILE A 391 27.82 -39.30 15.00
CA ILE A 391 27.54 -38.79 16.35
C ILE A 391 26.03 -38.73 16.60
N PRO A 392 25.59 -39.16 17.79
CA PRO A 392 26.38 -39.67 18.91
C PRO A 392 26.33 -41.19 19.07
N PHE A 393 26.25 -41.91 17.96
CA PHE A 393 26.15 -43.37 18.02
C PHE A 393 27.52 -44.02 17.96
N GLU A 394 28.50 -43.30 17.44
CA GLU A 394 29.82 -43.88 17.21
C GLU A 394 30.95 -43.10 17.89
N LEU A 395 30.65 -41.89 18.35
CA LEU A 395 31.64 -41.05 19.00
C LEU A 395 31.00 -40.08 19.97
N LYS B 4 28.96 -30.81 30.11
CA LYS B 4 28.24 -29.63 30.55
C LYS B 4 29.07 -28.80 31.53
N ASP B 5 30.23 -29.33 31.90
CA ASP B 5 31.11 -28.66 32.85
C ASP B 5 31.89 -27.53 32.19
N LEU B 6 32.32 -27.78 30.96
CA LEU B 6 33.15 -26.83 30.22
C LEU B 6 32.29 -25.79 29.51
N PHE B 7 30.99 -26.05 29.44
CA PHE B 7 30.10 -25.17 28.68
C PHE B 7 28.89 -24.73 29.49
N ALA B 8 29.02 -24.76 30.81
CA ALA B 8 27.96 -24.32 31.70
C ALA B 8 27.85 -22.80 31.70
N GLU B 9 26.68 -22.30 32.07
CA GLU B 9 26.45 -20.86 32.18
C GLU B 9 25.76 -20.55 33.51
N PRO B 10 26.54 -20.09 34.50
CA PRO B 10 26.03 -19.81 35.84
C PRO B 10 25.23 -18.52 35.90
N ASN B 11 25.53 -17.61 34.99
CA ASN B 11 24.85 -16.32 34.94
C ASN B 11 23.55 -16.36 34.17
N LEU B 12 23.20 -17.52 33.62
CA LEU B 12 22.01 -17.66 32.80
C LEU B 12 20.83 -18.27 33.57
N LYS B 13 19.74 -17.50 33.67
CA LYS B 13 18.51 -17.97 34.28
C LYS B 13 17.52 -18.45 33.21
N GLN B 14 17.00 -19.66 33.40
CA GLN B 14 16.04 -20.23 32.45
C GLN B 14 14.61 -20.08 32.95
N ILE B 15 13.72 -19.65 32.06
CA ILE B 15 12.31 -19.50 32.38
C ILE B 15 11.44 -20.31 31.43
N THR B 16 10.55 -21.13 31.98
CA THR B 16 9.63 -21.91 31.17
C THR B 16 8.19 -21.49 31.46
N VAL B 17 7.51 -20.98 30.43
CA VAL B 17 6.15 -20.49 30.58
C VAL B 17 5.18 -21.43 29.88
N TRP B 18 4.44 -22.21 30.66
CA TRP B 18 3.45 -23.13 30.13
C TRP B 18 2.15 -22.39 29.79
N ALA B 19 1.46 -22.87 28.76
CA ALA B 19 0.20 -22.27 28.35
C ALA B 19 -0.67 -23.26 27.58
N ARG B 20 -1.91 -22.88 27.34
CA ARG B 20 -2.80 -23.67 26.50
C ARG B 20 -2.61 -23.26 25.04
N GLY B 21 -2.47 -24.24 24.16
CA GLY B 21 -2.17 -23.98 22.77
C GLY B 21 -3.22 -23.16 22.06
N VAL B 22 -2.77 -22.40 21.07
CA VAL B 22 -3.62 -21.55 20.23
C VAL B 22 -4.28 -20.42 21.03
N VAL B 23 -5.09 -20.76 22.02
CA VAL B 23 -5.86 -19.76 22.74
C VAL B 23 -5.02 -18.87 23.67
N MET B 24 -3.94 -19.43 24.23
CA MET B 24 -3.15 -18.67 25.21
C MET B 24 -1.65 -18.69 24.92
N ASN B 25 -1.28 -18.96 23.68
CA ASN B 25 0.14 -18.97 23.31
C ASN B 25 0.76 -17.57 23.35
N LYS B 26 0.00 -16.57 22.91
CA LYS B 26 0.48 -15.19 22.91
C LYS B 26 0.69 -14.68 24.33
N ASP B 27 -0.16 -15.11 25.26
CA ASP B 27 -0.05 -14.72 26.66
C ASP B 27 1.28 -15.22 27.23
N ALA B 28 1.64 -16.44 26.87
CA ALA B 28 2.91 -17.02 27.29
C ALA B 28 4.07 -16.25 26.66
N ARG B 29 3.84 -15.77 25.44
CA ARG B 29 4.85 -15.00 24.73
C ARG B 29 5.05 -13.62 25.35
N ASP B 30 3.95 -12.92 25.61
CA ASP B 30 4.01 -11.56 26.16
C ASP B 30 4.67 -11.53 27.55
N ILE B 31 4.54 -12.61 28.29
CA ILE B 31 5.21 -12.73 29.59
C ILE B 31 6.72 -12.77 29.40
N VAL B 32 7.16 -13.62 28.49
CA VAL B 32 8.58 -13.80 28.22
C VAL B 32 9.21 -12.54 27.62
N VAL B 33 8.53 -11.94 26.65
CA VAL B 33 9.05 -10.75 25.98
C VAL B 33 9.20 -9.58 26.93
N ALA B 34 8.19 -9.38 27.79
CA ALA B 34 8.21 -8.27 28.74
C ALA B 34 9.35 -8.43 29.73
N LEU B 35 9.61 -9.67 30.13
CA LEU B 35 10.69 -9.96 31.07
C LEU B 35 12.06 -9.70 30.45
N THR B 36 12.25 -10.18 29.22
CA THR B 36 13.53 -10.04 28.53
C THR B 36 13.83 -8.59 28.19
N GLU B 37 12.80 -7.83 27.81
CA GLU B 37 12.97 -6.42 27.52
C GLU B 37 13.32 -5.63 28.77
N ALA B 38 12.79 -6.07 29.91
CA ALA B 38 13.04 -5.41 31.18
C ALA B 38 14.46 -5.67 31.67
N ALA B 39 14.98 -6.86 31.41
CA ALA B 39 16.33 -7.22 31.82
C ALA B 39 17.37 -6.59 30.89
N ALA B 40 16.97 -6.31 29.66
CA ALA B 40 17.84 -5.67 28.68
C ALA B 40 18.10 -4.21 29.05
N LYS B 41 17.26 -3.66 29.93
CA LYS B 41 17.42 -2.30 30.40
C LYS B 41 18.46 -2.23 31.50
N GLU B 42 18.77 -3.38 32.08
CA GLU B 42 19.77 -3.46 33.14
C GLU B 42 21.11 -3.88 32.55
N GLY B 43 21.11 -4.24 31.28
CA GLY B 43 22.32 -4.62 30.58
C GLY B 43 22.47 -6.13 30.42
N LYS B 44 21.42 -6.87 30.76
CA LYS B 44 21.46 -8.32 30.65
C LYS B 44 21.40 -8.76 29.19
N TYR B 45 21.94 -9.95 28.91
CA TYR B 45 21.80 -10.56 27.60
C TYR B 45 20.58 -11.47 27.63
N VAL B 46 19.61 -11.21 26.75
CA VAL B 46 18.34 -11.90 26.81
C VAL B 46 17.95 -12.58 25.50
N GLN B 47 17.10 -13.60 25.61
CA GLN B 47 16.54 -14.29 24.47
C GLN B 47 15.10 -14.68 24.75
N ALA B 48 14.23 -14.48 23.75
CA ALA B 48 12.81 -14.76 23.91
C ALA B 48 12.30 -15.52 22.69
N TRP B 49 11.64 -16.65 22.93
CA TRP B 49 11.11 -17.47 21.84
C TRP B 49 10.08 -18.47 22.30
N GLU B 50 9.31 -18.99 21.34
CA GLU B 50 8.31 -20.02 21.61
C GLU B 50 8.83 -21.41 21.30
N ASN B 51 8.37 -22.41 22.05
CA ASN B 51 8.81 -23.78 21.85
C ASN B 51 8.51 -24.28 20.45
N TYR B 52 9.57 -24.46 19.67
CA TYR B 52 9.46 -24.94 18.30
C TYR B 52 8.97 -26.39 18.27
N VAL B 53 9.22 -27.11 19.35
CA VAL B 53 8.83 -28.52 19.46
C VAL B 53 7.31 -28.71 19.53
N ASP B 54 6.63 -27.76 20.17
CA ASP B 54 5.18 -27.83 20.34
C ASP B 54 4.43 -27.43 19.07
N LEU B 55 5.17 -27.06 18.03
CA LEU B 55 4.56 -26.66 16.77
C LEU B 55 4.32 -27.87 15.88
N PRO B 56 3.17 -27.89 15.18
CA PRO B 56 2.14 -26.85 15.25
C PRO B 56 1.34 -26.94 16.55
N ASP B 57 0.95 -25.78 17.07
CA ASP B 57 0.21 -25.74 18.32
C ASP B 57 -1.24 -26.16 18.08
N ARG B 58 -1.79 -26.92 19.02
CA ARG B 58 -3.16 -27.36 18.94
C ARG B 58 -3.98 -26.66 20.01
N ILE B 59 -5.30 -26.69 19.90
CA ILE B 59 -6.15 -26.05 20.88
C ILE B 59 -6.14 -26.84 22.18
N TYR B 60 -5.83 -26.15 23.27
CA TYR B 60 -5.80 -26.69 24.63
C TYR B 60 -4.68 -27.72 24.87
N VAL B 61 -3.71 -27.79 23.96
CA VAL B 61 -2.54 -28.63 24.20
C VAL B 61 -1.53 -27.84 25.03
N PRO B 62 -0.91 -28.49 26.02
CA PRO B 62 0.15 -27.85 26.81
C PRO B 62 1.34 -27.43 25.95
N VAL B 63 1.48 -26.13 25.71
CA VAL B 63 2.61 -25.60 24.97
C VAL B 63 3.53 -24.79 25.90
N ARG B 64 4.63 -24.29 25.35
CA ARG B 64 5.62 -23.59 26.17
C ARG B 64 6.25 -22.39 25.47
N ALA B 65 6.63 -21.39 26.27
CA ALA B 65 7.40 -20.26 25.80
C ALA B 65 8.57 -20.05 26.75
N TYR B 66 9.78 -20.02 26.19
CA TYR B 66 10.99 -20.01 27.02
C TYR B 66 11.68 -18.65 27.08
N ALA B 67 12.41 -18.43 28.17
CA ALA B 67 13.20 -17.22 28.33
C ALA B 67 14.59 -17.53 28.88
N ARG B 68 15.59 -16.78 28.42
CA ARG B 68 16.96 -16.90 28.90
C ARG B 68 17.53 -15.52 29.21
N ILE B 69 17.85 -15.27 30.47
CA ILE B 69 18.45 -14.01 30.87
C ILE B 69 19.82 -14.24 31.49
N SER B 70 20.83 -13.59 30.95
CA SER B 70 22.20 -13.77 31.41
C SER B 70 22.98 -12.47 31.38
N SER B 71 23.91 -12.32 32.32
CA SER B 71 24.77 -11.14 32.34
C SER B 71 25.88 -11.30 31.32
N ASP B 72 26.03 -12.53 30.82
CA ASP B 72 27.03 -12.86 29.81
C ASP B 72 26.38 -13.26 28.50
N PRO B 73 27.12 -13.12 27.39
CA PRO B 73 26.64 -13.55 26.07
C PRO B 73 26.15 -14.99 26.08
N ILE B 74 24.98 -15.23 25.51
CA ILE B 74 24.40 -16.56 25.48
C ILE B 74 25.06 -17.45 24.43
N GLU B 75 25.47 -18.64 24.84
CA GLU B 75 26.10 -19.60 23.94
C GLU B 75 25.21 -20.82 23.77
N SER B 76 23.98 -20.74 24.28
CA SER B 76 23.05 -21.85 24.18
C SER B 76 21.82 -21.47 23.36
N LYS B 77 22.03 -20.62 22.37
CA LYS B 77 20.93 -20.13 21.55
C LYS B 77 20.26 -21.23 20.73
N TYR B 78 21.06 -22.14 20.19
CA TYR B 78 20.54 -23.15 19.27
C TYR B 78 19.80 -24.27 19.97
N ILE B 79 19.68 -24.19 21.28
CA ILE B 79 18.93 -25.20 22.02
C ILE B 79 17.44 -24.89 21.98
N TYR B 80 16.66 -25.88 21.55
CA TYR B 80 15.21 -25.74 21.38
C TYR B 80 14.46 -25.40 22.66
N GLU B 81 14.77 -26.13 23.74
CA GLU B 81 14.01 -26.02 24.98
C GLU B 81 14.90 -25.68 26.18
N ASN B 82 14.33 -25.00 27.18
CA ASN B 82 14.99 -24.87 28.47
C ASN B 82 14.86 -26.16 29.26
N GLU B 83 15.96 -26.90 29.38
CA GLU B 83 15.92 -28.21 30.01
C GLU B 83 16.04 -28.13 31.54
N THR B 84 16.63 -27.04 32.04
CA THR B 84 16.76 -26.85 33.47
C THR B 84 16.24 -25.47 33.88
N PRO B 85 14.92 -25.32 33.97
CA PRO B 85 14.30 -24.02 34.27
C PRO B 85 14.52 -23.57 35.71
N ASP B 86 14.53 -22.26 35.91
CA ASP B 86 14.65 -21.67 37.24
C ASP B 86 13.31 -21.08 37.65
N ILE B 87 12.54 -20.65 36.66
CA ILE B 87 11.22 -20.07 36.91
C ILE B 87 10.18 -20.69 35.99
N VAL B 88 9.20 -21.38 36.58
CA VAL B 88 8.11 -21.98 35.83
C VAL B 88 6.84 -21.15 35.95
N VAL B 89 6.30 -20.73 34.81
CA VAL B 89 5.13 -19.86 34.78
C VAL B 89 3.93 -20.53 34.12
N LEU B 90 2.78 -20.50 34.79
CA LEU B 90 1.55 -21.05 34.22
C LEU B 90 0.54 -19.95 33.93
N VAL B 91 0.13 -19.84 32.67
CA VAL B 91 -0.85 -18.85 32.28
C VAL B 91 -2.28 -19.36 32.53
N GLU B 92 -2.42 -20.68 32.58
CA GLU B 92 -3.71 -21.30 32.85
C GLU B 92 -3.56 -22.21 34.05
N GLU B 93 -4.55 -22.20 34.94
CA GLU B 93 -4.42 -22.86 36.24
C GLU B 93 -4.35 -24.39 36.19
N SER B 94 -5.07 -24.99 35.25
CA SER B 94 -5.20 -26.45 35.24
C SER B 94 -3.94 -27.18 34.79
N LEU B 95 -2.89 -26.41 34.50
CA LEU B 95 -1.63 -26.97 34.04
C LEU B 95 -0.88 -27.72 35.16
N ILE B 96 -1.27 -27.50 36.41
CA ILE B 96 -0.67 -28.21 37.52
C ILE B 96 -1.13 -29.67 37.56
N LYS B 97 -2.14 -29.98 36.75
CA LYS B 97 -2.72 -31.32 36.74
C LYS B 97 -2.26 -32.11 35.50
N GLY B 98 -1.44 -33.13 35.73
CA GLY B 98 -1.06 -34.05 34.68
C GLY B 98 -0.03 -33.55 33.67
N VAL B 99 0.63 -32.44 33.99
CA VAL B 99 1.65 -31.87 33.09
C VAL B 99 2.98 -31.69 33.82
N PRO B 100 4.05 -32.30 33.28
CA PRO B 100 5.38 -32.26 33.89
C PRO B 100 6.01 -30.87 33.88
N ILE B 101 5.48 -29.97 34.70
CA ILE B 101 5.97 -28.59 34.74
C ILE B 101 7.15 -28.42 35.70
N LEU B 102 7.53 -29.50 36.38
CA LEU B 102 8.61 -29.44 37.36
C LEU B 102 9.80 -30.32 36.97
N LYS B 103 9.87 -30.69 35.70
CA LYS B 103 10.94 -31.55 35.23
C LYS B 103 12.24 -30.76 35.04
N GLY B 104 13.28 -31.17 35.76
CA GLY B 104 14.59 -30.56 35.62
C GLY B 104 14.76 -29.20 36.28
N ILE B 105 13.88 -28.87 37.22
CA ILE B 105 13.96 -27.60 37.92
C ILE B 105 15.25 -27.50 38.74
N ARG B 106 15.86 -26.31 38.74
CA ARG B 106 17.12 -26.10 39.43
C ARG B 106 16.86 -25.61 40.86
N PRO B 107 17.81 -25.83 41.77
CA PRO B 107 17.66 -25.35 43.15
C PRO B 107 17.40 -23.85 43.23
N GLY B 108 16.53 -23.46 44.17
CA GLY B 108 16.18 -22.06 44.35
C GLY B 108 15.22 -21.58 43.28
N SER B 109 14.33 -22.47 42.85
CA SER B 109 13.40 -22.15 41.77
C SER B 109 12.05 -21.67 42.31
N THR B 110 11.24 -21.13 41.41
CA THR B 110 9.95 -20.55 41.78
C THR B 110 8.83 -20.97 40.83
N LEU B 111 7.67 -21.33 41.40
CA LEU B 111 6.50 -21.70 40.60
C LEU B 111 5.42 -20.63 40.67
N VAL B 112 5.17 -19.96 39.54
CA VAL B 112 4.15 -18.92 39.47
C VAL B 112 2.89 -19.42 38.78
N VAL B 113 1.77 -19.40 39.51
CA VAL B 113 0.50 -19.94 39.01
C VAL B 113 -0.62 -18.90 39.03
N ASN B 114 -1.38 -18.83 37.94
CA ASN B 114 -2.54 -17.95 37.86
C ASN B 114 -3.81 -18.67 38.31
N THR B 115 -4.22 -18.43 39.55
CA THR B 115 -5.40 -19.11 40.12
C THR B 115 -6.01 -18.38 41.31
N LYS B 116 -7.22 -18.78 41.68
CA LYS B 116 -7.89 -18.24 42.85
C LYS B 116 -7.87 -19.25 44.01
N ARG B 117 -7.47 -20.48 43.70
CA ARG B 117 -7.41 -21.53 44.70
C ARG B 117 -6.23 -21.36 45.65
N SER B 118 -6.32 -21.99 46.81
CA SER B 118 -5.26 -21.89 47.81
C SER B 118 -4.05 -22.67 47.34
N ILE B 119 -2.88 -22.31 47.88
CA ILE B 119 -1.63 -22.97 47.54
C ILE B 119 -1.67 -24.44 47.98
N ASP B 120 -2.29 -24.70 49.12
CA ASP B 120 -2.37 -26.04 49.68
C ASP B 120 -3.13 -27.00 48.77
N THR B 121 -4.17 -26.48 48.10
CA THR B 121 -4.98 -27.29 47.20
C THR B 121 -4.16 -27.65 45.96
N ILE B 122 -3.34 -26.71 45.51
CA ILE B 122 -2.48 -26.90 44.34
C ILE B 122 -1.49 -28.02 44.58
N LEU B 123 -0.99 -28.12 45.81
CA LEU B 123 0.01 -29.12 46.15
C LEU B 123 -0.58 -30.53 46.05
N GLU B 124 -1.90 -30.62 46.07
CA GLU B 124 -2.58 -31.90 45.90
C GLU B 124 -2.52 -32.31 44.45
N PHE B 125 -2.16 -31.36 43.59
CA PHE B 125 -2.04 -31.62 42.16
C PHE B 125 -0.59 -31.69 41.73
N LEU B 126 0.29 -31.09 42.53
CA LEU B 126 1.71 -31.07 42.22
C LEU B 126 2.36 -32.38 42.65
N GLY B 127 1.90 -32.91 43.78
CA GLY B 127 2.49 -34.10 44.34
C GLY B 127 3.82 -33.75 44.97
N ASP B 128 4.88 -34.37 44.47
CA ASP B 128 6.22 -34.06 44.94
C ASP B 128 6.74 -32.81 44.25
N THR B 129 7.16 -31.82 45.05
CA THR B 129 7.61 -30.55 44.50
C THR B 129 9.10 -30.55 44.19
N GLY B 130 9.82 -31.50 44.77
CA GLY B 130 11.25 -31.66 44.52
C GLY B 130 12.10 -30.48 44.96
N ASN B 131 12.94 -30.00 44.05
CA ASN B 131 13.87 -28.90 44.34
C ASN B 131 13.21 -27.53 44.27
N LEU B 132 11.88 -27.49 44.25
CA LEU B 132 11.15 -26.24 44.18
C LEU B 132 11.26 -25.49 45.50
N ALA B 133 11.69 -24.23 45.42
CA ALA B 133 11.94 -23.43 46.61
C ALA B 133 10.74 -22.55 46.98
N GLN B 134 10.08 -21.99 45.97
CA GLN B 134 8.95 -21.11 46.22
C GLN B 134 7.75 -21.39 45.33
N ILE B 135 6.56 -21.03 45.82
CA ILE B 135 5.33 -21.16 45.06
C ILE B 135 4.56 -19.85 45.10
N VAL B 136 4.08 -19.41 43.93
CA VAL B 136 3.41 -18.12 43.85
C VAL B 136 2.05 -18.26 43.20
N THR B 137 1.03 -17.68 43.83
CA THR B 137 -0.30 -17.67 43.26
C THR B 137 -0.79 -16.24 43.07
N VAL B 138 -1.36 -15.98 41.90
CA VAL B 138 -1.87 -14.65 41.58
C VAL B 138 -3.15 -14.78 40.77
N ASP B 139 -4.17 -13.99 41.12
CA ASP B 139 -5.40 -13.99 40.34
C ASP B 139 -5.32 -12.91 39.27
N ALA B 140 -4.65 -13.25 38.17
CA ALA B 140 -4.41 -12.30 37.09
C ALA B 140 -5.66 -12.09 36.24
N ASN B 141 -6.63 -12.98 36.39
CA ASN B 141 -7.88 -12.87 35.65
C ASN B 141 -8.67 -11.63 36.02
N SER B 142 -8.66 -11.29 37.30
CA SER B 142 -9.39 -10.14 37.82
C SER B 142 -8.60 -8.85 37.66
N MET B 143 -7.27 -8.98 37.69
CA MET B 143 -6.39 -7.82 37.60
C MET B 143 -6.38 -7.25 36.19
N ALA B 144 -6.34 -8.13 35.20
CA ALA B 144 -6.41 -7.70 33.80
C ALA B 144 -7.82 -7.27 33.43
N GLU B 145 -8.77 -7.55 34.32
CA GLU B 145 -10.15 -7.16 34.13
C GLU B 145 -10.66 -6.30 35.28
N GLY B 165 -3.60 -7.14 29.34
CA GLY B 165 -3.84 -8.57 29.45
C GLY B 165 -3.32 -9.14 30.76
N ILE B 166 -3.45 -10.46 30.91
CA ILE B 166 -3.03 -11.13 32.14
C ILE B 166 -1.51 -11.34 32.18
N ALA B 167 -0.82 -10.84 31.16
CA ALA B 167 0.63 -10.98 31.09
C ALA B 167 1.29 -10.19 32.22
N ALA B 168 0.88 -8.94 32.38
CA ALA B 168 1.46 -8.05 33.38
C ALA B 168 1.23 -8.49 34.83
N PRO B 169 -0.01 -8.90 35.20
CA PRO B 169 -0.17 -9.35 36.58
C PRO B 169 0.64 -10.60 36.91
N ILE B 170 0.81 -11.50 35.94
CA ILE B 170 1.60 -12.70 36.15
C ILE B 170 3.08 -12.34 36.19
N ALA B 171 3.51 -11.48 35.27
CA ALA B 171 4.90 -11.05 35.21
C ALA B 171 5.30 -10.29 36.47
N GLY B 172 4.36 -9.52 37.01
CA GLY B 172 4.60 -8.79 38.24
C GLY B 172 4.77 -9.72 39.42
N ALA B 173 4.03 -10.83 39.41
CA ALA B 173 4.09 -11.80 40.49
C ALA B 173 5.41 -12.57 40.48
N VAL B 174 6.03 -12.66 39.30
CA VAL B 174 7.31 -13.35 39.15
C VAL B 174 8.43 -12.55 39.81
N VAL B 175 8.34 -11.23 39.65
CA VAL B 175 9.35 -10.32 40.19
C VAL B 175 9.32 -10.34 41.71
N LYS B 176 8.11 -10.42 42.26
CA LYS B 176 7.92 -10.39 43.70
C LYS B 176 8.61 -11.55 44.41
N ALA B 177 8.77 -12.67 43.71
CA ALA B 177 9.34 -13.86 44.32
C ALA B 177 10.80 -14.09 43.93
N THR B 178 11.18 -13.67 42.74
CA THR B 178 12.52 -13.93 42.24
C THR B 178 13.38 -12.66 42.22
N GLY B 179 12.77 -11.53 41.88
CA GLY B 179 13.51 -10.28 41.79
C GLY B 179 14.53 -10.30 40.68
N ILE B 180 14.19 -10.93 39.57
CA ILE B 180 15.09 -11.04 38.44
C ILE B 180 15.37 -9.67 37.82
N VAL B 181 14.34 -8.84 37.74
CA VAL B 181 14.47 -7.50 37.19
C VAL B 181 13.78 -6.52 38.14
N ASP B 182 14.17 -5.25 38.09
CA ASP B 182 13.54 -4.22 38.90
C ASP B 182 12.10 -3.97 38.46
N VAL B 183 11.27 -3.57 39.42
CA VAL B 183 9.84 -3.34 39.15
C VAL B 183 9.63 -2.17 38.20
N GLU B 184 10.39 -1.10 38.40
CA GLU B 184 10.26 0.08 37.57
C GLU B 184 10.69 -0.18 36.12
N ASN B 185 11.64 -1.10 35.95
CA ASN B 185 12.07 -1.50 34.62
C ASN B 185 11.00 -2.30 33.90
N LEU B 186 10.28 -3.14 34.65
CA LEU B 186 9.22 -3.93 34.08
C LEU B 186 7.96 -3.09 33.90
N ALA B 187 7.87 -2.01 34.68
CA ALA B 187 6.73 -1.10 34.58
C ALA B 187 6.85 -0.21 33.35
N ALA B 188 7.99 -0.27 32.69
CA ALA B 188 8.24 0.55 31.50
C ALA B 188 8.12 -0.25 30.21
N VAL B 189 7.80 -1.53 30.31
CA VAL B 189 7.69 -2.39 29.13
C VAL B 189 6.31 -3.01 28.96
N VAL B 190 5.43 -2.80 29.94
CA VAL B 190 4.09 -3.37 29.89
C VAL B 190 3.04 -2.33 29.47
N LYS B 191 1.97 -2.81 28.84
CA LYS B 191 0.89 -1.93 28.40
C LYS B 191 -0.05 -1.61 29.56
N ASN B 192 -0.10 -2.51 30.54
CA ASN B 192 -0.88 -2.28 31.74
C ASN B 192 0.01 -2.42 32.98
N PRO B 193 0.66 -1.33 33.39
CA PRO B 193 1.52 -1.34 34.57
C PRO B 193 0.71 -1.44 35.87
N ALA B 194 -0.52 -0.96 35.85
CA ALA B 194 -1.38 -0.97 37.02
C ALA B 194 -1.70 -2.39 37.46
N ALA B 195 -2.09 -3.23 36.51
CA ALA B 195 -2.43 -4.62 36.81
C ALA B 195 -1.18 -5.39 37.22
N MET B 196 -0.03 -4.97 36.73
CA MET B 196 1.23 -5.60 37.07
C MET B 196 1.59 -5.41 38.54
N ARG B 197 1.42 -4.19 39.04
CA ARG B 197 1.74 -3.86 40.42
C ARG B 197 0.83 -4.60 41.42
N ARG B 198 -0.41 -4.84 41.02
CA ARG B 198 -1.35 -5.60 41.84
C ARG B 198 -0.87 -7.04 41.99
N GLY B 199 -0.45 -7.62 40.86
CA GLY B 199 0.10 -8.96 40.85
C GLY B 199 1.40 -9.02 41.62
N TYR B 200 2.10 -7.90 41.63
CA TYR B 200 3.35 -7.80 42.37
C TYR B 200 3.08 -7.65 43.86
N ALA B 201 1.89 -7.17 44.20
CA ALA B 201 1.55 -6.90 45.59
C ALA B 201 0.70 -8.01 46.21
N GLU B 202 -0.22 -8.57 45.42
CA GLU B 202 -1.16 -9.56 45.94
C GLU B 202 -0.68 -10.99 45.74
N ALA B 203 0.55 -11.12 45.26
CA ALA B 203 1.13 -12.44 45.03
C ALA B 203 1.33 -13.14 46.36
N GLN B 204 0.86 -14.38 46.45
CA GLN B 204 0.99 -15.16 47.67
C GLN B 204 2.20 -16.08 47.59
N VAL B 205 3.27 -15.69 48.28
CA VAL B 205 4.52 -16.43 48.23
C VAL B 205 4.72 -17.32 49.45
N ARG B 206 5.07 -18.58 49.20
CA ARG B 206 5.40 -19.52 50.27
C ARG B 206 6.71 -20.23 49.94
N GLN B 207 7.70 -20.12 50.81
CA GLN B 207 8.96 -20.82 50.58
C GLN B 207 8.87 -22.29 50.98
N LEU B 208 9.42 -23.15 50.13
CA LEU B 208 9.42 -24.59 50.35
C LEU B 208 10.82 -25.08 50.67
N PRO B 209 10.93 -26.16 51.46
CA PRO B 209 12.25 -26.72 51.73
C PRO B 209 12.90 -27.23 50.44
N PRO B 210 14.23 -27.12 50.34
CA PRO B 210 15.00 -27.57 49.18
C PRO B 210 14.70 -29.01 48.78
N ALA B 218 18.38 -37.92 28.86
CA ALA B 218 19.59 -38.37 29.53
C ALA B 218 19.85 -39.85 29.25
N VAL B 219 19.17 -40.37 28.24
CA VAL B 219 19.32 -41.76 27.83
C VAL B 219 20.50 -41.88 26.87
N SER B 220 21.08 -43.08 26.77
CA SER B 220 22.23 -43.29 25.89
C SER B 220 21.77 -43.49 24.44
N ALA B 221 22.70 -43.28 23.52
CA ALA B 221 22.42 -43.40 22.09
C ALA B 221 22.11 -44.83 21.68
N THR B 222 22.67 -45.79 22.39
CA THR B 222 22.39 -47.20 22.10
C THR B 222 20.93 -47.50 22.35
N GLU B 223 20.44 -47.09 23.52
CA GLU B 223 19.04 -47.29 23.86
C GLU B 223 18.14 -46.45 22.97
N LEU B 224 18.60 -45.24 22.66
CA LEU B 224 17.86 -44.35 21.77
C LEU B 224 17.73 -44.99 20.38
N LEU B 225 18.72 -45.80 20.02
CA LEU B 225 18.70 -46.52 18.75
C LEU B 225 17.82 -47.77 18.83
N ARG B 226 17.87 -48.45 19.98
CA ARG B 226 17.09 -49.66 20.18
C ARG B 226 15.59 -49.37 20.27
N GLN B 227 15.23 -48.15 20.65
CA GLN B 227 13.84 -47.77 20.77
C GLN B 227 13.25 -47.38 19.42
N MET B 228 14.07 -47.44 18.39
CA MET B 228 13.63 -47.15 17.02
C MET B 228 13.28 -48.44 16.28
N PRO B 229 11.99 -48.64 16.00
CA PRO B 229 11.51 -49.82 15.27
C PRO B 229 11.93 -49.81 13.80
N PHE B 230 11.69 -50.92 13.12
CA PHE B 230 12.01 -51.05 11.70
C PHE B 230 11.32 -49.99 10.87
N ALA B 231 12.11 -49.07 10.29
CA ALA B 231 11.63 -48.03 9.41
C ALA B 231 10.60 -47.11 10.05
N GLY B 232 10.51 -47.17 11.38
CA GLY B 232 9.53 -46.38 12.11
C GLY B 232 8.14 -47.00 12.10
N THR B 233 8.02 -48.20 11.54
CA THR B 233 6.72 -48.86 11.47
C THR B 233 6.29 -49.37 12.84
N VAL B 234 5.12 -48.89 13.28
CA VAL B 234 4.54 -49.30 14.56
C VAL B 234 3.22 -50.02 14.32
N PRO B 235 2.87 -50.96 15.22
CA PRO B 235 1.60 -51.67 15.07
C PRO B 235 0.38 -50.81 15.37
N SER B 236 -0.75 -51.12 14.74
CA SER B 236 -1.99 -50.38 14.93
C SER B 236 -2.59 -50.65 16.32
N PRO B 237 -3.13 -49.60 16.95
CA PRO B 237 -3.79 -49.76 18.25
C PRO B 237 -5.04 -50.63 18.15
N VAL B 238 -5.53 -51.11 19.29
CA VAL B 238 -6.72 -51.95 19.32
C VAL B 238 -7.92 -51.18 19.87
N THR B 239 -7.73 -50.57 21.04
CA THR B 239 -8.82 -49.87 21.71
C THR B 239 -8.50 -48.39 21.91
N GLU B 240 -7.22 -48.07 22.02
CA GLU B 240 -6.79 -46.71 22.30
C GLU B 240 -5.36 -46.47 21.85
N ASN B 241 -5.02 -45.19 21.64
CA ASN B 241 -3.66 -44.81 21.27
C ASN B 241 -2.88 -44.24 22.46
N GLU B 242 -2.20 -45.11 23.19
CA GLU B 242 -1.48 -44.72 24.40
C GLU B 242 -0.27 -43.83 24.11
N GLY B 243 0.11 -43.72 22.84
CA GLY B 243 1.21 -42.87 22.44
C GLY B 243 0.89 -41.40 22.57
N MET B 244 -0.39 -41.10 22.73
CA MET B 244 -0.86 -39.72 22.87
C MET B 244 -2.06 -39.62 23.81
N VAL B 245 -1.79 -39.64 25.10
CA VAL B 245 -2.85 -39.45 26.10
C VAL B 245 -3.11 -37.96 26.24
N THR B 246 -4.35 -37.55 26.02
CA THR B 246 -4.69 -36.15 25.87
C THR B 246 -5.62 -35.61 26.96
N GLY B 247 -5.73 -36.35 28.05
CA GLY B 247 -6.57 -35.91 29.16
C GLY B 247 -6.07 -34.64 29.81
N ASN B 248 -4.77 -34.39 29.73
CA ASN B 248 -4.19 -33.20 30.33
C ASN B 248 -4.37 -31.97 29.43
N TRP B 249 -5.22 -32.08 28.42
CA TRP B 249 -5.56 -30.93 27.59
C TRP B 249 -6.72 -30.20 28.25
N ARG B 250 -7.35 -30.89 29.18
CA ARG B 250 -8.62 -30.48 29.76
C ARG B 250 -8.49 -29.25 30.65
N ILE B 251 -9.19 -28.18 30.28
CA ILE B 251 -9.38 -27.03 31.16
C ILE B 251 -10.71 -27.20 31.89
N GLN B 252 -11.66 -27.81 31.20
CA GLN B 252 -12.98 -28.07 31.73
C GLN B 252 -13.42 -29.43 31.22
N ARG B 253 -14.34 -30.07 31.92
CA ARG B 253 -14.83 -31.38 31.51
C ARG B 253 -16.35 -31.40 31.45
N PRO B 254 -16.91 -32.16 30.50
CA PRO B 254 -18.36 -32.28 30.42
C PRO B 254 -18.93 -33.09 31.58
N ILE B 255 -19.93 -32.53 32.26
CA ILE B 255 -20.59 -33.20 33.37
C ILE B 255 -22.04 -33.48 33.00
N ILE B 256 -22.46 -34.73 33.16
CA ILE B 256 -23.79 -35.13 32.71
C ILE B 256 -24.83 -35.12 33.84
N ASP B 257 -26.04 -34.72 33.51
CA ASP B 257 -27.19 -34.86 34.39
C ASP B 257 -28.12 -35.91 33.83
N ARG B 258 -27.97 -37.15 34.28
CA ARG B 258 -28.64 -38.29 33.68
C ARG B 258 -30.16 -38.23 33.80
N GLU B 259 -30.68 -37.40 34.70
CA GLU B 259 -32.11 -37.19 34.80
C GLU B 259 -32.58 -36.20 33.73
N ALA B 260 -31.62 -35.53 33.09
CA ALA B 260 -31.94 -34.61 32.01
C ALA B 260 -31.56 -35.20 30.64
N CYS B 261 -30.95 -36.38 30.66
CA CYS B 261 -30.49 -36.99 29.42
C CYS B 261 -31.59 -37.75 28.68
N THR B 262 -31.77 -37.42 27.41
CA THR B 262 -32.76 -38.07 26.57
C THR B 262 -32.17 -39.25 25.80
N GLU B 263 -30.87 -39.48 25.99
CA GLU B 263 -30.13 -40.53 25.29
C GLU B 263 -30.29 -40.41 23.78
N CYS B 264 -30.22 -39.19 23.27
CA CYS B 264 -30.30 -38.96 21.83
C CYS B 264 -28.97 -39.30 21.17
N TYR B 265 -27.92 -39.33 21.99
CA TYR B 265 -26.57 -39.66 21.55
C TYR B 265 -26.10 -38.75 20.43
N THR B 266 -26.55 -37.50 20.46
CA THR B 266 -26.06 -36.49 19.55
C THR B 266 -24.61 -36.19 19.90
N CYS B 267 -24.35 -36.16 21.20
CA CYS B 267 -23.00 -35.96 21.70
C CYS B 267 -22.05 -37.07 21.26
N TRP B 268 -22.54 -38.31 21.28
CA TRP B 268 -21.70 -39.46 20.94
C TRP B 268 -21.22 -39.45 19.50
N ILE B 269 -22.07 -39.00 18.58
CA ILE B 269 -21.75 -39.03 17.17
C ILE B 269 -20.91 -37.81 16.76
N TYR B 270 -20.75 -36.87 17.69
CA TYR B 270 -20.06 -35.62 17.40
C TYR B 270 -18.74 -35.42 18.13
N CYS B 271 -18.31 -36.40 18.92
CA CYS B 271 -17.04 -36.29 19.62
C CYS B 271 -15.87 -36.59 18.70
N PRO B 272 -14.99 -35.60 18.49
CA PRO B 272 -13.84 -35.76 17.59
C PRO B 272 -12.79 -36.72 18.14
N ASP B 273 -12.90 -37.07 19.43
CA ASP B 273 -11.88 -37.88 20.09
C ASP B 273 -12.37 -39.23 20.60
N SER B 274 -13.55 -39.64 20.15
CA SER B 274 -14.11 -40.95 20.49
C SER B 274 -14.15 -41.23 21.99
N CYS B 275 -14.43 -40.19 22.77
CA CYS B 275 -14.38 -40.32 24.22
C CYS B 275 -15.72 -40.73 24.84
N ILE B 276 -16.74 -40.87 24.01
CA ILE B 276 -18.08 -41.23 24.50
C ILE B 276 -18.46 -42.66 24.11
N THR B 277 -18.97 -43.42 25.07
CA THR B 277 -19.41 -44.79 24.82
C THR B 277 -20.89 -44.94 25.17
N ARG B 278 -21.64 -45.59 24.30
CA ARG B 278 -23.08 -45.78 24.52
C ARG B 278 -23.37 -46.98 25.41
N THR B 279 -23.92 -46.70 26.59
CA THR B 279 -24.29 -47.75 27.54
C THR B 279 -25.78 -47.71 27.85
N GLU B 280 -26.24 -48.66 28.66
CA GLU B 280 -27.64 -48.70 29.06
C GLU B 280 -27.94 -47.57 30.03
N GLU B 281 -26.90 -47.09 30.71
CA GLU B 281 -27.04 -45.97 31.62
C GLU B 281 -27.03 -44.66 30.84
N GLY B 282 -26.66 -44.76 29.57
CA GLY B 282 -26.53 -43.58 28.72
C GLY B 282 -25.09 -43.37 28.31
N PRO B 283 -24.77 -42.19 27.78
CA PRO B 283 -23.41 -41.87 27.33
C PRO B 283 -22.41 -41.80 28.49
N VAL B 284 -21.36 -42.61 28.42
CA VAL B 284 -20.29 -42.60 29.42
C VAL B 284 -19.06 -41.90 28.84
N PHE B 285 -18.54 -40.94 29.59
CA PHE B 285 -17.46 -40.08 29.10
C PHE B 285 -16.08 -40.52 29.56
N ASN B 286 -15.21 -40.79 28.60
CA ASN B 286 -13.84 -41.25 28.89
C ASN B 286 -12.90 -40.09 29.22
N MET B 287 -12.53 -39.99 30.49
CA MET B 287 -11.73 -38.86 30.97
C MET B 287 -10.22 -39.02 30.79
N LYS B 288 -9.80 -40.13 30.21
CA LYS B 288 -8.37 -40.35 29.99
C LYS B 288 -7.88 -39.54 28.80
N TYR B 289 -8.76 -39.33 27.83
CA TYR B 289 -8.39 -38.62 26.60
C TYR B 289 -9.18 -37.34 26.35
N CYS B 290 -10.28 -37.16 27.07
CA CYS B 290 -11.15 -36.02 26.86
C CYS B 290 -10.39 -34.70 26.94
N LYS B 291 -10.49 -33.91 25.87
CA LYS B 291 -9.77 -32.65 25.78
C LYS B 291 -10.62 -31.49 26.29
N GLY B 292 -11.87 -31.79 26.62
CA GLY B 292 -12.80 -30.78 27.09
C GLY B 292 -13.04 -29.68 26.07
N CYS B 293 -13.31 -30.08 24.83
CA CYS B 293 -13.58 -29.12 23.77
C CYS B 293 -14.95 -28.48 23.97
N GLY B 294 -15.86 -29.25 24.55
CA GLY B 294 -17.19 -28.76 24.86
C GLY B 294 -18.18 -28.90 23.73
N LEU B 295 -17.81 -29.67 22.71
CA LEU B 295 -18.68 -29.88 21.56
C LEU B 295 -19.94 -30.62 21.98
N CYS B 296 -19.77 -31.68 22.76
CA CYS B 296 -20.89 -32.46 23.26
C CYS B 296 -21.87 -31.60 24.05
N THR B 297 -21.33 -30.67 24.82
CA THR B 297 -22.12 -29.74 25.61
C THR B 297 -22.88 -28.73 24.75
N ALA B 298 -22.23 -28.28 23.68
CA ALA B 298 -22.80 -27.23 22.83
C ALA B 298 -23.92 -27.74 21.92
N VAL B 299 -23.82 -29.00 21.50
CA VAL B 299 -24.79 -29.52 20.55
C VAL B 299 -25.92 -30.28 21.23
N CYS B 300 -25.75 -30.56 22.51
CA CYS B 300 -26.79 -31.24 23.28
C CYS B 300 -28.02 -30.34 23.40
N PRO B 301 -29.16 -30.82 22.88
CA PRO B 301 -30.40 -30.04 22.85
C PRO B 301 -31.14 -30.07 24.19
N SER B 302 -30.75 -30.96 25.08
CA SER B 302 -31.46 -31.13 26.35
C SER B 302 -30.80 -30.38 27.50
N GLY B 303 -29.59 -29.90 27.27
CA GLY B 303 -28.87 -29.16 28.30
C GLY B 303 -28.50 -30.03 29.48
N ALA B 304 -28.26 -31.31 29.22
CA ALA B 304 -27.94 -32.26 30.27
C ALA B 304 -26.43 -32.31 30.52
N LEU B 305 -25.69 -31.49 29.78
CA LEU B 305 -24.24 -31.44 29.90
C LEU B 305 -23.79 -30.06 30.35
N THR B 306 -22.78 -30.01 31.21
CA THR B 306 -22.28 -28.74 31.72
C THR B 306 -20.76 -28.73 31.73
N ASN B 307 -20.18 -27.61 31.28
CA ASN B 307 -18.74 -27.44 31.31
C ASN B 307 -18.29 -26.96 32.67
N VAL B 308 -17.57 -27.82 33.38
CA VAL B 308 -17.10 -27.52 34.73
C VAL B 308 -15.59 -27.55 34.76
N PRO B 309 -14.96 -26.53 35.37
CA PRO B 309 -13.50 -26.45 35.52
C PRO B 309 -12.89 -27.77 35.99
N GLU B 310 -11.71 -28.08 35.46
CA GLU B 310 -11.09 -29.38 35.72
C GLU B 310 -10.54 -29.47 37.13
N LEU B 311 -10.14 -28.33 37.69
CA LEU B 311 -9.52 -28.33 39.01
C LEU B 311 -10.54 -28.53 40.12
N ASP B 312 -11.79 -28.79 39.75
CA ASP B 312 -12.81 -29.19 40.69
C ASP B 312 -12.84 -30.70 40.79
N PHE B 313 -11.86 -31.34 40.17
CA PHE B 313 -11.80 -32.80 40.12
C PHE B 313 -10.40 -33.30 40.44
N LYS B 314 -10.33 -34.47 41.05
CA LYS B 314 -9.03 -35.03 41.43
C LYS B 314 -8.65 -36.17 40.49
N ASP B 315 -9.63 -36.67 39.76
CA ASP B 315 -9.40 -37.75 38.81
C ASP B 315 -9.26 -37.21 37.39
N MET C 1 -20.58 -55.98 1.02
CA MET C 1 -21.33 -54.75 0.84
C MET C 1 -21.69 -54.11 2.17
N LEU C 2 -21.38 -52.82 2.31
CA LEU C 2 -21.68 -52.09 3.53
C LEU C 2 -23.09 -51.52 3.50
N ASP C 3 -23.92 -51.97 4.43
CA ASP C 3 -25.33 -51.61 4.48
C ASP C 3 -25.53 -50.13 4.83
N ARG C 4 -26.69 -49.61 4.44
CA ARG C 4 -27.04 -48.22 4.68
C ARG C 4 -27.26 -47.97 6.17
N ILE C 5 -26.85 -46.80 6.64
CA ILE C 5 -27.05 -46.43 8.04
C ILE C 5 -28.34 -45.64 8.21
N ALA C 6 -29.32 -46.25 8.89
CA ALA C 6 -30.64 -45.66 9.02
C ALA C 6 -30.66 -44.41 9.90
N SER C 7 -29.99 -44.49 11.05
CA SER C 7 -29.99 -43.38 12.01
C SER C 7 -28.79 -43.42 12.95
N ILE C 8 -28.74 -42.47 13.88
CA ILE C 8 -27.68 -42.42 14.87
C ILE C 8 -27.83 -43.59 15.85
N LYS C 9 -29.07 -43.90 16.19
CA LYS C 9 -29.36 -45.04 17.04
C LYS C 9 -28.94 -46.33 16.35
N LYS C 10 -29.10 -46.35 15.04
CA LYS C 10 -28.79 -47.53 14.24
C LYS C 10 -27.38 -47.47 13.67
N ALA C 11 -26.60 -46.48 14.09
CA ALA C 11 -25.20 -46.38 13.67
C ALA C 11 -24.32 -47.30 14.51
N PRO C 12 -23.27 -47.86 13.89
CA PRO C 12 -22.40 -48.81 14.59
C PRO C 12 -21.62 -48.19 15.76
N ASP C 13 -21.49 -48.96 16.83
CA ASP C 13 -20.76 -48.50 18.02
C ASP C 13 -19.26 -48.64 17.81
N GLU C 14 -18.88 -49.59 16.96
CA GLU C 14 -17.48 -49.92 16.75
C GLU C 14 -16.72 -48.71 16.21
N GLU C 15 -15.65 -48.35 16.90
CA GLU C 15 -14.76 -47.27 16.47
C GLU C 15 -13.53 -47.87 15.82
N TYR C 16 -13.08 -47.26 14.73
CA TYR C 16 -11.85 -47.69 14.09
C TYR C 16 -10.90 -46.50 14.05
N TYR C 17 -11.27 -45.48 14.81
CA TYR C 17 -10.49 -44.27 15.01
C TYR C 17 -10.46 -43.98 16.50
N VAL C 18 -9.56 -44.63 17.22
CA VAL C 18 -9.55 -44.64 18.68
C VAL C 18 -9.10 -43.30 19.28
N PRO C 19 -9.43 -43.06 20.55
CA PRO C 19 -8.94 -41.88 21.28
C PRO C 19 -7.42 -41.86 21.37
N GLY C 20 -6.83 -40.68 21.23
CA GLY C 20 -5.39 -40.55 21.31
C GLY C 20 -4.76 -40.00 20.04
N HIS C 21 -4.84 -38.69 19.88
CA HIS C 21 -4.19 -38.01 18.76
C HIS C 21 -3.98 -36.54 19.05
N ARG C 22 -2.92 -35.97 18.50
CA ARG C 22 -2.56 -34.59 18.79
C ARG C 22 -3.27 -33.62 17.84
N THR C 23 -4.58 -33.79 17.71
CA THR C 23 -5.40 -32.88 16.91
C THR C 23 -5.98 -31.80 17.81
N CYS C 24 -6.29 -30.64 17.24
CA CYS C 24 -6.85 -29.53 18.00
C CYS C 24 -8.11 -29.93 18.76
N ALA C 25 -8.42 -29.21 19.83
CA ALA C 25 -9.66 -29.45 20.55
C ALA C 25 -10.84 -29.08 19.66
N GLY C 26 -11.75 -30.03 19.48
CA GLY C 26 -12.87 -29.83 18.59
C GLY C 26 -12.46 -29.79 17.14
N CYS C 27 -11.51 -30.64 16.77
CA CYS C 27 -11.01 -30.70 15.40
C CYS C 27 -12.06 -31.30 14.47
N GLY C 28 -12.50 -30.51 13.50
CA GLY C 28 -13.44 -30.95 12.50
C GLY C 28 -12.97 -32.16 11.71
N PRO C 29 -11.81 -32.03 11.05
CA PRO C 29 -11.23 -33.16 10.31
C PRO C 29 -11.00 -34.42 11.15
N ALA C 30 -10.78 -34.25 12.45
CA ALA C 30 -10.59 -35.40 13.33
C ALA C 30 -11.90 -36.17 13.44
N LEU C 31 -13.00 -35.45 13.55
CA LEU C 31 -14.32 -36.08 13.56
C LEU C 31 -14.60 -36.73 12.21
N THR C 32 -14.21 -36.03 11.15
CA THR C 32 -14.33 -36.56 9.80
C THR C 32 -13.66 -37.91 9.70
N TYR C 33 -12.42 -37.99 10.19
CA TYR C 33 -11.67 -39.23 10.19
C TYR C 33 -12.37 -40.29 11.04
N ARG C 34 -12.96 -39.85 12.15
CA ARG C 34 -13.63 -40.77 13.05
C ARG C 34 -14.87 -41.38 12.39
N LEU C 35 -15.60 -40.54 11.66
CA LEU C 35 -16.80 -40.99 10.98
C LEU C 35 -16.47 -41.87 9.79
N VAL C 36 -15.39 -41.53 9.08
CA VAL C 36 -14.95 -42.30 7.93
C VAL C 36 -14.48 -43.69 8.33
N ALA C 37 -13.68 -43.77 9.40
CA ALA C 37 -13.20 -45.05 9.89
C ALA C 37 -14.35 -45.93 10.42
N LYS C 38 -15.38 -45.30 10.97
CA LYS C 38 -16.50 -46.04 11.52
C LYS C 38 -17.35 -46.66 10.41
N ALA C 39 -17.52 -45.91 9.33
CA ALA C 39 -18.33 -46.36 8.20
C ALA C 39 -17.59 -47.33 7.30
N ALA C 40 -16.26 -47.29 7.36
CA ALA C 40 -15.43 -48.11 6.49
C ALA C 40 -15.38 -49.56 6.93
N GLY C 41 -15.11 -49.79 8.22
CA GLY C 41 -15.00 -51.14 8.75
C GLY C 41 -13.55 -51.59 8.86
N PRO C 42 -13.34 -52.85 9.27
CA PRO C 42 -11.99 -53.38 9.49
C PRO C 42 -11.20 -53.65 8.22
N ASN C 43 -11.87 -54.05 7.14
CA ASN C 43 -11.20 -54.37 5.89
C ASN C 43 -10.89 -53.10 5.08
N THR C 44 -10.08 -52.22 5.66
CA THR C 44 -9.82 -50.92 5.06
C THR C 44 -8.36 -50.53 5.16
N ILE C 45 -7.86 -49.91 4.10
CA ILE C 45 -6.51 -49.37 4.10
C ILE C 45 -6.56 -47.87 3.87
N PHE C 46 -5.95 -47.11 4.78
CA PHE C 46 -5.96 -45.66 4.69
C PHE C 46 -4.66 -45.08 4.15
N ILE C 47 -4.78 -44.10 3.27
CA ILE C 47 -3.64 -43.38 2.75
C ILE C 47 -3.69 -41.93 3.20
N GLY C 48 -2.68 -41.51 3.96
CA GLY C 48 -2.67 -40.16 4.50
C GLY C 48 -1.56 -39.28 3.96
N PRO C 49 -1.86 -38.48 2.93
CA PRO C 49 -0.93 -37.46 2.42
C PRO C 49 -0.58 -36.45 3.52
N THR C 50 0.59 -35.82 3.41
CA THR C 50 1.08 -34.94 4.47
C THR C 50 0.13 -33.77 4.75
N GLY C 51 -0.24 -33.62 6.01
CA GLY C 51 -1.18 -32.60 6.44
C GLY C 51 -1.54 -32.82 7.89
N CYS C 52 -2.56 -32.10 8.37
CA CYS C 52 -2.99 -32.23 9.76
C CYS C 52 -3.36 -33.66 10.14
N MET C 53 -4.14 -34.32 9.29
CA MET C 53 -4.60 -35.67 9.63
C MET C 53 -3.51 -36.72 9.52
N TYR C 54 -2.35 -36.29 9.03
CA TYR C 54 -1.16 -37.13 9.09
C TYR C 54 -0.34 -36.80 10.31
N VAL C 55 0.13 -35.55 10.37
CA VAL C 55 1.03 -35.12 11.41
C VAL C 55 0.42 -35.27 12.79
N ALA C 56 -0.72 -34.62 13.00
CA ALA C 56 -1.36 -34.58 14.31
C ALA C 56 -1.77 -35.97 14.83
N ASN C 57 -2.18 -36.84 13.92
CA ASN C 57 -2.64 -38.16 14.30
C ASN C 57 -1.53 -39.14 14.66
N THR C 58 -0.34 -38.92 14.09
CA THR C 58 0.76 -39.86 14.26
C THR C 58 1.81 -39.38 15.24
N SER C 59 1.67 -38.14 15.69
CA SER C 59 2.59 -37.53 16.65
C SER C 59 2.40 -38.13 18.04
N TYR C 60 3.42 -38.79 18.58
CA TYR C 60 4.68 -39.05 17.89
C TYR C 60 4.98 -40.54 17.94
N GLY C 61 5.27 -41.12 16.78
CA GLY C 61 5.56 -42.54 16.71
C GLY C 61 4.36 -43.40 17.06
N CYS C 62 3.17 -42.93 16.70
CA CYS C 62 1.94 -43.66 16.99
C CYS C 62 0.87 -43.39 15.94
N GLY C 63 -0.37 -43.74 16.26
CA GLY C 63 -1.49 -43.53 15.38
C GLY C 63 -2.78 -44.07 15.99
N PRO C 64 -3.92 -43.49 15.60
CA PRO C 64 -5.23 -43.89 16.14
C PRO C 64 -5.97 -44.92 15.29
N TRP C 65 -5.42 -45.30 14.15
CA TRP C 65 -6.14 -46.18 13.24
C TRP C 65 -5.96 -47.66 13.56
N ARG C 66 -7.07 -48.36 13.71
CA ARG C 66 -7.06 -49.79 14.00
C ARG C 66 -6.80 -50.59 12.74
N VAL C 67 -6.89 -49.90 11.61
CA VAL C 67 -6.69 -50.51 10.30
C VAL C 67 -5.36 -50.03 9.71
N PRO C 68 -4.83 -50.75 8.70
CA PRO C 68 -3.57 -50.34 8.07
C PRO C 68 -3.57 -48.91 7.56
N TRP C 69 -2.42 -48.26 7.67
CA TRP C 69 -2.26 -46.88 7.23
C TRP C 69 -0.83 -46.64 6.78
N ILE C 70 -0.69 -45.89 5.70
CA ILE C 70 0.63 -45.55 5.20
C ILE C 70 0.72 -44.07 4.88
N HIS C 71 1.88 -43.46 5.15
CA HIS C 71 2.09 -42.08 4.78
C HIS C 71 2.34 -41.96 3.28
N ALA C 72 1.80 -40.90 2.71
CA ALA C 72 2.09 -40.54 1.33
C ALA C 72 2.53 -39.09 1.30
N GLN C 73 3.15 -38.67 0.22
CA GLN C 73 3.47 -37.27 0.05
C GLN C 73 2.18 -36.50 -0.22
N ILE C 74 2.22 -35.19 -0.03
CA ILE C 74 1.05 -34.37 -0.29
C ILE C 74 0.79 -34.32 -1.79
N THR C 75 1.78 -34.77 -2.56
CA THR C 75 1.76 -34.71 -4.01
C THR C 75 1.20 -35.98 -4.66
N ASN C 76 1.17 -37.09 -3.93
CA ASN C 76 0.81 -38.36 -4.53
C ASN C 76 -0.20 -39.21 -3.75
N GLY C 77 -1.30 -38.59 -3.32
CA GLY C 77 -2.33 -39.33 -2.61
C GLY C 77 -2.95 -40.42 -3.47
N GLY C 78 -3.43 -40.02 -4.64
CA GLY C 78 -4.08 -40.94 -5.56
C GLY C 78 -3.11 -41.88 -6.23
N ALA C 79 -1.89 -41.41 -6.43
CA ALA C 79 -0.85 -42.21 -7.07
C ALA C 79 -0.49 -43.42 -6.21
N VAL C 80 -0.35 -43.20 -4.91
CA VAL C 80 -0.02 -44.28 -3.99
C VAL C 80 -1.19 -45.26 -3.85
N ALA C 81 -2.40 -44.72 -3.74
CA ALA C 81 -3.61 -45.52 -3.64
C ALA C 81 -3.77 -46.44 -4.85
N SER C 82 -3.44 -45.90 -6.02
CA SER C 82 -3.48 -46.66 -7.25
C SER C 82 -2.54 -47.86 -7.17
N GLY C 83 -1.39 -47.65 -6.54
CA GLY C 83 -0.40 -48.69 -6.39
C GLY C 83 -0.86 -49.80 -5.48
N ILE C 84 -1.51 -49.43 -4.39
CA ILE C 84 -2.02 -50.41 -3.43
C ILE C 84 -3.14 -51.24 -4.03
N GLU C 85 -3.97 -50.60 -4.85
CA GLU C 85 -5.06 -51.28 -5.53
C GLU C 85 -4.50 -52.23 -6.58
N ALA C 86 -3.59 -51.74 -7.40
CA ALA C 86 -2.98 -52.53 -8.45
C ALA C 86 -2.23 -53.73 -7.87
N ALA C 87 -1.59 -53.52 -6.73
CA ALA C 87 -0.86 -54.57 -6.04
C ALA C 87 -1.79 -55.68 -5.58
N TYR C 88 -2.85 -55.31 -4.87
CA TYR C 88 -3.79 -56.30 -4.33
C TYR C 88 -4.52 -57.09 -5.41
N LYS C 89 -4.93 -56.43 -6.49
CA LYS C 89 -5.62 -57.14 -7.57
C LYS C 89 -4.70 -58.12 -8.30
N ALA C 90 -3.39 -57.88 -8.22
CA ALA C 90 -2.41 -58.73 -8.88
C ALA C 90 -1.98 -59.87 -7.96
N MET C 91 -1.73 -59.54 -6.70
CA MET C 91 -1.32 -60.53 -5.71
C MET C 91 -2.42 -61.56 -5.50
N ILE C 92 -3.67 -61.14 -5.66
CA ILE C 92 -4.82 -62.02 -5.52
C ILE C 92 -4.93 -62.94 -6.72
N ARG C 93 -4.81 -62.35 -7.91
CA ARG C 93 -4.94 -63.09 -9.16
C ARG C 93 -3.86 -64.15 -9.31
N LYS C 94 -2.64 -63.84 -8.86
CA LYS C 94 -1.52 -64.77 -8.96
C LYS C 94 -1.43 -65.70 -7.76
N LYS C 95 -2.48 -65.67 -6.93
CA LYS C 95 -2.57 -66.52 -5.75
C LYS C 95 -1.36 -66.31 -4.84
N LYS C 96 -0.96 -65.05 -4.69
CA LYS C 96 0.16 -64.73 -3.82
C LYS C 96 -0.34 -64.16 -2.49
N THR C 97 -1.66 -64.12 -2.35
CA THR C 97 -2.30 -63.73 -1.10
C THR C 97 -3.71 -64.31 -1.02
N ASP C 98 -4.18 -64.54 0.19
CA ASP C 98 -5.54 -65.00 0.41
C ASP C 98 -6.41 -63.87 0.94
N ALA C 99 -5.78 -62.70 1.12
CA ALA C 99 -6.48 -61.52 1.61
C ALA C 99 -7.54 -61.06 0.63
N GLU C 100 -8.71 -60.71 1.15
CA GLU C 100 -9.77 -60.19 0.30
C GLU C 100 -9.49 -58.73 -0.05
N PHE C 101 -10.03 -58.30 -1.17
CA PHE C 101 -9.80 -56.93 -1.65
C PHE C 101 -10.39 -55.93 -0.66
N PRO C 102 -9.53 -55.09 -0.09
CA PRO C 102 -9.88 -54.16 0.99
C PRO C 102 -10.47 -52.84 0.51
N ASN C 103 -11.08 -52.10 1.44
CA ASN C 103 -11.46 -50.73 1.20
C ASN C 103 -10.23 -49.86 1.14
N ILE C 104 -10.00 -49.20 0.01
CA ILE C 104 -8.83 -48.35 -0.14
C ILE C 104 -9.26 -46.90 -0.15
N ILE C 105 -8.98 -46.20 0.95
CA ILE C 105 -9.44 -44.84 1.12
C ILE C 105 -8.29 -43.84 1.31
N VAL C 106 -8.34 -42.76 0.55
CA VAL C 106 -7.38 -41.66 0.70
C VAL C 106 -8.01 -40.54 1.52
N MET C 107 -7.32 -40.16 2.59
CA MET C 107 -7.76 -39.03 3.40
C MET C 107 -6.84 -37.84 3.17
N ALA C 108 -7.11 -37.11 2.09
CA ALA C 108 -6.28 -35.98 1.71
C ALA C 108 -6.87 -34.66 2.18
N GLY C 109 -6.01 -33.72 2.55
CA GLY C 109 -6.45 -32.38 2.88
C GLY C 109 -6.83 -31.68 1.60
N ASP C 110 -7.35 -30.46 1.69
CA ASP C 110 -7.76 -29.72 0.52
C ASP C 110 -6.56 -29.43 -0.39
N GLY C 111 -5.42 -29.13 0.20
CA GLY C 111 -4.22 -28.90 -0.57
C GLY C 111 -3.79 -30.18 -1.26
N GLY C 112 -3.98 -31.31 -0.57
CA GLY C 112 -3.58 -32.60 -1.09
C GLY C 112 -4.61 -33.22 -2.03
N ALA C 113 -5.66 -32.48 -2.32
CA ALA C 113 -6.70 -32.99 -3.21
C ALA C 113 -7.03 -32.01 -4.34
N VAL C 114 -6.87 -30.72 -4.05
CA VAL C 114 -7.31 -29.67 -4.97
C VAL C 114 -6.13 -28.92 -5.60
N ASP C 115 -5.00 -28.89 -4.89
CA ASP C 115 -3.91 -28.00 -5.25
C ASP C 115 -2.66 -28.72 -5.77
N ILE C 116 -2.03 -29.50 -4.90
CA ILE C 116 -0.75 -30.12 -5.24
C ILE C 116 -0.91 -31.61 -5.48
N GLY C 117 -2.08 -32.15 -5.13
CA GLY C 117 -2.36 -33.57 -5.32
C GLY C 117 -3.47 -33.80 -6.33
N LEU C 118 -3.84 -32.76 -7.05
CA LEU C 118 -4.95 -32.84 -8.00
C LEU C 118 -4.63 -33.76 -9.18
N GLN C 119 -3.40 -33.70 -9.65
CA GLN C 119 -2.97 -34.49 -10.81
C GLN C 119 -3.00 -35.98 -10.52
N ALA C 120 -2.59 -36.36 -9.31
CA ALA C 120 -2.60 -37.76 -8.89
C ALA C 120 -4.03 -38.24 -8.64
N LEU C 121 -4.93 -37.29 -8.41
CA LEU C 121 -6.34 -37.60 -8.23
C LEU C 121 -7.02 -37.89 -9.57
N SER C 122 -6.89 -36.96 -10.50
CA SER C 122 -7.51 -37.07 -11.83
C SER C 122 -7.05 -38.32 -12.57
N ALA C 123 -5.77 -38.62 -12.47
CA ALA C 123 -5.20 -39.74 -13.20
C ALA C 123 -5.65 -41.08 -12.61
N MET C 124 -5.97 -41.08 -11.32
CA MET C 124 -6.50 -42.28 -10.68
C MET C 124 -7.92 -42.56 -11.14
N LEU C 125 -8.70 -41.49 -11.30
CA LEU C 125 -10.08 -41.63 -11.79
C LEU C 125 -10.07 -42.09 -13.23
N TYR C 126 -9.07 -41.66 -13.98
CA TYR C 126 -8.93 -42.06 -15.37
C TYR C 126 -8.61 -43.54 -15.49
N ARG C 127 -7.75 -44.04 -14.60
CA ARG C 127 -7.37 -45.44 -14.64
C ARG C 127 -8.42 -46.35 -14.01
N GLY C 128 -9.39 -45.75 -13.33
CA GLY C 128 -10.51 -46.48 -12.77
C GLY C 128 -10.19 -47.45 -11.65
N HIS C 129 -9.28 -47.06 -10.75
CA HIS C 129 -8.94 -47.89 -9.60
C HIS C 129 -10.10 -47.96 -8.62
N ASP C 130 -10.27 -49.11 -7.99
CA ASP C 130 -11.30 -49.27 -6.96
C ASP C 130 -10.84 -48.60 -5.66
N VAL C 131 -10.86 -47.27 -5.67
CA VAL C 131 -10.35 -46.48 -4.56
C VAL C 131 -11.30 -45.33 -4.22
N LEU C 132 -11.54 -45.12 -2.93
CA LEU C 132 -12.32 -43.98 -2.48
C LEU C 132 -11.40 -42.83 -2.09
N PHE C 133 -11.43 -41.76 -2.88
CA PHE C 133 -10.60 -40.59 -2.58
C PHE C 133 -11.44 -39.57 -1.82
N ILE C 134 -11.04 -39.30 -0.59
CA ILE C 134 -11.76 -38.35 0.25
C ILE C 134 -10.93 -37.11 0.51
N CYS C 135 -11.55 -35.94 0.34
CA CYS C 135 -10.91 -34.70 0.72
C CYS C 135 -11.59 -34.08 1.94
N TYR C 136 -10.87 -34.02 3.05
CA TYR C 136 -11.36 -33.27 4.20
C TYR C 136 -10.89 -31.83 4.02
N ASP C 137 -11.85 -30.90 3.99
CA ASP C 137 -11.56 -29.53 3.60
C ASP C 137 -11.66 -28.58 4.77
N ASN C 138 -10.52 -28.10 5.23
CA ASN C 138 -10.48 -27.06 6.26
C ASN C 138 -10.13 -25.71 5.63
N GLU C 139 -10.17 -25.67 4.31
CA GLU C 139 -10.02 -24.44 3.55
C GLU C 139 -8.69 -23.72 3.79
N SER C 140 -7.64 -24.48 4.05
CA SER C 140 -6.29 -23.93 4.16
C SER C 140 -5.23 -25.04 4.25
N TYR C 141 -3.98 -24.65 4.09
CA TYR C 141 -2.85 -25.48 4.52
C TYR C 141 -2.68 -25.29 6.02
N ALA C 142 -3.36 -26.12 6.81
CA ALA C 142 -3.48 -25.90 8.24
C ALA C 142 -2.24 -26.29 9.04
N ASN C 143 -1.63 -27.41 8.68
CA ASN C 143 -0.51 -27.94 9.46
C ASN C 143 0.73 -27.05 9.38
N THR C 144 0.85 -26.31 8.28
CA THR C 144 1.98 -25.42 8.09
C THR C 144 1.76 -24.06 8.75
N GLY C 145 0.62 -23.89 9.39
CA GLY C 145 0.32 -22.65 10.10
C GLY C 145 -0.76 -21.82 9.42
N ILE C 146 -1.71 -22.51 8.81
CA ILE C 146 -2.87 -21.89 8.16
C ILE C 146 -2.48 -20.95 7.01
N GLN C 147 -2.20 -21.53 5.85
CA GLN C 147 -1.92 -20.74 4.64
C GLN C 147 -2.98 -20.94 3.56
N THR C 148 -3.12 -19.96 2.68
CA THR C 148 -4.17 -19.97 1.67
C THR C 148 -4.08 -21.18 0.74
N SER C 149 -5.24 -21.62 0.26
CA SER C 149 -5.35 -22.77 -0.61
C SER C 149 -6.46 -22.52 -1.61
N PRO C 150 -6.51 -23.30 -2.70
CA PRO C 150 -7.60 -23.16 -3.67
C PRO C 150 -9.01 -23.31 -3.09
N THR C 151 -9.14 -23.90 -1.89
CA THR C 151 -10.45 -24.03 -1.26
C THR C 151 -10.67 -22.97 -0.20
N THR C 152 -9.65 -22.15 0.06
CA THR C 152 -9.80 -21.04 0.99
C THR C 152 -10.76 -20.05 0.37
N PRO C 153 -11.84 -19.71 1.10
CA PRO C 153 -12.89 -18.79 0.64
C PRO C 153 -12.35 -17.43 0.24
N TYR C 154 -13.07 -16.73 -0.63
CA TYR C 154 -12.69 -15.39 -1.04
C TYR C 154 -12.61 -14.46 0.17
N GLY C 155 -11.62 -13.57 0.16
CA GLY C 155 -11.49 -12.57 1.19
C GLY C 155 -11.14 -13.14 2.55
N ALA C 156 -10.72 -14.41 2.60
CA ALA C 156 -10.37 -15.04 3.86
C ALA C 156 -8.95 -14.65 4.26
N ASN C 157 -8.71 -14.61 5.57
CA ASN C 157 -7.41 -14.21 6.11
C ASN C 157 -6.52 -15.39 6.45
N THR C 158 -5.38 -15.47 5.75
CA THR C 158 -4.36 -16.46 6.03
C THR C 158 -3.01 -15.75 6.16
N THR C 159 -1.98 -16.49 6.55
CA THR C 159 -0.65 -15.91 6.68
C THR C 159 -0.10 -15.55 5.31
N PHE C 160 -0.69 -16.15 4.28
CA PHE C 160 -0.33 -15.87 2.90
C PHE C 160 -1.28 -14.86 2.26
N THR C 161 -2.41 -14.63 2.92
CA THR C 161 -3.36 -13.61 2.46
C THR C 161 -3.79 -12.68 3.58
N PRO C 162 -2.86 -11.86 4.09
CA PRO C 162 -3.24 -10.89 5.13
C PRO C 162 -3.88 -9.64 4.54
N PRO C 163 -4.92 -9.12 5.21
CA PRO C 163 -5.54 -7.87 4.79
C PRO C 163 -4.63 -6.65 4.98
N GLY C 164 -4.54 -5.79 3.98
CA GLY C 164 -3.74 -4.58 4.07
C GLY C 164 -4.37 -3.51 3.21
N GLU C 165 -3.78 -2.33 3.14
CA GLU C 165 -4.35 -1.27 2.30
C GLU C 165 -4.31 -1.65 0.83
N VAL C 166 -3.29 -2.39 0.42
CA VAL C 166 -3.17 -2.82 -0.96
C VAL C 166 -4.17 -3.92 -1.28
N VAL C 167 -4.33 -4.88 -0.37
CA VAL C 167 -5.33 -5.92 -0.53
C VAL C 167 -6.16 -6.04 0.77
N PRO C 168 -7.22 -5.23 0.88
CA PRO C 168 -8.05 -5.16 2.08
C PRO C 168 -8.73 -6.48 2.45
N GLU C 169 -9.03 -7.30 1.45
CA GLU C 169 -9.74 -8.56 1.69
C GLU C 169 -8.77 -9.71 1.95
N GLY C 170 -7.49 -9.47 1.72
CA GLY C 170 -6.49 -10.50 1.93
C GLY C 170 -6.40 -11.46 0.76
N LYS C 171 -7.46 -12.23 0.55
CA LYS C 171 -7.52 -13.15 -0.58
C LYS C 171 -8.50 -12.66 -1.65
N LYS C 172 -7.97 -12.32 -2.82
CA LYS C 172 -8.78 -11.79 -3.91
C LYS C 172 -9.40 -12.91 -4.72
N LEU C 173 -8.84 -14.11 -4.62
CA LEU C 173 -9.27 -15.22 -5.45
C LEU C 173 -10.43 -15.99 -4.83
N PHE C 174 -11.42 -16.30 -5.65
CA PHE C 174 -12.55 -17.14 -5.23
C PHE C 174 -12.13 -18.60 -5.33
N PRO C 175 -12.63 -19.43 -4.40
CA PRO C 175 -12.15 -20.81 -4.29
C PRO C 175 -12.47 -21.69 -5.50
N LYS C 176 -11.66 -22.72 -5.69
CA LYS C 176 -11.88 -23.70 -6.76
C LYS C 176 -12.86 -24.75 -6.26
N ASP C 177 -13.86 -25.06 -7.08
CA ASP C 177 -14.84 -26.07 -6.71
C ASP C 177 -14.39 -27.42 -7.26
N ASN C 178 -13.51 -28.08 -6.53
CA ASN C 178 -12.90 -29.34 -6.96
C ASN C 178 -13.88 -30.50 -7.27
N PRO C 179 -14.96 -30.66 -6.48
CA PRO C 179 -15.90 -31.73 -6.85
C PRO C 179 -16.45 -31.60 -8.27
N LYS C 180 -16.63 -30.39 -8.75
CA LYS C 180 -17.17 -30.18 -10.10
C LYS C 180 -16.07 -30.31 -11.15
N VAL C 181 -14.83 -30.04 -10.74
CA VAL C 181 -13.68 -30.20 -11.61
C VAL C 181 -13.52 -31.66 -12.06
N ILE C 182 -13.54 -32.56 -11.10
CA ILE C 182 -13.28 -33.97 -11.38
C ILE C 182 -14.56 -34.72 -11.78
N ALA C 183 -15.71 -34.07 -11.62
CA ALA C 183 -16.98 -34.70 -11.95
C ALA C 183 -17.16 -34.89 -13.45
N HIS C 184 -16.41 -34.11 -14.23
CA HIS C 184 -16.51 -34.18 -15.68
C HIS C 184 -15.20 -34.66 -16.30
N GLY C 185 -15.31 -35.44 -17.37
CA GLY C 185 -14.13 -35.85 -18.12
C GLY C 185 -13.61 -37.23 -17.75
N HIS C 186 -14.12 -37.78 -16.66
CA HIS C 186 -13.66 -39.09 -16.20
C HIS C 186 -14.77 -40.13 -16.34
N PRO C 187 -14.70 -40.94 -17.40
CA PRO C 187 -15.69 -41.98 -17.72
C PRO C 187 -15.79 -43.09 -16.67
N GLU C 188 -14.67 -43.41 -16.04
CA GLU C 188 -14.63 -44.48 -15.05
C GLU C 188 -15.21 -44.02 -13.71
N LEU C 189 -15.25 -42.72 -13.50
CA LEU C 189 -15.82 -42.16 -12.26
C LEU C 189 -17.32 -42.41 -12.22
N LYS C 190 -17.75 -43.06 -11.14
CA LYS C 190 -19.12 -43.54 -11.02
C LYS C 190 -19.91 -42.83 -9.93
N TYR C 191 -19.20 -42.30 -8.93
CA TYR C 191 -19.87 -41.68 -7.78
C TYR C 191 -19.08 -40.51 -7.19
N VAL C 192 -19.72 -39.35 -7.18
CA VAL C 192 -19.18 -38.15 -6.55
C VAL C 192 -20.17 -37.66 -5.50
N ALA C 193 -19.66 -37.09 -4.42
CA ALA C 193 -20.51 -36.57 -3.36
C ALA C 193 -19.80 -35.50 -2.52
N THR C 194 -20.59 -34.59 -1.97
CA THR C 194 -20.07 -33.61 -1.02
C THR C 194 -20.75 -33.84 0.32
N ALA C 195 -19.97 -33.84 1.39
CA ALA C 195 -20.50 -34.14 2.71
C ALA C 195 -20.04 -33.13 3.76
N SER C 196 -20.71 -33.15 4.91
CA SER C 196 -20.37 -32.26 6.02
C SER C 196 -20.49 -33.01 7.34
N ILE C 197 -19.64 -32.65 8.30
CA ILE C 197 -19.66 -33.31 9.60
C ILE C 197 -20.91 -32.94 10.41
N GLY C 198 -21.60 -31.89 9.97
CA GLY C 198 -22.86 -31.50 10.58
C GLY C 198 -23.90 -32.59 10.36
N TRP C 199 -23.72 -33.34 9.28
CA TRP C 199 -24.58 -34.46 8.95
C TRP C 199 -23.79 -35.76 8.92
N PRO C 200 -23.59 -36.37 10.09
CA PRO C 200 -22.74 -37.55 10.29
C PRO C 200 -23.28 -38.81 9.61
N VAL C 201 -24.58 -39.03 9.68
CA VAL C 201 -25.19 -40.21 9.06
C VAL C 201 -25.13 -40.11 7.54
N ASP C 202 -25.48 -38.94 7.02
CA ASP C 202 -25.40 -38.68 5.58
C ASP C 202 -23.96 -38.83 5.10
N LEU C 203 -23.04 -38.35 5.91
CA LEU C 203 -21.61 -38.43 5.61
C LEU C 203 -21.16 -39.89 5.50
N MET C 204 -21.47 -40.67 6.52
CA MET C 204 -21.04 -42.07 6.58
C MET C 204 -21.66 -42.94 5.49
N ASN C 205 -22.92 -42.65 5.15
CA ASN C 205 -23.60 -43.41 4.11
C ASN C 205 -22.99 -43.16 2.74
N LYS C 206 -22.62 -41.92 2.46
CA LYS C 206 -21.98 -41.56 1.20
C LYS C 206 -20.65 -42.28 1.08
N VAL C 207 -19.93 -42.41 2.19
CA VAL C 207 -18.69 -43.15 2.22
C VAL C 207 -18.95 -44.61 1.88
N ARG C 208 -19.93 -45.20 2.54
CA ARG C 208 -20.29 -46.59 2.30
C ARG C 208 -20.80 -46.77 0.87
N LYS C 209 -21.47 -45.76 0.34
CA LYS C 209 -21.97 -45.81 -1.03
C LYS C 209 -20.83 -45.77 -2.03
N GLY C 210 -19.83 -44.95 -1.75
CA GLY C 210 -18.65 -44.84 -2.60
C GLY C 210 -17.82 -46.09 -2.57
N LEU C 211 -17.71 -46.70 -1.38
CA LEU C 211 -16.93 -47.92 -1.20
C LEU C 211 -17.59 -49.11 -1.88
N ASN C 212 -18.92 -49.10 -1.92
CA ASN C 212 -19.67 -50.20 -2.52
C ASN C 212 -19.54 -50.23 -4.03
N GLN C 213 -19.11 -49.12 -4.63
CA GLN C 213 -18.94 -49.03 -6.06
C GLN C 213 -17.70 -49.80 -6.54
N GLU C 214 -17.78 -50.33 -7.76
CA GLU C 214 -16.70 -51.11 -8.34
C GLU C 214 -15.76 -50.19 -9.13
N GLY C 215 -15.44 -49.04 -8.55
CA GLY C 215 -14.53 -48.12 -9.20
C GLY C 215 -14.12 -46.94 -8.33
N PRO C 216 -13.50 -45.94 -8.95
CA PRO C 216 -13.06 -44.74 -8.24
C PRO C 216 -14.22 -43.89 -7.75
N ALA C 217 -14.12 -43.41 -6.51
CA ALA C 217 -15.11 -42.52 -5.94
C ALA C 217 -14.41 -41.30 -5.35
N TYR C 218 -15.13 -40.18 -5.29
CA TYR C 218 -14.59 -38.96 -4.71
C TYR C 218 -15.62 -38.30 -3.80
N ILE C 219 -15.22 -38.04 -2.57
CA ILE C 219 -16.11 -37.41 -1.59
C ILE C 219 -15.45 -36.22 -0.92
N HIS C 220 -15.98 -35.04 -1.19
CA HIS C 220 -15.46 -33.82 -0.61
C HIS C 220 -16.17 -33.51 0.70
N ILE C 221 -15.48 -33.70 1.82
CA ILE C 221 -16.11 -33.52 3.13
C ILE C 221 -15.73 -32.17 3.75
N HIS C 222 -16.74 -31.44 4.20
CA HIS C 222 -16.53 -30.14 4.82
C HIS C 222 -16.24 -30.28 6.32
N ALA C 223 -15.05 -29.86 6.73
CA ALA C 223 -14.62 -30.00 8.12
C ALA C 223 -14.03 -28.71 8.68
N PRO C 224 -14.87 -27.90 9.36
CA PRO C 224 -14.47 -26.63 9.98
C PRO C 224 -13.25 -26.73 10.89
N CYS C 225 -12.36 -25.74 10.78
CA CYS C 225 -11.14 -25.68 11.56
C CYS C 225 -11.16 -24.53 12.55
N PRO C 226 -11.40 -24.83 13.83
CA PRO C 226 -11.45 -23.83 14.90
C PRO C 226 -10.16 -23.02 15.00
N LYS C 227 -9.02 -23.69 14.84
CA LYS C 227 -7.72 -23.04 14.89
C LYS C 227 -7.49 -22.09 13.72
N GLY C 228 -7.82 -22.57 12.52
CA GLY C 228 -7.57 -21.82 11.29
C GLY C 228 -8.59 -20.76 10.97
N TRP C 229 -9.86 -21.07 11.21
CA TRP C 229 -10.95 -20.15 10.88
C TRP C 229 -11.19 -19.21 12.05
N GLN C 230 -10.51 -19.47 13.16
CA GLN C 230 -10.56 -18.64 14.35
C GLN C 230 -11.97 -18.53 14.92
N PHE C 231 -12.43 -19.63 15.53
CA PHE C 231 -13.70 -19.67 16.24
C PHE C 231 -13.57 -20.68 17.39
N PRO C 232 -14.39 -20.52 18.45
CA PRO C 232 -14.35 -21.41 19.62
C PRO C 232 -14.34 -22.90 19.27
N ALA C 233 -13.71 -23.69 20.13
CA ALA C 233 -13.52 -25.11 19.87
C ALA C 233 -14.82 -25.90 19.97
N ASP C 234 -15.86 -25.27 20.50
CA ASP C 234 -17.14 -25.94 20.68
C ASP C 234 -18.23 -25.40 19.75
N LYS C 235 -17.80 -24.79 18.65
CA LYS C 235 -18.74 -24.23 17.67
C LYS C 235 -18.49 -24.80 16.28
N THR C 236 -17.72 -25.89 16.23
CA THR C 236 -17.34 -26.52 14.97
C THR C 236 -18.54 -27.12 14.26
N ILE C 237 -19.43 -27.75 15.02
CA ILE C 237 -20.60 -28.39 14.45
C ILE C 237 -21.66 -27.36 14.10
N GLU C 238 -21.69 -26.27 14.84
CA GLU C 238 -22.59 -25.16 14.52
C GLU C 238 -22.10 -24.47 13.24
N MET C 239 -20.79 -24.45 13.05
CA MET C 239 -20.20 -23.85 11.86
C MET C 239 -20.46 -24.72 10.63
N ALA C 240 -20.41 -26.04 10.83
CA ALA C 240 -20.66 -26.98 9.76
C ALA C 240 -22.10 -26.87 9.28
N LYS C 241 -23.03 -26.73 10.24
CA LYS C 241 -24.43 -26.58 9.92
C LYS C 241 -24.74 -25.24 9.29
N LEU C 242 -24.09 -24.19 9.79
CA LEU C 242 -24.28 -22.84 9.24
C LEU C 242 -23.73 -22.73 7.82
N ALA C 243 -22.64 -23.44 7.55
CA ALA C 243 -22.02 -23.42 6.22
C ALA C 243 -22.98 -23.94 5.17
N VAL C 244 -23.81 -24.90 5.57
CA VAL C 244 -24.80 -25.47 4.68
C VAL C 244 -26.03 -24.57 4.61
N GLN C 245 -26.46 -24.07 5.76
CA GLN C 245 -27.66 -23.23 5.86
C GLN C 245 -27.49 -21.86 5.21
N THR C 246 -26.25 -21.50 4.88
CA THR C 246 -25.98 -20.22 4.27
C THR C 246 -25.50 -20.35 2.83
N GLY C 247 -25.26 -21.59 2.40
CA GLY C 247 -24.88 -21.87 1.03
C GLY C 247 -23.39 -21.90 0.76
N MET C 248 -22.57 -21.82 1.80
CA MET C 248 -21.12 -21.88 1.64
C MET C 248 -20.67 -23.25 1.18
N PHE C 249 -21.40 -24.27 1.63
CA PHE C 249 -21.13 -25.63 1.22
C PHE C 249 -22.42 -26.32 0.81
N GLN C 250 -22.39 -27.03 -0.33
CA GLN C 250 -23.60 -27.67 -0.84
C GLN C 250 -23.53 -29.19 -0.71
N LEU C 251 -24.55 -29.77 -0.09
CA LEU C 251 -24.61 -31.21 0.08
C LEU C 251 -25.42 -31.86 -1.03
N TYR C 252 -24.77 -32.71 -1.82
CA TYR C 252 -25.44 -33.37 -2.92
C TYR C 252 -24.72 -34.63 -3.38
N GLU C 253 -25.36 -35.35 -4.30
CA GLU C 253 -24.74 -36.50 -4.96
C GLU C 253 -24.94 -36.38 -6.46
N TYR C 254 -23.85 -36.09 -7.17
CA TYR C 254 -23.93 -35.93 -8.62
C TYR C 254 -23.71 -37.27 -9.31
N GLU C 255 -24.80 -37.87 -9.80
CA GLU C 255 -24.72 -39.15 -10.48
C GLU C 255 -25.49 -39.13 -11.80
N ASN C 256 -24.87 -39.71 -12.83
CA ASN C 256 -25.48 -39.82 -14.15
C ASN C 256 -25.88 -38.45 -14.71
N GLY C 257 -25.08 -37.43 -14.40
CA GLY C 257 -25.25 -36.13 -14.99
C GLY C 257 -26.22 -35.22 -14.28
N GLU C 258 -26.75 -35.68 -13.13
CA GLU C 258 -27.72 -34.89 -12.40
C GLU C 258 -27.37 -34.77 -10.93
N TYR C 259 -27.58 -33.57 -10.38
CA TYR C 259 -27.32 -33.32 -8.97
C TYR C 259 -28.52 -33.77 -8.15
N LYS C 260 -28.25 -34.43 -7.03
CA LYS C 260 -29.32 -34.85 -6.13
C LYS C 260 -29.06 -34.31 -4.73
N LEU C 261 -29.82 -33.29 -4.36
CA LEU C 261 -29.64 -32.63 -3.07
C LEU C 261 -29.84 -33.57 -1.89
N SER C 262 -28.98 -33.43 -0.90
CA SER C 262 -28.98 -34.32 0.25
C SER C 262 -29.86 -33.80 1.37
N VAL C 263 -29.71 -32.52 1.70
CA VAL C 263 -30.50 -31.90 2.75
C VAL C 263 -31.48 -30.87 2.20
N LYS C 264 -32.66 -30.81 2.80
CA LYS C 264 -33.69 -29.88 2.35
C LYS C 264 -33.58 -28.55 3.06
N VAL C 265 -33.01 -27.55 2.38
CA VAL C 265 -32.95 -26.21 2.93
C VAL C 265 -34.14 -25.37 2.43
N ASP C 266 -35.17 -25.30 3.25
CA ASP C 266 -36.37 -24.56 2.93
C ASP C 266 -36.07 -23.07 2.83
N LYS C 267 -35.18 -22.60 3.70
CA LYS C 267 -34.80 -21.20 3.74
C LYS C 267 -33.31 -21.03 4.03
N ARG C 268 -32.65 -20.20 3.22
CA ARG C 268 -31.22 -19.95 3.38
C ARG C 268 -30.93 -18.65 4.12
N LYS C 269 -30.05 -18.72 5.12
CA LYS C 269 -29.59 -17.53 5.83
C LYS C 269 -28.57 -16.77 4.99
N PRO C 270 -28.45 -15.46 5.21
CA PRO C 270 -27.41 -14.65 4.56
C PRO C 270 -26.00 -15.11 4.97
N VAL C 271 -25.01 -14.84 4.12
CA VAL C 271 -23.64 -15.30 4.38
C VAL C 271 -23.01 -14.67 5.62
N SER C 272 -23.53 -13.50 6.01
CA SER C 272 -23.01 -12.78 7.17
C SER C 272 -23.20 -13.55 8.47
N GLU C 273 -24.26 -14.34 8.56
CA GLU C 273 -24.56 -15.08 9.78
C GLU C 273 -23.63 -16.27 9.98
N TYR C 274 -22.72 -16.48 9.04
CA TYR C 274 -21.77 -17.58 9.11
C TYR C 274 -20.35 -17.05 9.22
N MET C 275 -20.09 -15.92 8.57
CA MET C 275 -18.77 -15.33 8.52
C MET C 275 -18.46 -14.46 9.72
N LYS C 276 -19.50 -14.05 10.43
CA LYS C 276 -19.34 -13.18 11.59
C LYS C 276 -18.84 -13.98 12.78
N LEU C 277 -18.94 -15.30 12.69
CA LEU C 277 -18.51 -16.18 13.77
C LEU C 277 -17.06 -16.61 13.61
N GLN C 278 -16.42 -16.14 12.54
CA GLN C 278 -15.05 -16.51 12.23
C GLN C 278 -14.19 -15.27 12.01
N LYS C 279 -13.11 -15.16 12.78
CA LYS C 279 -12.26 -13.98 12.73
C LYS C 279 -11.39 -13.91 11.47
N ARG C 280 -11.46 -14.94 10.63
CA ARG C 280 -10.72 -14.92 9.37
C ARG C 280 -11.42 -14.01 8.35
N PHE C 281 -12.67 -13.66 8.63
CA PHE C 281 -13.43 -12.74 7.79
C PHE C 281 -13.67 -11.42 8.52
N ALA C 282 -13.03 -11.25 9.67
CA ALA C 282 -13.27 -10.13 10.56
C ALA C 282 -12.81 -8.78 10.00
N HIS C 283 -12.11 -8.81 8.88
CA HIS C 283 -11.55 -7.60 8.28
C HIS C 283 -12.44 -7.07 7.15
N LEU C 284 -13.38 -7.89 6.72
CA LEU C 284 -14.18 -7.60 5.54
C LEU C 284 -15.24 -6.53 5.77
N LYS C 285 -15.40 -5.65 4.77
CA LYS C 285 -16.42 -4.61 4.81
C LYS C 285 -17.70 -5.18 4.23
N PRO C 286 -18.85 -4.55 4.53
CA PRO C 286 -20.14 -5.02 4.01
C PRO C 286 -20.16 -5.17 2.49
N GLU C 287 -19.23 -4.51 1.79
CA GLU C 287 -19.11 -4.64 0.34
C GLU C 287 -18.47 -5.96 -0.09
N HIS C 288 -17.53 -6.44 0.71
CA HIS C 288 -16.88 -7.72 0.43
C HIS C 288 -17.85 -8.85 0.72
N ILE C 289 -18.64 -8.68 1.76
CA ILE C 289 -19.67 -9.65 2.11
C ILE C 289 -20.66 -9.78 0.98
N ALA C 290 -20.90 -8.66 0.28
CA ALA C 290 -21.82 -8.63 -0.85
C ALA C 290 -21.32 -9.46 -2.02
N LYS C 291 -20.02 -9.35 -2.31
CA LYS C 291 -19.42 -10.15 -3.37
C LYS C 291 -19.48 -11.63 -3.02
N MET C 292 -19.28 -11.92 -1.74
CA MET C 292 -19.40 -13.28 -1.24
C MET C 292 -20.82 -13.82 -1.42
N GLN C 293 -21.81 -12.98 -1.10
CA GLN C 293 -23.21 -13.37 -1.20
C GLN C 293 -23.59 -13.68 -2.65
N ALA C 294 -23.19 -12.80 -3.56
CA ALA C 294 -23.44 -12.97 -4.98
C ALA C 294 -22.80 -14.26 -5.50
N PHE C 295 -21.62 -14.57 -5.00
CA PHE C 295 -20.90 -15.79 -5.36
C PHE C 295 -21.61 -17.04 -4.85
N VAL C 296 -22.07 -16.99 -3.61
CA VAL C 296 -22.75 -18.12 -2.98
C VAL C 296 -24.10 -18.39 -3.66
N ASP C 297 -24.79 -17.31 -4.04
CA ASP C 297 -26.06 -17.43 -4.76
C ASP C 297 -25.88 -18.17 -6.08
N ALA C 298 -24.87 -17.74 -6.84
CA ALA C 298 -24.55 -18.37 -8.13
C ALA C 298 -24.10 -19.82 -7.94
N ARG C 299 -23.42 -20.07 -6.83
CA ARG C 299 -22.95 -21.40 -6.50
C ARG C 299 -24.13 -22.34 -6.21
N CYS C 300 -25.17 -21.80 -5.60
CA CYS C 300 -26.36 -22.57 -5.28
C CYS C 300 -27.20 -22.83 -6.53
N ALA C 301 -27.10 -21.92 -7.50
CA ALA C 301 -27.83 -22.05 -8.75
C ALA C 301 -27.38 -23.26 -9.57
N GLU C 302 -26.08 -23.56 -9.52
CA GLU C 302 -25.50 -24.64 -10.30
C GLU C 302 -26.02 -26.01 -9.90
N VAL C 303 -26.31 -26.18 -8.62
CA VAL C 303 -26.70 -27.49 -8.10
C VAL C 303 -28.23 -27.60 -7.97
N GLY C 304 -28.92 -26.47 -7.88
CA GLY C 304 -30.37 -26.48 -7.89
C GLY C 304 -31.05 -25.91 -6.65
N ILE C 305 -30.28 -25.23 -5.80
CA ILE C 305 -30.86 -24.59 -4.63
C ILE C 305 -31.45 -23.24 -5.03
N THR C 306 -32.77 -23.23 -5.20
CA THR C 306 -33.47 -22.07 -5.73
C THR C 306 -34.13 -21.21 -4.65
N VAL C 307 -34.18 -21.72 -3.43
CA VAL C 307 -34.81 -21.01 -2.33
C VAL C 307 -34.15 -19.66 -2.08
N PRO C 308 -34.94 -18.64 -1.72
CA PRO C 308 -34.45 -17.28 -1.48
C PRO C 308 -33.77 -17.12 -0.12
N VAL C 309 -33.06 -16.00 0.05
CA VAL C 309 -32.37 -15.71 1.30
C VAL C 309 -33.32 -14.98 2.26
N VAL C 310 -33.36 -15.44 3.51
CA VAL C 310 -34.24 -14.85 4.51
C VAL C 310 -33.58 -13.65 5.19
N ALA C 311 -34.26 -12.50 5.13
CA ALA C 311 -33.77 -11.25 5.69
C ALA C 311 -32.44 -10.84 5.06
N SER C 312 -32.43 -10.74 3.73
CA SER C 312 -31.24 -10.32 3.00
C SER C 312 -31.31 -8.83 2.67
N GLY D 2 20.48 -71.55 -21.53
CA GLY D 2 20.32 -70.14 -21.85
C GLY D 2 20.34 -69.86 -23.34
N LYS D 3 19.20 -69.43 -23.89
CA LYS D 3 19.14 -69.08 -25.30
C LYS D 3 19.86 -67.76 -25.54
N VAL D 4 20.81 -67.75 -26.46
CA VAL D 4 21.54 -66.53 -26.76
C VAL D 4 20.87 -65.75 -27.88
N ARG D 5 20.58 -64.48 -27.62
CA ARG D 5 19.97 -63.61 -28.63
C ARG D 5 20.69 -62.28 -28.71
N ASN D 6 20.65 -61.65 -29.88
CA ASN D 6 21.25 -60.34 -30.08
C ASN D 6 20.21 -59.24 -29.90
N ILE D 7 19.95 -58.89 -28.64
CA ILE D 7 18.90 -57.95 -28.29
C ILE D 7 19.46 -56.66 -27.70
N SER D 8 18.63 -55.63 -27.68
CA SER D 8 19.01 -54.34 -27.12
C SER D 8 18.98 -54.37 -25.59
N GLY D 9 19.32 -53.25 -24.97
CA GLY D 9 19.29 -53.16 -23.52
C GLY D 9 17.87 -53.17 -22.99
N CYS D 10 16.98 -52.47 -23.71
CA CYS D 10 15.58 -52.38 -23.33
C CYS D 10 14.93 -53.76 -23.23
N VAL D 11 15.14 -54.58 -24.25
CA VAL D 11 14.60 -55.94 -24.27
C VAL D 11 15.27 -56.80 -23.21
N ALA D 12 16.56 -56.58 -23.01
CA ALA D 12 17.32 -57.32 -22.01
C ALA D 12 16.80 -57.06 -20.61
N VAL D 13 16.53 -55.78 -20.32
CA VAL D 13 15.96 -55.39 -19.02
C VAL D 13 14.57 -55.97 -18.83
N ALA D 14 13.75 -55.91 -19.88
CA ALA D 14 12.39 -56.41 -19.84
C ALA D 14 12.35 -57.92 -19.55
N HIS D 15 13.31 -58.66 -20.07
CA HIS D 15 13.40 -60.08 -19.79
C HIS D 15 13.81 -60.34 -18.34
N GLY D 16 14.62 -59.44 -17.79
CA GLY D 16 15.00 -59.53 -16.40
C GLY D 16 13.80 -59.26 -15.51
N VAL D 17 12.98 -58.31 -15.95
CA VAL D 17 11.74 -57.99 -15.27
C VAL D 17 10.74 -59.15 -15.41
N ARG D 18 10.73 -59.76 -16.59
CA ARG D 18 9.88 -60.91 -16.86
C ARG D 18 10.26 -62.11 -16.01
N LEU D 19 11.55 -62.37 -15.92
CA LEU D 19 12.07 -63.50 -15.16
C LEU D 19 11.94 -63.29 -13.66
N ALA D 20 11.78 -62.03 -13.25
CA ALA D 20 11.59 -61.69 -11.85
C ALA D 20 10.13 -61.84 -11.43
N ASP D 21 9.26 -62.06 -12.41
CA ASP D 21 7.82 -62.21 -12.19
C ASP D 21 7.25 -61.00 -11.45
N VAL D 22 7.62 -59.81 -11.91
CA VAL D 22 7.15 -58.56 -11.32
C VAL D 22 5.62 -58.49 -11.38
N ASP D 23 5.02 -58.07 -10.29
CA ASP D 23 3.56 -58.06 -10.17
C ASP D 23 2.94 -56.74 -10.57
N VAL D 24 3.62 -55.65 -10.27
CA VAL D 24 3.12 -54.32 -10.61
C VAL D 24 4.15 -53.55 -11.41
N ILE D 25 3.71 -53.03 -12.56
CA ILE D 25 4.56 -52.22 -13.41
C ILE D 25 3.90 -50.89 -13.70
N CYS D 26 4.58 -49.78 -13.42
CA CYS D 26 4.05 -48.48 -13.76
C CYS D 26 4.94 -47.84 -14.83
N SER D 27 4.30 -47.33 -15.88
CA SER D 27 5.03 -46.89 -17.07
C SER D 27 4.87 -45.41 -17.37
N TYR D 28 5.75 -44.89 -18.21
CA TYR D 28 5.66 -43.54 -18.76
C TYR D 28 6.70 -43.40 -19.86
N PRO D 29 6.37 -42.66 -20.92
CA PRO D 29 7.30 -42.54 -22.06
C PRO D 29 8.36 -41.46 -21.90
N ILE D 30 9.61 -41.84 -22.11
CA ILE D 30 10.71 -40.90 -22.26
C ILE D 30 11.91 -41.59 -22.90
N ARG D 31 12.49 -40.94 -23.90
CA ARG D 31 13.64 -41.49 -24.62
C ARG D 31 14.88 -41.43 -23.74
N PRO D 32 15.72 -42.48 -23.77
CA PRO D 32 15.59 -43.69 -24.59
C PRO D 32 15.19 -44.95 -23.82
N TYR D 33 14.56 -44.79 -22.66
CA TYR D 33 14.19 -45.94 -21.83
C TYR D 33 12.83 -46.52 -22.20
N THR D 34 12.05 -45.76 -22.96
CA THR D 34 10.68 -46.11 -23.33
C THR D 34 10.52 -47.55 -23.85
N GLY D 35 11.48 -48.01 -24.64
CA GLY D 35 11.44 -49.34 -25.22
C GLY D 35 11.28 -50.48 -24.23
N ILE D 36 11.71 -50.27 -22.99
CA ILE D 36 11.58 -51.28 -21.94
C ILE D 36 10.12 -51.56 -21.65
N MET D 37 9.35 -50.50 -21.43
CA MET D 37 7.93 -50.62 -21.10
C MET D 37 7.12 -51.15 -22.28
N SER D 38 7.54 -50.82 -23.50
CA SER D 38 6.86 -51.29 -24.70
C SER D 38 6.95 -52.80 -24.82
N GLU D 39 8.12 -53.35 -24.48
CA GLU D 39 8.31 -54.79 -24.50
C GLU D 39 7.53 -55.43 -23.37
N LEU D 40 7.53 -54.77 -22.21
CA LEU D 40 6.78 -55.23 -21.05
C LEU D 40 5.28 -55.18 -21.32
N ALA D 41 4.84 -54.15 -22.05
CA ALA D 41 3.45 -54.02 -22.44
C ALA D 41 3.08 -55.17 -23.38
N ARG D 42 4.04 -55.54 -24.22
CA ARG D 42 3.83 -56.63 -25.17
C ARG D 42 3.81 -57.97 -24.46
N MET D 43 4.72 -58.16 -23.51
CA MET D 43 4.79 -59.41 -22.76
C MET D 43 3.49 -59.67 -22.01
N VAL D 44 2.90 -58.62 -21.46
CA VAL D 44 1.62 -58.74 -20.78
C VAL D 44 0.50 -58.98 -21.79
N ALA D 45 0.52 -58.22 -22.88
CA ALA D 45 -0.49 -58.36 -23.93
C ALA D 45 -0.43 -59.74 -24.59
N ASP D 46 0.77 -60.30 -24.70
CA ASP D 46 0.95 -61.60 -25.32
C ASP D 46 0.88 -62.73 -24.30
N GLY D 47 0.76 -62.36 -23.02
CA GLY D 47 0.64 -63.34 -21.96
C GLY D 47 1.98 -63.95 -21.55
N GLU D 48 3.06 -63.30 -21.94
CA GLU D 48 4.39 -63.76 -21.55
C GLU D 48 4.67 -63.45 -20.09
N LEU D 49 3.98 -62.42 -19.59
CA LEU D 49 4.10 -62.03 -18.19
C LEU D 49 2.74 -61.60 -17.63
N ASP D 50 2.40 -62.14 -16.46
CA ASP D 50 1.21 -61.72 -15.75
C ASP D 50 1.57 -60.63 -14.76
N ALA D 51 1.17 -59.39 -15.07
CA ALA D 51 1.51 -58.25 -14.24
C ALA D 51 0.51 -57.11 -14.43
N GLU D 52 0.32 -56.32 -13.40
CA GLU D 52 -0.51 -55.13 -13.50
C GLU D 52 0.28 -54.02 -14.17
N PHE D 53 -0.13 -53.65 -15.38
CA PHE D 53 0.58 -52.63 -16.14
C PHE D 53 -0.09 -51.26 -16.01
N VAL D 54 0.35 -50.49 -15.03
CA VAL D 54 -0.27 -49.20 -14.72
C VAL D 54 0.26 -48.08 -15.61
N HIS D 55 -0.65 -47.33 -16.22
CA HIS D 55 -0.28 -46.20 -17.06
C HIS D 55 -0.11 -44.94 -16.22
N GLY D 56 1.10 -44.70 -15.74
CA GLY D 56 1.37 -43.53 -14.92
C GLY D 56 1.21 -42.22 -15.66
N GLU D 57 0.79 -41.19 -14.94
CA GLU D 57 0.60 -39.87 -15.53
C GLU D 57 1.90 -39.08 -15.58
N GLY D 58 2.93 -39.63 -14.93
CA GLY D 58 4.22 -38.97 -14.85
C GLY D 58 5.18 -39.79 -14.02
N GLU D 59 6.43 -39.34 -13.96
CA GLU D 59 7.46 -40.06 -13.21
C GLU D 59 7.29 -39.95 -11.70
N HIS D 60 6.86 -38.78 -11.24
CA HIS D 60 6.57 -38.61 -9.81
C HIS D 60 5.52 -39.63 -9.36
N ALA D 61 4.57 -39.89 -10.23
CA ALA D 61 3.54 -40.89 -9.97
C ALA D 61 4.08 -42.30 -10.06
N GLN D 62 4.96 -42.53 -11.02
CA GLN D 62 5.57 -43.84 -11.24
C GLN D 62 6.18 -44.38 -9.96
N LEU D 63 7.05 -43.59 -9.36
CA LEU D 63 7.72 -43.99 -8.14
C LEU D 63 6.73 -43.99 -6.98
N SER D 64 5.68 -43.20 -7.10
CA SER D 64 4.63 -43.14 -6.09
C SER D 64 3.75 -44.39 -6.12
N VAL D 65 3.43 -44.85 -7.32
CA VAL D 65 2.62 -46.04 -7.50
C VAL D 65 3.32 -47.26 -6.91
N VAL D 66 4.54 -47.50 -7.38
CA VAL D 66 5.32 -48.66 -6.94
C VAL D 66 5.66 -48.55 -5.45
N TYR D 67 5.64 -47.33 -4.92
CA TYR D 67 5.82 -47.12 -3.49
C TYR D 67 4.71 -47.81 -2.70
N GLY D 68 3.47 -47.47 -3.02
CA GLY D 68 2.33 -48.07 -2.35
C GLY D 68 2.18 -49.53 -2.70
N ALA D 69 2.58 -49.88 -3.91
CA ALA D 69 2.49 -51.25 -4.39
C ALA D 69 3.47 -52.15 -3.65
N SER D 70 4.65 -51.60 -3.37
CA SER D 70 5.65 -52.35 -2.62
C SER D 70 5.19 -52.54 -1.19
N ALA D 71 4.51 -51.53 -0.65
CA ALA D 71 3.99 -51.58 0.71
C ALA D 71 2.87 -52.60 0.85
N ALA D 72 2.24 -52.95 -0.26
CA ALA D 72 1.20 -53.97 -0.25
C ALA D 72 1.78 -55.36 -0.49
N GLY D 73 3.10 -55.45 -0.58
CA GLY D 73 3.77 -56.73 -0.63
C GLY D 73 4.04 -57.28 -2.03
N ALA D 74 3.91 -56.44 -3.04
CA ALA D 74 4.11 -56.87 -4.42
C ALA D 74 5.48 -56.46 -4.94
N ARG D 75 6.08 -57.31 -5.78
CA ARG D 75 7.31 -56.96 -6.46
C ARG D 75 7.01 -55.96 -7.57
N VAL D 76 7.73 -54.85 -7.59
CA VAL D 76 7.41 -53.75 -8.49
C VAL D 76 8.56 -53.36 -9.42
N PHE D 77 8.22 -52.70 -10.52
CA PHE D 77 9.21 -52.19 -11.45
C PHE D 77 8.73 -50.95 -12.16
N THR D 78 9.64 -49.99 -12.33
CA THR D 78 9.39 -48.80 -13.12
C THR D 78 10.72 -48.30 -13.66
N GLY D 79 10.72 -47.08 -14.21
CA GLY D 79 11.94 -46.53 -14.76
C GLY D 79 11.74 -45.18 -15.41
N SER D 80 12.86 -44.53 -15.74
CA SER D 80 12.82 -43.25 -16.43
C SER D 80 14.19 -42.85 -16.95
N SER D 81 14.28 -41.61 -17.43
CA SER D 81 15.51 -41.07 -17.99
C SER D 81 15.53 -39.56 -17.83
N GLY D 82 16.72 -38.98 -17.85
CA GLY D 82 16.88 -37.54 -17.85
C GLY D 82 16.07 -36.78 -16.83
N VAL D 83 15.27 -35.83 -17.31
CA VAL D 83 14.45 -35.02 -16.43
C VAL D 83 13.27 -35.79 -15.84
N GLY D 84 13.05 -37.00 -16.35
CA GLY D 84 12.07 -37.89 -15.77
C GLY D 84 12.58 -38.44 -14.44
N VAL D 85 13.89 -38.61 -14.35
CA VAL D 85 14.50 -39.09 -13.11
C VAL D 85 14.43 -38.02 -12.03
N THR D 86 14.65 -36.77 -12.42
CA THR D 86 14.64 -35.66 -11.48
C THR D 86 13.23 -35.19 -11.12
N TYR D 87 12.25 -35.55 -11.94
CA TYR D 87 10.87 -35.17 -11.66
C TYR D 87 10.30 -35.97 -10.50
N ALA D 88 10.70 -37.24 -10.41
CA ALA D 88 10.22 -38.13 -9.36
C ALA D 88 11.14 -38.09 -8.15
N MET D 89 11.90 -37.01 -8.04
CA MET D 89 12.96 -36.90 -7.05
C MET D 89 12.47 -36.99 -5.61
N GLU D 90 11.32 -36.38 -5.32
CA GLU D 90 10.81 -36.33 -3.96
C GLU D 90 10.53 -37.72 -3.39
N VAL D 91 10.12 -38.65 -4.25
CA VAL D 91 9.64 -39.95 -3.81
C VAL D 91 10.79 -40.90 -3.45
N TYR D 92 12.00 -40.59 -3.91
CA TYR D 92 13.14 -41.48 -3.71
C TYR D 92 13.43 -41.72 -2.23
N SER D 93 13.46 -40.64 -1.44
CA SER D 93 13.78 -40.74 -0.01
C SER D 93 12.73 -41.52 0.82
N PRO D 94 11.42 -41.26 0.61
CA PRO D 94 10.43 -42.07 1.34
C PRO D 94 10.45 -43.56 0.99
N ILE D 95 10.76 -43.87 -0.28
CA ILE D 95 10.81 -45.25 -0.73
C ILE D 95 11.92 -46.00 -0.01
N SER D 96 13.09 -45.39 0.04
CA SER D 96 14.23 -45.96 0.74
C SER D 96 13.98 -45.91 2.25
N GLY D 97 13.46 -44.78 2.72
CA GLY D 97 13.24 -44.58 4.14
C GLY D 97 12.22 -45.50 4.74
N GLU D 98 11.29 -45.99 3.91
CA GLU D 98 10.30 -46.96 4.34
C GLU D 98 10.74 -48.38 4.01
N ARG D 99 12.00 -48.51 3.58
CA ARG D 99 12.60 -49.81 3.28
C ARG D 99 11.77 -50.60 2.29
N LEU D 100 11.50 -49.99 1.14
CA LEU D 100 10.76 -50.65 0.07
C LEU D 100 11.66 -50.87 -1.13
N PRO D 101 12.06 -52.12 -1.37
CA PRO D 101 13.03 -52.46 -2.43
C PRO D 101 12.48 -52.25 -3.83
N VAL D 102 12.05 -51.03 -4.12
CA VAL D 102 11.61 -50.65 -5.46
C VAL D 102 12.79 -50.58 -6.42
N GLN D 103 12.71 -51.31 -7.52
CA GLN D 103 13.75 -51.21 -8.54
C GLN D 103 13.31 -50.27 -9.65
N MET D 104 14.20 -49.34 -9.99
CA MET D 104 13.95 -48.40 -11.07
C MET D 104 15.08 -48.44 -12.09
N ALA D 105 14.76 -48.85 -13.31
CA ALA D 105 15.74 -48.88 -14.39
C ALA D 105 15.96 -47.49 -14.97
N ILE D 106 17.22 -47.09 -15.09
CA ILE D 106 17.54 -45.80 -15.68
C ILE D 106 18.44 -45.93 -16.89
N ALA D 107 17.84 -45.73 -18.07
CA ALA D 107 18.62 -45.56 -19.29
C ALA D 107 19.01 -44.08 -19.38
N ASP D 108 20.27 -43.81 -19.07
CA ASP D 108 20.75 -42.44 -18.88
C ASP D 108 20.47 -41.51 -20.05
N ARG D 109 20.16 -40.27 -19.72
CA ARG D 109 19.91 -39.22 -20.70
C ARG D 109 20.25 -37.86 -20.10
N THR D 110 20.81 -36.96 -20.91
CA THR D 110 21.17 -35.65 -20.42
C THR D 110 19.92 -34.91 -19.95
N LEU D 111 20.11 -33.97 -19.03
CA LEU D 111 18.99 -33.16 -18.55
C LEU D 111 18.65 -32.09 -19.57
N ASP D 112 17.73 -31.21 -19.23
CA ASP D 112 17.45 -30.06 -20.08
C ASP D 112 18.06 -28.82 -19.45
N PRO D 113 19.05 -28.21 -20.11
CA PRO D 113 19.73 -28.65 -21.35
C PRO D 113 20.78 -29.72 -21.02
N PRO D 114 21.41 -30.35 -22.04
CA PRO D 114 21.31 -30.22 -23.50
C PRO D 114 19.94 -30.57 -24.09
N GLY D 115 19.38 -31.72 -23.71
CA GLY D 115 18.07 -32.09 -24.20
C GLY D 115 17.83 -33.56 -24.50
N ASP D 116 17.12 -33.81 -25.60
CA ASP D 116 16.55 -35.11 -25.89
C ASP D 116 17.45 -36.02 -26.74
N PHE D 117 18.70 -35.64 -26.96
CA PHE D 117 19.55 -36.49 -27.77
C PHE D 117 20.19 -37.63 -26.97
N GLY D 118 21.33 -37.34 -26.33
CA GLY D 118 22.18 -38.39 -25.83
C GLY D 118 22.26 -38.53 -24.34
N GLU D 119 23.11 -39.45 -23.89
CA GLU D 119 23.17 -39.82 -22.48
C GLU D 119 24.25 -39.09 -21.69
N GLU D 120 23.95 -38.88 -20.43
CA GLU D 120 24.93 -38.50 -19.42
C GLU D 120 24.55 -39.23 -18.15
N HIS D 121 25.52 -39.52 -17.30
CA HIS D 121 25.23 -40.18 -16.04
C HIS D 121 24.66 -39.17 -15.06
N THR D 122 24.63 -37.92 -15.48
CA THR D 122 24.21 -36.79 -14.64
C THR D 122 22.86 -37.00 -13.98
N ASP D 123 21.89 -37.52 -14.74
CA ASP D 123 20.54 -37.71 -14.24
C ASP D 123 20.49 -38.67 -13.05
N ALA D 124 21.14 -39.82 -13.20
CA ALA D 124 21.13 -40.83 -12.14
C ALA D 124 22.01 -40.44 -10.97
N GLU D 125 23.00 -39.59 -11.23
CA GLU D 125 23.93 -39.17 -10.19
C GLU D 125 23.33 -38.14 -9.24
N CYS D 126 22.12 -37.70 -9.54
CA CYS D 126 21.41 -36.80 -8.64
C CYS D 126 20.83 -37.58 -7.46
N CYS D 127 20.67 -38.89 -7.66
CA CYS D 127 20.05 -39.74 -6.65
C CYS D 127 21.05 -40.46 -5.77
N ARG D 128 22.27 -39.94 -5.70
CA ARG D 128 23.36 -40.59 -4.98
C ARG D 128 23.18 -40.64 -3.46
N ASP D 129 22.36 -39.74 -2.91
CA ASP D 129 22.21 -39.62 -1.47
C ASP D 129 20.93 -40.26 -0.94
N GLN D 130 20.07 -40.69 -1.86
CA GLN D 130 18.72 -41.12 -1.50
C GLN D 130 18.68 -42.47 -0.79
N GLY D 131 19.81 -43.16 -0.75
CA GLY D 131 19.90 -44.41 -0.03
C GLY D 131 19.40 -45.59 -0.82
N TRP D 132 19.79 -45.65 -2.09
CA TRP D 132 19.42 -46.77 -2.95
C TRP D 132 20.66 -47.56 -3.35
N ILE D 133 20.43 -48.74 -3.89
CA ILE D 133 21.49 -49.50 -4.55
C ILE D 133 21.63 -48.98 -5.97
N GLN D 134 22.85 -48.61 -6.36
CA GLN D 134 23.03 -47.97 -7.66
C GLN D 134 24.33 -48.43 -8.33
N GLY D 135 24.23 -48.75 -9.61
CA GLY D 135 25.37 -49.18 -10.40
C GLY D 135 25.02 -49.14 -11.87
N TRP D 136 26.05 -49.07 -12.72
CA TRP D 136 25.85 -48.98 -14.16
C TRP D 136 26.15 -50.28 -14.88
N ALA D 137 25.28 -50.65 -15.81
CA ALA D 137 25.54 -51.79 -16.68
C ALA D 137 26.12 -51.31 -18.00
N SER D 138 27.23 -51.93 -18.42
CA SER D 138 27.95 -51.49 -19.61
C SER D 138 27.57 -52.25 -20.87
N THR D 139 26.95 -53.42 -20.69
CA THR D 139 26.53 -54.25 -21.82
C THR D 139 25.08 -54.71 -21.67
N PRO D 140 24.40 -54.97 -22.79
CA PRO D 140 23.03 -55.51 -22.78
C PRO D 140 22.89 -56.75 -21.90
N GLN D 141 23.89 -57.61 -21.89
CA GLN D 141 23.89 -58.79 -21.05
C GLN D 141 23.89 -58.39 -19.58
N GLU D 142 24.70 -57.38 -19.27
CA GLU D 142 24.85 -56.91 -17.89
C GLU D 142 23.58 -56.23 -17.40
N ALA D 143 22.84 -55.63 -18.31
CA ALA D 143 21.58 -54.97 -17.98
C ALA D 143 20.55 -55.98 -17.50
N LEU D 144 20.53 -57.14 -18.12
CA LEU D 144 19.64 -58.23 -17.72
C LEU D 144 20.08 -58.82 -16.38
N ASP D 145 21.39 -58.96 -16.22
CA ASP D 145 21.95 -59.60 -15.03
C ASP D 145 21.74 -58.75 -13.79
N ASN D 146 21.97 -57.45 -13.90
CA ASN D 146 21.81 -56.52 -12.78
C ASN D 146 20.38 -56.46 -12.26
N THR D 147 19.41 -56.62 -13.15
CA THR D 147 18.00 -56.61 -12.76
C THR D 147 17.70 -57.67 -11.71
N LEU D 148 18.16 -58.89 -11.97
CA LEU D 148 17.94 -60.00 -11.07
C LEU D 148 18.77 -59.84 -9.79
N ILE D 149 20.01 -59.38 -9.94
CA ILE D 149 20.89 -59.20 -8.80
C ILE D 149 20.35 -58.15 -7.83
N TYR D 150 19.95 -57.01 -8.38
CA TYR D 150 19.45 -55.91 -7.57
C TYR D 150 18.15 -56.26 -6.86
N TYR D 151 17.35 -57.13 -7.46
CA TYR D 151 16.14 -57.61 -6.81
C TYR D 151 16.48 -58.50 -5.62
N ARG D 152 17.43 -59.42 -5.81
CA ARG D 152 17.82 -60.34 -4.75
C ARG D 152 18.48 -59.63 -3.58
N VAL D 153 19.40 -58.72 -3.89
CA VAL D 153 20.09 -57.97 -2.86
C VAL D 153 19.17 -56.97 -2.17
N GLY D 154 18.41 -56.23 -2.96
CA GLY D 154 17.52 -55.19 -2.46
C GLY D 154 16.36 -55.70 -1.63
N GLU D 155 15.82 -56.86 -1.99
CA GLU D 155 14.68 -57.41 -1.28
C GLU D 155 15.11 -58.29 -0.12
N ASP D 156 16.41 -58.40 0.08
CA ASP D 156 16.95 -59.17 1.19
C ASP D 156 16.53 -58.52 2.51
N GLN D 157 16.06 -59.34 3.46
CA GLN D 157 15.48 -58.82 4.69
C GLN D 157 16.52 -58.16 5.58
N ARG D 158 17.78 -58.36 5.24
CA ARG D 158 18.89 -57.70 5.93
C ARG D 158 19.24 -56.39 5.25
N VAL D 159 18.68 -56.17 4.06
CA VAL D 159 18.91 -54.97 3.28
C VAL D 159 17.65 -54.12 3.16
N LEU D 160 16.68 -54.66 2.43
CA LEU D 160 15.39 -54.00 2.20
C LEU D 160 15.55 -52.56 1.72
N LEU D 161 16.20 -52.41 0.57
CA LEU D 161 16.45 -51.10 -0.02
C LEU D 161 16.16 -51.11 -1.52
N PRO D 162 15.67 -49.98 -2.04
CA PRO D 162 15.39 -49.80 -3.48
C PRO D 162 16.67 -49.72 -4.30
N GLN D 163 16.59 -49.99 -5.59
CA GLN D 163 17.79 -50.05 -6.43
C GLN D 163 17.67 -49.23 -7.71
N TYR D 164 18.78 -48.61 -8.12
CA TYR D 164 18.87 -47.96 -9.41
C TYR D 164 19.66 -48.81 -10.41
N ALA D 165 18.96 -49.61 -11.19
CA ALA D 165 19.58 -50.37 -12.26
C ALA D 165 19.88 -49.43 -13.42
N CYS D 166 21.12 -48.92 -13.46
CA CYS D 166 21.49 -47.93 -14.46
C CYS D 166 22.17 -48.56 -15.67
N LEU D 167 21.97 -47.96 -16.83
CA LEU D 167 22.58 -48.42 -18.07
C LEU D 167 22.67 -47.25 -19.05
N ASP D 168 23.75 -47.20 -19.82
CA ASP D 168 24.01 -46.08 -20.71
C ASP D 168 22.96 -45.92 -21.78
N GLY D 169 22.55 -44.68 -22.03
CA GLY D 169 21.56 -44.38 -23.04
C GLY D 169 22.08 -44.68 -24.44
N TYR D 170 21.23 -45.32 -25.25
CA TYR D 170 21.56 -45.73 -26.61
C TYR D 170 22.67 -46.78 -26.67
N PHE D 171 23.82 -46.47 -26.06
CA PHE D 171 24.99 -47.33 -26.16
C PHE D 171 24.76 -48.71 -25.54
N VAL D 172 23.89 -48.78 -24.53
CA VAL D 172 23.49 -50.05 -23.97
C VAL D 172 22.02 -50.33 -24.26
N SER D 173 21.21 -49.29 -24.16
CA SER D 173 19.76 -49.43 -24.30
C SER D 173 19.34 -49.82 -25.72
N HIS D 174 20.02 -49.26 -26.72
CA HIS D 174 19.65 -49.49 -28.11
C HIS D 174 20.58 -50.47 -28.81
N ILE D 175 21.88 -50.35 -28.54
CA ILE D 175 22.89 -51.15 -29.24
C ILE D 175 22.74 -52.63 -28.94
N LEU D 176 22.63 -53.44 -29.99
CA LEU D 176 22.43 -54.88 -29.86
C LEU D 176 23.66 -55.58 -29.27
N GLY D 177 23.41 -56.67 -28.56
CA GLY D 177 24.48 -57.47 -27.99
C GLY D 177 24.03 -58.88 -27.70
N PRO D 178 24.95 -59.85 -27.76
CA PRO D 178 24.65 -61.26 -27.44
C PRO D 178 24.26 -61.45 -25.99
N VAL D 179 23.01 -61.83 -25.75
CA VAL D 179 22.51 -62.01 -24.39
C VAL D 179 22.06 -63.44 -24.12
N ASP D 180 22.68 -64.08 -23.13
CA ASP D 180 22.25 -65.41 -22.70
C ASP D 180 21.06 -65.28 -21.75
N ILE D 181 19.86 -65.46 -22.30
CA ILE D 181 18.63 -65.35 -21.52
C ILE D 181 18.39 -66.58 -20.67
N PRO D 182 18.44 -66.42 -19.33
CA PRO D 182 18.35 -67.51 -18.36
C PRO D 182 16.98 -68.21 -18.35
N ASP D 183 16.95 -69.39 -17.75
CA ASP D 183 15.72 -70.17 -17.60
C ASP D 183 14.95 -69.75 -16.36
N GLU D 184 13.67 -70.07 -16.32
CA GLU D 184 12.82 -69.70 -15.19
C GLU D 184 13.28 -70.44 -13.94
N ALA D 185 13.77 -71.66 -14.13
CA ALA D 185 14.28 -72.47 -13.03
C ALA D 185 15.57 -71.89 -12.46
N GLN D 186 16.37 -71.26 -13.30
CA GLN D 186 17.61 -70.64 -12.86
C GLN D 186 17.31 -69.43 -11.98
N VAL D 187 16.30 -68.65 -12.37
CA VAL D 187 15.94 -67.44 -11.65
C VAL D 187 15.17 -67.74 -10.37
N LYS D 188 14.27 -68.73 -10.45
CA LYS D 188 13.49 -69.14 -9.28
C LYS D 188 14.41 -69.63 -8.18
N GLU D 189 15.48 -70.31 -8.58
CA GLU D 189 16.50 -70.77 -7.63
C GLU D 189 17.26 -69.58 -7.05
N PHE D 190 17.39 -68.53 -7.86
CA PHE D 190 18.19 -67.37 -7.51
C PHE D 190 17.35 -66.37 -6.72
N LEU D 191 16.13 -66.14 -7.19
CA LEU D 191 15.26 -65.12 -6.61
C LEU D 191 13.96 -65.66 -6.02
N PRO D 192 13.91 -65.76 -4.68
CA PRO D 192 12.71 -66.08 -3.89
C PRO D 192 11.74 -64.91 -3.88
N PRO D 193 10.47 -65.15 -3.53
CA PRO D 193 9.47 -64.08 -3.47
C PRO D 193 9.83 -62.95 -2.51
N TYR D 194 9.36 -61.75 -2.83
CA TYR D 194 9.59 -60.56 -2.01
C TYR D 194 8.79 -60.58 -0.73
N LYS D 195 9.48 -60.42 0.40
CA LYS D 195 8.83 -60.35 1.71
C LYS D 195 9.50 -59.30 2.59
N ASN D 196 8.74 -58.28 2.95
CA ASN D 196 9.23 -57.21 3.81
C ASN D 196 8.77 -57.44 5.25
N HIS D 197 9.28 -56.63 6.17
CA HIS D 197 8.89 -56.75 7.58
C HIS D 197 7.57 -56.06 7.88
N HIS D 198 7.24 -55.06 7.07
CA HIS D 198 5.96 -54.39 7.20
C HIS D 198 5.20 -54.41 5.88
N VAL D 199 3.87 -54.45 5.97
CA VAL D 199 3.01 -54.57 4.80
C VAL D 199 1.59 -54.10 5.15
N LEU D 200 0.92 -53.51 4.17
CA LEU D 200 -0.46 -53.07 4.37
C LEU D 200 -1.38 -54.28 4.25
N ASP D 201 -1.88 -54.73 5.40
CA ASP D 201 -2.74 -55.90 5.45
C ASP D 201 -3.74 -55.76 6.59
N PRO D 202 -5.03 -55.66 6.24
CA PRO D 202 -6.13 -55.47 7.20
C PRO D 202 -6.21 -56.53 8.30
N ARG D 203 -5.61 -57.70 8.07
CA ARG D 203 -5.61 -58.76 9.05
C ARG D 203 -4.54 -58.54 10.11
N LYS D 204 -3.42 -57.95 9.69
CA LYS D 204 -2.34 -57.60 10.60
C LYS D 204 -1.92 -56.15 10.37
N PRO D 205 -2.72 -55.22 10.90
CA PRO D 205 -2.63 -53.78 10.63
C PRO D 205 -1.35 -53.13 11.14
N GLN D 206 -0.76 -52.27 10.32
CA GLN D 206 0.45 -51.54 10.69
C GLN D 206 0.38 -50.08 10.25
N ILE D 207 1.06 -49.23 10.99
CA ILE D 207 1.10 -47.80 10.72
C ILE D 207 2.44 -47.43 10.10
N ILE D 208 2.45 -47.27 8.78
CA ILE D 208 3.69 -47.11 8.05
C ILE D 208 4.02 -45.63 7.79
N GLY D 209 5.10 -45.17 8.42
CA GLY D 209 5.57 -43.80 8.27
C GLY D 209 4.91 -42.77 9.17
N PRO D 210 4.88 -43.03 10.50
CA PRO D 210 4.27 -42.03 11.38
C PRO D 210 5.21 -40.89 11.69
N GLN D 211 4.66 -39.73 12.03
CA GLN D 211 5.48 -38.61 12.49
C GLN D 211 6.19 -39.00 13.78
N ILE D 212 7.53 -39.07 13.70
CA ILE D 212 8.32 -39.54 14.82
C ILE D 212 8.74 -38.41 15.74
N GLU D 213 9.19 -38.76 16.94
CA GLU D 213 9.74 -37.80 17.88
C GLU D 213 11.00 -37.17 17.30
N PRO D 214 11.15 -35.85 17.46
CA PRO D 214 12.36 -35.10 17.09
C PRO D 214 13.65 -35.77 17.58
N ALA D 215 13.60 -36.36 18.77
CA ALA D 215 14.75 -37.03 19.35
C ALA D 215 14.99 -38.38 18.69
N MET D 216 13.98 -38.87 17.97
CA MET D 216 14.10 -40.16 17.28
C MET D 216 14.53 -39.97 15.84
N GLY D 217 14.87 -38.73 15.48
CA GLY D 217 15.41 -38.44 14.17
C GLY D 217 16.70 -39.17 13.82
N PRO D 218 17.78 -38.90 14.58
CA PRO D 218 19.08 -39.58 14.36
C PRO D 218 19.05 -41.11 14.43
N PRO D 219 18.35 -41.74 15.39
CA PRO D 219 18.36 -43.21 15.36
C PRO D 219 17.71 -43.81 14.10
N LEU D 220 16.72 -43.13 13.54
CA LEU D 220 16.10 -43.62 12.31
C LEU D 220 17.04 -43.44 11.14
N GLN D 221 17.77 -42.33 11.13
CA GLN D 221 18.75 -42.06 10.10
C GLN D 221 19.91 -43.04 10.20
N TYR D 222 20.35 -43.29 11.44
CA TYR D 222 21.47 -44.19 11.68
C TYR D 222 21.08 -45.65 11.42
N GLN D 223 19.80 -45.96 11.58
CA GLN D 223 19.31 -47.31 11.30
C GLN D 223 19.44 -47.62 9.82
N ARG D 224 19.06 -46.67 8.98
CA ARG D 224 19.15 -46.82 7.54
C ARG D 224 20.61 -46.75 7.11
N TYR D 225 21.42 -45.99 7.85
CA TYR D 225 22.84 -45.92 7.59
C TYR D 225 23.50 -47.28 7.70
N GLN D 226 23.19 -48.00 8.77
CA GLN D 226 23.75 -49.33 9.00
C GLN D 226 23.26 -50.33 7.96
N ALA D 227 22.02 -50.14 7.49
CA ALA D 227 21.45 -51.00 6.47
C ALA D 227 22.18 -50.85 5.14
N VAL D 228 22.56 -49.62 4.83
CA VAL D 228 23.34 -49.32 3.63
C VAL D 228 24.72 -49.95 3.72
N LYS D 229 25.31 -49.95 4.91
CA LYS D 229 26.64 -50.50 5.12
C LYS D 229 26.70 -52.00 4.85
N GLY D 230 25.58 -52.69 5.12
CA GLY D 230 25.53 -54.13 4.99
C GLY D 230 25.20 -54.63 3.59
N VAL D 231 25.06 -53.70 2.65
CA VAL D 231 24.70 -54.05 1.28
C VAL D 231 25.81 -54.84 0.58
N HIS D 232 27.05 -54.40 0.79
CA HIS D 232 28.21 -55.02 0.14
C HIS D 232 28.33 -56.51 0.43
N LYS D 233 28.11 -56.90 1.67
CA LYS D 233 28.23 -58.30 2.05
C LYS D 233 27.19 -59.16 1.33
N VAL D 234 25.98 -58.66 1.21
CA VAL D 234 24.91 -59.37 0.50
C VAL D 234 25.20 -59.38 -1.00
N LEU D 235 25.76 -58.28 -1.49
CA LEU D 235 26.10 -58.16 -2.90
C LEU D 235 27.12 -59.22 -3.33
N GLU D 236 28.14 -59.41 -2.50
CA GLU D 236 29.16 -60.41 -2.77
C GLU D 236 28.57 -61.81 -2.80
N GLU D 237 27.64 -62.08 -1.89
CA GLU D 237 26.97 -63.37 -1.83
C GLU D 237 26.11 -63.60 -3.07
N ALA D 238 25.57 -62.51 -3.62
CA ALA D 238 24.71 -62.61 -4.80
C ALA D 238 25.53 -62.84 -6.06
N CYS D 239 26.71 -62.23 -6.12
CA CYS D 239 27.58 -62.37 -7.27
C CYS D 239 28.20 -63.76 -7.34
N ASP D 240 28.51 -64.32 -6.17
CA ASP D 240 29.02 -65.68 -6.08
C ASP D 240 27.93 -66.70 -6.43
N GLU D 241 26.69 -66.38 -6.07
CA GLU D 241 25.55 -67.25 -6.35
C GLU D 241 25.05 -67.12 -7.79
N PHE D 242 25.21 -65.93 -8.37
CA PHE D 242 24.81 -65.70 -9.76
C PHE D 242 25.73 -66.51 -10.68
N ALA D 243 26.99 -66.56 -10.31
CA ALA D 243 27.98 -67.31 -11.08
C ALA D 243 27.70 -68.80 -11.04
N ARG D 244 27.29 -69.28 -9.87
CA ARG D 244 27.04 -70.71 -9.70
C ARG D 244 25.84 -71.17 -10.52
N ILE D 245 24.81 -70.33 -10.59
CA ILE D 245 23.56 -70.69 -11.25
C ILE D 245 23.55 -70.31 -12.73
N PHE D 246 24.03 -69.12 -13.04
CA PHE D 246 23.92 -68.58 -14.39
C PHE D 246 25.23 -68.71 -15.19
N GLY D 247 26.30 -69.09 -14.50
CA GLY D 247 27.58 -69.34 -15.14
C GLY D 247 28.42 -68.11 -15.45
N ARG D 248 27.99 -66.95 -14.96
CA ARG D 248 28.74 -65.72 -15.17
C ARG D 248 29.21 -65.12 -13.86
N LYS D 249 30.52 -65.03 -13.68
CA LYS D 249 31.08 -64.51 -12.44
C LYS D 249 31.35 -63.02 -12.54
N TYR D 250 30.60 -62.23 -11.78
CA TYR D 250 30.79 -60.79 -11.73
C TYR D 250 31.58 -60.37 -10.49
N ASP D 251 32.37 -59.31 -10.64
CA ASP D 251 33.03 -58.71 -9.50
C ASP D 251 32.06 -57.70 -8.88
N PRO D 252 31.90 -57.78 -7.54
CA PRO D 252 30.94 -56.93 -6.82
C PRO D 252 31.18 -55.44 -6.98
N TYR D 253 32.43 -55.03 -7.22
CA TYR D 253 32.74 -53.60 -7.19
C TYR D 253 33.45 -53.11 -8.46
N LEU D 254 34.53 -53.77 -8.85
CA LEU D 254 35.35 -53.29 -9.95
C LEU D 254 35.60 -54.34 -11.02
N ASP D 255 35.32 -53.99 -12.27
CA ASP D 255 35.69 -54.84 -13.39
C ASP D 255 36.99 -54.35 -13.99
N GLU D 256 38.11 -54.88 -13.51
CA GLU D 256 39.43 -54.43 -13.94
C GLU D 256 39.95 -55.24 -15.13
N TYR D 257 40.52 -54.54 -16.10
CA TYR D 257 41.07 -55.17 -17.30
C TYR D 257 42.52 -54.80 -17.52
N LEU D 258 43.40 -55.80 -17.40
CA LEU D 258 44.85 -55.62 -17.52
C LEU D 258 45.36 -54.57 -16.55
N THR D 259 45.14 -54.83 -15.27
CA THR D 259 45.52 -53.88 -14.21
C THR D 259 46.58 -54.46 -13.30
N ASP D 260 46.86 -55.76 -13.44
CA ASP D 260 47.78 -56.45 -12.55
C ASP D 260 49.17 -55.81 -12.58
N ASP D 261 49.72 -55.62 -13.77
CA ASP D 261 51.04 -55.04 -13.91
C ASP D 261 50.97 -53.62 -14.48
N ALA D 262 49.77 -53.06 -14.51
CA ALA D 262 49.55 -51.73 -15.07
C ALA D 262 50.18 -50.64 -14.21
N GLU D 263 50.74 -49.63 -14.87
CA GLU D 263 51.34 -48.50 -14.17
C GLU D 263 50.35 -47.34 -14.07
N VAL D 264 49.57 -47.13 -15.14
CA VAL D 264 48.51 -46.15 -15.12
C VAL D 264 47.20 -46.80 -15.57
N ILE D 265 46.08 -46.34 -15.01
CA ILE D 265 44.77 -46.86 -15.38
C ILE D 265 43.75 -45.73 -15.59
N ILE D 266 42.67 -46.06 -16.30
CA ILE D 266 41.53 -45.15 -16.43
C ILE D 266 40.36 -45.69 -15.61
N PHE D 267 39.89 -44.88 -14.68
CA PHE D 267 38.77 -45.26 -13.81
C PHE D 267 37.46 -44.62 -14.27
N GLY D 268 36.39 -45.41 -14.24
CA GLY D 268 35.09 -44.92 -14.65
C GLY D 268 34.04 -46.01 -14.61
N GLN D 269 32.89 -45.72 -15.19
CA GLN D 269 31.77 -46.66 -15.22
C GLN D 269 30.97 -46.53 -16.51
N GLY D 270 30.24 -47.58 -16.86
CA GLY D 270 29.35 -47.52 -18.02
C GLY D 270 29.88 -48.14 -19.28
N ALA D 271 29.17 -47.92 -20.38
CA ALA D 271 29.50 -48.52 -21.67
C ALA D 271 30.78 -47.95 -22.27
N HIS D 272 31.08 -46.69 -21.99
CA HIS D 272 32.27 -46.07 -22.56
C HIS D 272 33.53 -46.73 -22.03
N MET D 273 33.39 -47.49 -20.94
CA MET D 273 34.49 -48.27 -20.39
C MET D 273 34.80 -49.44 -21.31
N GLU D 274 33.81 -49.85 -22.10
CA GLU D 274 34.02 -50.88 -23.11
C GLU D 274 34.94 -50.36 -24.20
N THR D 275 34.78 -49.08 -24.52
CA THR D 275 35.66 -48.41 -25.47
C THR D 275 37.07 -48.34 -24.90
N ALA D 276 37.16 -48.08 -23.61
CA ALA D 276 38.44 -47.98 -22.91
C ALA D 276 39.17 -49.33 -22.87
N LYS D 277 38.41 -50.41 -22.71
CA LYS D 277 39.00 -51.75 -22.71
C LYS D 277 39.55 -52.12 -24.07
N ALA D 278 38.94 -51.58 -25.12
CA ALA D 278 39.38 -51.86 -26.48
C ALA D 278 40.66 -51.09 -26.80
N VAL D 279 40.83 -49.95 -26.16
CA VAL D 279 42.01 -49.11 -26.35
C VAL D 279 43.21 -49.55 -25.52
N ALA D 280 42.94 -49.99 -24.28
CA ALA D 280 44.00 -50.43 -23.39
C ALA D 280 44.77 -51.64 -23.94
N ARG D 281 44.05 -52.61 -24.47
CA ARG D 281 44.66 -53.81 -25.05
C ARG D 281 45.59 -53.45 -26.20
N ARG D 282 45.17 -52.49 -27.02
CA ARG D 282 45.91 -52.09 -28.19
C ARG D 282 47.21 -51.38 -27.82
N LEU D 283 47.18 -50.58 -26.77
CA LEU D 283 48.37 -49.90 -26.29
C LEU D 283 49.31 -50.90 -25.60
N ARG D 284 48.72 -51.94 -25.04
CA ARG D 284 49.48 -53.02 -24.43
C ARG D 284 50.31 -53.76 -25.47
N ASN D 285 49.78 -53.84 -26.68
CA ASN D 285 50.49 -54.47 -27.78
C ASN D 285 51.63 -53.59 -28.27
N LEU D 286 51.59 -52.32 -27.88
CA LEU D 286 52.67 -51.39 -28.19
C LEU D 286 53.68 -51.36 -27.04
N GLY D 287 53.45 -52.18 -26.02
CA GLY D 287 54.39 -52.32 -24.93
C GLY D 287 54.08 -51.41 -23.75
N GLU D 288 52.94 -50.74 -23.82
CA GLU D 288 52.54 -49.78 -22.79
C GLU D 288 51.69 -50.42 -21.70
N LYS D 289 52.17 -50.35 -20.47
CA LYS D 289 51.48 -50.96 -19.33
C LYS D 289 50.33 -50.09 -18.84
N VAL D 290 49.21 -50.14 -19.55
CA VAL D 290 48.02 -49.38 -19.16
C VAL D 290 46.88 -50.32 -18.79
N GLY D 291 45.93 -49.80 -18.02
CA GLY D 291 44.81 -50.61 -17.56
C GLY D 291 43.49 -49.86 -17.50
N VAL D 292 42.44 -50.57 -17.11
CA VAL D 292 41.11 -50.01 -16.97
C VAL D 292 40.41 -50.60 -15.74
N ALA D 293 39.84 -49.73 -14.91
CA ALA D 293 39.09 -50.20 -13.75
C ALA D 293 37.66 -49.68 -13.81
N ARG D 294 36.73 -50.55 -14.17
CA ARG D 294 35.34 -50.15 -14.34
C ARG D 294 34.53 -50.32 -13.05
N LEU D 295 33.89 -49.26 -12.61
CA LEU D 295 33.06 -49.33 -11.41
C LEU D 295 31.70 -49.97 -11.71
N ARG D 296 31.40 -51.06 -11.02
CA ARG D 296 30.15 -51.77 -11.24
C ARG D 296 29.10 -51.34 -10.22
N THR D 297 29.57 -50.97 -9.03
CA THR D 297 28.68 -50.52 -7.96
C THR D 297 28.99 -49.08 -7.58
N PHE D 298 28.05 -48.18 -7.84
CA PHE D 298 28.21 -46.77 -7.51
C PHE D 298 27.76 -46.50 -6.09
N ARG D 299 26.64 -47.13 -5.70
CA ARG D 299 26.11 -47.01 -4.36
C ARG D 299 25.69 -48.38 -3.82
N PRO D 300 26.11 -48.70 -2.59
CA PRO D 300 27.02 -47.91 -1.76
C PRO D 300 28.45 -47.94 -2.27
N PHE D 301 29.13 -46.81 -2.22
CA PHE D 301 30.47 -46.68 -2.80
C PHE D 301 31.47 -47.63 -2.16
N PRO D 302 32.21 -48.37 -3.00
CA PRO D 302 33.26 -49.26 -2.49
C PRO D 302 34.49 -48.47 -2.09
N THR D 303 34.43 -47.82 -0.94
CA THR D 303 35.51 -46.93 -0.51
C THR D 303 36.77 -47.71 -0.15
N GLU D 304 36.63 -48.71 0.70
CA GLU D 304 37.76 -49.49 1.17
C GLU D 304 38.26 -50.46 0.10
N GLN D 305 37.35 -50.94 -0.71
CA GLN D 305 37.69 -51.85 -1.81
C GLN D 305 38.60 -51.14 -2.81
N ILE D 306 38.30 -49.87 -3.08
CA ILE D 306 39.10 -49.06 -3.97
C ILE D 306 40.46 -48.75 -3.35
N LYS D 307 40.46 -48.44 -2.07
CA LYS D 307 41.68 -48.12 -1.34
C LYS D 307 42.67 -49.30 -1.39
N GLU D 308 42.12 -50.50 -1.40
CA GLU D 308 42.94 -51.71 -1.40
C GLU D 308 43.46 -52.10 -2.78
N ARG D 309 42.61 -51.95 -3.79
CA ARG D 309 42.88 -52.51 -5.10
C ARG D 309 43.41 -51.50 -6.13
N LEU D 310 43.26 -50.21 -5.86
CA LEU D 310 43.66 -49.20 -6.83
C LEU D 310 44.80 -48.32 -6.32
N SER D 311 45.45 -48.75 -5.25
CA SER D 311 46.53 -47.97 -4.66
C SER D 311 47.91 -48.45 -5.11
N LYS D 312 47.93 -49.23 -6.18
CA LYS D 312 49.17 -49.79 -6.69
C LYS D 312 49.55 -49.20 -8.05
N PHE D 313 48.92 -48.08 -8.39
CA PHE D 313 49.14 -47.45 -9.70
C PHE D 313 49.79 -46.08 -9.57
N LYS D 314 50.62 -45.74 -10.55
CA LYS D 314 51.30 -44.45 -10.59
C LYS D 314 50.33 -43.30 -10.82
N ALA D 315 49.45 -43.47 -11.79
CA ALA D 315 48.47 -42.44 -12.12
C ALA D 315 47.10 -43.05 -12.43
N ILE D 316 46.04 -42.33 -12.06
CA ILE D 316 44.68 -42.77 -12.33
C ILE D 316 43.86 -41.67 -13.00
N GLY D 317 43.39 -41.96 -14.21
CA GLY D 317 42.51 -41.04 -14.92
C GLY D 317 41.06 -41.36 -14.65
N VAL D 318 40.28 -40.34 -14.30
CA VAL D 318 38.88 -40.55 -13.98
C VAL D 318 37.98 -39.98 -15.07
N LEU D 319 37.24 -40.86 -15.75
CA LEU D 319 36.29 -40.41 -16.75
C LEU D 319 34.92 -40.21 -16.12
N ASP D 320 34.41 -38.98 -16.20
CA ASP D 320 33.07 -38.69 -15.75
C ASP D 320 32.21 -38.31 -16.94
N VAL D 321 31.41 -39.27 -17.41
CA VAL D 321 30.48 -39.01 -18.51
C VAL D 321 29.24 -38.35 -17.94
N SER D 322 29.43 -37.13 -17.44
CA SER D 322 28.38 -36.40 -16.75
C SER D 322 28.78 -34.95 -16.51
N ALA D 323 27.80 -34.12 -16.15
CA ALA D 323 28.06 -32.71 -15.89
C ALA D 323 27.66 -32.30 -14.48
N ASN D 324 28.48 -32.66 -13.50
CA ASN D 324 28.25 -32.26 -12.12
C ASN D 324 28.90 -30.92 -11.81
N PHE D 325 28.21 -29.84 -12.18
CA PHE D 325 28.77 -28.49 -12.09
C PHE D 325 29.14 -28.06 -10.67
N GLY D 326 30.18 -27.22 -10.58
CA GLY D 326 30.56 -26.62 -9.32
C GLY D 326 31.28 -27.53 -8.35
N ILE D 327 31.33 -28.83 -8.67
CA ILE D 327 31.92 -29.81 -7.77
C ILE D 327 33.41 -29.56 -7.59
N SER D 328 33.98 -30.12 -6.52
CA SER D 328 35.40 -29.97 -6.24
C SER D 328 36.26 -30.55 -7.36
N CYS D 329 37.41 -29.93 -7.60
CA CYS D 329 38.37 -30.33 -8.64
C CYS D 329 37.82 -30.15 -10.06
N SER D 330 36.63 -29.57 -10.16
CA SER D 330 36.02 -29.23 -11.44
C SER D 330 35.96 -30.39 -12.44
N GLY D 331 35.86 -31.61 -11.90
CA GLY D 331 35.70 -32.78 -12.74
C GLY D 331 34.29 -33.29 -12.62
N GLY D 332 34.15 -34.47 -12.00
CA GLY D 332 32.83 -35.04 -11.77
C GLY D 332 32.74 -35.65 -10.38
N VAL D 333 31.67 -36.40 -10.14
CA VAL D 333 31.47 -37.04 -8.85
C VAL D 333 32.51 -38.13 -8.62
N LEU D 334 32.75 -38.93 -9.65
CA LEU D 334 33.68 -40.06 -9.57
C LEU D 334 35.09 -39.61 -9.20
N LEU D 335 35.52 -38.49 -9.75
CA LEU D 335 36.85 -37.96 -9.45
C LEU D 335 36.97 -37.64 -7.97
N SER D 336 35.97 -36.94 -7.44
CA SER D 336 35.97 -36.54 -6.03
C SER D 336 35.87 -37.72 -5.07
N GLU D 337 35.07 -38.72 -5.44
CA GLU D 337 34.86 -39.86 -4.56
C GLU D 337 35.98 -40.88 -4.64
N LEU D 338 36.71 -40.88 -5.75
CA LEU D 338 37.86 -41.76 -5.90
C LEU D 338 39.04 -41.19 -5.12
N ARG D 339 39.25 -39.88 -5.27
CA ARG D 339 40.29 -39.18 -4.53
C ARG D 339 40.06 -39.25 -3.03
N ALA D 340 38.79 -39.23 -2.63
CA ALA D 340 38.44 -39.33 -1.22
C ALA D 340 38.82 -40.70 -0.64
N ALA D 341 38.61 -41.75 -1.43
CA ALA D 341 38.92 -43.10 -0.98
C ALA D 341 40.42 -43.35 -0.94
N LEU D 342 41.13 -42.82 -1.92
CA LEU D 342 42.58 -43.01 -2.02
C LEU D 342 43.32 -41.82 -1.45
N TYR D 343 42.69 -41.14 -0.50
CA TYR D 343 43.24 -39.93 0.10
C TYR D 343 44.56 -40.20 0.81
N ASP D 344 44.64 -41.34 1.48
CA ASP D 344 45.84 -41.70 2.25
C ASP D 344 47.07 -41.90 1.36
N TYR D 345 46.84 -42.13 0.07
CA TYR D 345 47.91 -42.33 -0.89
C TYR D 345 47.98 -41.16 -1.87
N GLY D 346 47.60 -39.98 -1.40
CA GLY D 346 47.50 -38.82 -2.26
C GLY D 346 48.79 -38.28 -2.81
N ASP D 347 49.90 -38.50 -2.10
CA ASP D 347 51.20 -38.00 -2.54
C ASP D 347 51.83 -38.90 -3.60
N LYS D 348 51.53 -40.19 -3.55
CA LYS D 348 52.11 -41.15 -4.47
C LYS D 348 51.21 -41.39 -5.69
N VAL D 349 50.00 -41.85 -5.45
CA VAL D 349 49.07 -42.17 -6.52
C VAL D 349 48.42 -40.91 -7.09
N LYS D 350 48.91 -40.45 -8.22
CA LYS D 350 48.33 -39.28 -8.87
C LYS D 350 46.99 -39.58 -9.52
N THR D 351 46.07 -38.63 -9.41
CA THR D 351 44.74 -38.78 -9.98
C THR D 351 44.33 -37.53 -10.74
N VAL D 352 43.68 -37.72 -11.88
CA VAL D 352 43.19 -36.61 -12.69
C VAL D 352 41.83 -36.98 -13.29
N GLY D 353 40.96 -35.99 -13.45
CA GLY D 353 39.64 -36.24 -13.99
C GLY D 353 39.50 -35.89 -15.46
N PHE D 354 38.75 -36.72 -16.19
CA PHE D 354 38.43 -36.45 -17.58
C PHE D 354 36.93 -36.36 -17.76
N VAL D 355 36.45 -35.21 -18.22
CA VAL D 355 35.01 -35.03 -18.44
C VAL D 355 34.72 -35.04 -19.93
N ALA D 356 34.06 -36.10 -20.38
CA ALA D 356 33.71 -36.25 -21.79
C ALA D 356 32.37 -36.94 -21.96
N GLY D 357 31.97 -37.16 -23.21
CA GLY D 357 30.69 -37.79 -23.49
C GLY D 357 29.54 -36.84 -23.21
N LEU D 358 29.86 -35.55 -23.16
CA LEU D 358 28.86 -34.52 -22.91
C LEU D 358 27.83 -34.46 -24.02
N GLY D 359 26.58 -34.20 -23.64
CA GLY D 359 25.50 -34.08 -24.61
C GLY D 359 25.15 -35.40 -25.29
N GLY D 360 25.79 -36.48 -24.85
CA GLY D 360 25.56 -37.78 -25.44
C GLY D 360 26.55 -38.18 -26.51
N GLU D 361 27.59 -37.36 -26.69
CA GLU D 361 28.64 -37.68 -27.65
C GLU D 361 29.37 -38.96 -27.29
N VAL D 362 29.87 -39.66 -28.30
CA VAL D 362 30.63 -40.87 -28.09
C VAL D 362 32.05 -40.53 -27.65
N VAL D 363 32.51 -41.15 -26.55
CA VAL D 363 33.89 -41.01 -26.14
C VAL D 363 34.75 -41.90 -27.03
N THR D 364 35.34 -41.31 -28.05
CA THR D 364 36.01 -42.07 -29.10
C THR D 364 37.32 -42.70 -28.63
N HIS D 365 37.86 -43.60 -29.45
CA HIS D 365 39.15 -44.23 -29.19
C HIS D 365 40.24 -43.17 -29.13
N ASP D 366 40.16 -42.22 -30.05
CA ASP D 366 41.10 -41.11 -30.13
C ASP D 366 41.12 -40.33 -28.82
N GLU D 367 39.95 -40.09 -28.25
CA GLU D 367 39.83 -39.37 -26.99
C GLU D 367 40.45 -40.17 -25.83
N PHE D 368 40.19 -41.48 -25.81
CA PHE D 368 40.77 -42.34 -24.80
C PHE D 368 42.28 -42.47 -24.96
N TYR D 369 42.74 -42.41 -26.20
CA TYR D 369 44.16 -42.44 -26.49
C TYR D 369 44.84 -41.23 -25.86
N ARG D 370 44.24 -40.06 -26.03
CA ARG D 370 44.80 -38.84 -25.50
C ARG D 370 44.76 -38.80 -23.97
N MET D 371 43.83 -39.56 -23.38
CA MET D 371 43.77 -39.71 -21.94
C MET D 371 44.96 -40.55 -21.46
N PHE D 372 45.18 -41.66 -22.16
CA PHE D 372 46.25 -42.58 -21.83
C PHE D 372 47.63 -41.94 -21.99
N GLN D 373 47.75 -41.04 -22.96
CA GLN D 373 49.00 -40.33 -23.19
C GLN D 373 49.25 -39.31 -22.08
N LYS D 374 48.18 -38.68 -21.61
CA LYS D 374 48.29 -37.72 -20.53
C LYS D 374 48.69 -38.38 -19.22
N LEU D 375 48.17 -39.58 -18.99
CA LEU D 375 48.50 -40.36 -17.79
C LEU D 375 49.97 -40.74 -17.74
N LYS D 376 50.54 -41.09 -18.89
CA LYS D 376 51.95 -41.41 -18.96
C LYS D 376 52.80 -40.17 -18.74
N GLU D 377 52.29 -39.02 -19.18
CA GLU D 377 52.97 -37.74 -18.98
C GLU D 377 53.01 -37.37 -17.50
N ILE D 378 51.90 -37.64 -16.81
CA ILE D 378 51.84 -37.37 -15.38
C ILE D 378 52.70 -38.37 -14.60
N ALA D 379 52.69 -39.62 -15.04
CA ALA D 379 53.45 -40.67 -14.37
C ALA D 379 54.96 -40.46 -14.49
N LYS D 380 55.39 -39.82 -15.58
CA LYS D 380 56.80 -39.55 -15.80
C LYS D 380 57.27 -38.35 -14.99
N THR D 381 56.43 -37.34 -14.90
CA THR D 381 56.79 -36.08 -14.25
C THR D 381 56.40 -36.09 -12.78
N GLY D 382 55.30 -36.76 -12.46
CA GLY D 382 54.79 -36.79 -11.10
C GLY D 382 54.09 -35.50 -10.75
N LYS D 383 53.64 -34.77 -11.76
CA LYS D 383 52.98 -33.50 -11.55
C LYS D 383 51.66 -33.40 -12.31
N VAL D 384 50.68 -32.72 -11.71
CA VAL D 384 49.38 -32.50 -12.32
C VAL D 384 49.06 -31.02 -12.41
N GLU D 385 48.99 -30.51 -13.63
CA GLU D 385 48.71 -29.09 -13.85
C GLU D 385 47.33 -28.72 -13.34
N GLN D 386 46.30 -29.21 -14.03
CA GLN D 386 44.92 -29.01 -13.63
C GLN D 386 44.28 -30.36 -13.27
N THR D 387 43.36 -30.33 -12.30
CA THR D 387 42.75 -31.56 -11.79
C THR D 387 41.77 -32.21 -12.76
N SER D 388 41.32 -31.46 -13.77
CA SER D 388 40.37 -32.01 -14.73
C SER D 388 40.58 -31.46 -16.13
N TYR D 389 40.23 -32.28 -17.12
CA TYR D 389 40.24 -31.85 -18.52
C TYR D 389 38.89 -32.12 -19.15
N TRP D 390 38.29 -31.06 -19.71
CA TRP D 390 37.00 -31.18 -20.37
C TRP D 390 37.19 -31.42 -21.86
N ILE D 391 37.14 -32.71 -22.23
CA ILE D 391 37.40 -33.17 -23.59
C ILE D 391 36.20 -32.91 -24.51
N PRO D 392 36.45 -32.41 -25.73
CA PRO D 392 37.76 -32.11 -26.32
C PRO D 392 38.10 -30.62 -26.36
N PHE D 393 37.67 -29.86 -25.35
CA PHE D 393 37.92 -28.43 -25.34
C PHE D 393 39.21 -28.10 -24.62
N GLU D 394 39.68 -29.02 -23.78
CA GLU D 394 40.86 -28.78 -22.97
C GLU D 394 41.92 -29.86 -23.16
N LEU D 395 41.52 -30.96 -23.79
CA LEU D 395 42.43 -32.07 -24.04
C LEU D 395 42.00 -32.87 -25.26
N LEU E 6 45.33 -46.14 -36.44
CA LEU E 6 45.62 -46.85 -35.20
C LEU E 6 44.43 -47.71 -34.76
N PHE E 7 43.27 -47.44 -35.34
CA PHE E 7 42.04 -48.10 -34.94
C PHE E 7 41.23 -48.62 -36.13
N ALA E 8 41.90 -48.85 -37.26
CA ALA E 8 41.20 -49.32 -38.45
C ALA E 8 40.75 -50.77 -38.34
N GLU E 9 39.70 -51.10 -39.09
CA GLU E 9 39.15 -52.45 -39.14
C GLU E 9 38.90 -52.85 -40.59
N PRO E 10 39.82 -53.63 -41.18
CA PRO E 10 39.69 -54.00 -42.59
C PRO E 10 38.62 -55.05 -42.83
N ASN E 11 38.34 -55.86 -41.80
CA ASN E 11 37.35 -56.91 -41.91
C ASN E 11 35.95 -56.38 -41.68
N LEU E 12 35.86 -55.10 -41.38
CA LEU E 12 34.58 -54.47 -41.08
C LEU E 12 34.05 -53.73 -42.30
N LYS E 13 32.90 -54.20 -42.80
CA LYS E 13 32.21 -53.55 -43.90
C LYS E 13 31.09 -52.67 -43.38
N GLN E 14 31.06 -51.41 -43.83
CA GLN E 14 30.01 -50.50 -43.38
C GLN E 14 28.93 -50.37 -44.44
N ILE E 15 27.68 -50.44 -44.00
CA ILE E 15 26.55 -50.30 -44.91
C ILE E 15 25.65 -49.16 -44.46
N THR E 16 25.34 -48.26 -45.38
CA THR E 16 24.44 -47.14 -45.09
C THR E 16 23.19 -47.24 -45.94
N VAL E 17 22.04 -47.42 -45.28
CA VAL E 17 20.78 -47.56 -46.00
C VAL E 17 19.87 -46.36 -45.80
N TRP E 18 19.75 -45.51 -46.81
CA TRP E 18 18.86 -44.36 -46.76
C TRP E 18 17.42 -44.77 -47.03
N ALA E 19 16.47 -44.05 -46.43
CA ALA E 19 15.06 -44.35 -46.62
C ALA E 19 14.19 -43.15 -46.33
N ARG E 20 12.91 -43.25 -46.69
CA ARG E 20 11.94 -42.23 -46.33
C ARG E 20 11.35 -42.58 -44.96
N GLY E 21 11.30 -41.60 -44.08
CA GLY E 21 10.85 -41.81 -42.72
C GLY E 21 9.43 -42.31 -42.60
N VAL E 22 9.17 -43.06 -41.53
CA VAL E 22 7.85 -43.60 -41.21
C VAL E 22 7.36 -44.63 -42.23
N VAL E 23 7.23 -44.21 -43.48
CA VAL E 23 6.66 -45.07 -44.51
C VAL E 23 7.57 -46.25 -44.83
N MET E 24 8.87 -46.02 -44.76
CA MET E 24 9.84 -47.05 -45.11
C MET E 24 10.93 -47.20 -44.06
N ASN E 25 10.66 -46.73 -42.84
CA ASN E 25 11.64 -46.85 -41.76
C ASN E 25 11.79 -48.31 -41.34
N LYS E 26 10.65 -49.00 -41.27
CA LYS E 26 10.62 -50.41 -40.93
C LYS E 26 11.30 -51.26 -41.99
N ASP E 27 11.08 -50.89 -43.25
CA ASP E 27 11.66 -51.60 -44.38
C ASP E 27 13.18 -51.52 -44.41
N ALA E 28 13.72 -50.32 -44.16
CA ALA E 28 15.16 -50.12 -44.17
C ALA E 28 15.85 -50.86 -43.04
N ARG E 29 15.18 -50.95 -41.90
CA ARG E 29 15.73 -51.65 -40.74
C ARG E 29 15.76 -53.15 -41.01
N ASP E 30 14.64 -53.67 -41.48
CA ASP E 30 14.51 -55.10 -41.75
C ASP E 30 15.50 -55.56 -42.81
N ILE E 31 15.91 -54.66 -43.69
CA ILE E 31 16.93 -54.96 -44.69
C ILE E 31 18.26 -55.22 -43.98
N VAL E 32 18.62 -54.30 -43.09
CA VAL E 32 19.86 -54.40 -42.35
C VAL E 32 19.87 -55.59 -41.40
N VAL E 33 18.77 -55.76 -40.68
CA VAL E 33 18.67 -56.82 -39.66
C VAL E 33 18.79 -58.21 -40.27
N ALA E 34 18.17 -58.42 -41.43
CA ALA E 34 18.19 -59.72 -42.07
C ALA E 34 19.60 -60.16 -42.46
N LEU E 35 20.41 -59.22 -42.93
CA LEU E 35 21.79 -59.51 -43.32
C LEU E 35 22.68 -59.84 -42.13
N THR E 36 22.57 -59.07 -41.06
CA THR E 36 23.40 -59.27 -39.89
C THR E 36 23.05 -60.59 -39.21
N GLU E 37 21.76 -60.93 -39.19
CA GLU E 37 21.31 -62.20 -38.64
C GLU E 37 21.80 -63.37 -39.50
N ALA E 38 21.92 -63.12 -40.80
CA ALA E 38 22.37 -64.15 -41.73
C ALA E 38 23.86 -64.45 -41.57
N ALA E 39 24.65 -63.42 -41.29
CA ALA E 39 26.09 -63.60 -41.12
C ALA E 39 26.41 -64.22 -39.76
N LYS E 44 30.17 -64.76 -38.38
CA LYS E 44 30.94 -63.52 -38.32
C LYS E 44 30.46 -62.64 -37.17
N TYR E 45 31.03 -61.43 -37.08
CA TYR E 45 30.65 -60.48 -36.05
C TYR E 45 29.78 -59.38 -36.66
N VAL E 46 28.56 -59.24 -36.15
CA VAL E 46 27.60 -58.34 -36.76
C VAL E 46 27.02 -57.31 -35.79
N GLN E 47 26.55 -56.20 -36.35
CA GLN E 47 25.85 -55.18 -35.58
C GLN E 47 24.74 -54.57 -36.43
N ALA E 48 23.57 -54.42 -35.83
CA ALA E 48 22.41 -53.88 -36.55
C ALA E 48 21.68 -52.86 -35.69
N TRP E 49 21.43 -51.68 -36.24
CA TRP E 49 20.71 -50.65 -35.51
C TRP E 49 20.18 -49.57 -36.44
N GLU E 50 19.22 -48.79 -35.93
CA GLU E 50 18.67 -47.68 -36.67
C GLU E 50 19.35 -46.40 -36.23
N ASN E 51 19.49 -45.44 -37.16
CA ASN E 51 20.14 -44.18 -36.85
C ASN E 51 19.38 -43.46 -35.73
N TYR E 52 20.00 -43.40 -34.56
CA TYR E 52 19.40 -42.76 -33.39
C TYR E 52 19.22 -41.26 -33.61
N VAL E 53 20.04 -40.69 -34.47
CA VAL E 53 19.98 -39.27 -34.77
C VAL E 53 18.71 -38.92 -35.54
N ASP E 54 18.25 -39.84 -36.38
CA ASP E 54 17.06 -39.61 -37.19
C ASP E 54 15.77 -39.76 -36.40
N LEU E 55 15.88 -40.17 -35.14
CA LEU E 55 14.71 -40.38 -34.30
C LEU E 55 14.30 -39.12 -33.56
N PRO E 56 12.98 -38.87 -33.46
CA PRO E 56 11.91 -39.68 -34.04
C PRO E 56 11.78 -39.46 -35.55
N ASP E 57 11.37 -40.51 -36.27
CA ASP E 57 11.25 -40.42 -37.71
C ASP E 57 10.05 -39.57 -38.12
N ARG E 58 10.23 -38.79 -39.18
CA ARG E 58 9.16 -37.96 -39.71
C ARG E 58 8.74 -38.54 -41.05
N ILE E 59 7.59 -38.13 -41.56
CA ILE E 59 7.12 -38.64 -42.84
C ILE E 59 7.94 -38.05 -43.99
N TYR E 60 8.49 -38.94 -44.82
CA TYR E 60 9.25 -38.59 -46.02
C TYR E 60 10.57 -37.88 -45.72
N VAL E 61 11.02 -37.95 -44.47
CA VAL E 61 12.34 -37.42 -44.14
C VAL E 61 13.39 -38.48 -44.43
N PRO E 62 14.52 -38.06 -45.03
CA PRO E 62 15.63 -38.99 -45.26
C PRO E 62 16.17 -39.60 -43.97
N VAL E 63 15.87 -40.87 -43.73
CA VAL E 63 16.39 -41.55 -42.54
C VAL E 63 17.43 -42.59 -42.95
N ARG E 64 18.04 -43.26 -41.97
CA ARG E 64 19.12 -44.20 -42.26
C ARG E 64 19.12 -45.44 -41.38
N ALA E 65 19.60 -46.54 -41.95
CA ALA E 65 19.84 -47.77 -41.20
C ALA E 65 21.24 -48.30 -41.52
N TYR E 66 22.05 -48.50 -40.48
CA TYR E 66 23.44 -48.87 -40.67
C TYR E 66 23.72 -50.34 -40.36
N ALA E 67 24.73 -50.90 -41.02
CA ALA E 67 25.14 -52.28 -40.75
C ALA E 67 26.66 -52.43 -40.68
N ARG E 68 27.12 -53.30 -39.79
CA ARG E 68 28.54 -53.62 -39.69
C ARG E 68 28.75 -55.13 -39.55
N ILE E 69 29.39 -55.72 -40.55
CA ILE E 69 29.68 -57.15 -40.54
C ILE E 69 31.19 -57.38 -40.62
N SER E 70 31.72 -58.15 -39.67
CA SER E 70 33.16 -58.38 -39.61
C SER E 70 33.52 -59.79 -39.19
N SER E 71 34.63 -60.29 -39.73
CA SER E 71 35.14 -61.61 -39.35
C SER E 71 35.90 -61.52 -38.04
N ASP E 72 36.21 -60.29 -37.64
CA ASP E 72 36.89 -60.01 -36.38
C ASP E 72 35.96 -59.25 -35.45
N PRO E 73 36.19 -59.33 -34.13
CA PRO E 73 35.36 -58.60 -33.17
C PRO E 73 35.26 -57.11 -33.48
N ILE E 74 34.04 -56.58 -33.47
CA ILE E 74 33.81 -55.18 -33.76
C ILE E 74 34.15 -54.33 -32.56
N GLU E 75 34.98 -53.31 -32.77
CA GLU E 75 35.37 -52.42 -31.68
C GLU E 75 34.87 -51.00 -31.92
N SER E 76 34.04 -50.82 -32.96
CA SER E 76 33.49 -49.52 -33.28
C SER E 76 31.96 -49.51 -33.18
N LYS E 77 31.44 -50.31 -32.26
CA LYS E 77 29.99 -50.46 -32.10
C LYS E 77 29.28 -49.19 -31.62
N TYR E 78 29.91 -48.46 -30.72
CA TYR E 78 29.27 -47.33 -30.05
C TYR E 78 29.17 -46.06 -30.88
N ILE E 79 29.61 -46.13 -32.13
CA ILE E 79 29.52 -44.99 -33.02
C ILE E 79 28.12 -44.93 -33.63
N TYR E 80 27.49 -43.75 -33.56
CA TYR E 80 26.12 -43.58 -34.03
C TYR E 80 25.93 -43.94 -35.50
N GLU E 81 26.83 -43.42 -36.34
CA GLU E 81 26.68 -43.55 -37.79
C GLU E 81 27.90 -44.18 -38.46
N ASN E 82 27.67 -44.85 -39.58
CA ASN E 82 28.77 -45.29 -40.43
C ASN E 82 29.35 -44.13 -41.22
N GLU E 83 30.56 -43.71 -40.85
CA GLU E 83 31.17 -42.55 -41.46
C GLU E 83 31.88 -42.88 -42.77
N THR E 84 32.23 -44.15 -42.94
CA THR E 84 32.88 -44.62 -44.17
C THR E 84 32.16 -45.84 -44.73
N PRO E 85 31.02 -45.62 -45.41
CA PRO E 85 30.18 -46.72 -45.89
C PRO E 85 30.82 -47.50 -47.04
N ASP E 86 30.49 -48.78 -47.14
CA ASP E 86 30.93 -49.62 -48.25
C ASP E 86 29.76 -49.95 -49.17
N ILE E 87 28.56 -49.95 -48.60
CA ILE E 87 27.35 -50.24 -49.38
C ILE E 87 26.25 -49.21 -49.10
N VAL E 88 25.87 -48.45 -50.12
CA VAL E 88 24.80 -47.48 -49.99
C VAL E 88 23.52 -48.01 -50.62
N VAL E 89 22.47 -48.11 -49.82
CA VAL E 89 21.22 -48.68 -50.28
C VAL E 89 20.09 -47.65 -50.24
N LEU E 90 19.41 -47.47 -51.36
CA LEU E 90 18.26 -46.57 -51.41
C LEU E 90 16.98 -47.33 -51.67
N VAL E 91 16.03 -47.24 -50.74
CA VAL E 91 14.74 -47.91 -50.92
C VAL E 91 13.79 -47.03 -51.72
N GLU E 92 14.07 -45.73 -51.75
CA GLU E 92 13.25 -44.79 -52.51
C GLU E 92 14.09 -44.06 -53.55
N GLU E 93 13.50 -43.89 -54.73
CA GLU E 93 14.21 -43.40 -55.90
C GLU E 93 14.63 -41.94 -55.81
N SER E 94 13.81 -41.10 -55.20
CA SER E 94 14.04 -39.67 -55.19
C SER E 94 15.13 -39.26 -54.20
N LEU E 95 15.70 -40.24 -53.52
CA LEU E 95 16.73 -39.98 -52.51
C LEU E 95 18.05 -39.54 -53.11
N ILE E 96 18.21 -39.72 -54.42
CA ILE E 96 19.42 -39.30 -55.11
C ILE E 96 19.45 -37.78 -55.26
N LYS E 97 18.31 -37.14 -55.00
CA LYS E 97 18.17 -35.71 -55.21
C LYS E 97 18.21 -34.92 -53.90
N GLY E 98 19.28 -34.15 -53.71
CA GLY E 98 19.41 -33.24 -52.57
C GLY E 98 19.77 -33.89 -51.26
N VAL E 99 20.22 -35.14 -51.31
CA VAL E 99 20.61 -35.87 -50.10
C VAL E 99 22.04 -36.40 -50.21
N PRO E 100 22.91 -36.01 -49.27
CA PRO E 100 24.33 -36.39 -49.27
C PRO E 100 24.54 -37.89 -49.03
N ILE E 101 24.21 -38.70 -50.03
CA ILE E 101 24.33 -40.15 -49.91
C ILE E 101 25.69 -40.70 -50.33
N LEU E 102 26.59 -39.82 -50.77
CA LEU E 102 27.90 -40.26 -51.23
C LEU E 102 29.04 -39.70 -50.39
N LYS E 103 28.73 -39.26 -49.19
CA LYS E 103 29.73 -38.69 -48.30
C LYS E 103 30.57 -39.77 -47.61
N GLY E 104 31.88 -39.73 -47.84
CA GLY E 104 32.80 -40.65 -47.18
C GLY E 104 32.78 -42.07 -47.69
N ILE E 105 32.28 -42.27 -48.91
CA ILE E 105 32.18 -43.60 -49.48
C ILE E 105 33.58 -44.19 -49.73
N ARG E 106 33.72 -45.49 -49.44
CA ARG E 106 34.99 -46.17 -49.61
C ARG E 106 35.10 -46.86 -50.98
N PRO E 107 36.33 -47.05 -51.47
CA PRO E 107 36.61 -47.75 -52.74
C PRO E 107 36.03 -49.17 -52.79
N GLY E 108 35.55 -49.57 -53.97
CA GLY E 108 34.98 -50.89 -54.14
C GLY E 108 33.59 -50.99 -53.55
N SER E 109 32.84 -49.90 -53.66
CA SER E 109 31.50 -49.81 -53.07
C SER E 109 30.39 -50.17 -54.05
N THR E 110 29.19 -50.34 -53.52
CA THR E 110 28.02 -50.73 -54.31
C THR E 110 26.82 -49.88 -53.94
N LEU E 111 26.10 -49.39 -54.96
CA LEU E 111 24.91 -48.59 -54.73
C LEU E 111 23.64 -49.36 -55.11
N VAL E 112 22.84 -49.69 -54.12
CA VAL E 112 21.60 -50.43 -54.36
C VAL E 112 20.39 -49.51 -54.30
N VAL E 113 19.64 -49.44 -55.39
CA VAL E 113 18.50 -48.55 -55.49
C VAL E 113 17.23 -49.32 -55.81
N ASN E 114 16.15 -49.04 -55.09
CA ASN E 114 14.85 -49.65 -55.37
C ASN E 114 14.04 -48.80 -56.36
N THR E 115 14.07 -49.17 -57.62
CA THR E 115 13.37 -48.42 -58.65
C THR E 115 13.13 -49.24 -59.92
N LYS E 116 12.24 -48.73 -60.76
CA LYS E 116 11.96 -49.34 -62.06
C LYS E 116 12.59 -48.51 -63.16
N ARG E 117 13.12 -47.35 -62.78
CA ARG E 117 13.76 -46.44 -63.72
C ARG E 117 15.10 -46.98 -64.19
N SER E 118 15.57 -46.49 -65.33
CA SER E 118 16.84 -46.93 -65.89
C SER E 118 18.03 -46.39 -65.10
N ILE E 119 19.17 -47.06 -65.23
CA ILE E 119 20.40 -46.64 -64.56
C ILE E 119 20.89 -45.29 -65.05
N ASP E 120 20.75 -45.05 -66.34
CA ASP E 120 21.23 -43.82 -66.96
C ASP E 120 20.53 -42.58 -66.39
N THR E 121 19.24 -42.71 -66.10
CA THR E 121 18.47 -41.60 -65.54
C THR E 121 18.91 -41.28 -64.12
N ILE E 122 19.23 -42.32 -63.36
CA ILE E 122 19.66 -42.16 -61.98
C ILE E 122 21.00 -41.41 -61.91
N LEU E 123 21.87 -41.72 -62.86
CA LEU E 123 23.20 -41.13 -62.92
C LEU E 123 23.16 -39.64 -63.23
N GLU E 124 22.02 -39.17 -63.75
CA GLU E 124 21.85 -37.76 -64.08
C GLU E 124 21.65 -36.89 -62.85
N PHE E 125 21.35 -37.52 -61.72
CA PHE E 125 21.14 -36.78 -60.48
C PHE E 125 22.31 -36.95 -59.51
N LEU E 126 23.09 -38.00 -59.72
CA LEU E 126 24.21 -38.32 -58.84
C LEU E 126 25.46 -37.50 -59.16
N GLY E 127 25.70 -37.27 -60.44
CA GLY E 127 26.90 -36.59 -60.87
C GLY E 127 28.10 -37.52 -60.77
N ASP E 128 29.10 -37.12 -59.99
CA ASP E 128 30.27 -37.95 -59.75
C ASP E 128 30.00 -39.00 -58.67
N THR E 129 30.26 -40.26 -59.00
CA THR E 129 29.99 -41.36 -58.09
C THR E 129 31.15 -41.58 -57.13
N GLY E 130 32.30 -41.00 -57.45
CA GLY E 130 33.47 -41.10 -56.61
C GLY E 130 33.98 -42.53 -56.53
N ASN E 131 34.18 -43.02 -55.31
CA ASN E 131 34.72 -44.35 -55.11
C ASN E 131 33.70 -45.46 -55.32
N LEU E 132 32.56 -45.10 -55.91
CA LEU E 132 31.51 -46.08 -56.17
C LEU E 132 31.90 -47.02 -57.31
N ALA E 133 31.85 -48.32 -57.03
CA ALA E 133 32.26 -49.34 -57.98
C ALA E 133 31.09 -49.96 -58.73
N GLN E 134 29.99 -50.17 -58.02
CA GLN E 134 28.83 -50.83 -58.61
C GLN E 134 27.51 -50.13 -58.29
N ILE E 135 26.52 -50.30 -59.17
CA ILE E 135 25.19 -49.78 -58.93
C ILE E 135 24.16 -50.89 -59.20
N VAL E 136 23.22 -51.06 -58.29
CA VAL E 136 22.23 -52.14 -58.40
C VAL E 136 20.80 -51.62 -58.26
N THR E 137 19.93 -52.02 -59.19
CA THR E 137 18.51 -51.67 -59.11
C THR E 137 17.60 -52.90 -59.12
N VAL E 138 16.58 -52.85 -58.28
CA VAL E 138 15.61 -53.93 -58.15
C VAL E 138 14.20 -53.36 -57.97
N ASP E 139 13.23 -53.93 -58.69
CA ASP E 139 11.86 -53.49 -58.54
C ASP E 139 11.15 -54.31 -57.48
N ALA E 140 11.41 -53.96 -56.22
CA ALA E 140 10.82 -54.67 -55.09
C ALA E 140 9.38 -54.26 -54.87
N ASN E 141 8.99 -53.16 -55.52
CA ASN E 141 7.63 -52.64 -55.41
C ASN E 141 6.61 -53.63 -55.95
N SER E 142 6.97 -54.32 -57.03
CA SER E 142 6.07 -55.29 -57.64
C SER E 142 6.17 -56.64 -56.95
N MET E 143 7.35 -56.94 -56.43
CA MET E 143 7.59 -58.23 -55.79
C MET E 143 6.97 -58.31 -54.39
N ALA E 144 7.19 -57.27 -53.59
CA ALA E 144 6.62 -57.22 -52.24
C ALA E 144 5.78 -55.97 -52.00
N GLU E 145 5.32 -55.82 -50.76
CA GLU E 145 4.56 -54.64 -50.34
C GLU E 145 5.22 -53.96 -49.14
N ALA E 146 5.20 -52.63 -49.11
CA ALA E 146 5.78 -51.88 -48.01
C ALA E 146 4.99 -52.10 -46.72
N VAL E 147 5.71 -52.28 -45.61
CA VAL E 147 5.07 -52.57 -44.33
C VAL E 147 5.33 -51.47 -43.30
N MET E 148 4.27 -51.08 -42.58
CA MET E 148 4.36 -50.10 -41.51
C MET E 148 3.72 -50.63 -40.23
N THR E 149 4.32 -50.32 -39.09
CA THR E 149 3.75 -50.71 -37.80
C THR E 149 4.23 -49.79 -36.68
N LEU E 150 3.48 -49.77 -35.58
CA LEU E 150 3.85 -48.98 -34.43
C LEU E 150 4.67 -49.82 -33.46
N SER E 151 4.65 -51.13 -33.66
CA SER E 151 5.45 -52.06 -32.88
C SER E 151 6.91 -52.00 -33.33
N GLY E 152 7.80 -52.59 -32.55
CA GLY E 152 9.21 -52.63 -32.88
C GLY E 152 9.85 -51.25 -32.94
N ALA E 153 9.40 -50.36 -32.06
CA ALA E 153 9.87 -48.98 -32.05
C ALA E 153 10.77 -48.70 -30.84
N GLU E 154 11.74 -47.80 -31.04
CA GLU E 154 12.62 -47.35 -29.98
C GLU E 154 13.38 -48.49 -29.28
N GLY E 155 13.52 -49.62 -29.98
CA GLY E 155 14.23 -50.76 -29.43
C GLY E 155 13.35 -51.96 -29.19
N ALA E 156 12.03 -51.75 -29.27
CA ALA E 156 11.08 -52.83 -29.05
C ALA E 156 11.22 -53.92 -30.12
N THR E 157 10.75 -55.12 -29.80
CA THR E 157 10.77 -56.22 -30.76
C THR E 157 9.62 -56.06 -31.76
N ASP E 158 9.82 -56.58 -32.96
CA ASP E 158 8.82 -56.47 -34.01
C ASP E 158 7.95 -57.72 -34.07
N ALA E 159 6.67 -57.56 -33.75
CA ALA E 159 5.73 -58.69 -33.72
C ALA E 159 5.38 -59.18 -35.12
N THR E 160 5.67 -58.36 -36.13
CA THR E 160 5.43 -58.74 -37.51
C THR E 160 6.63 -59.51 -38.09
N GLY E 161 7.73 -59.51 -37.35
CA GLY E 161 8.91 -60.26 -37.74
C GLY E 161 9.88 -59.47 -38.59
N ILE E 162 10.81 -60.18 -39.22
CA ILE E 162 11.85 -59.58 -40.03
C ILE E 162 11.70 -60.00 -41.49
N GLY E 163 11.90 -59.06 -42.41
CA GLY E 163 11.85 -59.34 -43.83
C GLY E 163 10.47 -59.75 -44.30
N ALA E 164 9.46 -58.99 -43.87
CA ALA E 164 8.07 -59.31 -44.17
C ALA E 164 7.62 -58.67 -45.48
N GLY E 165 8.10 -57.47 -45.75
CA GLY E 165 7.66 -56.75 -46.93
C GLY E 165 8.72 -56.61 -48.01
N ILE E 166 9.00 -55.37 -48.40
CA ILE E 166 9.95 -55.10 -49.46
C ILE E 166 11.39 -55.17 -48.98
N ALA E 167 11.57 -55.55 -47.72
CA ALA E 167 12.91 -55.64 -47.15
C ALA E 167 13.74 -56.73 -47.81
N ALA E 168 13.19 -57.94 -47.88
CA ALA E 168 13.91 -59.08 -48.45
C ALA E 168 14.21 -58.96 -49.95
N PRO E 169 13.23 -58.50 -50.76
CA PRO E 169 13.61 -58.38 -52.19
C PRO E 169 14.71 -57.34 -52.43
N ILE E 170 14.73 -56.27 -51.65
CA ILE E 170 15.79 -55.27 -51.79
C ILE E 170 17.11 -55.82 -51.25
N ALA E 171 17.03 -56.47 -50.10
CA ALA E 171 18.21 -57.06 -49.45
C ALA E 171 18.83 -58.15 -50.32
N GLY E 172 18.00 -58.88 -51.04
CA GLY E 172 18.48 -59.93 -51.93
C GLY E 172 19.28 -59.37 -53.09
N ALA E 173 18.90 -58.18 -53.55
CA ALA E 173 19.59 -57.53 -54.65
C ALA E 173 20.97 -57.06 -54.21
N VAL E 174 21.12 -56.80 -52.92
CA VAL E 174 22.40 -56.38 -52.36
C VAL E 174 23.36 -57.56 -52.32
N VAL E 175 22.81 -58.73 -52.05
CA VAL E 175 23.60 -59.96 -51.95
C VAL E 175 24.19 -60.34 -53.31
N LYS E 176 23.41 -60.11 -54.36
CA LYS E 176 23.82 -60.50 -55.72
C LYS E 176 25.11 -59.79 -56.17
N ALA E 177 25.40 -58.63 -55.60
CA ALA E 177 26.55 -57.85 -56.03
C ALA E 177 27.75 -57.99 -55.10
N THR E 178 27.50 -58.22 -53.81
CA THR E 178 28.59 -58.29 -52.83
C THR E 178 28.83 -59.72 -52.35
N GLY E 179 27.76 -60.48 -52.21
CA GLY E 179 27.85 -61.85 -51.71
C GLY E 179 28.30 -61.92 -50.28
N ILE E 180 27.81 -60.99 -49.46
CA ILE E 180 28.18 -60.92 -48.05
C ILE E 180 27.67 -62.13 -47.26
N VAL E 181 26.44 -62.55 -47.55
CA VAL E 181 25.85 -63.71 -46.88
C VAL E 181 25.16 -64.63 -47.88
N ASP E 182 24.98 -65.90 -47.50
CA ASP E 182 24.28 -66.86 -48.33
C ASP E 182 22.79 -66.54 -48.39
N VAL E 183 22.17 -66.88 -49.51
CA VAL E 183 20.74 -66.61 -49.71
C VAL E 183 19.89 -67.41 -48.73
N GLU E 184 20.26 -68.67 -48.53
CA GLU E 184 19.50 -69.56 -47.63
C GLU E 184 19.57 -69.09 -46.18
N ASN E 185 20.69 -68.49 -45.80
CA ASN E 185 20.83 -67.93 -44.46
C ASN E 185 19.94 -66.70 -44.31
N LEU E 186 19.85 -65.91 -45.38
CA LEU E 186 19.01 -64.73 -45.38
C LEU E 186 17.56 -65.12 -45.58
N ALA E 187 17.34 -66.28 -46.19
CA ALA E 187 15.99 -66.79 -46.41
C ALA E 187 15.41 -67.40 -45.14
N ALA E 188 16.25 -67.54 -44.11
CA ALA E 188 15.82 -68.15 -42.86
C ALA E 188 15.54 -67.09 -41.79
N VAL E 189 15.71 -65.83 -42.17
CA VAL E 189 15.46 -64.74 -41.24
C VAL E 189 14.39 -63.79 -41.79
N VAL E 190 13.98 -64.02 -43.04
CA VAL E 190 12.95 -63.19 -43.67
C VAL E 190 11.60 -63.88 -43.70
N LYS E 191 10.54 -63.09 -43.73
CA LYS E 191 9.18 -63.63 -43.78
C LYS E 191 8.79 -64.03 -45.20
N ASN E 192 9.43 -63.44 -46.20
CA ASN E 192 9.19 -63.89 -47.56
C ASN E 192 10.47 -64.33 -48.28
N PRO E 193 10.79 -65.64 -48.17
CA PRO E 193 11.98 -66.07 -48.90
C PRO E 193 11.70 -66.06 -50.41
N ALA E 194 10.43 -66.22 -50.79
CA ALA E 194 10.05 -66.22 -52.19
C ALA E 194 10.32 -64.88 -52.88
N ALA E 195 9.90 -63.78 -52.24
CA ALA E 195 10.11 -62.45 -52.80
C ALA E 195 11.61 -62.13 -52.79
N MET E 196 12.32 -62.72 -51.84
CA MET E 196 13.75 -62.56 -51.73
C MET E 196 14.45 -63.17 -52.94
N ARG E 197 13.97 -64.35 -53.35
CA ARG E 197 14.56 -65.04 -54.49
C ARG E 197 14.40 -64.20 -55.76
N ARG E 198 13.28 -63.49 -55.84
CA ARG E 198 13.04 -62.60 -56.97
C ARG E 198 14.00 -61.43 -56.97
N GLY E 199 14.19 -60.80 -55.82
CA GLY E 199 15.10 -59.68 -55.71
C GLY E 199 16.54 -60.07 -55.92
N TYR E 200 16.86 -61.31 -55.53
CA TYR E 200 18.23 -61.83 -55.69
C TYR E 200 18.50 -62.22 -57.15
N ALA E 201 17.43 -62.50 -57.89
CA ALA E 201 17.55 -62.96 -59.27
C ALA E 201 17.30 -61.85 -60.28
N GLU E 202 16.35 -60.97 -59.98
CA GLU E 202 15.95 -59.94 -60.94
C GLU E 202 16.73 -58.64 -60.75
N ALA E 203 17.72 -58.67 -59.86
CA ALA E 203 18.56 -57.50 -59.63
C ALA E 203 19.44 -57.21 -60.85
N GLN E 204 19.40 -55.97 -61.32
CA GLN E 204 20.19 -55.55 -62.48
C GLN E 204 21.47 -54.84 -62.03
N VAL E 205 22.59 -55.54 -62.14
CA VAL E 205 23.88 -55.02 -61.69
C VAL E 205 24.72 -54.47 -62.84
N ARG E 206 25.25 -53.27 -62.64
CA ARG E 206 26.14 -52.65 -63.63
C ARG E 206 27.42 -52.13 -62.99
N GLN E 207 28.55 -52.56 -63.52
CA GLN E 207 29.85 -52.14 -63.04
C GLN E 207 30.14 -50.71 -63.50
N LEU E 208 30.76 -49.92 -62.63
CA LEU E 208 31.02 -48.52 -62.94
C LEU E 208 32.49 -48.31 -63.29
N PRO E 209 32.75 -47.33 -64.17
CA PRO E 209 34.12 -46.98 -64.59
C PRO E 209 35.00 -46.52 -63.43
N PRO E 210 36.31 -46.82 -63.51
CA PRO E 210 37.30 -46.45 -62.50
C PRO E 210 37.28 -44.96 -62.17
N THR E 222 36.38 -26.51 -30.24
CA THR E 222 36.68 -25.08 -30.16
C THR E 222 35.81 -24.26 -31.11
N GLU E 223 35.75 -24.67 -32.37
CA GLU E 223 34.90 -23.99 -33.35
C GLU E 223 33.43 -24.25 -33.06
N LEU E 224 33.12 -25.46 -32.62
CA LEU E 224 31.76 -25.82 -32.24
C LEU E 224 31.34 -24.98 -31.04
N LEU E 225 32.31 -24.57 -30.25
CA LEU E 225 32.07 -23.72 -29.09
C LEU E 225 31.81 -22.29 -29.57
N ARG E 226 32.53 -21.87 -30.60
CA ARG E 226 32.32 -20.55 -31.18
C ARG E 226 30.99 -20.52 -31.93
N GLN E 227 30.57 -21.68 -32.41
CA GLN E 227 29.30 -21.80 -33.13
C GLN E 227 28.13 -21.96 -32.15
N MET E 228 28.45 -22.00 -30.86
CA MET E 228 27.43 -22.10 -29.84
C MET E 228 27.06 -20.72 -29.28
N PRO E 229 25.83 -20.27 -29.57
CA PRO E 229 25.32 -18.98 -29.09
C PRO E 229 25.05 -18.99 -27.59
N PHE E 230 24.74 -17.82 -27.03
CA PHE E 230 24.43 -17.69 -25.60
C PHE E 230 23.29 -18.60 -25.18
N ALA E 231 23.62 -19.60 -24.37
CA ALA E 231 22.64 -20.54 -23.80
C ALA E 231 21.86 -21.31 -24.86
N GLY E 232 22.34 -21.29 -26.10
CA GLY E 232 21.64 -21.94 -27.19
C GLY E 232 20.48 -21.13 -27.72
N THR E 233 20.33 -19.91 -27.18
CA THR E 233 19.25 -19.02 -27.60
C THR E 233 19.51 -18.44 -28.99
N VAL E 234 18.56 -18.65 -29.89
CA VAL E 234 18.66 -18.14 -31.25
C VAL E 234 17.57 -17.10 -31.51
N PRO E 235 17.85 -16.12 -32.39
CA PRO E 235 16.84 -15.12 -32.71
C PRO E 235 15.73 -15.72 -33.56
N SER E 236 14.53 -15.16 -33.47
CA SER E 236 13.39 -15.64 -34.25
C SER E 236 13.56 -15.33 -35.73
N PRO E 237 13.21 -16.29 -36.60
CA PRO E 237 13.26 -16.05 -38.04
C PRO E 237 12.23 -15.02 -38.46
N VAL E 238 12.38 -14.47 -39.66
CA VAL E 238 11.46 -13.46 -40.15
C VAL E 238 10.52 -14.02 -41.21
N THR E 239 11.09 -14.66 -42.22
CA THR E 239 10.31 -15.18 -43.34
C THR E 239 10.44 -16.69 -43.46
N GLU E 240 11.56 -17.24 -43.02
CA GLU E 240 11.83 -18.66 -43.18
C GLU E 240 12.83 -19.20 -42.17
N ASN E 241 12.77 -20.50 -41.93
CA ASN E 241 13.73 -21.18 -41.05
C ASN E 241 14.75 -21.96 -41.88
N GLU E 242 15.85 -21.29 -42.21
CA GLU E 242 16.87 -21.89 -43.07
C GLU E 242 17.61 -23.02 -42.36
N GLY E 243 17.39 -23.14 -41.05
CA GLY E 243 17.99 -24.20 -40.26
C GLY E 243 17.39 -25.56 -40.54
N MET E 244 16.26 -25.58 -41.25
CA MET E 244 15.61 -26.83 -41.59
C MET E 244 14.94 -26.75 -42.96
N VAL E 245 15.74 -26.92 -44.01
CA VAL E 245 15.20 -26.97 -45.37
C VAL E 245 14.66 -28.36 -45.65
N THR E 246 13.37 -28.42 -46.00
CA THR E 246 12.66 -29.69 -46.06
C THR E 246 12.17 -30.03 -47.47
N GLY E 247 12.71 -29.33 -48.47
CA GLY E 247 12.36 -29.60 -49.85
C GLY E 247 12.86 -30.94 -50.31
N ASN E 248 13.94 -31.41 -49.70
CA ASN E 248 14.53 -32.70 -50.07
C ASN E 248 13.80 -33.88 -49.43
N TRP E 249 12.60 -33.60 -48.91
CA TRP E 249 11.74 -34.67 -48.40
C TRP E 249 10.88 -35.24 -49.52
N ARG E 250 10.79 -34.51 -50.61
CA ARG E 250 9.81 -34.81 -51.66
C ARG E 250 10.05 -36.09 -52.45
N ILE E 251 9.04 -36.95 -52.41
CA ILE E 251 8.96 -38.08 -53.33
C ILE E 251 8.10 -37.62 -54.51
N GLN E 252 7.18 -36.71 -54.24
CA GLN E 252 6.30 -36.14 -55.26
C GLN E 252 6.07 -34.66 -54.97
N ARG E 253 5.71 -33.90 -55.99
CA ARG E 253 5.43 -32.48 -55.82
C ARG E 253 4.09 -32.08 -56.46
N PRO E 254 3.37 -31.15 -55.82
CA PRO E 254 2.11 -30.64 -56.38
C PRO E 254 2.32 -29.74 -57.60
N ILE E 255 1.60 -30.04 -58.69
CA ILE E 255 1.64 -29.23 -59.90
C ILE E 255 0.27 -28.65 -60.19
N ILE E 256 0.21 -27.33 -60.39
CA ILE E 256 -1.06 -26.64 -60.54
C ILE E 256 -1.47 -26.42 -61.99
N ASP E 257 -2.78 -26.49 -62.23
CA ASP E 257 -3.35 -26.11 -63.51
C ASP E 257 -4.11 -24.81 -63.33
N ARG E 258 -3.46 -23.69 -63.61
CA ARG E 258 -3.99 -22.38 -63.27
C ARG E 258 -5.30 -22.02 -63.99
N GLU E 259 -5.60 -22.72 -65.07
CA GLU E 259 -6.87 -22.50 -65.77
C GLU E 259 -7.99 -23.25 -65.04
N ALA E 260 -7.61 -24.10 -64.10
CA ALA E 260 -8.57 -24.83 -63.29
C ALA E 260 -8.66 -24.25 -61.89
N CYS E 261 -7.81 -23.26 -61.61
CA CYS E 261 -7.75 -22.65 -60.28
C CYS E 261 -8.79 -21.54 -60.11
N THR E 262 -9.59 -21.65 -59.06
CA THR E 262 -10.60 -20.65 -58.76
C THR E 262 -10.05 -19.62 -57.78
N GLU E 263 -8.80 -19.83 -57.37
CA GLU E 263 -8.12 -18.99 -56.39
C GLU E 263 -8.93 -18.88 -55.10
N CYS E 264 -9.46 -20.02 -54.66
CA CYS E 264 -10.19 -20.09 -53.40
C CYS E 264 -9.22 -20.15 -52.22
N TYR E 265 -7.96 -20.51 -52.52
CA TYR E 265 -6.90 -20.61 -51.53
C TYR E 265 -7.25 -21.57 -50.39
N THR E 266 -7.99 -22.62 -50.73
CA THR E 266 -8.27 -23.69 -49.80
C THR E 266 -6.98 -24.41 -49.46
N CYS E 267 -6.16 -24.61 -50.48
CA CYS E 267 -4.85 -25.22 -50.32
C CYS E 267 -3.96 -24.40 -49.39
N TRP E 268 -4.03 -23.08 -49.53
CA TRP E 268 -3.20 -22.16 -48.76
C TRP E 268 -3.46 -22.24 -47.26
N ILE E 269 -4.73 -22.42 -46.89
CA ILE E 269 -5.11 -22.41 -45.48
C ILE E 269 -4.91 -23.78 -44.82
N TYR E 270 -4.57 -24.78 -45.62
CA TYR E 270 -4.42 -26.14 -45.10
C TYR E 270 -2.99 -26.67 -45.18
N CYS E 271 -2.06 -25.84 -45.65
CA CYS E 271 -0.66 -26.23 -45.75
C CYS E 271 0.03 -26.12 -44.39
N PRO E 272 0.49 -27.26 -43.85
CA PRO E 272 1.10 -27.29 -42.52
C PRO E 272 2.45 -26.57 -42.49
N ASP E 273 3.02 -26.28 -43.65
CA ASP E 273 4.36 -25.73 -43.73
C ASP E 273 4.44 -24.34 -44.33
N SER E 274 3.28 -23.69 -44.47
CA SER E 274 3.21 -22.31 -44.96
C SER E 274 3.97 -22.10 -46.27
N CYS E 275 3.93 -23.11 -47.15
CA CYS E 275 4.70 -23.07 -48.38
C CYS E 275 3.94 -22.41 -49.52
N ILE E 276 2.71 -21.99 -49.26
CA ILE E 276 1.90 -21.35 -50.29
C ILE E 276 1.75 -19.86 -49.98
N THR E 277 1.97 -19.04 -51.00
CA THR E 277 1.83 -17.60 -50.85
C THR E 277 0.78 -17.09 -51.82
N ARG E 278 -0.10 -16.23 -51.33
CA ARG E 278 -1.18 -15.69 -52.14
C ARG E 278 -0.74 -14.50 -52.97
N THR E 279 -0.75 -14.67 -54.28
CA THR E 279 -0.36 -13.61 -55.21
C THR E 279 -1.53 -13.25 -56.11
N GLU E 280 -1.34 -12.24 -56.96
CA GLU E 280 -2.39 -11.83 -57.89
C GLU E 280 -2.56 -12.84 -59.02
N GLU E 281 -1.51 -13.60 -59.28
CA GLU E 281 -1.56 -14.69 -60.26
C GLU E 281 -2.13 -15.96 -59.66
N GLY E 282 -2.32 -15.96 -58.34
CA GLY E 282 -2.82 -17.13 -57.64
C GLY E 282 -1.81 -17.72 -56.68
N PRO E 283 -2.09 -18.93 -56.19
CA PRO E 283 -1.25 -19.64 -55.20
C PRO E 283 0.11 -20.05 -55.74
N VAL E 284 1.17 -19.57 -55.09
CA VAL E 284 2.53 -19.94 -55.47
C VAL E 284 3.12 -20.93 -54.48
N PHE E 285 3.62 -22.06 -54.98
CA PHE E 285 4.07 -23.15 -54.13
C PHE E 285 5.60 -23.14 -53.95
N ASN E 286 6.04 -23.04 -52.70
CA ASN E 286 7.45 -22.95 -52.37
C ASN E 286 8.12 -24.33 -52.36
N MET E 287 8.96 -24.59 -53.36
CA MET E 287 9.58 -25.89 -53.52
C MET E 287 10.85 -26.07 -52.69
N LYS E 288 11.21 -25.03 -51.94
CA LYS E 288 12.39 -25.10 -51.08
C LYS E 288 12.10 -25.88 -49.80
N TYR E 289 10.87 -25.79 -49.31
CA TYR E 289 10.53 -26.42 -48.05
C TYR E 289 9.42 -27.46 -48.18
N CYS E 290 8.72 -27.44 -49.32
CA CYS E 290 7.60 -28.35 -49.54
C CYS E 290 8.00 -29.80 -49.34
N LYS E 291 7.26 -30.49 -48.48
CA LYS E 291 7.56 -31.88 -48.17
C LYS E 291 6.77 -32.80 -49.11
N GLY E 292 5.93 -32.21 -49.94
CA GLY E 292 5.10 -32.97 -50.85
C GLY E 292 4.16 -33.94 -50.14
N CYS E 293 3.44 -33.44 -49.14
CA CYS E 293 2.51 -34.28 -48.40
C CYS E 293 1.30 -34.61 -49.26
N GLY E 294 0.93 -33.67 -50.14
CA GLY E 294 -0.17 -33.88 -51.05
C GLY E 294 -1.51 -33.50 -50.45
N LEU E 295 -1.46 -32.78 -49.33
CA LEU E 295 -2.69 -32.32 -48.69
C LEU E 295 -3.41 -31.32 -49.60
N CYS E 296 -2.65 -30.38 -50.13
CA CYS E 296 -3.19 -29.35 -51.02
C CYS E 296 -3.91 -29.99 -52.21
N THR E 297 -3.34 -31.08 -52.71
CA THR E 297 -3.95 -31.81 -53.83
C THR E 297 -5.25 -32.47 -53.38
N ALA E 298 -5.24 -32.98 -52.15
CA ALA E 298 -6.38 -33.70 -51.62
C ALA E 298 -7.52 -32.77 -51.19
N VAL E 299 -7.19 -31.57 -50.75
CA VAL E 299 -8.20 -30.64 -50.23
C VAL E 299 -8.68 -29.64 -51.28
N CYS E 300 -7.98 -29.56 -52.40
CA CYS E 300 -8.39 -28.67 -53.48
C CYS E 300 -9.72 -29.11 -54.07
N PRO E 301 -10.74 -28.23 -54.01
CA PRO E 301 -12.09 -28.55 -54.47
C PRO E 301 -12.24 -28.43 -55.98
N SER E 302 -11.29 -27.77 -56.63
CA SER E 302 -11.37 -27.53 -58.07
C SER E 302 -10.53 -28.53 -58.87
N GLY E 303 -9.74 -29.33 -58.17
CA GLY E 303 -8.93 -30.35 -58.81
C GLY E 303 -7.85 -29.79 -59.71
N ALA E 304 -7.33 -28.62 -59.35
CA ALA E 304 -6.30 -27.97 -60.15
C ALA E 304 -4.91 -28.43 -59.74
N LEU E 305 -4.83 -29.34 -58.78
CA LEU E 305 -3.55 -29.84 -58.28
C LEU E 305 -3.39 -31.33 -58.51
N THR E 306 -2.18 -31.74 -58.89
CA THR E 306 -1.88 -33.14 -59.16
C THR E 306 -0.53 -33.55 -58.57
N ASN E 307 -0.49 -34.72 -57.94
CA ASN E 307 0.76 -35.23 -57.38
C ASN E 307 1.59 -35.96 -58.44
N VAL E 308 2.75 -35.38 -58.76
CA VAL E 308 3.65 -35.95 -59.75
C VAL E 308 5.02 -36.24 -59.14
N PRO E 309 5.58 -37.42 -59.42
CA PRO E 309 6.91 -37.84 -58.94
C PRO E 309 7.98 -36.76 -59.06
N GLU E 310 8.87 -36.71 -58.08
CA GLU E 310 9.89 -35.66 -57.98
C GLU E 310 10.99 -35.84 -59.02
N LEU E 311 11.26 -37.09 -59.40
CA LEU E 311 12.33 -37.39 -60.34
C LEU E 311 11.98 -37.08 -61.78
N ASP E 312 10.83 -36.45 -62.00
CA ASP E 312 10.47 -35.94 -63.31
C ASP E 312 10.94 -34.50 -63.47
N PHE E 313 11.75 -34.05 -62.52
CA PHE E 313 12.24 -32.67 -62.50
C PHE E 313 13.74 -32.65 -62.24
N LYS E 314 14.41 -31.65 -62.81
CA LYS E 314 15.87 -31.53 -62.69
C LYS E 314 16.30 -30.47 -61.69
N ASP E 315 15.37 -29.61 -61.28
CA ASP E 315 15.68 -28.53 -60.35
C ASP E 315 15.35 -28.93 -58.92
N MET F 1 -7.74 -5.42 -29.87
CA MET F 1 -8.80 -6.42 -30.05
C MET F 1 -8.68 -7.06 -31.43
N LEU F 2 -8.65 -8.39 -31.45
CA LEU F 2 -8.51 -9.14 -32.70
C LEU F 2 -9.87 -9.36 -33.36
N ASP F 3 -10.02 -8.82 -34.56
CA ASP F 3 -11.29 -8.88 -35.29
C ASP F 3 -11.62 -10.28 -35.75
N ARG F 4 -12.91 -10.52 -35.97
CA ARG F 4 -13.40 -11.78 -36.49
C ARG F 4 -12.93 -11.98 -37.93
N ILE F 5 -12.58 -13.23 -38.26
CA ILE F 5 -12.17 -13.57 -39.61
C ILE F 5 -13.35 -14.09 -40.42
N ALA F 6 -13.73 -13.33 -41.44
CA ALA F 6 -14.91 -13.62 -42.23
C ALA F 6 -14.78 -14.92 -43.05
N SER F 7 -13.63 -15.11 -43.69
CA SER F 7 -13.43 -16.26 -44.55
C SER F 7 -11.97 -16.65 -44.72
N ILE F 8 -11.72 -17.66 -45.54
CA ILE F 8 -10.36 -18.09 -45.84
C ILE F 8 -9.63 -17.04 -46.67
N LYS F 9 -10.33 -16.49 -47.64
CA LYS F 9 -9.78 -15.42 -48.47
C LYS F 9 -9.53 -14.15 -47.68
N LYS F 10 -10.38 -13.89 -46.68
CA LYS F 10 -10.27 -12.67 -45.87
C LYS F 10 -9.41 -12.88 -44.63
N ALA F 11 -8.73 -14.02 -44.58
CA ALA F 11 -7.77 -14.30 -43.53
C ALA F 11 -6.46 -13.60 -43.87
N PRO F 12 -5.71 -13.16 -42.85
CA PRO F 12 -4.45 -12.43 -43.06
C PRO F 12 -3.37 -13.24 -43.78
N ASP F 13 -2.58 -12.57 -44.61
CA ASP F 13 -1.51 -13.22 -45.37
C ASP F 13 -0.27 -13.48 -44.52
N GLU F 14 -0.05 -12.63 -43.50
CA GLU F 14 1.15 -12.71 -42.69
C GLU F 14 1.25 -14.04 -41.94
N GLU F 15 2.39 -14.70 -42.10
CA GLU F 15 2.66 -15.93 -41.35
C GLU F 15 3.60 -15.64 -40.19
N TYR F 16 3.32 -16.25 -39.05
CA TYR F 16 4.19 -16.12 -37.89
C TYR F 16 4.66 -17.51 -37.47
N TYR F 17 4.42 -18.45 -38.36
CA TYR F 17 4.90 -19.82 -38.24
C TYR F 17 5.49 -20.16 -39.62
N VAL F 18 6.74 -19.76 -39.82
CA VAL F 18 7.37 -19.79 -41.14
C VAL F 18 7.72 -21.20 -41.60
N PRO F 19 7.91 -21.38 -42.92
CA PRO F 19 8.37 -22.67 -43.47
C PRO F 19 9.72 -23.09 -42.93
N GLY F 20 9.89 -24.38 -42.65
CA GLY F 20 11.16 -24.88 -42.17
C GLY F 20 11.08 -25.50 -40.78
N HIS F 21 10.61 -26.74 -40.72
CA HIS F 21 10.58 -27.47 -39.45
C HIS F 21 10.52 -28.97 -39.70
N ARG F 22 11.10 -29.73 -38.78
CA ARG F 22 11.23 -31.17 -38.95
C ARG F 22 9.99 -31.91 -38.44
N THR F 23 8.83 -31.47 -38.88
CA THR F 23 7.56 -32.12 -38.58
C THR F 23 7.19 -33.09 -39.70
N CYS F 24 6.38 -34.10 -39.38
CA CYS F 24 5.94 -35.06 -40.39
C CYS F 24 5.24 -34.37 -41.55
N ALA F 25 5.26 -35.01 -42.71
CA ALA F 25 4.54 -34.50 -43.87
C ALA F 25 3.04 -34.53 -43.58
N GLY F 26 2.40 -33.38 -43.73
CA GLY F 26 0.98 -33.26 -43.44
C GLY F 26 0.68 -33.37 -41.95
N CYS F 27 1.55 -32.78 -41.14
CA CYS F 27 1.40 -32.81 -39.70
C CYS F 27 0.22 -31.96 -39.28
N GLY F 28 -0.75 -32.59 -38.62
CA GLY F 28 -1.91 -31.91 -38.09
C GLY F 28 -1.55 -30.81 -37.11
N PRO F 29 -0.82 -31.15 -36.04
CA PRO F 29 -0.37 -30.15 -35.07
C PRO F 29 0.47 -29.02 -35.68
N ALA F 30 1.15 -29.28 -36.78
CA ALA F 30 1.93 -28.23 -37.45
C ALA F 30 1.01 -27.19 -38.05
N LEU F 31 -0.08 -27.65 -38.66
CA LEU F 31 -1.08 -26.75 -39.19
C LEU F 31 -1.76 -26.02 -38.04
N THR F 32 -2.00 -26.75 -36.95
CA THR F 32 -2.55 -26.17 -35.73
C THR F 32 -1.72 -24.97 -35.28
N TYR F 33 -0.41 -25.18 -35.19
CA TYR F 33 0.51 -24.13 -34.78
C TYR F 33 0.50 -22.95 -35.76
N ARG F 34 0.41 -23.27 -37.04
CA ARG F 34 0.42 -22.25 -38.08
C ARG F 34 -0.82 -21.36 -38.03
N LEU F 35 -1.97 -21.96 -37.80
CA LEU F 35 -3.23 -21.24 -37.76
C LEU F 35 -3.34 -20.40 -36.50
N VAL F 36 -2.83 -20.93 -35.40
CA VAL F 36 -2.84 -20.23 -34.12
C VAL F 36 -1.94 -19.00 -34.17
N ALA F 37 -0.74 -19.17 -34.71
CA ALA F 37 0.20 -18.08 -34.87
C ALA F 37 -0.33 -17.03 -35.84
N LYS F 38 -1.10 -17.48 -36.83
CA LYS F 38 -1.65 -16.58 -37.83
C LYS F 38 -2.72 -15.69 -37.20
N ALA F 39 -3.50 -16.29 -36.31
CA ALA F 39 -4.59 -15.57 -35.63
C ALA F 39 -4.08 -14.74 -34.46
N ALA F 40 -2.92 -15.10 -33.93
CA ALA F 40 -2.38 -14.41 -32.75
C ALA F 40 -1.79 -13.06 -33.10
N GLY F 41 -0.94 -13.02 -34.12
CA GLY F 41 -0.29 -11.78 -34.51
C GLY F 41 1.11 -11.68 -33.94
N PRO F 42 1.76 -10.53 -34.14
CA PRO F 42 3.15 -10.30 -33.72
C PRO F 42 3.30 -10.16 -32.21
N ASN F 43 2.29 -9.61 -31.54
CA ASN F 43 2.33 -9.39 -30.11
C ASN F 43 2.00 -10.66 -29.35
N THR F 44 2.81 -11.70 -29.54
CA THR F 44 2.52 -13.01 -28.99
C THR F 44 3.78 -13.67 -28.44
N ILE F 45 3.62 -14.35 -27.31
CA ILE F 45 4.70 -15.14 -26.74
C ILE F 45 4.24 -16.59 -26.62
N PHE F 46 5.01 -17.51 -27.18
CA PHE F 46 4.62 -18.91 -27.17
C PHE F 46 5.37 -19.71 -26.11
N ILE F 47 4.65 -20.55 -25.40
CA ILE F 47 5.27 -21.45 -24.42
C ILE F 47 5.06 -22.88 -24.92
N GLY F 48 6.17 -23.55 -25.22
CA GLY F 48 6.10 -24.89 -25.77
C GLY F 48 6.66 -25.97 -24.88
N PRO F 49 5.79 -26.64 -24.12
CA PRO F 49 6.18 -27.81 -23.32
C PRO F 49 6.75 -28.91 -24.21
N THR F 50 7.58 -29.78 -23.66
CA THR F 50 8.27 -30.79 -24.45
C THR F 50 7.28 -31.71 -25.17
N GLY F 51 7.45 -31.82 -26.48
CA GLY F 51 6.56 -32.61 -27.33
C GLY F 51 6.93 -32.39 -28.78
N CYS F 52 6.08 -32.86 -29.70
CA CYS F 52 6.36 -32.71 -31.13
C CYS F 52 6.54 -31.26 -31.54
N MET F 53 5.66 -30.38 -31.11
CA MET F 53 5.70 -29.00 -31.56
C MET F 53 6.85 -28.22 -30.94
N TYR F 54 7.57 -28.86 -30.02
CA TYR F 54 8.82 -28.32 -29.53
C TYR F 54 10.00 -28.94 -30.30
N VAL F 55 10.14 -30.25 -30.17
CA VAL F 55 11.27 -30.97 -30.75
C VAL F 55 11.34 -30.85 -32.27
N ALA F 56 10.26 -31.25 -32.94
CA ALA F 56 10.22 -31.28 -34.39
C ALA F 56 10.38 -29.89 -35.01
N ASN F 57 9.86 -28.87 -34.34
CA ASN F 57 9.93 -27.51 -34.86
C ASN F 57 11.30 -26.88 -34.66
N THR F 58 12.03 -27.34 -33.64
CA THR F 58 13.29 -26.71 -33.26
C THR F 58 14.54 -27.48 -33.71
N SER F 59 14.36 -28.67 -34.27
CA SER F 59 15.50 -29.47 -34.71
C SER F 59 16.14 -28.91 -35.97
N TYR F 60 17.40 -28.49 -35.87
CA TYR F 60 18.17 -28.46 -34.63
C TYR F 60 18.74 -27.06 -34.40
N GLY F 61 18.53 -26.53 -33.20
CA GLY F 61 19.04 -25.21 -32.86
C GLY F 61 18.40 -24.10 -33.67
N CYS F 62 17.12 -24.26 -33.97
CA CYS F 62 16.39 -23.28 -34.74
C CYS F 62 14.93 -23.27 -34.31
N GLY F 63 14.07 -22.67 -35.14
CA GLY F 63 12.65 -22.61 -34.86
C GLY F 63 11.90 -21.85 -35.93
N PRO F 64 10.63 -22.18 -36.13
CA PRO F 64 9.79 -21.58 -37.17
C PRO F 64 8.96 -20.38 -36.68
N TRP F 65 9.08 -20.04 -35.40
CA TRP F 65 8.24 -18.98 -34.84
C TRP F 65 8.86 -17.61 -35.07
N ARG F 66 8.07 -16.73 -35.67
CA ARG F 66 8.48 -15.37 -35.96
C ARG F 66 8.35 -14.49 -34.71
N VAL F 67 7.65 -15.02 -33.71
CA VAL F 67 7.42 -14.33 -32.45
C VAL F 67 8.22 -15.02 -31.34
N PRO F 68 8.42 -14.34 -30.19
CA PRO F 68 9.17 -14.93 -29.07
C PRO F 68 8.65 -16.29 -28.62
N TRP F 69 9.55 -17.16 -28.21
CA TRP F 69 9.20 -18.51 -27.77
C TRP F 69 10.19 -19.03 -26.75
N ILE F 70 9.68 -19.72 -25.74
CA ILE F 70 10.54 -20.33 -24.74
C ILE F 70 10.12 -21.77 -24.49
N HIS F 71 11.09 -22.64 -24.24
CA HIS F 71 10.79 -24.03 -23.91
C HIS F 71 10.31 -24.14 -22.46
N ALA F 72 9.34 -25.02 -22.24
CA ALA F 72 8.92 -25.35 -20.89
C ALA F 72 8.97 -26.85 -20.71
N GLN F 73 8.97 -27.31 -19.46
CA GLN F 73 8.88 -28.73 -19.22
C GLN F 73 7.47 -29.16 -19.55
N ILE F 74 7.27 -30.46 -19.78
CA ILE F 74 5.94 -30.97 -20.06
C ILE F 74 5.08 -30.87 -18.80
N THR F 75 5.74 -30.64 -17.68
CA THR F 75 5.09 -30.62 -16.38
C THR F 75 4.62 -29.23 -15.97
N ASN F 76 5.18 -28.20 -16.58
CA ASN F 76 4.89 -26.83 -16.16
C ASN F 76 4.60 -25.87 -17.30
N GLY F 77 3.75 -26.28 -18.23
CA GLY F 77 3.40 -25.41 -19.34
C GLY F 77 2.70 -24.16 -18.84
N GLY F 78 1.64 -24.35 -18.08
CA GLY F 78 0.85 -23.24 -17.54
C GLY F 78 1.55 -22.51 -16.42
N ALA F 79 2.38 -23.25 -15.68
CA ALA F 79 3.12 -22.68 -14.56
C ALA F 79 4.09 -21.62 -15.05
N VAL F 80 4.78 -21.94 -16.15
CA VAL F 80 5.72 -21.00 -16.76
C VAL F 80 4.96 -19.82 -17.35
N ALA F 81 3.83 -20.13 -18.00
CA ALA F 81 2.97 -19.12 -18.58
C ALA F 81 2.49 -18.13 -17.53
N SER F 82 2.16 -18.64 -16.34
CA SER F 82 1.75 -17.81 -15.21
C SER F 82 2.84 -16.82 -14.84
N GLY F 83 4.10 -17.26 -14.89
CA GLY F 83 5.23 -16.43 -14.54
C GLY F 83 5.46 -15.31 -15.54
N ILE F 84 5.32 -15.64 -16.82
CA ILE F 84 5.51 -14.66 -17.88
C ILE F 84 4.41 -13.60 -17.83
N GLU F 85 3.21 -14.03 -17.47
CA GLU F 85 2.09 -13.10 -17.32
C GLU F 85 2.32 -12.18 -16.14
N ALA F 86 2.65 -12.77 -15.00
CA ALA F 86 2.90 -12.02 -13.78
C ALA F 86 4.07 -11.05 -13.95
N ALA F 87 5.09 -11.48 -14.67
CA ALA F 87 6.26 -10.65 -14.90
C ALA F 87 5.89 -9.39 -15.69
N TYR F 88 5.21 -9.57 -16.81
CA TYR F 88 4.83 -8.45 -17.65
C TYR F 88 3.90 -7.49 -16.93
N LYS F 89 2.95 -8.03 -16.18
CA LYS F 89 2.03 -7.17 -15.43
C LYS F 89 2.73 -6.43 -14.31
N ALA F 90 3.87 -6.97 -13.87
CA ALA F 90 4.66 -6.34 -12.81
C ALA F 90 5.67 -5.37 -13.41
N MET F 91 6.34 -5.80 -14.48
CA MET F 91 7.31 -4.96 -15.16
C MET F 91 6.66 -3.72 -15.75
N ILE F 92 5.40 -3.85 -16.16
CA ILE F 92 4.64 -2.72 -16.71
C ILE F 92 4.20 -1.77 -15.61
N ARG F 93 3.66 -2.33 -14.53
CA ARG F 93 3.15 -1.53 -13.42
C ARG F 93 4.26 -0.73 -12.75
N LYS F 94 5.43 -1.32 -12.62
CA LYS F 94 6.56 -0.68 -11.97
C LYS F 94 7.38 0.14 -12.95
N LYS F 95 6.82 0.29 -14.16
CA LYS F 95 7.42 1.10 -15.22
C LYS F 95 8.85 0.66 -15.53
N LYS F 96 9.07 -0.65 -15.59
CA LYS F 96 10.37 -1.19 -15.92
C LYS F 96 10.40 -1.65 -17.37
N THR F 97 9.31 -1.43 -18.07
CA THR F 97 9.23 -1.75 -19.50
C THR F 97 8.17 -0.91 -20.19
N ASP F 98 8.36 -0.68 -21.48
CA ASP F 98 7.41 0.04 -22.31
C ASP F 98 6.66 -0.93 -23.20
N ALA F 99 6.97 -2.21 -23.03
CA ALA F 99 6.33 -3.28 -23.79
C ALA F 99 4.85 -3.37 -23.46
N GLU F 100 4.04 -3.53 -24.50
CA GLU F 100 2.60 -3.70 -24.34
C GLU F 100 2.34 -5.14 -23.90
N PHE F 101 1.23 -5.37 -23.21
CA PHE F 101 0.91 -6.71 -22.74
C PHE F 101 0.70 -7.65 -23.91
N PRO F 102 1.55 -8.69 -24.01
CA PRO F 102 1.52 -9.57 -25.17
C PRO F 102 0.49 -10.69 -25.05
N ASN F 103 0.16 -11.31 -26.17
CA ASN F 103 -0.64 -12.54 -26.16
C ASN F 103 0.22 -13.67 -25.63
N ILE F 104 -0.23 -14.30 -24.56
CA ILE F 104 0.54 -15.36 -23.94
C ILE F 104 -0.11 -16.72 -24.19
N ILE F 105 0.49 -17.52 -25.06
CA ILE F 105 -0.12 -18.77 -25.50
C ILE F 105 0.71 -20.00 -25.18
N VAL F 106 0.06 -20.99 -24.57
CA VAL F 106 0.68 -22.28 -24.32
C VAL F 106 0.27 -23.28 -25.39
N MET F 107 1.26 -23.88 -26.02
CA MET F 107 0.99 -24.94 -26.99
C MET F 107 1.37 -26.27 -26.37
N ALA F 108 0.48 -26.82 -25.56
CA ALA F 108 0.75 -28.06 -24.86
C ALA F 108 0.16 -29.24 -25.62
N GLY F 109 0.87 -30.36 -25.60
CA GLY F 109 0.33 -31.58 -26.18
C GLY F 109 -0.75 -32.13 -25.26
N ASP F 110 -1.41 -33.19 -25.68
CA ASP F 110 -2.44 -33.81 -24.86
C ASP F 110 -1.86 -34.34 -23.56
N GLY F 111 -0.67 -34.91 -23.61
CA GLY F 111 -0.02 -35.40 -22.40
C GLY F 111 0.33 -34.26 -21.46
N GLY F 112 0.75 -33.14 -22.01
CA GLY F 112 1.15 -31.98 -21.23
C GLY F 112 0.01 -31.07 -20.83
N ALA F 113 -1.21 -31.46 -21.17
CA ALA F 113 -2.36 -30.63 -20.86
C ALA F 113 -3.42 -31.42 -20.10
N VAL F 114 -3.46 -32.73 -20.36
CA VAL F 114 -4.50 -33.59 -19.83
C VAL F 114 -3.95 -34.54 -18.77
N ASP F 115 -2.66 -34.83 -18.88
CA ASP F 115 -2.06 -35.89 -18.08
C ASP F 115 -1.07 -35.40 -17.03
N ILE F 116 0.05 -34.84 -17.49
CA ILE F 116 1.16 -34.49 -16.60
C ILE F 116 1.26 -32.98 -16.40
N GLY F 117 0.52 -32.23 -17.20
CA GLY F 117 0.51 -30.79 -17.08
C GLY F 117 -0.84 -30.27 -16.63
N LEU F 118 -1.72 -31.18 -16.22
CA LEU F 118 -3.07 -30.81 -15.81
C LEU F 118 -3.04 -29.99 -14.53
N GLN F 119 -2.17 -30.36 -13.61
CA GLN F 119 -2.04 -29.68 -12.32
C GLN F 119 -1.57 -28.23 -12.51
N ALA F 120 -0.61 -28.03 -13.41
CA ALA F 120 -0.11 -26.70 -13.68
C ALA F 120 -1.12 -25.91 -14.51
N LEU F 121 -2.00 -26.64 -15.19
CA LEU F 121 -3.07 -26.02 -15.98
C LEU F 121 -4.19 -25.50 -15.10
N SER F 122 -4.72 -26.38 -14.25
CA SER F 122 -5.83 -26.05 -13.37
C SER F 122 -5.53 -24.85 -12.48
N ALA F 123 -4.30 -24.79 -11.98
CA ALA F 123 -3.91 -23.73 -11.06
C ALA F 123 -3.73 -22.39 -11.75
N MET F 124 -3.44 -22.39 -13.04
CA MET F 124 -3.34 -21.14 -13.79
C MET F 124 -4.73 -20.55 -13.97
N LEU F 125 -5.70 -21.42 -14.21
CA LEU F 125 -7.08 -21.00 -14.36
C LEU F 125 -7.60 -20.53 -13.01
N TYR F 126 -7.10 -21.15 -11.95
CA TYR F 126 -7.46 -20.78 -10.59
C TYR F 126 -6.95 -19.38 -10.21
N ARG F 127 -5.71 -19.08 -10.61
CA ARG F 127 -5.12 -17.78 -10.31
C ARG F 127 -5.63 -16.73 -11.29
N GLY F 128 -6.28 -17.19 -12.36
CA GLY F 128 -6.93 -16.31 -13.31
C GLY F 128 -5.98 -15.44 -14.13
N HIS F 129 -4.86 -16.00 -14.53
CA HIS F 129 -3.90 -15.28 -15.36
C HIS F 129 -4.47 -15.02 -16.74
N ASP F 130 -4.14 -13.87 -17.31
CA ASP F 130 -4.55 -13.55 -18.67
C ASP F 130 -3.67 -14.31 -19.66
N VAL F 131 -3.91 -15.62 -19.76
CA VAL F 131 -3.09 -16.50 -20.58
C VAL F 131 -4.00 -17.44 -21.38
N LEU F 132 -3.69 -17.62 -22.66
CA LEU F 132 -4.43 -18.56 -23.49
C LEU F 132 -3.73 -19.92 -23.51
N PHE F 133 -4.37 -20.91 -22.89
CA PHE F 133 -3.84 -22.26 -22.85
C PHE F 133 -4.45 -23.11 -23.94
N ILE F 134 -3.63 -23.55 -24.89
CA ILE F 134 -4.08 -24.37 -25.99
C ILE F 134 -3.52 -25.78 -25.87
N CYS F 135 -4.39 -26.77 -26.10
CA CYS F 135 -3.95 -28.15 -26.19
C CYS F 135 -4.07 -28.65 -27.61
N TYR F 136 -2.94 -28.92 -28.27
CA TYR F 136 -3.00 -29.59 -29.56
C TYR F 136 -3.02 -31.09 -29.30
N ASP F 137 -4.09 -31.74 -29.77
CA ASP F 137 -4.35 -33.13 -29.40
C ASP F 137 -4.19 -34.09 -30.57
N ASN F 138 -3.11 -34.88 -30.52
CA ASN F 138 -2.92 -35.96 -31.46
C ASN F 138 -3.17 -37.30 -30.79
N GLU F 139 -3.77 -37.26 -29.60
CA GLU F 139 -4.23 -38.44 -28.89
C GLU F 139 -3.15 -39.47 -28.60
N SER F 140 -1.93 -39.00 -28.37
CA SER F 140 -0.83 -39.87 -27.93
C SER F 140 0.38 -39.06 -27.49
N TYR F 141 1.31 -39.73 -26.83
CA TYR F 141 2.66 -39.19 -26.68
C TYR F 141 3.43 -39.46 -27.97
N ALA F 142 3.35 -38.53 -28.92
CA ALA F 142 3.83 -38.79 -30.28
C ALA F 142 5.35 -38.76 -30.42
N ASN F 143 5.99 -37.78 -29.78
CA ASN F 143 7.42 -37.58 -29.96
C ASN F 143 8.26 -38.71 -29.36
N THR F 144 7.71 -39.39 -28.37
CA THR F 144 8.43 -40.48 -27.72
C THR F 144 8.25 -41.81 -28.46
N GLY F 145 7.47 -41.78 -29.53
CA GLY F 145 7.25 -42.96 -30.35
C GLY F 145 5.85 -43.53 -30.23
N ILE F 146 4.87 -42.65 -30.01
CA ILE F 146 3.45 -43.00 -29.93
C ILE F 146 3.14 -43.93 -28.75
N GLN F 147 2.96 -43.35 -27.57
CA GLN F 147 2.58 -44.08 -26.36
C GLN F 147 1.22 -43.64 -25.85
N THR F 148 0.55 -44.52 -25.10
CA THR F 148 -0.81 -44.25 -24.64
C THR F 148 -0.92 -42.99 -23.79
N SER F 149 -2.06 -42.33 -23.89
CA SER F 149 -2.33 -41.08 -23.20
C SER F 149 -3.80 -41.05 -22.79
N PRO F 150 -4.15 -40.20 -21.81
CA PRO F 150 -5.55 -40.05 -21.40
C PRO F 150 -6.51 -39.64 -22.51
N THR F 151 -6.01 -39.10 -23.61
CA THR F 151 -6.88 -38.69 -24.72
C THR F 151 -6.88 -39.72 -25.85
N THR F 152 -6.05 -40.74 -25.72
CA THR F 152 -6.02 -41.83 -26.68
C THR F 152 -7.32 -42.61 -26.61
N PRO F 153 -8.01 -42.75 -27.74
CA PRO F 153 -9.29 -43.46 -27.85
C PRO F 153 -9.23 -44.91 -27.36
N TYR F 154 -10.38 -45.43 -26.95
CA TYR F 154 -10.50 -46.83 -26.56
C TYR F 154 -10.12 -47.77 -27.70
N GLY F 155 -9.47 -48.88 -27.37
CA GLY F 155 -9.14 -49.88 -28.36
C GLY F 155 -8.10 -49.44 -29.38
N ALA F 156 -7.40 -48.35 -29.09
CA ALA F 156 -6.37 -47.83 -29.98
C ALA F 156 -5.05 -48.56 -29.76
N ASN F 157 -4.25 -48.65 -30.82
CA ASN F 157 -2.97 -49.35 -30.78
C ASN F 157 -1.80 -48.40 -30.55
N THR F 158 -1.12 -48.56 -29.42
CA THR F 158 0.11 -47.81 -29.13
C THR F 158 1.21 -48.76 -28.70
N THR F 159 2.43 -48.25 -28.57
CA THR F 159 3.55 -49.09 -28.11
C THR F 159 3.40 -49.46 -26.65
N PHE F 160 2.56 -48.71 -25.93
CA PHE F 160 2.26 -49.01 -24.53
C PHE F 160 0.94 -49.78 -24.41
N THR F 161 0.17 -49.79 -25.50
CA THR F 161 -1.05 -50.57 -25.55
C THR F 161 -1.12 -51.44 -26.80
N PRO F 162 -0.25 -52.46 -26.88
CA PRO F 162 -0.32 -53.33 -28.05
C PRO F 162 -1.43 -54.36 -27.90
N PRO F 163 -2.16 -54.64 -28.99
CA PRO F 163 -3.19 -55.68 -28.95
C PRO F 163 -2.58 -57.08 -28.79
N GLY F 164 -3.14 -57.87 -27.90
CA GLY F 164 -2.67 -59.22 -27.67
C GLY F 164 -3.83 -60.10 -27.24
N GLU F 165 -3.54 -61.36 -26.92
CA GLU F 165 -4.58 -62.28 -26.49
C GLU F 165 -5.17 -61.84 -25.15
N VAL F 166 -4.32 -61.32 -24.28
CA VAL F 166 -4.75 -60.86 -22.97
C VAL F 166 -5.51 -59.54 -23.05
N VAL F 167 -5.04 -58.65 -23.91
CA VAL F 167 -5.70 -57.37 -24.13
C VAL F 167 -5.99 -57.19 -25.60
N PRO F 168 -7.14 -57.72 -26.06
CA PRO F 168 -7.53 -57.74 -27.48
C PRO F 168 -7.65 -56.36 -28.10
N GLU F 169 -8.06 -55.37 -27.31
CA GLU F 169 -8.24 -54.02 -27.82
C GLU F 169 -6.99 -53.17 -27.66
N GLY F 170 -6.02 -53.68 -26.92
CA GLY F 170 -4.79 -52.94 -26.68
C GLY F 170 -4.97 -51.93 -25.56
N LYS F 171 -5.82 -50.94 -25.80
CA LYS F 171 -6.15 -49.95 -24.79
C LYS F 171 -7.57 -50.18 -24.29
N LYS F 172 -7.70 -50.55 -23.02
CA LYS F 172 -8.99 -50.86 -22.42
C LYS F 172 -9.71 -49.61 -21.93
N LEU F 173 -8.95 -48.53 -21.74
CA LEU F 173 -9.49 -47.31 -21.14
C LEU F 173 -10.13 -46.36 -22.14
N PHE F 174 -11.27 -45.81 -21.76
CA PHE F 174 -11.92 -44.77 -22.54
C PHE F 174 -11.27 -43.43 -22.20
N PRO F 175 -11.15 -42.54 -23.19
CA PRO F 175 -10.36 -41.32 -23.04
C PRO F 175 -10.91 -40.33 -22.01
N LYS F 176 -10.02 -39.50 -21.47
CA LYS F 176 -10.42 -38.44 -20.55
C LYS F 176 -10.82 -37.19 -21.31
N ASP F 177 -11.95 -36.61 -20.92
CA ASP F 177 -12.46 -35.40 -21.58
C ASP F 177 -11.97 -34.14 -20.87
N ASN F 178 -10.76 -33.72 -21.20
CA ASN F 178 -10.14 -32.54 -20.57
C ASN F 178 -10.93 -31.23 -20.70
N PRO F 179 -11.57 -30.96 -21.86
CA PRO F 179 -12.39 -29.76 -21.94
C PRO F 179 -13.49 -29.69 -20.86
N LYS F 180 -14.03 -30.83 -20.49
CA LYS F 180 -15.09 -30.87 -19.48
C LYS F 180 -14.52 -30.79 -18.08
N VAL F 181 -13.27 -31.25 -17.94
CA VAL F 181 -12.59 -31.21 -16.65
C VAL F 181 -12.41 -29.79 -16.14
N ILE F 182 -11.85 -28.93 -16.97
CA ILE F 182 -11.52 -27.58 -16.53
C ILE F 182 -12.63 -26.56 -16.74
N ALA F 183 -13.67 -26.96 -17.47
CA ALA F 183 -14.78 -26.05 -17.74
C ALA F 183 -15.58 -25.75 -16.49
N HIS F 184 -15.46 -26.63 -15.50
CA HIS F 184 -16.15 -26.46 -14.22
C HIS F 184 -15.16 -26.32 -13.09
N GLY F 185 -15.50 -25.50 -12.11
CA GLY F 185 -14.68 -25.37 -10.90
C GLY F 185 -13.74 -24.18 -10.88
N HIS F 186 -13.58 -23.51 -12.02
CA HIS F 186 -12.69 -22.34 -12.09
C HIS F 186 -13.48 -21.08 -12.37
N PRO F 187 -13.70 -20.26 -11.32
CA PRO F 187 -14.49 -19.04 -11.43
C PRO F 187 -13.89 -18.02 -12.40
N GLU F 188 -12.57 -18.00 -12.49
CA GLU F 188 -11.87 -17.05 -13.36
C GLU F 188 -11.89 -17.44 -14.82
N LEU F 189 -12.14 -18.72 -15.10
CA LEU F 189 -12.18 -19.19 -16.48
C LEU F 189 -13.36 -18.57 -17.21
N LYS F 190 -13.06 -17.92 -18.33
CA LYS F 190 -14.06 -17.12 -19.03
C LYS F 190 -14.47 -17.69 -20.38
N TYR F 191 -13.59 -18.48 -20.98
CA TYR F 191 -13.86 -19.03 -22.30
C TYR F 191 -13.24 -20.40 -22.52
N VAL F 192 -14.10 -21.36 -22.87
CA VAL F 192 -13.65 -22.70 -23.23
C VAL F 192 -14.14 -23.01 -24.65
N ALA F 193 -13.33 -23.74 -25.41
CA ALA F 193 -13.70 -24.09 -26.78
C ALA F 193 -12.95 -25.31 -27.27
N THR F 194 -13.57 -26.06 -28.18
CA THR F 194 -12.90 -27.15 -28.87
C THR F 194 -12.87 -26.83 -30.36
N ALA F 195 -11.73 -27.05 -30.99
CA ALA F 195 -11.55 -26.72 -32.41
C ALA F 195 -10.90 -27.86 -33.18
N SER F 196 -10.98 -27.78 -34.51
CA SER F 196 -10.37 -28.78 -35.38
C SER F 196 -9.72 -28.12 -36.58
N ILE F 197 -8.63 -28.71 -37.07
CA ILE F 197 -7.92 -28.16 -38.22
C ILE F 197 -8.74 -28.30 -39.50
N GLY F 198 -9.77 -29.14 -39.46
CA GLY F 198 -10.68 -29.27 -40.58
C GLY F 198 -11.42 -27.96 -40.79
N TRP F 199 -11.57 -27.20 -39.71
CA TRP F 199 -12.22 -25.89 -39.77
C TRP F 199 -11.26 -24.80 -39.31
N PRO F 200 -10.40 -24.34 -40.23
CA PRO F 200 -9.33 -23.38 -39.94
C PRO F 200 -9.84 -22.01 -39.52
N VAL F 201 -10.89 -21.51 -40.15
CA VAL F 201 -11.44 -20.22 -39.83
C VAL F 201 -12.08 -20.22 -38.44
N ASP F 202 -12.87 -21.26 -38.18
CA ASP F 202 -13.50 -21.45 -36.88
C ASP F 202 -12.46 -21.56 -35.78
N LEU F 203 -11.36 -22.24 -36.11
CA LEU F 203 -10.23 -22.40 -35.20
C LEU F 203 -9.62 -21.06 -34.83
N MET F 204 -9.28 -20.27 -35.85
CA MET F 204 -8.63 -18.98 -35.64
C MET F 204 -9.52 -18.01 -34.89
N ASN F 205 -10.82 -18.07 -35.16
CA ASN F 205 -11.79 -17.21 -34.49
C ASN F 205 -11.88 -17.56 -33.01
N LYS F 206 -11.87 -18.85 -32.70
CA LYS F 206 -11.89 -19.31 -31.31
C LYS F 206 -10.65 -18.88 -30.56
N VAL F 207 -9.50 -18.92 -31.24
CA VAL F 207 -8.25 -18.47 -30.67
C VAL F 207 -8.31 -16.97 -30.36
N ARG F 208 -8.73 -16.19 -31.34
CA ARG F 208 -8.86 -14.75 -31.18
C ARG F 208 -9.90 -14.40 -30.12
N LYS F 209 -10.93 -15.23 -30.02
CA LYS F 209 -11.96 -15.01 -29.02
C LYS F 209 -11.40 -15.24 -27.63
N GLY F 210 -10.55 -16.24 -27.48
CA GLY F 210 -9.90 -16.53 -26.22
C GLY F 210 -8.91 -15.45 -25.82
N LEU F 211 -8.21 -14.90 -26.81
CA LEU F 211 -7.22 -13.86 -26.57
C LEU F 211 -7.89 -12.56 -26.15
N ASN F 212 -9.09 -12.32 -26.67
CA ASN F 212 -9.83 -11.10 -26.39
C ASN F 212 -10.39 -11.05 -24.97
N GLN F 213 -10.44 -12.21 -24.31
CA GLN F 213 -11.02 -12.33 -22.97
C GLN F 213 -10.17 -11.71 -21.87
N GLU F 214 -10.83 -11.24 -20.82
CA GLU F 214 -10.17 -10.59 -19.69
C GLU F 214 -9.77 -11.64 -18.66
N GLY F 215 -9.35 -12.81 -19.12
CA GLY F 215 -8.93 -13.86 -18.23
C GLY F 215 -8.34 -15.03 -18.95
N PRO F 216 -8.16 -16.15 -18.24
CA PRO F 216 -7.62 -17.39 -18.81
C PRO F 216 -8.60 -18.00 -19.79
N ALA F 217 -8.09 -18.51 -20.90
CA ALA F 217 -8.93 -19.19 -21.88
C ALA F 217 -8.32 -20.55 -22.21
N TYR F 218 -9.16 -21.50 -22.59
CA TYR F 218 -8.70 -22.84 -22.93
C TYR F 218 -9.35 -23.35 -24.20
N ILE F 219 -8.51 -23.81 -25.13
CA ILE F 219 -8.98 -24.33 -26.40
C ILE F 219 -8.39 -25.70 -26.71
N HIS F 220 -9.24 -26.71 -26.74
CA HIS F 220 -8.83 -28.08 -27.02
C HIS F 220 -8.94 -28.36 -28.52
N ILE F 221 -7.80 -28.41 -29.20
CA ILE F 221 -7.78 -28.58 -30.64
C ILE F 221 -7.46 -30.00 -31.09
N HIS F 222 -8.28 -30.52 -32.00
CA HIS F 222 -8.08 -31.85 -32.54
C HIS F 222 -7.08 -31.81 -33.69
N ALA F 223 -5.97 -32.52 -33.53
CA ALA F 223 -4.91 -32.49 -34.54
C ALA F 223 -4.47 -33.90 -34.90
N PRO F 224 -5.06 -34.45 -35.98
CA PRO F 224 -4.75 -35.80 -36.49
C PRO F 224 -3.26 -36.03 -36.73
N CYS F 225 -2.78 -37.21 -36.31
CA CYS F 225 -1.38 -37.57 -36.45
C CYS F 225 -1.23 -38.73 -37.44
N PRO F 226 -0.79 -38.42 -38.66
CA PRO F 226 -0.60 -39.43 -39.71
C PRO F 226 0.35 -40.54 -39.30
N LYS F 227 1.44 -40.17 -38.63
CA LYS F 227 2.43 -41.13 -38.16
C LYS F 227 1.88 -42.01 -37.04
N GLY F 228 1.18 -41.39 -36.10
CA GLY F 228 0.68 -42.08 -34.93
C GLY F 228 -0.61 -42.85 -35.15
N TRP F 229 -1.51 -42.28 -35.94
CA TRP F 229 -2.80 -42.91 -36.20
C TRP F 229 -2.69 -43.82 -37.41
N GLN F 230 -1.53 -43.79 -38.07
CA GLN F 230 -1.23 -44.62 -39.23
C GLN F 230 -2.19 -44.42 -40.40
N PHE F 231 -2.04 -43.28 -41.08
CA PHE F 231 -2.80 -43.01 -42.30
C PHE F 231 -1.97 -42.11 -43.21
N PRO F 232 -2.23 -42.17 -44.54
CA PRO F 232 -1.49 -41.38 -45.53
C PRO F 232 -1.36 -39.90 -45.17
N ALA F 233 -0.27 -39.29 -45.63
CA ALA F 233 0.07 -37.91 -45.27
C ALA F 233 -0.86 -36.88 -45.91
N ASP F 234 -1.67 -37.30 -46.87
CA ASP F 234 -2.57 -36.36 -47.57
C ASP F 234 -4.03 -36.58 -47.22
N LYS F 235 -4.29 -37.22 -46.08
CA LYS F 235 -5.66 -37.46 -45.64
C LYS F 235 -5.92 -36.91 -44.25
N THR F 236 -5.06 -36.02 -43.80
CA THR F 236 -5.14 -35.45 -42.46
C THR F 236 -6.40 -34.58 -42.30
N ILE F 237 -6.75 -33.82 -43.33
CA ILE F 237 -7.92 -32.96 -43.26
C ILE F 237 -9.18 -33.81 -43.40
N GLU F 238 -9.06 -34.92 -44.14
CA GLU F 238 -10.17 -35.87 -44.25
C GLU F 238 -10.41 -36.56 -42.91
N MET F 239 -9.35 -36.77 -42.14
CA MET F 239 -9.50 -37.35 -40.81
C MET F 239 -10.10 -36.35 -39.82
N ALA F 240 -9.70 -35.09 -39.96
CA ALA F 240 -10.20 -34.03 -39.09
C ALA F 240 -11.69 -33.78 -39.30
N LYS F 241 -12.10 -33.74 -40.56
CA LYS F 241 -13.52 -33.54 -40.88
C LYS F 241 -14.34 -34.76 -40.51
N LEU F 242 -13.79 -35.94 -40.75
CA LEU F 242 -14.50 -37.18 -40.45
C LEU F 242 -14.69 -37.37 -38.95
N ALA F 243 -13.71 -36.94 -38.16
CA ALA F 243 -13.75 -37.09 -36.70
C ALA F 243 -14.93 -36.34 -36.09
N VAL F 244 -15.26 -35.20 -36.70
CA VAL F 244 -16.39 -34.38 -36.25
C VAL F 244 -17.70 -34.96 -36.80
N GLN F 245 -17.66 -35.36 -38.07
CA GLN F 245 -18.84 -35.90 -38.74
C GLN F 245 -19.25 -37.26 -38.21
N THR F 246 -18.40 -37.87 -37.40
CA THR F 246 -18.69 -39.19 -36.85
C THR F 246 -18.88 -39.13 -35.33
N GLY F 247 -18.60 -37.97 -34.74
CA GLY F 247 -18.84 -37.76 -33.33
C GLY F 247 -17.66 -38.08 -32.42
N MET F 248 -16.52 -38.42 -33.01
CA MET F 248 -15.31 -38.70 -32.25
C MET F 248 -14.77 -37.44 -31.59
N PHE F 249 -14.98 -36.31 -32.24
CA PHE F 249 -14.58 -35.02 -31.67
C PHE F 249 -15.74 -34.05 -31.78
N GLN F 250 -16.02 -33.33 -30.70
CA GLN F 250 -17.16 -32.43 -30.65
C GLN F 250 -16.73 -30.96 -30.68
N LEU F 251 -17.26 -30.22 -31.65
CA LEU F 251 -16.95 -28.80 -31.79
C LEU F 251 -17.99 -27.93 -31.11
N TYR F 252 -17.56 -27.18 -30.10
CA TYR F 252 -18.48 -26.32 -29.36
C TYR F 252 -17.77 -25.20 -28.59
N GLU F 253 -18.57 -24.34 -27.99
CA GLU F 253 -18.09 -23.31 -27.08
C GLU F 253 -18.89 -23.37 -25.80
N TYR F 254 -18.29 -23.84 -24.72
CA TYR F 254 -19.00 -23.92 -23.45
C TYR F 254 -18.82 -22.62 -22.70
N GLU F 255 -19.87 -21.80 -22.71
CA GLU F 255 -19.84 -20.49 -22.07
C GLU F 255 -21.06 -20.26 -21.20
N ASN F 256 -20.82 -19.69 -20.02
CA ASN F 256 -21.89 -19.35 -19.08
C ASN F 256 -22.76 -20.55 -18.72
N GLY F 257 -22.14 -21.73 -18.69
CA GLY F 257 -22.83 -22.92 -18.24
C GLY F 257 -23.63 -23.61 -19.34
N GLU F 258 -23.51 -23.08 -20.55
CA GLU F 258 -24.28 -23.62 -21.67
C GLU F 258 -23.42 -23.88 -22.91
N TYR F 259 -23.69 -25.01 -23.57
CA TYR F 259 -22.98 -25.40 -24.77
C TYR F 259 -23.53 -24.77 -26.05
N LYS F 260 -22.63 -24.32 -26.91
CA LYS F 260 -23.01 -23.80 -28.22
C LYS F 260 -22.24 -24.54 -29.31
N LEU F 261 -22.94 -25.44 -30.02
CA LEU F 261 -22.31 -26.24 -31.06
C LEU F 261 -21.82 -25.36 -32.21
N SER F 262 -20.65 -25.70 -32.74
CA SER F 262 -19.99 -24.87 -33.76
C SER F 262 -20.37 -25.26 -35.19
N VAL F 263 -20.33 -26.55 -35.48
CA VAL F 263 -20.67 -27.03 -36.81
C VAL F 263 -21.98 -27.82 -36.75
N LYS F 264 -22.81 -27.64 -37.78
CA LYS F 264 -24.12 -28.28 -37.84
C LYS F 264 -24.08 -29.64 -38.51
N VAL F 265 -24.18 -30.69 -37.69
CA VAL F 265 -24.20 -32.05 -38.20
C VAL F 265 -25.63 -32.56 -38.44
N ASP F 266 -26.06 -32.49 -39.70
CA ASP F 266 -27.40 -32.94 -40.05
C ASP F 266 -27.54 -34.44 -39.79
N LYS F 267 -26.51 -35.19 -40.17
CA LYS F 267 -26.47 -36.63 -39.92
C LYS F 267 -25.03 -37.06 -39.66
N ARG F 268 -24.83 -37.79 -38.57
CA ARG F 268 -23.49 -38.27 -38.22
C ARG F 268 -23.26 -39.73 -38.62
N LYS F 269 -22.12 -39.98 -39.25
CA LYS F 269 -21.72 -41.33 -39.67
C LYS F 269 -21.30 -42.21 -38.49
N PRO F 270 -21.41 -43.53 -38.66
CA PRO F 270 -20.90 -44.46 -37.65
C PRO F 270 -19.37 -44.34 -37.50
N VAL F 271 -18.87 -44.68 -36.32
CA VAL F 271 -17.44 -44.53 -36.05
C VAL F 271 -16.59 -45.49 -36.88
N SER F 272 -17.20 -46.58 -37.34
CA SER F 272 -16.47 -47.59 -38.11
C SER F 272 -15.96 -47.03 -39.43
N GLU F 273 -16.70 -46.09 -40.00
CA GLU F 273 -16.32 -45.47 -41.26
C GLU F 273 -15.17 -44.48 -41.06
N TYR F 274 -14.76 -44.30 -39.82
CA TYR F 274 -13.71 -43.37 -39.45
C TYR F 274 -12.50 -44.12 -38.90
N MET F 275 -12.79 -45.23 -38.22
CA MET F 275 -11.75 -46.02 -37.58
C MET F 275 -11.11 -47.02 -38.55
N LYS F 276 -11.81 -47.32 -39.64
CA LYS F 276 -11.33 -48.28 -40.62
C LYS F 276 -10.24 -47.66 -41.49
N LEU F 277 -10.16 -46.33 -41.48
CA LEU F 277 -9.19 -45.61 -42.29
C LEU F 277 -7.89 -45.40 -41.51
N GLN F 278 -7.87 -45.91 -40.28
CA GLN F 278 -6.72 -45.78 -39.40
C GLN F 278 -6.27 -47.15 -38.90
N LYS F 279 -5.00 -47.48 -39.12
CA LYS F 279 -4.50 -48.80 -38.78
C LYS F 279 -4.33 -48.99 -37.28
N ARG F 280 -4.55 -47.93 -36.51
CA ARG F 280 -4.47 -48.02 -35.06
C ARG F 280 -5.72 -48.69 -34.47
N PHE F 281 -6.77 -48.79 -35.28
CA PHE F 281 -7.98 -49.49 -34.89
C PHE F 281 -8.18 -50.77 -35.68
N ALA F 282 -7.17 -51.15 -36.46
CA ALA F 282 -7.28 -52.26 -37.41
C ALA F 282 -7.42 -53.63 -36.73
N HIS F 283 -7.22 -53.68 -35.42
CA HIS F 283 -7.25 -54.94 -34.69
C HIS F 283 -8.59 -55.19 -34.01
N LEU F 284 -9.42 -54.16 -33.96
CA LEU F 284 -10.67 -54.21 -33.21
C LEU F 284 -11.75 -55.04 -33.90
N LYS F 285 -12.47 -55.83 -33.10
CA LYS F 285 -13.60 -56.61 -33.56
C LYS F 285 -14.91 -55.83 -33.46
N PRO F 286 -15.96 -56.26 -34.21
CA PRO F 286 -17.25 -55.55 -34.21
C PRO F 286 -17.86 -55.31 -32.82
N GLU F 287 -17.41 -56.04 -31.81
CA GLU F 287 -17.89 -55.79 -30.46
C GLU F 287 -17.26 -54.52 -29.90
N HIS F 288 -16.02 -54.28 -30.28
CA HIS F 288 -15.29 -53.10 -29.83
C HIS F 288 -15.82 -51.83 -30.47
N ILE F 289 -16.13 -51.92 -31.76
CA ILE F 289 -16.69 -50.78 -32.50
C ILE F 289 -18.04 -50.36 -31.90
N ALA F 290 -18.81 -51.34 -31.45
CA ALA F 290 -20.11 -51.07 -30.82
C ALA F 290 -19.92 -50.33 -29.51
N LYS F 291 -18.94 -50.77 -28.72
CA LYS F 291 -18.63 -50.14 -27.45
C LYS F 291 -18.13 -48.72 -27.66
N MET F 292 -17.36 -48.51 -28.72
CA MET F 292 -16.91 -47.17 -29.09
C MET F 292 -18.10 -46.29 -29.45
N GLN F 293 -19.01 -46.84 -30.24
CA GLN F 293 -20.18 -46.11 -30.70
C GLN F 293 -21.09 -45.72 -29.53
N ALA F 294 -21.32 -46.66 -28.62
CA ALA F 294 -22.12 -46.40 -27.43
C ALA F 294 -21.51 -45.28 -26.60
N PHE F 295 -20.18 -45.27 -26.53
CA PHE F 295 -19.45 -44.23 -25.81
C PHE F 295 -19.59 -42.89 -26.52
N VAL F 296 -19.50 -42.91 -27.84
CA VAL F 296 -19.61 -41.69 -28.64
C VAL F 296 -21.02 -41.10 -28.52
N ASP F 297 -22.01 -41.99 -28.48
CA ASP F 297 -23.40 -41.57 -28.30
C ASP F 297 -23.56 -40.83 -26.97
N ALA F 298 -23.00 -41.41 -25.91
CA ALA F 298 -23.03 -40.79 -24.58
C ALA F 298 -22.25 -39.49 -24.57
N ARG F 299 -21.14 -39.46 -25.31
CA ARG F 299 -20.29 -38.27 -25.40
C ARG F 299 -20.99 -37.16 -26.18
N CYS F 300 -21.76 -37.55 -27.19
CA CYS F 300 -22.47 -36.58 -28.02
C CYS F 300 -23.68 -36.03 -27.28
N ALA F 301 -24.23 -36.83 -26.38
CA ALA F 301 -25.38 -36.38 -25.57
C ALA F 301 -24.95 -35.24 -24.64
N GLU F 302 -23.72 -35.31 -24.16
CA GLU F 302 -23.20 -34.33 -23.20
C GLU F 302 -23.14 -32.93 -23.81
N VAL F 303 -22.89 -32.86 -25.11
CA VAL F 303 -22.75 -31.56 -25.77
C VAL F 303 -24.05 -31.10 -26.44
N GLY F 304 -24.94 -32.05 -26.73
CA GLY F 304 -26.25 -31.71 -27.26
C GLY F 304 -26.55 -32.27 -28.63
N ILE F 305 -25.73 -33.21 -29.08
CA ILE F 305 -25.98 -33.89 -30.35
C ILE F 305 -27.02 -35.00 -30.16
N THR F 306 -28.25 -34.72 -30.55
CA THR F 306 -29.35 -35.63 -30.31
C THR F 306 -29.71 -36.46 -31.53
N VAL F 307 -29.17 -36.06 -32.68
CA VAL F 307 -29.45 -36.76 -33.94
C VAL F 307 -28.94 -38.21 -33.87
N PRO F 308 -29.68 -39.13 -34.51
CA PRO F 308 -29.29 -40.55 -34.51
C PRO F 308 -28.15 -40.83 -35.47
N VAL F 309 -27.55 -42.01 -35.37
CA VAL F 309 -26.44 -42.38 -36.25
C VAL F 309 -26.96 -42.96 -37.56
N VAL F 310 -26.45 -42.44 -38.67
CA VAL F 310 -26.85 -42.93 -39.99
C VAL F 310 -25.83 -43.91 -40.55
N GLY G 2 -37.14 4.08 1.14
CA GLY G 2 -36.79 5.48 1.16
C GLY G 2 -37.98 6.39 0.89
N LYS G 3 -38.39 7.15 1.91
CA LYS G 3 -39.50 8.10 1.77
C LYS G 3 -39.06 9.29 0.92
N VAL G 4 -39.80 9.57 -0.14
CA VAL G 4 -39.48 10.69 -1.03
C VAL G 4 -40.17 11.97 -0.59
N ARG G 5 -39.38 13.02 -0.43
CA ARG G 5 -39.92 14.32 -0.03
C ARG G 5 -39.43 15.42 -0.97
N ASN G 6 -40.24 16.46 -1.11
CA ASN G 6 -39.86 17.60 -1.95
C ASN G 6 -39.22 18.66 -1.07
N ILE G 7 -37.95 18.47 -0.74
CA ILE G 7 -37.25 19.35 0.20
C ILE G 7 -36.13 20.13 -0.46
N SER G 8 -35.67 21.19 0.21
CA SER G 8 -34.58 22.00 -0.30
C SER G 8 -33.24 21.31 -0.12
N GLY G 9 -32.18 21.97 -0.57
CA GLY G 9 -30.84 21.44 -0.43
C GLY G 9 -30.37 21.50 1.01
N CYS G 10 -30.69 22.59 1.70
CA CYS G 10 -30.30 22.77 3.09
C CYS G 10 -30.80 21.64 3.97
N VAL G 11 -32.09 21.32 3.82
CA VAL G 11 -32.71 20.25 4.57
C VAL G 11 -32.17 18.88 4.16
N ALA G 12 -31.88 18.74 2.88
CA ALA G 12 -31.37 17.47 2.33
C ALA G 12 -30.03 17.11 2.96
N VAL G 13 -29.15 18.10 3.08
CA VAL G 13 -27.85 17.89 3.71
C VAL G 13 -28.01 17.53 5.18
N ALA G 14 -28.91 18.24 5.86
CA ALA G 14 -29.16 18.03 7.27
C ALA G 14 -29.64 16.61 7.57
N HIS G 15 -30.44 16.06 6.67
CA HIS G 15 -30.93 14.69 6.83
C HIS G 15 -29.78 13.70 6.65
N GLY G 16 -28.82 14.06 5.81
CA GLY G 16 -27.63 13.26 5.63
C GLY G 16 -26.74 13.29 6.87
N VAL G 17 -26.67 14.46 7.49
CA VAL G 17 -25.93 14.65 8.73
C VAL G 17 -26.61 13.85 9.84
N ARG G 18 -27.93 13.83 9.80
CA ARG G 18 -28.74 13.07 10.75
C ARG G 18 -28.49 11.57 10.61
N LEU G 19 -28.46 11.09 9.36
CA LEU G 19 -28.24 9.67 9.09
C LEU G 19 -26.79 9.26 9.35
N ALA G 20 -25.89 10.25 9.43
CA ALA G 20 -24.49 9.98 9.71
C ALA G 20 -24.24 9.84 11.21
N ASP G 21 -25.26 10.16 12.00
CA ASP G 21 -25.19 10.11 13.46
C ASP G 21 -24.01 10.94 13.96
N VAL G 22 -23.88 12.14 13.41
CA VAL G 22 -22.81 13.06 13.77
C VAL G 22 -22.89 13.38 15.25
N ASP G 23 -21.75 13.41 15.93
CA ASP G 23 -21.72 13.57 17.38
C ASP G 23 -21.55 15.03 17.78
N VAL G 24 -20.76 15.76 17.00
CA VAL G 24 -20.52 17.18 17.29
C VAL G 24 -20.81 18.06 16.08
N ILE G 25 -21.63 19.08 16.29
CA ILE G 25 -21.93 20.05 15.25
C ILE G 25 -21.64 21.46 15.75
N CYS G 26 -20.82 22.20 15.01
CA CYS G 26 -20.55 23.58 15.36
C CYS G 26 -21.12 24.51 14.31
N SER G 27 -21.85 25.53 14.75
CA SER G 27 -22.61 26.37 13.85
C SER G 27 -22.19 27.83 13.86
N TYR G 28 -22.66 28.56 12.85
CA TYR G 28 -22.53 30.01 12.74
C TYR G 28 -23.39 30.50 11.58
N PRO G 29 -24.00 31.69 11.73
CA PRO G 29 -24.89 32.15 10.67
C PRO G 29 -24.18 32.85 9.50
N ILE G 30 -24.49 32.39 8.30
CA ILE G 30 -24.14 33.10 7.06
C ILE G 30 -24.96 32.54 5.90
N ARG G 31 -25.51 33.47 5.11
CA ARG G 31 -26.34 33.13 3.96
C ARG G 31 -25.50 32.54 2.83
N PRO G 32 -26.01 31.51 2.13
CA PRO G 32 -27.30 30.84 2.27
C PRO G 32 -27.22 29.46 2.92
N TYR G 33 -26.16 29.20 3.69
CA TYR G 33 -25.97 27.89 4.29
C TYR G 33 -26.67 27.78 5.64
N THR G 34 -27.05 28.90 6.21
CA THR G 34 -27.65 28.97 7.54
C THR G 34 -28.76 27.94 7.74
N GLY G 35 -29.58 27.77 6.71
CA GLY G 35 -30.70 26.84 6.75
C GLY G 35 -30.30 25.42 7.11
N ILE G 36 -29.04 25.05 6.81
CA ILE G 36 -28.53 23.74 7.15
C ILE G 36 -28.51 23.56 8.66
N MET G 37 -27.89 24.51 9.34
CA MET G 37 -27.75 24.46 10.79
C MET G 37 -29.07 24.61 11.52
N SER G 38 -29.96 25.42 10.96
CA SER G 38 -31.27 25.65 11.56
C SER G 38 -32.11 24.38 11.61
N GLU G 39 -32.05 23.60 10.53
CA GLU G 39 -32.75 22.32 10.48
C GLU G 39 -32.04 21.33 11.39
N LEU G 40 -30.71 21.37 11.38
CA LEU G 40 -29.92 20.52 12.26
C LEU G 40 -30.15 20.88 13.72
N ALA G 41 -30.32 22.18 13.99
CA ALA G 41 -30.61 22.64 15.34
C ALA G 41 -31.98 22.16 15.78
N ARG G 42 -32.91 22.11 14.84
CA ARG G 42 -34.27 21.65 15.13
C ARG G 42 -34.30 20.16 15.41
N MET G 43 -33.55 19.40 14.62
CA MET G 43 -33.49 17.95 14.78
C MET G 43 -32.96 17.58 16.15
N VAL G 44 -31.98 18.35 16.62
CA VAL G 44 -31.40 18.15 17.94
C VAL G 44 -32.39 18.55 19.04
N ALA G 45 -33.01 19.70 18.86
CA ALA G 45 -33.97 20.21 19.84
C ALA G 45 -35.17 19.28 19.95
N ASP G 46 -35.53 18.64 18.85
CA ASP G 46 -36.68 17.74 18.82
C ASP G 46 -36.30 16.29 19.14
N GLY G 47 -35.01 16.04 19.32
CA GLY G 47 -34.56 14.70 19.66
C GLY G 47 -34.49 13.79 18.45
N GLU G 48 -34.49 14.39 17.26
CA GLU G 48 -34.36 13.63 16.03
C GLU G 48 -32.91 13.19 15.85
N LEU G 49 -32.00 13.95 16.46
CA LEU G 49 -30.57 13.62 16.41
C LEU G 49 -29.91 13.95 17.74
N ASP G 50 -29.14 13.00 18.26
CA ASP G 50 -28.37 13.24 19.48
C ASP G 50 -26.97 13.70 19.09
N ALA G 51 -26.72 14.99 19.26
CA ALA G 51 -25.45 15.58 18.88
C ALA G 51 -25.18 16.86 19.67
N GLU G 52 -23.90 17.16 19.87
CA GLU G 52 -23.54 18.41 20.51
C GLU G 52 -23.62 19.55 19.50
N PHE G 53 -24.55 20.47 19.74
CA PHE G 53 -24.74 21.60 18.86
C PHE G 53 -24.01 22.81 19.42
N VAL G 54 -22.76 22.96 19.02
CA VAL G 54 -21.88 23.99 19.58
C VAL G 54 -22.07 25.32 18.87
N HIS G 55 -22.28 26.38 19.65
CA HIS G 55 -22.45 27.72 19.10
C HIS G 55 -21.11 28.42 18.93
N GLY G 56 -20.50 28.25 17.76
CA GLY G 56 -19.23 28.88 17.46
C GLY G 56 -19.36 30.39 17.36
N GLU G 57 -18.30 31.09 17.71
CA GLU G 57 -18.30 32.55 17.64
C GLU G 57 -17.95 33.03 16.24
N GLY G 58 -17.56 32.08 15.39
CA GLY G 58 -17.17 32.39 14.03
C GLY G 58 -16.76 31.14 13.29
N GLU G 59 -16.46 31.27 12.00
CA GLU G 59 -16.11 30.12 11.17
C GLU G 59 -14.72 29.58 11.48
N HIS G 60 -13.78 30.46 11.77
CA HIS G 60 -12.45 30.05 12.18
C HIS G 60 -12.54 29.18 13.42
N ALA G 61 -13.45 29.55 14.30
CA ALA G 61 -13.70 28.77 15.51
C ALA G 61 -14.44 27.48 15.19
N GLN G 62 -15.38 27.55 14.25
CA GLN G 62 -16.17 26.39 13.85
C GLN G 62 -15.32 25.19 13.49
N LEU G 63 -14.39 25.39 12.55
CA LEU G 63 -13.52 24.32 12.11
C LEU G 63 -12.49 23.97 13.18
N SER G 64 -12.21 24.93 14.05
CA SER G 64 -11.28 24.71 15.15
C SER G 64 -11.91 23.79 16.19
N VAL G 65 -13.20 23.99 16.42
CA VAL G 65 -13.93 23.15 17.36
C VAL G 65 -13.96 21.70 16.89
N VAL G 66 -14.46 21.50 15.68
CA VAL G 66 -14.60 20.16 15.11
C VAL G 66 -13.25 19.50 14.86
N TYR G 67 -12.20 20.33 14.78
CA TYR G 67 -10.83 19.85 14.69
C TYR G 67 -10.50 19.01 15.92
N GLY G 68 -10.67 19.61 17.10
CA GLY G 68 -10.41 18.93 18.35
C GLY G 68 -11.41 17.81 18.61
N ALA G 69 -12.62 17.99 18.09
CA ALA G 69 -13.67 16.99 18.26
C ALA G 69 -13.39 15.74 17.44
N SER G 70 -12.86 15.91 16.24
CA SER G 70 -12.49 14.78 15.40
C SER G 70 -11.28 14.06 16.00
N ALA G 71 -10.38 14.84 16.58
CA ALA G 71 -9.20 14.28 17.22
C ALA G 71 -9.57 13.50 18.47
N ALA G 72 -10.74 13.79 19.03
CA ALA G 72 -11.23 13.09 20.19
C ALA G 72 -12.06 11.86 19.78
N GLY G 73 -12.10 11.60 18.48
CA GLY G 73 -12.69 10.38 17.96
C GLY G 73 -14.16 10.47 17.59
N ALA G 74 -14.68 11.69 17.48
CA ALA G 74 -16.09 11.87 17.18
C ALA G 74 -16.30 12.24 15.71
N ARG G 75 -17.40 11.75 15.12
CA ARG G 75 -17.76 12.17 13.77
C ARG G 75 -18.29 13.59 13.86
N VAL G 76 -17.74 14.49 13.05
CA VAL G 76 -18.06 15.90 13.18
C VAL G 76 -18.62 16.50 11.91
N PHE G 77 -19.32 17.63 12.07
CA PHE G 77 -19.85 18.35 10.94
C PHE G 77 -19.96 19.86 11.21
N THR G 78 -19.63 20.65 10.20
CA THR G 78 -19.84 22.08 10.24
C THR G 78 -20.02 22.58 8.81
N GLY G 79 -20.00 23.89 8.63
CA GLY G 79 -20.15 24.45 7.29
C GLY G 79 -20.17 25.96 7.25
N SER G 80 -20.10 26.52 6.05
CA SER G 80 -20.15 27.97 5.88
C SER G 80 -20.36 28.39 4.42
N SER G 81 -20.21 29.69 4.18
CA SER G 81 -20.45 30.27 2.87
C SER G 81 -19.61 31.53 2.68
N GLY G 82 -19.36 31.90 1.43
CA GLY G 82 -18.71 33.16 1.10
C GLY G 82 -17.44 33.48 1.88
N VAL G 83 -17.44 34.63 2.54
CA VAL G 83 -16.31 35.08 3.35
C VAL G 83 -16.19 34.29 4.65
N GLY G 84 -17.18 33.47 4.94
CA GLY G 84 -17.10 32.57 6.07
C GLY G 84 -16.11 31.46 5.76
N VAL G 85 -16.05 31.09 4.49
CA VAL G 85 -15.12 30.06 4.03
C VAL G 85 -13.68 30.53 4.10
N THR G 86 -13.46 31.79 3.72
CA THR G 86 -12.12 32.38 3.70
C THR G 86 -11.67 32.81 5.10
N TYR G 87 -12.61 32.95 6.02
CA TYR G 87 -12.30 33.32 7.39
C TYR G 87 -11.64 32.16 8.13
N ALA G 88 -12.09 30.95 7.82
CA ALA G 88 -11.56 29.76 8.48
C ALA G 88 -10.42 29.13 7.68
N MET G 89 -9.80 29.91 6.80
CA MET G 89 -8.80 29.39 5.87
C MET G 89 -7.58 28.78 6.57
N GLU G 90 -7.16 29.38 7.67
CA GLU G 90 -5.97 28.92 8.38
C GLU G 90 -6.13 27.50 8.91
N VAL G 91 -7.35 27.15 9.30
CA VAL G 91 -7.61 25.89 9.98
C VAL G 91 -7.66 24.70 9.03
N TYR G 92 -7.83 24.96 7.74
CA TYR G 92 -7.98 23.89 6.76
C TYR G 92 -6.77 22.97 6.72
N SER G 93 -5.57 23.55 6.66
CA SER G 93 -4.34 22.78 6.55
C SER G 93 -4.00 21.87 7.73
N PRO G 94 -4.14 22.37 8.98
CA PRO G 94 -3.89 21.45 10.11
C PRO G 94 -4.85 20.27 10.15
N ILE G 95 -6.09 20.48 9.72
CA ILE G 95 -7.08 19.42 9.73
C ILE G 95 -6.68 18.30 8.78
N SER G 96 -6.27 18.69 7.57
CA SER G 96 -5.82 17.71 6.57
C SER G 96 -4.50 17.08 7.00
N GLY G 97 -3.59 17.92 7.49
CA GLY G 97 -2.27 17.47 7.88
C GLY G 97 -2.29 16.54 9.08
N GLU G 98 -3.31 16.69 9.92
CA GLU G 98 -3.48 15.80 11.06
C GLU G 98 -4.43 14.67 10.71
N ARG G 99 -4.77 14.59 9.43
CA ARG G 99 -5.61 13.51 8.92
C ARG G 99 -6.93 13.41 9.68
N LEU G 100 -7.67 14.51 9.72
CA LEU G 100 -8.95 14.53 10.40
C LEU G 100 -10.08 14.72 9.41
N PRO G 101 -10.86 13.64 9.17
CA PRO G 101 -11.94 13.64 8.19
C PRO G 101 -13.13 14.52 8.59
N VAL G 102 -12.84 15.79 8.83
CA VAL G 102 -13.85 16.79 9.11
C VAL G 102 -14.64 17.12 7.85
N GLN G 103 -15.96 17.00 7.92
CA GLN G 103 -16.78 17.39 6.79
C GLN G 103 -17.32 18.80 6.96
N MET G 104 -17.13 19.63 5.94
CA MET G 104 -17.66 20.99 5.96
C MET G 104 -18.52 21.24 4.73
N ALA G 105 -19.81 21.47 4.97
CA ALA G 105 -20.73 21.77 3.90
C ALA G 105 -20.55 23.22 3.47
N ILE G 106 -20.40 23.44 2.17
CA ILE G 106 -20.26 24.81 1.69
C ILE G 106 -21.36 25.11 0.68
N ALA G 107 -22.33 25.89 1.11
CA ALA G 107 -23.31 26.47 0.21
C ALA G 107 -22.69 27.73 -0.37
N ASP G 108 -22.26 27.67 -1.62
CA ASP G 108 -21.45 28.74 -2.21
C ASP G 108 -22.10 30.11 -2.08
N ARG G 109 -21.26 31.12 -1.88
CA ARG G 109 -21.69 32.49 -1.79
C ARG G 109 -20.57 33.39 -2.27
N THR G 110 -20.91 34.46 -2.96
CA THR G 110 -19.91 35.36 -3.48
C THR G 110 -19.15 36.02 -2.34
N LEU G 111 -17.92 36.41 -2.60
CA LEU G 111 -17.12 37.08 -1.57
C LEU G 111 -17.53 38.53 -1.40
N ASP G 112 -16.79 39.24 -0.55
CA ASP G 112 -16.99 40.67 -0.38
C ASP G 112 -15.89 41.44 -1.09
N PRO G 113 -16.23 42.23 -2.12
CA PRO G 113 -17.53 42.40 -2.77
C PRO G 113 -17.78 41.26 -3.77
N PRO G 114 -18.98 41.17 -4.36
CA PRO G 114 -20.22 41.94 -4.25
C PRO G 114 -20.89 41.91 -2.87
N GLY G 115 -21.05 40.73 -2.28
CA GLY G 115 -21.67 40.67 -0.96
C GLY G 115 -22.57 39.50 -0.65
N ASP G 116 -23.69 39.82 -0.01
CA ASP G 116 -24.56 38.83 0.63
C ASP G 116 -25.68 38.31 -0.28
N PHE G 117 -25.61 38.58 -1.58
CA PHE G 117 -26.67 38.09 -2.45
C PHE G 117 -26.45 36.66 -2.90
N GLY G 118 -25.69 36.48 -3.98
CA GLY G 118 -25.68 35.23 -4.71
C GLY G 118 -24.43 34.39 -4.63
N GLU G 119 -24.43 33.28 -5.36
CA GLU G 119 -23.36 32.31 -5.25
C GLU G 119 -22.30 32.45 -6.33
N GLU G 120 -21.08 32.12 -5.94
CA GLU G 120 -19.98 31.90 -6.86
C GLU G 120 -19.18 30.75 -6.28
N HIS G 121 -18.49 30.00 -7.14
CA HIS G 121 -17.66 28.91 -6.68
C HIS G 121 -16.35 29.44 -6.12
N THR G 122 -16.18 30.76 -6.24
CA THR G 122 -14.95 31.44 -5.85
C THR G 122 -14.51 31.13 -4.42
N ASP G 123 -15.47 31.14 -3.50
CA ASP G 123 -15.17 30.91 -2.07
C ASP G 123 -14.57 29.52 -1.83
N ALA G 124 -15.23 28.49 -2.36
CA ALA G 124 -14.79 27.12 -2.15
C ALA G 124 -13.56 26.78 -2.97
N GLU G 125 -13.36 27.48 -4.08
CA GLU G 125 -12.22 27.23 -4.95
C GLU G 125 -10.92 27.81 -4.39
N CYS G 126 -11.03 28.54 -3.28
CA CYS G 126 -9.85 29.06 -2.60
C CYS G 126 -9.15 27.95 -1.80
N CYS G 127 -9.87 26.86 -1.53
CA CYS G 127 -9.36 25.77 -0.72
C CYS G 127 -8.76 24.66 -1.56
N ARG G 128 -8.31 24.99 -2.77
CA ARG G 128 -7.83 24.00 -3.72
C ARG G 128 -6.59 23.23 -3.30
N ASP G 129 -5.80 23.85 -2.41
CA ASP G 129 -4.50 23.30 -2.08
C ASP G 129 -4.45 22.64 -0.71
N GLN G 130 -5.53 22.76 0.04
CA GLN G 130 -5.52 22.37 1.44
C GLN G 130 -5.55 20.86 1.65
N GLY G 131 -5.76 20.10 0.59
CA GLY G 131 -5.70 18.66 0.68
C GLY G 131 -6.98 18.01 1.17
N TRP G 132 -8.11 18.46 0.65
CA TRP G 132 -9.40 17.89 1.02
C TRP G 132 -10.06 17.16 -0.15
N ILE G 133 -11.08 16.37 0.17
CA ILE G 133 -11.97 15.83 -0.83
C ILE G 133 -13.01 16.91 -1.14
N GLN G 134 -13.19 17.24 -2.41
CA GLN G 134 -14.05 18.35 -2.78
C GLN G 134 -14.85 18.10 -4.05
N GLY G 135 -16.14 18.42 -4.00
CA GLY G 135 -17.00 18.26 -5.16
C GLY G 135 -18.30 19.00 -4.97
N TRP G 136 -18.96 19.32 -6.09
CA TRP G 136 -20.20 20.09 -6.09
C TRP G 136 -21.42 19.22 -6.37
N ALA G 137 -22.49 19.42 -5.61
CA ALA G 137 -23.76 18.74 -5.87
C ALA G 137 -24.70 19.64 -6.66
N SER G 138 -25.29 19.08 -7.71
CA SER G 138 -26.13 19.83 -8.62
C SER G 138 -27.60 19.75 -8.26
N THR G 139 -27.95 18.75 -7.46
CA THR G 139 -29.34 18.57 -7.03
C THR G 139 -29.39 18.35 -5.53
N PRO G 140 -30.50 18.74 -4.91
CA PRO G 140 -30.74 18.49 -3.48
C PRO G 140 -30.54 17.02 -3.11
N GLN G 141 -30.94 16.13 -4.01
CA GLN G 141 -30.76 14.70 -3.79
C GLN G 141 -29.29 14.36 -3.70
N GLU G 142 -28.49 14.97 -4.56
CA GLU G 142 -27.06 14.74 -4.61
C GLU G 142 -26.36 15.33 -3.38
N ALA G 143 -26.92 16.41 -2.86
CA ALA G 143 -26.40 17.07 -1.66
C ALA G 143 -26.49 16.16 -0.44
N LEU G 144 -27.59 15.42 -0.35
CA LEU G 144 -27.77 14.45 0.72
C LEU G 144 -26.82 13.29 0.53
N ASP G 145 -26.70 12.86 -0.72
CA ASP G 145 -25.89 11.69 -1.04
C ASP G 145 -24.40 11.92 -0.82
N ASN G 146 -23.90 13.07 -1.29
CA ASN G 146 -22.50 13.41 -1.15
C ASN G 146 -22.07 13.51 0.31
N THR G 147 -23.00 13.94 1.15
CA THR G 147 -22.77 14.01 2.59
C THR G 147 -22.39 12.64 3.15
N LEU G 148 -23.17 11.63 2.81
CA LEU G 148 -22.95 10.26 3.27
C LEU G 148 -21.70 9.64 2.63
N ILE G 149 -21.54 9.85 1.33
CA ILE G 149 -20.42 9.29 0.58
C ILE G 149 -19.08 9.83 1.07
N TYR G 150 -19.00 11.15 1.23
CA TYR G 150 -17.76 11.79 1.66
C TYR G 150 -17.37 11.38 3.06
N TYR G 151 -18.35 11.04 3.88
CA TYR G 151 -18.09 10.52 5.21
C TYR G 151 -17.41 9.15 5.11
N ARG G 152 -17.93 8.30 4.24
CA ARG G 152 -17.35 6.98 4.07
C ARG G 152 -15.95 7.02 3.47
N VAL G 153 -15.77 7.82 2.42
CA VAL G 153 -14.47 7.93 1.76
C VAL G 153 -13.46 8.68 2.63
N GLY G 154 -13.89 9.79 3.21
CA GLY G 154 -13.02 10.63 4.01
C GLY G 154 -12.54 9.98 5.29
N GLU G 155 -13.40 9.16 5.89
CA GLU G 155 -13.04 8.48 7.14
C GLU G 155 -12.41 7.12 6.90
N ASP G 156 -12.26 6.73 5.63
CA ASP G 156 -11.61 5.47 5.30
C ASP G 156 -10.15 5.50 5.75
N GLN G 157 -9.68 4.43 6.38
CA GLN G 157 -8.36 4.42 6.98
C GLN G 157 -7.25 4.47 5.94
N ARG G 158 -7.60 4.30 4.67
CA ARG G 158 -6.63 4.46 3.60
C ARG G 158 -6.62 5.93 3.16
N VAL G 159 -7.61 6.69 3.61
CA VAL G 159 -7.73 8.09 3.23
C VAL G 159 -7.52 9.02 4.42
N LEU G 160 -8.48 8.99 5.35
CA LEU G 160 -8.45 9.82 6.56
C LEU G 160 -8.19 11.28 6.21
N LEU G 161 -9.09 11.85 5.40
CA LEU G 161 -8.98 13.23 4.94
C LEU G 161 -10.32 13.95 5.06
N PRO G 162 -10.28 15.26 5.35
CA PRO G 162 -11.48 16.11 5.45
C PRO G 162 -12.12 16.35 4.08
N GLN G 163 -13.40 16.68 4.06
CA GLN G 163 -14.11 16.82 2.80
C GLN G 163 -14.89 18.11 2.71
N TYR G 164 -14.92 18.70 1.51
CA TYR G 164 -15.77 19.85 1.22
C TYR G 164 -17.00 19.43 0.44
N ALA G 165 -18.09 19.16 1.15
CA ALA G 165 -19.36 18.88 0.49
C ALA G 165 -19.94 20.19 -0.03
N CYS G 166 -19.68 20.47 -1.30
CA CYS G 166 -20.08 21.75 -1.88
C CYS G 166 -21.40 21.63 -2.63
N LEU G 167 -22.16 22.71 -2.62
CA LEU G 167 -23.43 22.78 -3.33
C LEU G 167 -23.77 24.24 -3.60
N ASP G 168 -24.38 24.50 -4.76
CA ASP G 168 -24.62 25.86 -5.20
C ASP G 168 -25.56 26.63 -4.27
N GLY G 169 -25.21 27.89 -4.00
CA GLY G 169 -26.03 28.75 -3.17
C GLY G 169 -27.34 29.04 -3.86
N TYR G 170 -28.42 28.97 -3.09
CA TYR G 170 -29.80 29.17 -3.57
C TYR G 170 -30.26 28.12 -4.58
N PHE G 171 -29.51 27.96 -5.66
CA PHE G 171 -29.90 27.06 -6.75
C PHE G 171 -29.98 25.60 -6.30
N VAL G 172 -29.16 25.23 -5.32
CA VAL G 172 -29.25 23.89 -4.75
C VAL G 172 -29.75 23.98 -3.32
N SER G 173 -29.25 24.96 -2.58
CA SER G 173 -29.54 25.08 -1.15
C SER G 173 -31.00 25.41 -0.85
N HIS G 174 -31.62 26.26 -1.67
CA HIS G 174 -32.97 26.71 -1.37
C HIS G 174 -34.05 26.05 -2.23
N ILE G 175 -33.78 25.89 -3.51
CA ILE G 175 -34.80 25.37 -4.42
C ILE G 175 -35.13 23.91 -4.07
N LEU G 176 -36.41 23.65 -3.86
CA LEU G 176 -36.86 22.32 -3.49
C LEU G 176 -36.68 21.34 -4.63
N GLY G 177 -36.48 20.08 -4.28
CA GLY G 177 -36.31 19.02 -5.25
C GLY G 177 -36.66 17.70 -4.63
N PRO G 178 -37.12 16.75 -5.44
CA PRO G 178 -37.47 15.41 -4.94
C PRO G 178 -36.25 14.69 -4.39
N VAL G 179 -36.24 14.45 -3.09
CA VAL G 179 -35.13 13.78 -2.44
C VAL G 179 -35.56 12.46 -1.79
N ASP G 180 -34.95 11.37 -2.23
CA ASP G 180 -35.18 10.07 -1.63
C ASP G 180 -34.35 9.94 -0.37
N ILE G 181 -34.99 10.17 0.77
CA ILE G 181 -34.31 10.07 2.06
C ILE G 181 -34.11 8.60 2.44
N PRO G 182 -32.84 8.17 2.50
CA PRO G 182 -32.46 6.77 2.67
C PRO G 182 -32.88 6.16 4.01
N ASP G 183 -32.86 4.83 4.06
CA ASP G 183 -33.18 4.12 5.29
C ASP G 183 -31.95 3.95 6.17
N GLU G 184 -32.18 3.77 7.47
CA GLU G 184 -31.10 3.63 8.44
C GLU G 184 -30.32 2.33 8.24
N ALA G 185 -31.03 1.29 7.81
CA ALA G 185 -30.40 0.01 7.51
C ALA G 185 -29.54 0.13 6.26
N GLN G 186 -29.95 1.02 5.36
CA GLN G 186 -29.20 1.29 4.15
C GLN G 186 -27.90 2.02 4.47
N VAL G 187 -27.96 2.95 5.43
CA VAL G 187 -26.79 3.75 5.78
C VAL G 187 -25.79 2.98 6.63
N LYS G 188 -26.31 2.15 7.54
CA LYS G 188 -25.45 1.34 8.39
C LYS G 188 -24.57 0.42 7.56
N GLU G 189 -25.14 -0.10 6.49
CA GLU G 189 -24.41 -0.96 5.56
C GLU G 189 -23.37 -0.15 4.80
N PHE G 190 -23.70 1.11 4.54
CA PHE G 190 -22.85 1.98 3.73
C PHE G 190 -21.80 2.71 4.56
N LEU G 191 -22.20 3.20 5.73
CA LEU G 191 -21.32 4.05 6.52
C LEU G 191 -20.91 3.40 7.84
N PRO G 192 -19.65 2.92 7.91
CA PRO G 192 -19.08 2.40 9.15
C PRO G 192 -18.82 3.50 10.16
N PRO G 193 -18.74 3.16 11.45
CA PRO G 193 -18.42 4.16 12.48
C PRO G 193 -17.07 4.81 12.22
N TYR G 194 -16.91 6.07 12.61
CA TYR G 194 -15.66 6.79 12.41
C TYR G 194 -14.56 6.24 13.30
N LYS G 195 -13.45 5.84 12.68
CA LYS G 195 -12.30 5.34 13.41
C LYS G 195 -11.00 5.84 12.79
N ASN G 196 -10.24 6.62 13.54
CA ASN G 196 -8.97 7.13 13.06
C ASN G 196 -7.82 6.30 13.64
N HIS G 197 -6.61 6.54 13.14
CA HIS G 197 -5.43 5.83 13.65
C HIS G 197 -4.90 6.48 14.91
N HIS G 198 -5.17 7.77 15.08
CA HIS G 198 -4.80 8.47 16.30
C HIS G 198 -6.01 9.17 16.93
N VAL G 199 -5.98 9.26 18.26
CA VAL G 199 -7.08 9.85 19.01
C VAL G 199 -6.60 10.27 20.41
N LEU G 200 -7.16 11.35 20.93
CA LEU G 200 -6.82 11.82 22.26
C LEU G 200 -7.52 10.95 23.29
N ASP G 201 -6.75 10.10 23.97
CA ASP G 201 -7.31 9.17 24.94
C ASP G 201 -6.31 8.90 26.07
N PRO G 202 -6.66 9.31 27.30
CA PRO G 202 -5.79 9.15 28.47
C PRO G 202 -5.38 7.71 28.74
N ARG G 203 -6.13 6.75 28.22
CA ARG G 203 -5.81 5.34 28.39
C ARG G 203 -4.74 4.91 27.40
N LYS G 204 -4.76 5.53 26.22
CA LYS G 204 -3.77 5.24 25.19
C LYS G 204 -3.20 6.57 24.69
N PRO G 205 -2.30 7.17 25.47
CA PRO G 205 -1.80 8.54 25.26
C PRO G 205 -1.00 8.70 23.97
N GLN G 206 -1.27 9.79 23.25
CA GLN G 206 -0.57 10.10 22.01
C GLN G 206 -0.24 11.59 21.91
N ILE G 207 0.84 11.89 21.20
CA ILE G 207 1.27 13.27 20.99
C ILE G 207 0.95 13.70 19.55
N ILE G 208 -0.14 14.44 19.39
CA ILE G 208 -0.66 14.77 18.06
C ILE G 208 -0.21 16.15 17.56
N GLY G 209 0.60 16.14 16.51
CA GLY G 209 1.12 17.36 15.89
C GLY G 209 2.39 17.95 16.48
N PRO G 210 3.45 17.14 16.63
CA PRO G 210 4.69 17.69 17.19
C PRO G 210 5.52 18.42 16.13
N GLN G 211 6.34 19.38 16.55
CA GLN G 211 7.28 20.02 15.65
C GLN G 211 8.29 18.99 15.14
N ILE G 212 8.26 18.73 13.84
CA ILE G 212 9.09 17.67 13.27
C ILE G 212 10.45 18.17 12.85
N GLU G 213 11.36 17.24 12.58
CA GLU G 213 12.69 17.57 12.09
C GLU G 213 12.56 18.28 10.75
N PRO G 214 13.38 19.32 10.54
CA PRO G 214 13.47 20.06 9.27
C PRO G 214 13.56 19.14 8.06
N ALA G 215 14.27 18.02 8.22
CA ALA G 215 14.42 17.04 7.15
C ALA G 215 13.17 16.16 7.00
N MET G 216 12.30 16.18 8.01
CA MET G 216 11.12 15.33 7.98
C MET G 216 9.91 16.08 7.41
N GLY G 217 10.16 17.29 6.91
CA GLY G 217 9.14 18.07 6.24
C GLY G 217 8.60 17.39 4.98
N PRO G 218 9.48 17.18 3.98
CA PRO G 218 9.08 16.48 2.75
C PRO G 218 8.48 15.08 2.94
N PRO G 219 9.04 14.24 3.83
CA PRO G 219 8.38 12.94 3.96
C PRO G 219 6.95 13.04 4.50
N LEU G 220 6.67 14.03 5.35
CA LEU G 220 5.31 14.20 5.86
C LEU G 220 4.39 14.71 4.76
N GLN G 221 4.91 15.61 3.93
CA GLN G 221 4.16 16.14 2.80
C GLN G 221 3.87 15.07 1.75
N TYR G 222 4.87 14.24 1.47
CA TYR G 222 4.72 13.17 0.49
C TYR G 222 3.79 12.09 1.03
N GLN G 223 3.75 11.94 2.35
CA GLN G 223 2.86 10.98 2.98
C GLN G 223 1.40 11.38 2.75
N ARG G 224 1.10 12.66 2.93
CA ARG G 224 -0.24 13.18 2.73
C ARG G 224 -0.55 13.25 1.24
N TYR G 225 0.48 13.45 0.43
CA TYR G 225 0.34 13.44 -1.02
C TYR G 225 -0.21 12.12 -1.51
N GLN G 226 0.37 11.02 -1.02
CA GLN G 226 -0.07 9.69 -1.41
C GLN G 226 -1.48 9.36 -0.95
N ALA G 227 -1.89 9.93 0.18
CA ALA G 227 -3.24 9.74 0.69
C ALA G 227 -4.26 10.37 -0.25
N VAL G 228 -3.90 11.53 -0.80
CA VAL G 228 -4.72 12.24 -1.78
C VAL G 228 -4.81 11.42 -3.07
N LYS G 229 -3.70 10.79 -3.44
CA LYS G 229 -3.62 9.98 -4.65
C LYS G 229 -4.54 8.77 -4.58
N GLY G 230 -4.74 8.26 -3.36
CA GLY G 230 -5.53 7.07 -3.16
C GLY G 230 -7.02 7.31 -2.98
N VAL G 231 -7.44 8.57 -3.05
CA VAL G 231 -8.85 8.93 -2.84
C VAL G 231 -9.74 8.38 -3.95
N HIS G 232 -9.29 8.51 -5.19
CA HIS G 232 -10.07 8.11 -6.35
C HIS G 232 -10.50 6.65 -6.29
N LYS G 233 -9.57 5.78 -5.90
CA LYS G 233 -9.87 4.36 -5.83
C LYS G 233 -10.92 4.05 -4.77
N VAL G 234 -10.84 4.75 -3.64
CA VAL G 234 -11.81 4.59 -2.56
C VAL G 234 -13.17 5.17 -2.96
N LEU G 235 -13.13 6.28 -3.69
CA LEU G 235 -14.34 6.94 -4.17
C LEU G 235 -15.17 6.02 -5.06
N GLU G 236 -14.49 5.32 -5.96
CA GLU G 236 -15.14 4.38 -6.87
C GLU G 236 -15.85 3.28 -6.11
N GLU G 237 -15.20 2.79 -5.06
CA GLU G 237 -15.76 1.74 -4.23
C GLU G 237 -17.02 2.19 -3.50
N ALA G 238 -17.06 3.48 -3.16
CA ALA G 238 -18.21 4.03 -2.45
C ALA G 238 -19.41 4.21 -3.37
N CYS G 239 -19.15 4.58 -4.62
CA CYS G 239 -20.21 4.78 -5.59
C CYS G 239 -20.82 3.46 -6.02
N ASP G 240 -20.00 2.41 -6.09
CA ASP G 240 -20.51 1.08 -6.39
C ASP G 240 -21.40 0.60 -5.25
N GLU G 241 -21.04 0.99 -4.03
CA GLU G 241 -21.83 0.60 -2.87
C GLU G 241 -23.04 1.49 -2.71
N PHE G 242 -22.93 2.75 -3.13
CA PHE G 242 -24.06 3.66 -3.02
C PHE G 242 -25.14 3.23 -4.01
N ALA G 243 -24.71 2.79 -5.19
CA ALA G 243 -25.63 2.31 -6.21
C ALA G 243 -26.28 1.00 -5.81
N ARG G 244 -25.49 0.11 -5.21
CA ARG G 244 -26.00 -1.20 -4.81
C ARG G 244 -27.01 -1.12 -3.69
N ILE G 245 -26.76 -0.19 -2.75
CA ILE G 245 -27.59 -0.08 -1.55
C ILE G 245 -28.75 0.89 -1.73
N PHE G 246 -28.49 2.03 -2.35
CA PHE G 246 -29.49 3.10 -2.44
C PHE G 246 -30.17 3.13 -3.80
N GLY G 247 -29.66 2.37 -4.75
CA GLY G 247 -30.28 2.26 -6.05
C GLY G 247 -29.99 3.44 -6.96
N ARG G 248 -29.07 4.30 -6.55
CA ARG G 248 -28.71 5.46 -7.36
C ARG G 248 -27.25 5.38 -7.76
N LYS G 249 -27.01 5.31 -9.07
CA LYS G 249 -25.66 5.18 -9.59
C LYS G 249 -25.03 6.53 -9.91
N TYR G 250 -24.00 6.89 -9.16
CA TYR G 250 -23.25 8.10 -9.44
C TYR G 250 -21.96 7.77 -10.17
N ASP G 251 -21.53 8.65 -11.06
CA ASP G 251 -20.21 8.50 -11.68
C ASP G 251 -19.20 9.18 -10.78
N PRO G 252 -18.09 8.49 -10.49
CA PRO G 252 -17.07 9.00 -9.57
C PRO G 252 -16.49 10.35 -9.97
N TYR G 253 -16.46 10.65 -11.26
CA TYR G 253 -15.76 11.85 -11.73
C TYR G 253 -16.59 12.77 -12.61
N LEU G 254 -17.19 12.22 -13.65
CA LEU G 254 -17.88 13.02 -14.66
C LEU G 254 -19.31 12.56 -14.90
N ASP G 255 -20.25 13.48 -14.83
CA ASP G 255 -21.63 13.21 -15.19
C ASP G 255 -21.87 13.65 -16.62
N GLU G 256 -21.71 12.71 -17.56
CA GLU G 256 -21.83 13.03 -18.97
C GLU G 256 -23.27 12.89 -19.45
N TYR G 257 -23.71 13.87 -20.23
CA TYR G 257 -25.04 13.83 -20.80
C TYR G 257 -24.98 14.02 -22.31
N LEU G 258 -25.32 12.96 -23.04
CA LEU G 258 -25.31 12.95 -24.50
C LEU G 258 -23.94 13.35 -25.06
N THR G 259 -22.93 12.55 -24.73
CA THR G 259 -21.55 12.85 -25.13
C THR G 259 -21.00 11.86 -26.13
N ASP G 260 -21.74 10.77 -26.37
CA ASP G 260 -21.26 9.68 -27.22
C ASP G 260 -20.87 10.14 -28.61
N ASP G 261 -21.77 10.82 -29.31
CA ASP G 261 -21.47 11.27 -30.67
C ASP G 261 -21.32 12.79 -30.73
N ALA G 262 -21.19 13.42 -29.58
CA ALA G 262 -21.08 14.88 -29.51
C ALA G 262 -19.78 15.37 -30.12
N GLU G 263 -19.85 16.49 -30.85
CA GLU G 263 -18.67 17.10 -31.44
C GLU G 263 -18.12 18.20 -30.56
N VAL G 264 -19.01 18.96 -29.94
CA VAL G 264 -18.61 19.97 -28.98
C VAL G 264 -19.39 19.78 -27.68
N ILE G 265 -18.75 20.06 -26.55
CA ILE G 265 -19.42 19.92 -25.25
C ILE G 265 -19.14 21.11 -24.34
N ILE G 266 -20.00 21.28 -23.33
CA ILE G 266 -19.75 22.28 -22.29
C ILE G 266 -19.36 21.59 -20.98
N PHE G 267 -18.18 21.94 -20.48
CA PHE G 267 -17.66 21.36 -19.25
C PHE G 267 -17.85 22.32 -18.08
N GLY G 268 -18.24 21.77 -16.93
CA GLY G 268 -18.44 22.58 -15.74
C GLY G 268 -18.93 21.75 -14.57
N GLN G 269 -19.35 22.44 -13.50
CA GLN G 269 -19.81 21.78 -12.30
C GLN G 269 -20.92 22.57 -11.62
N GLY G 270 -21.72 21.88 -10.80
CA GLY G 270 -22.78 22.51 -10.05
C GLY G 270 -24.15 22.36 -10.67
N ALA G 271 -25.13 23.06 -10.13
CA ALA G 271 -26.51 22.96 -10.58
C ALA G 271 -26.71 23.56 -11.95
N HIS G 272 -25.90 24.56 -12.28
CA HIS G 272 -26.03 25.26 -13.56
C HIS G 272 -25.75 24.34 -14.75
N MET G 273 -25.11 23.22 -14.48
CA MET G 273 -24.85 22.23 -15.52
C MET G 273 -26.12 21.50 -15.94
N GLU G 274 -27.10 21.47 -15.04
CA GLU G 274 -28.40 20.89 -15.37
C GLU G 274 -29.11 21.77 -16.41
N THR G 275 -28.91 23.08 -16.29
CA THR G 275 -29.42 24.03 -17.28
C THR G 275 -28.74 23.76 -18.61
N ALA G 276 -27.46 23.44 -18.54
CA ALA G 276 -26.70 23.11 -19.73
C ALA G 276 -27.21 21.84 -20.37
N LYS G 277 -27.64 20.89 -19.54
CA LYS G 277 -28.20 19.63 -20.03
C LYS G 277 -29.53 19.86 -20.73
N ALA G 278 -30.26 20.88 -20.26
CA ALA G 278 -31.56 21.20 -20.82
C ALA G 278 -31.41 21.89 -22.16
N VAL G 279 -30.30 22.60 -22.34
CA VAL G 279 -30.04 23.31 -23.59
C VAL G 279 -29.48 22.34 -24.63
N ALA G 280 -28.63 21.42 -24.16
CA ALA G 280 -28.06 20.41 -25.03
C ALA G 280 -29.15 19.49 -25.60
N ARG G 281 -30.08 19.11 -24.73
CA ARG G 281 -31.18 18.24 -25.11
C ARG G 281 -32.03 18.84 -26.22
N ARG G 282 -32.30 20.14 -26.11
CA ARG G 282 -33.15 20.82 -27.08
C ARG G 282 -32.43 20.99 -28.42
N LEU G 283 -31.12 21.26 -28.36
CA LEU G 283 -30.31 21.40 -29.56
C LEU G 283 -30.05 20.07 -30.25
N ARG G 284 -30.03 18.99 -29.48
CA ARG G 284 -29.85 17.66 -30.04
C ARG G 284 -31.02 17.31 -30.95
N ASN G 285 -32.22 17.74 -30.54
CA ASN G 285 -33.42 17.56 -31.36
C ASN G 285 -33.50 18.59 -32.49
N LEU G 286 -32.73 19.65 -32.38
CA LEU G 286 -32.67 20.67 -33.44
C LEU G 286 -31.54 20.36 -34.42
N GLY G 287 -30.86 19.25 -34.18
CA GLY G 287 -29.83 18.75 -35.07
C GLY G 287 -28.40 19.11 -34.74
N GLU G 288 -28.16 19.79 -33.62
CA GLU G 288 -26.78 20.12 -33.25
C GLU G 288 -26.23 19.08 -32.27
N LYS G 289 -25.18 18.38 -32.66
CA LYS G 289 -24.60 17.34 -31.81
C LYS G 289 -23.73 17.91 -30.69
N VAL G 290 -24.39 18.39 -29.65
CA VAL G 290 -23.70 18.96 -28.49
C VAL G 290 -23.93 18.11 -27.24
N GLY G 291 -23.05 18.23 -26.26
CA GLY G 291 -23.15 17.44 -25.05
C GLY G 291 -22.77 18.17 -23.78
N VAL G 292 -22.89 17.48 -22.65
CA VAL G 292 -22.59 18.05 -21.35
C VAL G 292 -21.87 17.05 -20.45
N ALA G 293 -20.76 17.47 -19.87
CA ALA G 293 -20.01 16.65 -18.91
C ALA G 293 -19.85 17.41 -17.59
N ARG G 294 -20.62 17.01 -16.58
CA ARG G 294 -20.60 17.71 -15.30
C ARG G 294 -19.59 17.08 -14.33
N LEU G 295 -18.71 17.90 -13.78
CA LEU G 295 -17.69 17.43 -12.85
C LEU G 295 -18.27 17.15 -11.47
N ARG G 296 -18.14 15.92 -11.00
CA ARG G 296 -18.66 15.53 -9.70
C ARG G 296 -17.60 15.62 -8.61
N THR G 297 -16.34 15.41 -9.00
CA THR G 297 -15.22 15.49 -8.08
C THR G 297 -14.24 16.59 -8.49
N PHE G 298 -14.11 17.60 -7.66
CA PHE G 298 -13.19 18.70 -7.92
C PHE G 298 -11.81 18.41 -7.38
N ARG G 299 -11.77 17.84 -6.18
CA ARG G 299 -10.51 17.44 -5.54
C ARG G 299 -10.61 16.05 -4.94
N PRO G 300 -9.61 15.19 -5.20
CA PRO G 300 -8.49 15.44 -6.11
C PRO G 300 -8.94 15.41 -7.57
N PHE G 301 -8.40 16.32 -8.38
CA PHE G 301 -8.84 16.49 -9.75
C PHE G 301 -8.65 15.23 -10.58
N PRO G 302 -9.71 14.80 -11.28
CA PRO G 302 -9.65 13.63 -12.16
C PRO G 302 -8.94 13.93 -13.48
N THR G 303 -7.61 14.01 -13.41
CA THR G 303 -6.81 14.41 -14.57
C THR G 303 -6.82 13.36 -15.68
N GLU G 304 -6.53 12.12 -15.33
CA GLU G 304 -6.46 11.05 -16.33
C GLU G 304 -7.84 10.63 -16.79
N GLN G 305 -8.81 10.74 -15.90
CA GLN G 305 -10.19 10.43 -16.22
C GLN G 305 -10.70 11.36 -17.30
N ILE G 306 -10.35 12.64 -17.18
CA ILE G 306 -10.71 13.64 -18.15
C ILE G 306 -9.94 13.46 -19.45
N LYS G 307 -8.64 13.17 -19.33
CA LYS G 307 -7.79 12.97 -20.50
C LYS G 307 -8.28 11.82 -21.37
N GLU G 308 -8.85 10.80 -20.73
CA GLU G 308 -9.32 9.61 -21.44
C GLU G 308 -10.70 9.80 -22.07
N ARG G 309 -11.60 10.46 -21.36
CA ARG G 309 -13.00 10.51 -21.75
C ARG G 309 -13.41 11.78 -22.50
N LEU G 310 -12.59 12.82 -22.41
CA LEU G 310 -12.95 14.10 -23.00
C LEU G 310 -12.00 14.49 -24.13
N SER G 311 -11.22 13.52 -24.61
CA SER G 311 -10.27 13.77 -25.67
C SER G 311 -10.83 13.34 -27.01
N LYS G 312 -12.15 13.18 -27.07
CA LYS G 312 -12.80 12.74 -28.31
C LYS G 312 -13.66 13.84 -28.91
N PHE G 313 -13.48 15.07 -28.43
CA PHE G 313 -14.29 16.19 -28.92
C PHE G 313 -13.47 17.22 -29.68
N LYS G 314 -14.10 17.83 -30.67
CA LYS G 314 -13.46 18.85 -31.49
C LYS G 314 -13.20 20.10 -30.66
N ALA G 315 -14.21 20.52 -29.90
CA ALA G 315 -14.09 21.70 -29.06
C ALA G 315 -14.75 21.48 -27.70
N ILE G 316 -14.18 22.07 -26.65
CA ILE G 316 -14.75 22.00 -25.32
C ILE G 316 -14.88 23.37 -24.66
N GLY G 317 -16.11 23.74 -24.32
CA GLY G 317 -16.39 24.97 -23.62
C GLY G 317 -16.38 24.75 -22.12
N VAL G 318 -15.67 25.60 -21.41
CA VAL G 318 -15.54 25.47 -19.97
C VAL G 318 -16.29 26.56 -19.24
N LEU G 319 -17.27 26.15 -18.44
CA LEU G 319 -18.01 27.09 -17.63
C LEU G 319 -17.34 27.25 -16.27
N ASP G 320 -16.91 28.48 -15.99
CA ASP G 320 -16.37 28.79 -14.67
C ASP G 320 -17.27 29.80 -13.97
N VAL G 321 -18.13 29.31 -13.09
CA VAL G 321 -19.01 30.16 -12.30
C VAL G 321 -18.26 30.72 -11.11
N SER G 322 -17.27 31.56 -11.37
CA SER G 322 -16.37 32.07 -10.34
C SER G 322 -15.50 33.19 -10.86
N ALA G 323 -14.86 33.91 -9.93
CA ALA G 323 -13.96 35.00 -10.30
C ALA G 323 -12.55 34.74 -9.77
N ASN G 324 -11.84 33.85 -10.44
CA ASN G 324 -10.46 33.55 -10.10
C ASN G 324 -9.54 34.50 -10.85
N PHE G 325 -9.39 35.71 -10.31
CA PHE G 325 -8.68 36.78 -11.00
C PHE G 325 -7.21 36.46 -11.26
N GLY G 326 -6.69 36.99 -12.37
CA GLY G 326 -5.28 36.90 -12.68
C GLY G 326 -4.79 35.55 -13.16
N ILE G 327 -5.63 34.54 -13.07
CA ILE G 327 -5.24 33.18 -13.42
C ILE G 327 -4.91 33.07 -14.91
N SER G 328 -4.19 32.01 -15.28
CA SER G 328 -3.80 31.77 -16.66
C SER G 328 -5.01 31.62 -17.57
N CYS G 329 -4.85 32.10 -18.81
CA CYS G 329 -5.89 32.08 -19.84
C CYS G 329 -7.09 32.96 -19.52
N SER G 330 -7.01 33.71 -18.43
CA SER G 330 -8.03 34.70 -18.05
C SER G 330 -9.46 34.15 -18.02
N GLY G 331 -9.59 32.87 -17.69
CA GLY G 331 -10.90 32.26 -17.52
C GLY G 331 -11.15 32.00 -16.04
N GLY G 332 -11.17 30.72 -15.68
CA GLY G 332 -11.33 30.32 -14.29
C GLY G 332 -10.38 29.18 -13.98
N VAL G 333 -10.58 28.54 -12.83
CA VAL G 333 -9.74 27.42 -12.43
C VAL G 333 -9.96 26.19 -13.30
N LEU G 334 -11.22 25.88 -13.57
CA LEU G 334 -11.61 24.70 -14.35
C LEU G 334 -10.99 24.73 -15.74
N LEU G 335 -10.95 25.92 -16.33
CA LEU G 335 -10.38 26.11 -17.65
C LEU G 335 -8.90 25.72 -17.65
N SER G 336 -8.17 26.22 -16.66
CA SER G 336 -6.74 25.96 -16.57
C SER G 336 -6.48 24.48 -16.29
N GLU G 337 -7.32 23.88 -15.46
CA GLU G 337 -7.10 22.50 -15.05
C GLU G 337 -7.59 21.50 -16.10
N LEU G 338 -8.49 21.93 -16.98
CA LEU G 338 -8.92 21.09 -18.08
C LEU G 338 -7.88 21.07 -19.19
N ARG G 339 -7.37 22.27 -19.53
CA ARG G 339 -6.33 22.39 -20.54
C ARG G 339 -5.06 21.65 -20.12
N ALA G 340 -4.78 21.67 -18.83
CA ALA G 340 -3.63 20.95 -18.29
C ALA G 340 -3.82 19.44 -18.44
N ALA G 341 -5.04 18.98 -18.22
CA ALA G 341 -5.34 17.56 -18.30
C ALA G 341 -5.33 17.05 -19.73
N LEU G 342 -5.83 17.87 -20.65
CA LEU G 342 -5.90 17.51 -22.07
C LEU G 342 -4.77 18.13 -22.86
N TYR G 343 -3.64 18.37 -22.19
CA TYR G 343 -2.51 19.07 -22.79
C TYR G 343 -1.94 18.34 -24.00
N ASP G 344 -1.86 17.01 -23.91
CA ASP G 344 -1.31 16.19 -24.99
C ASP G 344 -2.17 16.24 -26.25
N TYR G 345 -3.41 16.67 -26.08
CA TYR G 345 -4.33 16.77 -27.21
C TYR G 345 -4.65 18.23 -27.50
N GLY G 346 -3.71 19.11 -27.19
CA GLY G 346 -3.93 20.54 -27.28
C GLY G 346 -4.11 21.07 -28.69
N ASP G 347 -3.52 20.37 -29.65
CA ASP G 347 -3.60 20.78 -31.05
C ASP G 347 -4.93 20.35 -31.67
N LYS G 348 -5.49 19.27 -31.13
CA LYS G 348 -6.74 18.73 -31.65
C LYS G 348 -7.94 19.29 -30.91
N VAL G 349 -8.00 19.05 -29.61
CA VAL G 349 -9.14 19.49 -28.80
C VAL G 349 -9.02 20.97 -28.49
N LYS G 350 -9.77 21.79 -29.21
CA LYS G 350 -9.79 23.21 -28.98
C LYS G 350 -10.57 23.49 -27.70
N THR G 351 -10.08 24.41 -26.86
CA THR G 351 -10.76 24.73 -25.62
C THR G 351 -10.91 26.22 -25.38
N VAL G 352 -12.07 26.60 -24.85
CA VAL G 352 -12.36 28.00 -24.54
C VAL G 352 -13.12 28.08 -23.21
N GLY G 353 -12.90 29.16 -22.46
CA GLY G 353 -13.55 29.33 -21.17
C GLY G 353 -14.74 30.27 -21.24
N PHE G 354 -15.80 29.92 -20.50
CA PHE G 354 -16.96 30.79 -20.39
C PHE G 354 -17.19 31.18 -18.93
N VAL G 355 -17.15 32.47 -18.67
CA VAL G 355 -17.34 32.98 -17.32
C VAL G 355 -18.71 33.64 -17.17
N ALA G 356 -19.57 33.00 -16.39
CA ALA G 356 -20.91 33.51 -16.15
C ALA G 356 -21.35 33.20 -14.72
N GLY G 357 -22.57 33.62 -14.37
CA GLY G 357 -23.08 33.40 -13.04
C GLY G 357 -22.40 34.25 -11.99
N LEU G 358 -21.75 35.32 -12.43
CA LEU G 358 -21.05 36.22 -11.52
C LEU G 358 -22.04 36.90 -10.58
N GLY G 359 -21.63 37.09 -9.33
CA GLY G 359 -22.45 37.74 -8.34
C GLY G 359 -23.68 36.94 -7.94
N GLY G 360 -23.80 35.72 -8.46
CA GLY G 360 -24.92 34.86 -8.17
C GLY G 360 -26.04 34.92 -9.19
N GLU G 361 -25.83 35.65 -10.27
CA GLU G 361 -26.80 35.74 -11.35
C GLU G 361 -26.99 34.37 -12.00
N VAL G 362 -28.18 34.11 -12.52
CA VAL G 362 -28.43 32.84 -13.19
C VAL G 362 -27.83 32.84 -14.59
N VAL G 363 -27.06 31.81 -14.91
CA VAL G 363 -26.59 31.61 -16.27
C VAL G 363 -27.73 31.01 -17.09
N THR G 364 -28.39 31.86 -17.86
CA THR G 364 -29.63 31.51 -18.52
C THR G 364 -29.46 30.53 -19.67
N HIS G 365 -30.59 30.01 -20.16
CA HIS G 365 -30.60 29.12 -21.30
C HIS G 365 -30.02 29.83 -22.53
N ASP G 366 -30.41 31.08 -22.69
CA ASP G 366 -29.93 31.91 -23.78
C ASP G 366 -28.41 32.03 -23.76
N GLU G 367 -27.86 32.20 -22.56
CA GLU G 367 -26.41 32.28 -22.39
C GLU G 367 -25.73 30.96 -22.72
N PHE G 368 -26.32 29.85 -22.29
CA PHE G 368 -25.79 28.54 -22.62
C PHE G 368 -25.89 28.27 -24.11
N TYR G 369 -26.94 28.82 -24.72
CA TYR G 369 -27.10 28.71 -26.16
C TYR G 369 -25.94 29.40 -26.87
N ARG G 370 -25.59 30.60 -26.42
CA ARG G 370 -24.52 31.36 -27.07
C ARG G 370 -23.15 30.73 -26.83
N MET G 371 -23.03 29.96 -25.75
CA MET G 371 -21.79 29.23 -25.50
C MET G 371 -21.66 28.15 -26.56
N PHE G 372 -22.74 27.43 -26.78
CA PHE G 372 -22.78 26.35 -27.75
C PHE G 372 -22.55 26.84 -29.17
N GLN G 373 -22.99 28.06 -29.46
CA GLN G 373 -22.79 28.64 -30.79
C GLN G 373 -21.32 28.96 -31.04
N LYS G 374 -20.63 29.44 -30.01
CA LYS G 374 -19.20 29.72 -30.13
C LYS G 374 -18.44 28.43 -30.33
N LEU G 375 -18.87 27.37 -29.64
CA LEU G 375 -18.27 26.06 -29.77
C LEU G 375 -18.44 25.55 -31.20
N LYS G 376 -19.60 25.85 -31.77
CA LYS G 376 -19.89 25.46 -33.14
C LYS G 376 -19.02 26.24 -34.13
N GLU G 377 -18.73 27.50 -33.80
CA GLU G 377 -17.87 28.34 -34.63
C GLU G 377 -16.41 27.89 -34.58
N ILE G 378 -15.95 27.48 -33.40
CA ILE G 378 -14.57 27.05 -33.21
C ILE G 378 -14.31 25.70 -33.90
N ALA G 379 -15.29 24.81 -33.85
CA ALA G 379 -15.16 23.49 -34.44
C ALA G 379 -15.05 23.55 -35.97
N LYS G 380 -15.64 24.59 -36.55
CA LYS G 380 -15.61 24.77 -38.00
C LYS G 380 -14.27 25.37 -38.45
N THR G 381 -13.76 26.31 -37.68
CA THR G 381 -12.54 27.02 -38.05
C THR G 381 -11.30 26.35 -37.46
N GLY G 382 -11.46 25.78 -36.27
CA GLY G 382 -10.34 25.17 -35.56
C GLY G 382 -9.46 26.24 -34.94
N LYS G 383 -10.03 27.43 -34.74
CA LYS G 383 -9.28 28.56 -34.18
C LYS G 383 -10.03 29.21 -33.03
N VAL G 384 -9.28 29.71 -32.06
CA VAL G 384 -9.84 30.40 -30.90
C VAL G 384 -9.27 31.80 -30.77
N GLU G 385 -10.11 32.83 -30.94
CA GLU G 385 -9.65 34.22 -30.85
C GLU G 385 -9.13 34.53 -29.45
N GLN G 386 -10.04 34.61 -28.49
CA GLN G 386 -9.64 34.79 -27.11
C GLN G 386 -9.98 33.55 -26.30
N THR G 387 -9.15 33.25 -25.31
CA THR G 387 -9.29 32.01 -24.54
C THR G 387 -10.50 32.01 -23.60
N SER G 388 -11.06 33.18 -23.33
CA SER G 388 -12.19 33.26 -22.41
C SER G 388 -13.21 34.32 -22.81
N TYR G 389 -14.47 34.08 -22.43
CA TYR G 389 -15.51 35.06 -22.63
C TYR G 389 -16.24 35.33 -21.31
N TRP G 390 -16.28 36.59 -20.91
CA TRP G 390 -16.94 36.99 -19.69
C TRP G 390 -18.38 37.41 -19.96
N ILE G 391 -19.29 36.47 -19.76
CA ILE G 391 -20.71 36.63 -20.07
C ILE G 391 -21.41 37.50 -19.02
N PRO G 392 -22.26 38.43 -19.48
CA PRO G 392 -22.64 38.71 -20.87
C PRO G 392 -21.96 39.94 -21.48
N PHE G 393 -20.72 40.22 -21.09
CA PHE G 393 -20.03 41.41 -21.56
C PHE G 393 -19.20 41.15 -22.81
N GLU G 394 -18.89 39.88 -23.06
CA GLU G 394 -18.00 39.52 -24.16
C GLU G 394 -18.65 38.53 -25.12
N LEU G 395 -19.75 37.92 -24.70
CA LEU G 395 -20.44 36.94 -25.54
C LEU G 395 -21.92 36.88 -25.18
N ASP H 5 -38.34 32.31 -29.43
CA ASP H 5 -37.65 31.84 -28.23
C ASP H 5 -37.54 30.32 -28.22
N LEU H 6 -36.34 29.83 -27.95
CA LEU H 6 -36.08 28.40 -27.95
C LEU H 6 -36.43 27.77 -26.61
N PHE H 7 -36.68 28.60 -25.61
CA PHE H 7 -36.89 28.10 -24.26
C PHE H 7 -38.15 28.64 -23.58
N ALA H 8 -39.11 29.10 -24.39
CA ALA H 8 -40.36 29.61 -23.83
C ALA H 8 -41.22 28.46 -23.33
N GLU H 9 -42.10 28.75 -22.38
CA GLU H 9 -43.01 27.74 -21.84
C GLU H 9 -44.43 28.27 -21.78
N PRO H 10 -45.25 27.93 -22.77
CA PRO H 10 -46.64 28.39 -22.88
C PRO H 10 -47.58 27.67 -21.92
N ASN H 11 -47.22 26.45 -21.55
CA ASN H 11 -48.05 25.64 -20.65
C ASN H 11 -47.83 25.97 -19.18
N LEU H 12 -46.87 26.87 -18.93
CA LEU H 12 -46.51 27.24 -17.58
C LEU H 12 -47.19 28.55 -17.18
N LYS H 13 -48.02 28.49 -16.15
CA LYS H 13 -48.67 29.68 -15.62
C LYS H 13 -47.91 30.22 -14.41
N GLN H 14 -47.61 31.51 -14.46
CA GLN H 14 -46.87 32.16 -13.38
C GLN H 14 -47.79 32.91 -12.44
N ILE H 15 -47.56 32.75 -11.14
CA ILE H 15 -48.34 33.46 -10.13
C ILE H 15 -47.41 34.27 -9.24
N THR H 16 -47.71 35.56 -9.09
CA THR H 16 -46.95 36.44 -8.22
C THR H 16 -47.81 36.96 -7.09
N VAL H 17 -47.43 36.63 -5.85
CA VAL H 17 -48.19 37.04 -4.69
C VAL H 17 -47.43 38.10 -3.89
N TRP H 18 -47.90 39.34 -3.98
CA TRP H 18 -47.29 40.43 -3.22
C TRP H 18 -47.79 40.43 -1.79
N ALA H 19 -46.95 40.86 -0.87
CA ALA H 19 -47.30 40.91 0.55
C ALA H 19 -46.46 41.93 1.30
N ARG H 20 -46.85 42.19 2.54
CA ARG H 20 -46.06 43.03 3.43
C ARG H 20 -45.05 42.17 4.16
N GLY H 21 -43.80 42.62 4.20
CA GLY H 21 -42.72 41.84 4.78
C GLY H 21 -42.93 41.51 6.25
N VAL H 22 -42.40 40.36 6.66
CA VAL H 22 -42.46 39.87 8.04
C VAL H 22 -43.87 39.53 8.53
N VAL H 23 -44.75 40.54 8.54
CA VAL H 23 -46.09 40.39 9.12
C VAL H 23 -47.03 39.45 8.36
N MET H 24 -46.83 39.34 7.05
CA MET H 24 -47.75 38.58 6.20
C MET H 24 -47.02 37.56 5.33
N ASN H 25 -45.84 37.14 5.76
CA ASN H 25 -45.08 36.16 5.00
C ASN H 25 -45.75 34.80 4.92
N LYS H 26 -46.35 34.36 6.03
CA LYS H 26 -47.05 33.07 6.06
C LYS H 26 -48.29 33.08 5.17
N ASP H 27 -49.01 34.21 5.16
CA ASP H 27 -50.20 34.35 4.34
C ASP H 27 -49.90 34.27 2.86
N ALA H 28 -48.84 34.94 2.43
CA ALA H 28 -48.43 34.92 1.04
C ALA H 28 -47.92 33.53 0.64
N ARG H 29 -47.25 32.86 1.56
CA ARG H 29 -46.71 31.52 1.31
C ARG H 29 -47.81 30.47 1.19
N ASP H 30 -48.74 30.47 2.13
CA ASP H 30 -49.82 29.48 2.15
C ASP H 30 -50.70 29.55 0.91
N ILE H 31 -50.80 30.73 0.31
CA ILE H 31 -51.55 30.88 -0.93
C ILE H 31 -50.89 30.11 -2.06
N VAL H 32 -49.58 30.30 -2.22
CA VAL H 32 -48.83 29.65 -3.28
C VAL H 32 -48.79 28.13 -3.10
N VAL H 33 -48.51 27.68 -1.88
CA VAL H 33 -48.39 26.25 -1.60
C VAL H 33 -49.71 25.51 -1.82
N ALA H 34 -50.80 26.10 -1.36
CA ALA H 34 -52.12 25.48 -1.49
C ALA H 34 -52.49 25.32 -2.95
N LEU H 35 -52.13 26.31 -3.76
CA LEU H 35 -52.43 26.27 -5.19
C LEU H 35 -51.63 25.17 -5.87
N THR H 36 -50.34 25.10 -5.55
CA THR H 36 -49.45 24.12 -6.15
C THR H 36 -49.79 22.70 -5.72
N GLU H 37 -50.17 22.53 -4.46
CA GLU H 37 -50.57 21.23 -3.96
C GLU H 37 -51.87 20.77 -4.61
N ALA H 38 -52.74 21.73 -4.90
CA ALA H 38 -54.02 21.44 -5.55
C ALA H 38 -53.81 21.05 -7.01
N ALA H 39 -52.82 21.68 -7.64
CA ALA H 39 -52.50 21.39 -9.02
C ALA H 39 -51.71 20.09 -9.12
N ALA H 40 -51.02 19.72 -8.04
CA ALA H 40 -50.26 18.48 -8.00
C ALA H 40 -51.19 17.28 -7.96
N LYS H 41 -52.45 17.52 -7.60
CA LYS H 41 -53.46 16.47 -7.58
C LYS H 41 -54.04 16.26 -8.97
N GLU H 42 -53.81 17.22 -9.85
CA GLU H 42 -54.34 17.16 -11.21
C GLU H 42 -53.28 16.66 -12.20
N GLY H 43 -52.05 16.51 -11.73
CA GLY H 43 -50.98 16.00 -12.56
C GLY H 43 -50.06 17.09 -13.08
N LYS H 44 -50.28 18.31 -12.61
CA LYS H 44 -49.48 19.44 -13.03
C LYS H 44 -48.08 19.40 -12.43
N TYR H 45 -47.14 20.05 -13.11
CA TYR H 45 -45.80 20.25 -12.59
C TYR H 45 -45.75 21.59 -11.86
N VAL H 46 -45.43 21.56 -10.57
CA VAL H 46 -45.54 22.76 -9.75
C VAL H 46 -44.26 23.14 -9.03
N GLN H 47 -44.16 24.42 -8.68
CA GLN H 47 -43.05 24.95 -7.90
C GLN H 47 -43.53 26.05 -6.95
N ALA H 48 -43.06 25.99 -5.71
CA ALA H 48 -43.45 26.95 -4.69
C ALA H 48 -42.25 27.42 -3.88
N TRP H 49 -42.07 28.74 -3.79
CA TRP H 49 -40.95 29.31 -3.05
C TRP H 49 -41.14 30.79 -2.73
N GLU H 50 -40.35 31.30 -1.78
CA GLU H 50 -40.39 32.72 -1.44
C GLU H 50 -39.29 33.47 -2.17
N ASN H 51 -39.57 34.72 -2.52
CA ASN H 51 -38.62 35.53 -3.27
C ASN H 51 -37.31 35.73 -2.52
N TYR H 52 -36.25 35.09 -3.01
CA TYR H 52 -34.92 35.17 -2.42
C TYR H 52 -34.32 36.56 -2.58
N VAL H 53 -34.78 37.28 -3.61
CA VAL H 53 -34.26 38.62 -3.89
C VAL H 53 -34.66 39.59 -2.78
N ASP H 54 -35.85 39.37 -2.22
CA ASP H 54 -36.41 40.21 -1.18
C ASP H 54 -35.79 39.95 0.20
N LEU H 55 -34.88 38.98 0.26
CA LEU H 55 -34.24 38.61 1.52
C LEU H 55 -32.99 39.46 1.78
N PRO H 56 -32.77 39.85 3.05
CA PRO H 56 -33.56 39.57 4.26
C PRO H 56 -34.86 40.38 4.31
N ASP H 57 -35.88 39.79 4.93
CA ASP H 57 -37.18 40.44 5.01
C ASP H 57 -37.20 41.59 6.00
N ARG H 58 -37.86 42.68 5.61
CA ARG H 58 -38.06 43.83 6.48
C ARG H 58 -39.54 43.99 6.79
N ILE H 59 -39.86 44.72 7.85
CA ILE H 59 -41.27 44.93 8.21
C ILE H 59 -41.95 45.92 7.27
N TYR H 60 -43.07 45.48 6.70
CA TYR H 60 -43.93 46.29 5.82
C TYR H 60 -43.29 46.66 4.48
N VAL H 61 -42.20 45.99 4.12
CA VAL H 61 -41.63 46.17 2.80
C VAL H 61 -42.39 45.27 1.83
N PRO H 62 -42.74 45.80 0.64
CA PRO H 62 -43.39 44.99 -0.38
C PRO H 62 -42.55 43.78 -0.79
N VAL H 63 -42.97 42.60 -0.36
CA VAL H 63 -42.27 41.37 -0.70
C VAL H 63 -43.10 40.52 -1.66
N ARG H 64 -42.56 39.37 -2.07
CA ARG H 64 -43.22 38.54 -3.06
C ARG H 64 -43.11 37.04 -2.81
N ALA H 65 -44.14 36.31 -3.23
CA ALA H 65 -44.14 34.86 -3.22
C ALA H 65 -44.57 34.35 -4.59
N TYR H 66 -43.75 33.52 -5.20
CA TYR H 66 -43.99 33.09 -6.58
C TYR H 66 -44.50 31.66 -6.69
N ALA H 67 -45.24 31.40 -7.76
CA ALA H 67 -45.72 30.06 -8.07
C ALA H 67 -45.54 29.77 -9.56
N ARG H 68 -45.22 28.52 -9.89
CA ARG H 68 -45.14 28.09 -11.28
C ARG H 68 -45.86 26.77 -11.45
N ILE H 69 -46.93 26.79 -12.24
CA ILE H 69 -47.71 25.59 -12.52
C ILE H 69 -47.74 25.32 -14.02
N SER H 70 -47.33 24.11 -14.41
CA SER H 70 -47.23 23.73 -15.80
C SER H 70 -47.65 22.28 -16.05
N SER H 71 -48.22 22.02 -17.21
CA SER H 71 -48.57 20.65 -17.60
C SER H 71 -47.33 19.90 -18.05
N ASP H 72 -46.26 20.65 -18.28
CA ASP H 72 -44.98 20.10 -18.67
C ASP H 72 -43.95 20.33 -17.56
N PRO H 73 -42.90 19.49 -17.51
CA PRO H 73 -41.82 19.66 -16.53
C PRO H 73 -41.22 21.06 -16.57
N ILE H 74 -41.07 21.68 -15.41
CA ILE H 74 -40.52 23.03 -15.32
C ILE H 74 -39.01 22.99 -15.50
N GLU H 75 -38.51 23.79 -16.44
CA GLU H 75 -37.08 23.85 -16.71
C GLU H 75 -36.53 25.24 -16.39
N SER H 76 -37.36 26.07 -15.77
CA SER H 76 -36.97 27.41 -15.41
C SER H 76 -36.99 27.62 -13.90
N LYS H 77 -36.68 26.54 -13.17
CA LYS H 77 -36.71 26.57 -11.70
C LYS H 77 -35.66 27.52 -11.11
N TYR H 78 -34.49 27.60 -11.73
CA TYR H 78 -33.38 28.35 -11.15
C TYR H 78 -33.60 29.85 -11.29
N ILE H 79 -34.73 30.25 -11.84
CA ILE H 79 -35.04 31.66 -12.00
C ILE H 79 -35.60 32.22 -10.70
N TYR H 80 -35.00 33.32 -10.23
CA TYR H 80 -35.39 33.93 -8.96
C TYR H 80 -36.85 34.40 -8.95
N GLU H 81 -37.23 35.13 -9.99
CA GLU H 81 -38.53 35.78 -10.01
C GLU H 81 -39.40 35.41 -11.21
N ASN H 82 -40.71 35.45 -11.00
CA ASN H 82 -41.63 35.40 -12.12
C ASN H 82 -41.67 36.76 -12.79
N GLU H 83 -41.05 36.85 -13.96
CA GLU H 83 -40.93 38.11 -14.66
C GLU H 83 -42.17 38.39 -15.50
N THR H 84 -42.91 37.32 -15.81
CA THR H 84 -44.14 37.43 -16.57
C THR H 84 -45.32 36.74 -15.88
N PRO H 85 -45.89 37.40 -14.86
CA PRO H 85 -46.97 36.79 -14.07
C PRO H 85 -48.28 36.64 -14.84
N ASP H 86 -49.07 35.64 -14.48
CA ASP H 86 -50.40 35.46 -15.06
C ASP H 86 -51.48 35.79 -14.04
N ILE H 87 -51.17 35.59 -12.77
CA ILE H 87 -52.09 35.87 -11.68
C ILE H 87 -51.38 36.64 -10.58
N VAL H 88 -51.81 37.88 -10.35
CA VAL H 88 -51.23 38.71 -9.30
C VAL H 88 -52.15 38.75 -8.09
N VAL H 89 -51.60 38.35 -6.94
CA VAL H 89 -52.38 38.26 -5.71
C VAL H 89 -51.85 39.22 -4.64
N LEU H 90 -52.75 40.02 -4.09
CA LEU H 90 -52.38 40.94 -3.01
C LEU H 90 -53.09 40.53 -1.72
N VAL H 91 -52.31 40.26 -0.68
CA VAL H 91 -52.88 39.88 0.60
C VAL H 91 -53.26 41.13 1.39
N GLU H 92 -52.63 42.25 1.04
CA GLU H 92 -52.94 43.53 1.67
C GLU H 92 -53.34 44.54 0.60
N GLU H 93 -54.35 45.35 0.91
CA GLU H 93 -54.97 46.23 -0.06
C GLU H 93 -54.10 47.38 -0.56
N SER H 94 -53.26 47.92 0.31
CA SER H 94 -52.51 49.14 -0.01
C SER H 94 -51.35 48.87 -0.98
N LEU H 95 -51.20 47.61 -1.37
CA LEU H 95 -50.13 47.23 -2.28
C LEU H 95 -50.37 47.73 -3.70
N ILE H 96 -51.60 48.18 -3.98
CA ILE H 96 -51.93 48.73 -5.29
C ILE H 96 -51.32 50.11 -5.47
N LYS H 97 -50.82 50.68 -4.38
CA LYS H 97 -50.31 52.03 -4.39
C LYS H 97 -48.79 52.07 -4.42
N GLY H 98 -48.25 52.51 -5.56
CA GLY H 98 -46.82 52.73 -5.70
C GLY H 98 -46.00 51.46 -5.85
N VAL H 99 -46.67 50.35 -6.12
CA VAL H 99 -45.98 49.08 -6.29
C VAL H 99 -46.30 48.45 -7.64
N PRO H 100 -45.26 48.20 -8.46
CA PRO H 100 -45.37 47.64 -9.81
C PRO H 100 -45.88 46.20 -9.82
N ILE H 101 -47.15 46.01 -9.51
CA ILE H 101 -47.75 44.69 -9.44
C ILE H 101 -48.25 44.22 -10.81
N LEU H 102 -48.12 45.10 -11.80
CA LEU H 102 -48.57 44.80 -13.16
C LEU H 102 -47.42 44.79 -14.14
N LYS H 103 -46.20 44.65 -13.63
CA LYS H 103 -45.01 44.63 -14.48
C LYS H 103 -44.83 43.29 -15.17
N GLY H 104 -44.82 43.32 -16.51
CA GLY H 104 -44.57 42.13 -17.29
C GLY H 104 -45.77 41.20 -17.30
N ILE H 105 -46.92 41.75 -16.95
CA ILE H 105 -48.15 40.97 -16.87
C ILE H 105 -48.55 40.47 -18.26
N ARG H 106 -49.04 39.24 -18.32
CA ARG H 106 -49.40 38.61 -19.59
C ARG H 106 -50.87 38.84 -19.96
N PRO H 107 -51.18 38.78 -21.27
CA PRO H 107 -52.57 38.89 -21.73
C PRO H 107 -53.47 37.83 -21.08
N GLY H 108 -54.70 38.20 -20.74
CA GLY H 108 -55.63 37.29 -20.12
C GLY H 108 -55.31 37.04 -18.66
N SER H 109 -54.84 38.09 -17.98
CA SER H 109 -54.42 37.97 -16.59
C SER H 109 -55.50 38.35 -15.60
N THR H 110 -55.26 38.05 -14.33
CA THR H 110 -56.23 38.31 -13.27
C THR H 110 -55.56 38.97 -12.07
N LEU H 111 -56.18 40.02 -11.54
CA LEU H 111 -55.68 40.70 -10.36
C LEU H 111 -56.59 40.44 -9.16
N VAL H 112 -56.10 39.69 -8.19
CA VAL H 112 -56.87 39.37 -7.00
C VAL H 112 -56.40 40.21 -5.81
N VAL H 113 -57.30 40.99 -5.25
CA VAL H 113 -56.96 41.91 -4.17
C VAL H 113 -57.78 41.64 -2.91
N ASN H 114 -57.12 41.63 -1.76
CA ASN H 114 -57.82 41.47 -0.48
C ASN H 114 -58.21 42.84 0.08
N THR H 115 -59.46 43.21 -0.13
CA THR H 115 -59.97 44.51 0.30
C THR H 115 -61.48 44.50 0.42
N LYS H 116 -62.03 45.51 1.09
CA LYS H 116 -63.47 45.67 1.20
C LYS H 116 -63.97 46.82 0.32
N ARG H 117 -63.04 47.56 -0.26
CA ARG H 117 -63.40 48.68 -1.12
C ARG H 117 -63.91 48.21 -2.48
N SER H 118 -64.61 49.11 -3.17
CA SER H 118 -65.20 48.82 -4.46
C SER H 118 -64.14 48.68 -5.55
N ILE H 119 -64.52 48.04 -6.65
CA ILE H 119 -63.63 47.85 -7.79
C ILE H 119 -63.23 49.20 -8.37
N ASP H 120 -64.19 50.12 -8.37
CA ASP H 120 -63.97 51.46 -8.90
C ASP H 120 -62.88 52.18 -8.13
N THR H 121 -62.82 51.93 -6.82
CA THR H 121 -61.83 52.53 -5.95
C THR H 121 -60.42 52.02 -6.26
N ILE H 122 -60.32 50.72 -6.54
CA ILE H 122 -59.05 50.08 -6.82
C ILE H 122 -58.40 50.62 -8.10
N LEU H 123 -59.22 50.84 -9.12
CA LEU H 123 -58.74 51.28 -10.42
C LEU H 123 -58.17 52.70 -10.41
N GLU H 124 -58.48 53.46 -9.37
CA GLU H 124 -57.97 54.82 -9.24
C GLU H 124 -56.50 54.81 -8.84
N PHE H 125 -56.01 53.65 -8.45
CA PHE H 125 -54.61 53.49 -8.06
C PHE H 125 -53.79 52.75 -9.12
N LEU H 126 -54.47 52.03 -10.00
CA LEU H 126 -53.80 51.19 -10.99
C LEU H 126 -53.29 51.92 -12.24
N GLY H 127 -54.05 52.89 -12.74
CA GLY H 127 -53.68 53.61 -13.95
C GLY H 127 -53.89 52.81 -15.22
N ASP H 128 -52.82 52.60 -15.98
CA ASP H 128 -52.89 51.76 -17.18
C ASP H 128 -52.79 50.31 -16.74
N THR H 129 -53.78 49.51 -17.13
CA THR H 129 -53.85 48.13 -16.69
C THR H 129 -53.08 47.18 -17.60
N GLY H 130 -52.76 47.64 -18.81
CA GLY H 130 -52.00 46.85 -19.74
C GLY H 130 -52.71 45.58 -20.15
N ASN H 131 -52.02 44.45 -20.05
CA ASN H 131 -52.60 43.17 -20.46
C ASN H 131 -53.55 42.56 -19.43
N LEU H 132 -53.95 43.36 -18.44
CA LEU H 132 -54.87 42.88 -17.42
C LEU H 132 -56.27 42.72 -18.00
N ALA H 133 -56.83 41.52 -17.86
CA ALA H 133 -58.13 41.22 -18.46
C ALA H 133 -59.26 41.34 -17.46
N GLN H 134 -59.02 40.91 -16.23
CA GLN H 134 -60.04 40.96 -15.19
C GLN H 134 -59.46 41.43 -13.86
N ILE H 135 -60.31 42.01 -13.01
CA ILE H 135 -59.88 42.44 -11.68
C ILE H 135 -60.83 41.89 -10.61
N VAL H 136 -60.26 41.35 -9.54
CA VAL H 136 -61.04 40.71 -8.49
C VAL H 136 -60.73 41.26 -7.11
N THR H 137 -61.77 41.58 -6.35
CA THR H 137 -61.60 42.00 -4.96
C THR H 137 -62.39 41.09 -4.03
N VAL H 138 -61.76 40.72 -2.92
CA VAL H 138 -62.40 39.85 -1.94
C VAL H 138 -62.03 40.30 -0.53
N ASP H 139 -63.03 40.36 0.35
CA ASP H 139 -62.79 40.75 1.73
C ASP H 139 -62.47 39.52 2.58
N ALA H 140 -61.22 39.07 2.50
CA ALA H 140 -60.80 37.86 3.21
C ALA H 140 -60.59 38.13 4.70
N ASN H 141 -60.51 39.40 5.06
CA ASN H 141 -60.31 39.79 6.45
C ASN H 141 -61.49 39.40 7.33
N SER H 142 -62.69 39.53 6.79
CA SER H 142 -63.91 39.23 7.53
C SER H 142 -64.24 37.75 7.47
N MET H 143 -63.81 37.09 6.39
CA MET H 143 -64.09 35.68 6.21
C MET H 143 -63.24 34.82 7.14
N ALA H 144 -61.96 35.18 7.28
CA ALA H 144 -61.06 34.48 8.18
C ALA H 144 -59.83 35.33 8.50
N GLY H 165 -54.69 32.40 7.48
CA GLY H 165 -56.06 32.79 7.73
C GLY H 165 -56.77 33.27 6.47
N ILE H 166 -56.31 34.42 5.95
CA ILE H 166 -56.92 35.01 4.77
C ILE H 166 -56.47 34.35 3.47
N ALA H 167 -55.65 33.30 3.60
CA ALA H 167 -55.14 32.59 2.43
C ALA H 167 -56.25 31.89 1.66
N ALA H 168 -57.08 31.12 2.37
CA ALA H 168 -58.14 30.35 1.75
C ALA H 168 -59.23 31.20 1.08
N PRO H 169 -59.69 32.29 1.75
CA PRO H 169 -60.68 33.10 1.03
C PRO H 169 -60.13 33.77 -0.23
N ILE H 170 -58.86 34.14 -0.21
CA ILE H 170 -58.22 34.73 -1.38
C ILE H 170 -57.97 33.70 -2.47
N ALA H 171 -57.50 32.52 -2.07
CA ALA H 171 -57.23 31.44 -3.02
C ALA H 171 -58.50 31.00 -3.74
N GLY H 172 -59.62 31.03 -3.01
CA GLY H 172 -60.89 30.69 -3.60
C GLY H 172 -61.31 31.73 -4.63
N ALA H 173 -60.92 32.98 -4.39
CA ALA H 173 -61.26 34.07 -5.30
C ALA H 173 -60.48 33.96 -6.60
N VAL H 174 -59.32 33.32 -6.55
CA VAL H 174 -58.49 33.11 -7.73
C VAL H 174 -59.12 32.07 -8.66
N VAL H 175 -59.68 31.02 -8.05
CA VAL H 175 -60.30 29.95 -8.81
C VAL H 175 -61.55 30.41 -9.54
N LYS H 176 -62.35 31.25 -8.88
CA LYS H 176 -63.60 31.74 -9.47
C LYS H 176 -63.35 32.53 -10.75
N ALA H 177 -62.19 33.17 -10.83
CA ALA H 177 -61.87 34.03 -11.95
C ALA H 177 -60.93 33.37 -12.96
N THR H 178 -60.08 32.47 -12.48
CA THR H 178 -59.08 31.87 -13.34
C THR H 178 -59.39 30.41 -13.66
N GLY H 179 -59.92 29.68 -12.67
CA GLY H 179 -60.21 28.28 -12.84
C GLY H 179 -58.91 27.52 -13.02
N ILE H 180 -57.88 27.96 -12.30
CA ILE H 180 -56.56 27.35 -12.40
C ILE H 180 -56.56 25.92 -11.88
N VAL H 181 -57.27 25.70 -10.77
CA VAL H 181 -57.39 24.37 -10.20
C VAL H 181 -58.84 24.13 -9.83
N ASP H 182 -59.23 22.87 -9.69
CA ASP H 182 -60.59 22.56 -9.29
C ASP H 182 -60.81 22.98 -7.83
N VAL H 183 -62.03 23.37 -7.52
CA VAL H 183 -62.37 23.84 -6.17
C VAL H 183 -62.24 22.72 -5.15
N GLU H 184 -62.72 21.54 -5.51
CA GLU H 184 -62.69 20.39 -4.61
C GLU H 184 -61.25 19.96 -4.32
N ASN H 185 -60.37 20.15 -5.31
CA ASN H 185 -58.95 19.86 -5.13
C ASN H 185 -58.28 20.87 -4.21
N LEU H 186 -58.70 22.13 -4.30
CA LEU H 186 -58.13 23.17 -3.45
C LEU H 186 -58.73 23.09 -2.05
N ALA H 187 -59.91 22.50 -1.94
CA ALA H 187 -60.58 22.33 -0.66
C ALA H 187 -59.94 21.19 0.14
N ALA H 188 -59.05 20.45 -0.52
CA ALA H 188 -58.41 19.30 0.11
C ALA H 188 -56.98 19.61 0.55
N VAL H 189 -56.53 20.84 0.32
CA VAL H 189 -55.18 21.22 0.68
C VAL H 189 -55.14 22.40 1.66
N VAL H 190 -56.30 22.97 1.96
CA VAL H 190 -56.37 24.10 2.88
C VAL H 190 -56.86 23.68 4.27
N LYS H 191 -56.42 24.42 5.28
CA LYS H 191 -56.81 24.13 6.66
C LYS H 191 -58.20 24.67 6.96
N ASN H 192 -58.60 25.70 6.22
CA ASN H 192 -59.93 26.25 6.34
C ASN H 192 -60.66 26.25 5.00
N PRO H 193 -61.33 25.14 4.68
CA PRO H 193 -62.09 24.99 3.43
C PRO H 193 -63.37 25.81 3.42
N ALA H 194 -63.91 26.07 4.61
CA ALA H 194 -65.14 26.84 4.76
C ALA H 194 -64.95 28.26 4.26
N ALA H 195 -63.86 28.89 4.67
CA ALA H 195 -63.55 30.26 4.29
C ALA H 195 -63.25 30.38 2.80
N MET H 196 -62.76 29.31 2.19
CA MET H 196 -62.45 29.33 0.75
C MET H 196 -63.72 29.48 -0.08
N ARG H 197 -64.75 28.73 0.27
CA ARG H 197 -66.01 28.76 -0.47
C ARG H 197 -66.64 30.14 -0.36
N ARG H 198 -66.40 30.81 0.76
CA ARG H 198 -66.86 32.18 0.92
C ARG H 198 -66.13 33.08 -0.08
N GLY H 199 -64.82 32.90 -0.18
CA GLY H 199 -64.01 33.64 -1.14
C GLY H 199 -64.36 33.25 -2.57
N TYR H 200 -64.78 32.01 -2.75
CA TYR H 200 -65.16 31.51 -4.06
C TYR H 200 -66.55 31.99 -4.49
N ALA H 201 -67.38 32.36 -3.52
CA ALA H 201 -68.75 32.77 -3.82
C ALA H 201 -68.92 34.28 -3.81
N GLU H 202 -68.24 34.95 -2.89
CA GLU H 202 -68.41 36.39 -2.71
C GLU H 202 -67.39 37.21 -3.49
N ALA H 203 -66.57 36.55 -4.30
CA ALA H 203 -65.57 37.24 -5.10
C ALA H 203 -66.20 38.09 -6.19
N GLN H 204 -65.79 39.35 -6.27
CA GLN H 204 -66.32 40.27 -7.26
C GLN H 204 -65.39 40.37 -8.47
N VAL H 205 -65.77 39.74 -9.57
CA VAL H 205 -64.95 39.71 -10.77
C VAL H 205 -65.47 40.70 -11.82
N ARG H 206 -64.56 41.51 -12.37
CA ARG H 206 -64.92 42.45 -13.42
C ARG H 206 -63.97 42.34 -14.60
N GLN H 207 -64.53 42.10 -15.79
CA GLN H 207 -63.77 41.99 -17.02
C GLN H 207 -63.37 43.39 -17.50
N LEU H 208 -62.16 43.51 -18.04
CA LEU H 208 -61.66 44.81 -18.48
C LEU H 208 -61.68 44.92 -20.01
N PRO H 209 -61.87 46.14 -20.53
CA PRO H 209 -61.88 46.44 -21.96
C PRO H 209 -60.54 46.13 -22.62
N PRO H 210 -60.55 45.75 -23.91
CA PRO H 210 -59.34 45.42 -24.67
C PRO H 210 -58.28 46.51 -24.57
N HIS H 211 -57.02 46.11 -24.74
CA HIS H 211 -55.91 46.95 -24.28
C HIS H 211 -54.57 46.61 -24.93
N GLU H 212 -53.63 47.54 -24.83
CA GLU H 212 -52.27 47.33 -25.32
C GLU H 212 -51.32 46.97 -24.18
N ALA H 213 -50.29 46.21 -24.51
CA ALA H 213 -49.31 45.80 -23.52
C ALA H 213 -48.38 46.95 -23.14
N VAL H 214 -48.10 47.08 -21.86
CA VAL H 214 -47.11 48.05 -21.39
C VAL H 214 -45.78 47.34 -21.18
N GLU H 215 -45.19 46.90 -22.28
CA GLU H 215 -43.97 46.08 -22.24
C GLU H 215 -42.78 46.88 -21.71
N GLU H 216 -42.17 46.38 -20.66
CA GLU H 216 -41.00 47.02 -20.08
C GLU H 216 -39.74 46.50 -20.77
N ALA H 217 -38.80 47.41 -21.03
CA ALA H 217 -37.57 47.04 -21.72
C ALA H 217 -36.54 46.49 -20.75
N ALA H 218 -35.72 45.56 -21.23
CA ALA H 218 -34.63 45.02 -20.43
C ALA H 218 -33.39 45.90 -20.58
N VAL H 219 -32.50 45.83 -19.60
CA VAL H 219 -31.27 46.61 -19.66
C VAL H 219 -30.20 45.85 -20.43
N SER H 220 -29.29 46.57 -21.07
CA SER H 220 -28.18 45.96 -21.80
C SER H 220 -26.98 45.73 -20.87
N ALA H 221 -26.12 44.81 -21.25
CA ALA H 221 -24.90 44.54 -20.49
C ALA H 221 -23.94 45.72 -20.59
N THR H 222 -24.02 46.44 -21.70
CA THR H 222 -23.20 47.62 -21.94
C THR H 222 -23.57 48.75 -20.99
N GLU H 223 -24.86 49.05 -20.91
CA GLU H 223 -25.36 50.09 -20.02
C GLU H 223 -25.27 49.71 -18.55
N LEU H 224 -25.53 48.44 -18.24
CA LEU H 224 -25.45 47.96 -16.87
C LEU H 224 -24.04 48.08 -16.33
N LEU H 225 -23.05 48.00 -17.22
CA LEU H 225 -21.66 48.15 -16.83
C LEU H 225 -21.31 49.63 -16.62
N ARG H 226 -21.85 50.49 -17.46
CA ARG H 226 -21.61 51.93 -17.35
C ARG H 226 -22.29 52.52 -16.12
N GLN H 227 -23.37 51.89 -15.67
CA GLN H 227 -24.09 52.36 -14.49
C GLN H 227 -23.42 51.92 -13.20
N MET H 228 -22.32 51.18 -13.35
CA MET H 228 -21.53 50.74 -12.21
C MET H 228 -20.38 51.71 -11.97
N PRO H 229 -20.43 52.45 -10.85
CA PRO H 229 -19.38 53.41 -10.50
C PRO H 229 -18.09 52.72 -10.10
N PHE H 230 -17.03 53.52 -9.91
CA PHE H 230 -15.73 52.99 -9.51
C PHE H 230 -15.84 52.20 -8.21
N ALA H 231 -15.63 50.89 -8.33
CA ALA H 231 -15.64 49.97 -7.18
C ALA H 231 -16.97 49.96 -6.44
N GLY H 232 -18.01 50.49 -7.06
CA GLY H 232 -19.33 50.54 -6.45
C GLY H 232 -19.47 51.66 -5.43
N THR H 233 -18.42 52.45 -5.28
CA THR H 233 -18.42 53.54 -4.31
C THR H 233 -19.29 54.70 -4.78
N VAL H 234 -20.25 55.07 -3.94
CA VAL H 234 -21.15 56.18 -4.25
C VAL H 234 -20.96 57.32 -3.27
N PRO H 235 -21.21 58.56 -3.72
CA PRO H 235 -21.10 59.73 -2.85
C PRO H 235 -22.23 59.77 -1.80
N SER H 236 -21.95 60.40 -0.65
CA SER H 236 -22.96 60.52 0.40
C SER H 236 -24.07 61.47 0.01
N PRO H 237 -25.32 61.12 0.37
CA PRO H 237 -26.49 61.96 0.12
C PRO H 237 -26.41 63.26 0.90
N VAL H 238 -27.24 64.22 0.53
CA VAL H 238 -27.27 65.51 1.22
C VAL H 238 -28.51 65.62 2.11
N THR H 239 -29.69 65.38 1.53
CA THR H 239 -30.94 65.53 2.27
C THR H 239 -31.75 64.24 2.36
N GLU H 240 -31.58 63.37 1.37
CA GLU H 240 -32.36 62.13 1.31
C GLU H 240 -31.67 61.06 0.48
N ASN H 241 -32.04 59.81 0.75
CA ASN H 241 -31.52 58.68 0.00
C ASN H 241 -32.55 58.16 -1.01
N GLU H 242 -32.52 58.72 -2.21
CA GLU H 242 -33.48 58.36 -3.25
C GLU H 242 -33.27 56.95 -3.79
N GLY H 243 -32.15 56.34 -3.42
CA GLY H 243 -31.87 54.98 -3.84
C GLY H 243 -32.77 54.00 -3.12
N MET H 244 -33.44 54.48 -2.08
CA MET H 244 -34.37 53.65 -1.31
C MET H 244 -35.54 54.49 -0.83
N VAL H 245 -36.49 54.75 -1.72
CA VAL H 245 -37.72 55.45 -1.35
C VAL H 245 -38.68 54.46 -0.73
N THR H 246 -39.11 54.76 0.50
CA THR H 246 -39.83 53.79 1.32
C THR H 246 -41.27 54.20 1.67
N GLY H 247 -41.80 55.19 0.97
CA GLY H 247 -43.16 55.63 1.21
C GLY H 247 -44.20 54.57 0.85
N ASN H 248 -43.84 53.71 -0.10
CA ASN H 248 -44.74 52.65 -0.55
C ASN H 248 -44.77 51.45 0.39
N TRP H 249 -44.25 51.64 1.60
CA TRP H 249 -44.34 50.62 2.63
C TRP H 249 -45.63 50.75 3.44
N ARG H 250 -46.27 51.91 3.30
CA ARG H 250 -47.38 52.29 4.18
C ARG H 250 -48.66 51.48 4.01
N ILE H 251 -49.10 50.86 5.10
CA ILE H 251 -50.44 50.30 5.21
C ILE H 251 -51.31 51.39 5.83
N GLN H 252 -50.68 52.20 6.67
CA GLN H 252 -51.33 53.29 7.36
C GLN H 252 -50.40 54.50 7.45
N ARG H 253 -50.96 55.68 7.64
CA ARG H 253 -50.14 56.88 7.80
C ARG H 253 -50.56 57.68 9.03
N PRO H 254 -49.59 58.31 9.70
CA PRO H 254 -49.86 59.17 10.85
C PRO H 254 -50.55 60.47 10.46
N ILE H 255 -51.66 60.78 11.13
CA ILE H 255 -52.38 62.03 10.91
C ILE H 255 -52.39 62.87 12.18
N ILE H 256 -51.96 64.13 12.04
CA ILE H 256 -51.81 65.00 13.20
C ILE H 256 -53.00 65.93 13.39
N ASP H 257 -53.35 66.18 14.66
CA ASP H 257 -54.32 67.21 15.02
C ASP H 257 -53.58 68.35 15.70
N ARG H 258 -53.21 69.36 14.92
CA ARG H 258 -52.31 70.41 15.38
C ARG H 258 -52.88 71.28 16.50
N GLU H 259 -54.19 71.26 16.68
CA GLU H 259 -54.79 71.99 17.81
C GLU H 259 -54.70 71.15 19.08
N ALA H 260 -54.34 69.87 18.92
CA ALA H 260 -54.14 68.99 20.06
C ALA H 260 -52.64 68.77 20.28
N CYS H 261 -51.83 69.33 19.40
CA CYS H 261 -50.38 69.16 19.46
C CYS H 261 -49.75 70.15 20.42
N THR H 262 -48.93 69.63 21.33
CA THR H 262 -48.22 70.46 22.29
C THR H 262 -46.84 70.85 21.78
N GLU H 263 -46.49 70.34 20.60
CA GLU H 263 -45.18 70.55 19.98
C GLU H 263 -44.06 70.12 20.92
N CYS H 264 -44.26 69.00 21.60
CA CYS H 264 -43.25 68.44 22.49
C CYS H 264 -42.16 67.75 21.69
N TYR H 265 -42.49 67.42 20.44
CA TYR H 265 -41.56 66.77 19.50
C TYR H 265 -41.01 65.46 20.05
N THR H 266 -41.84 64.75 20.80
CA THR H 266 -41.49 63.42 21.27
C THR H 266 -41.43 62.49 20.06
N CYS H 267 -42.37 62.69 19.14
CA CYS H 267 -42.41 61.93 17.89
C CYS H 267 -41.16 62.15 17.06
N TRP H 268 -40.67 63.38 17.03
CA TRP H 268 -39.51 63.75 16.21
C TRP H 268 -38.23 63.03 16.61
N ILE H 269 -38.04 62.83 17.91
CA ILE H 269 -36.81 62.25 18.42
C ILE H 269 -36.84 60.73 18.37
N TYR H 270 -38.00 60.16 18.04
CA TYR H 270 -38.15 58.71 18.05
C TYR H 270 -38.42 58.12 16.66
N CYS H 271 -38.44 58.96 15.63
CA CYS H 271 -38.67 58.47 14.27
C CYS H 271 -37.38 57.87 13.71
N PRO H 272 -37.40 56.56 13.42
CA PRO H 272 -36.21 55.85 12.94
C PRO H 272 -35.78 56.27 11.53
N ASP H 273 -36.66 56.96 10.81
CA ASP H 273 -36.42 57.27 9.40
C ASP H 273 -36.33 58.77 9.10
N SER H 274 -36.18 59.58 10.14
CA SER H 274 -36.01 61.03 10.00
C SER H 274 -37.11 61.67 9.14
N CYS H 275 -38.34 61.20 9.28
CA CYS H 275 -39.44 61.69 8.46
C CYS H 275 -40.16 62.88 9.09
N ILE H 276 -39.74 63.25 10.31
CA ILE H 276 -40.37 64.36 11.01
C ILE H 276 -39.43 65.54 11.11
N THR H 277 -39.93 66.73 10.77
CA THR H 277 -39.13 67.95 10.83
C THR H 277 -39.76 68.97 11.76
N ARG H 278 -38.95 69.59 12.60
CA ARG H 278 -39.46 70.57 13.55
C ARG H 278 -39.59 71.94 12.89
N THR H 279 -40.83 72.38 12.73
CA THR H 279 -41.13 73.68 12.15
C THR H 279 -41.91 74.54 13.12
N GLU H 280 -42.18 75.78 12.72
CA GLU H 280 -42.96 76.69 13.55
C GLU H 280 -44.42 76.25 13.57
N GLU H 281 -44.82 75.52 12.53
CA GLU H 281 -46.16 74.97 12.43
C GLU H 281 -46.27 73.69 13.24
N GLY H 282 -45.13 73.19 13.70
CA GLY H 282 -45.09 71.95 14.46
C GLY H 282 -44.39 70.86 13.67
N PRO H 283 -44.50 69.61 14.14
CA PRO H 283 -43.85 68.48 13.47
C PRO H 283 -44.44 68.20 12.09
N VAL H 284 -43.60 68.25 11.06
CA VAL H 284 -44.04 67.97 9.70
C VAL H 284 -43.57 66.58 9.26
N PHE H 285 -44.52 65.78 8.78
CA PHE H 285 -44.26 64.38 8.47
C PHE H 285 -43.98 64.14 6.99
N ASN H 286 -42.82 63.58 6.68
CA ASN H 286 -42.42 63.33 5.31
C ASN H 286 -43.05 62.06 4.74
N MET H 287 -43.99 62.22 3.82
CA MET H 287 -44.76 61.10 3.30
C MET H 287 -44.07 60.38 2.16
N LYS H 288 -42.89 60.86 1.77
CA LYS H 288 -42.14 60.22 0.70
C LYS H 288 -41.44 58.96 1.21
N TYR H 289 -41.04 58.99 2.47
CA TYR H 289 -40.28 57.88 3.06
C TYR H 289 -40.97 57.24 4.26
N CYS H 290 -41.99 57.90 4.80
CA CYS H 290 -42.70 57.40 5.97
C CYS H 290 -43.17 55.98 5.72
N LYS H 291 -42.79 55.07 6.61
CA LYS H 291 -43.14 53.67 6.46
C LYS H 291 -44.44 53.35 7.20
N GLY H 292 -44.96 54.33 7.91
CA GLY H 292 -46.17 54.15 8.69
C GLY H 292 -46.01 53.06 9.73
N CYS H 293 -44.91 53.13 10.46
CA CYS H 293 -44.64 52.15 11.52
C CYS H 293 -45.58 52.40 12.68
N GLY H 294 -45.93 53.67 12.88
CA GLY H 294 -46.86 54.04 13.93
C GLY H 294 -46.21 54.29 15.27
N LEU H 295 -44.89 54.43 15.28
CA LEU H 295 -44.16 54.70 16.50
C LEU H 295 -44.51 56.07 17.06
N CYS H 296 -44.52 57.07 16.18
CA CYS H 296 -44.82 58.44 16.57
C CYS H 296 -46.20 58.56 17.23
N THR H 297 -47.18 57.82 16.71
CA THR H 297 -48.53 57.83 17.28
C THR H 297 -48.52 57.16 18.64
N ALA H 298 -47.70 56.13 18.79
CA ALA H 298 -47.65 55.35 20.02
C ALA H 298 -46.93 56.10 21.13
N VAL H 299 -45.95 56.94 20.75
CA VAL H 299 -45.15 57.63 21.75
C VAL H 299 -45.68 59.04 22.01
N CYS H 300 -46.59 59.50 21.16
CA CYS H 300 -47.20 60.80 21.36
C CYS H 300 -48.03 60.84 22.62
N PRO H 301 -47.67 61.72 23.57
CA PRO H 301 -48.31 61.83 24.89
C PRO H 301 -49.60 62.66 24.84
N SER H 302 -49.80 63.40 23.76
CA SER H 302 -50.94 64.29 23.66
C SER H 302 -52.09 63.66 22.88
N GLY H 303 -51.81 62.52 22.25
CA GLY H 303 -52.82 61.81 21.47
C GLY H 303 -53.27 62.60 20.26
N ALA H 304 -52.36 63.41 19.72
CA ALA H 304 -52.65 64.25 18.56
C ALA H 304 -52.36 63.50 17.26
N LEU H 305 -51.96 62.24 17.36
CA LEU H 305 -51.64 61.44 16.18
C LEU H 305 -52.56 60.23 16.06
N THR H 306 -52.96 59.93 14.83
CA THR H 306 -53.86 58.81 14.57
C THR H 306 -53.42 58.01 13.35
N ASN H 307 -53.47 56.70 13.45
CA ASN H 307 -53.15 55.82 12.33
C ASN H 307 -54.35 55.67 11.39
N VAL H 308 -54.18 56.18 10.18
CA VAL H 308 -55.25 56.16 9.19
C VAL H 308 -54.80 55.36 7.98
N PRO H 309 -55.65 54.43 7.51
CA PRO H 309 -55.40 53.58 6.33
C PRO H 309 -54.82 54.37 5.15
N GLU H 310 -53.89 53.74 4.43
CA GLU H 310 -53.16 54.42 3.36
C GLU H 310 -54.02 54.66 2.12
N LEU H 311 -54.97 53.77 1.88
CA LEU H 311 -55.81 53.85 0.69
C LEU H 311 -56.92 54.90 0.78
N ASP H 312 -56.90 55.69 1.85
CA ASP H 312 -57.82 56.82 1.96
C ASP H 312 -57.14 58.07 1.39
N PHE H 313 -55.99 57.86 0.78
CA PHE H 313 -55.19 58.97 0.26
C PHE H 313 -54.66 58.69 -1.14
N LYS H 314 -54.50 59.75 -1.93
CA LYS H 314 -54.00 59.64 -3.29
C LYS H 314 -52.55 60.11 -3.36
N ASP H 315 -52.11 60.80 -2.30
CA ASP H 315 -50.75 61.31 -2.24
C ASP H 315 -49.87 60.37 -1.43
N MET I 1 -15.10 70.15 20.32
CA MET I 1 -15.76 69.65 21.52
C MET I 1 -17.27 69.63 21.36
N LEU I 2 -17.87 68.47 21.63
CA LEU I 2 -19.31 68.32 21.51
C LEU I 2 -20.02 68.73 22.80
N ASP I 3 -20.84 69.76 22.71
CA ASP I 3 -21.53 70.29 23.89
C ASP I 3 -22.59 69.34 24.40
N ARG I 4 -22.90 69.45 25.69
CA ARG I 4 -23.92 68.62 26.31
C ARG I 4 -25.32 68.98 25.79
N ILE I 5 -26.15 67.97 25.61
CA ILE I 5 -27.54 68.19 25.18
C ILE I 5 -28.47 68.24 26.38
N ALA I 6 -29.03 69.42 26.64
CA ALA I 6 -29.87 69.64 27.81
C ALA I 6 -31.19 68.88 27.71
N SER I 7 -31.83 68.99 26.54
CA SER I 7 -33.15 68.39 26.33
C SER I 7 -33.43 68.17 24.85
N ILE I 8 -34.64 67.70 24.56
CA ILE I 8 -35.08 67.49 23.18
C ILE I 8 -35.24 68.82 22.46
N LYS I 9 -35.73 69.83 23.18
CA LYS I 9 -35.88 71.15 22.59
C LYS I 9 -34.51 71.74 22.23
N LYS I 10 -33.51 71.46 23.05
CA LYS I 10 -32.17 71.98 22.82
C LYS I 10 -31.32 70.98 22.05
N ALA I 11 -31.94 69.91 21.58
CA ALA I 11 -31.24 68.94 20.75
C ALA I 11 -31.17 69.48 19.32
N PRO I 12 -30.05 69.20 18.62
CA PRO I 12 -29.88 69.72 17.27
C PRO I 12 -30.92 69.19 16.29
N ASP I 13 -31.35 70.04 15.36
CA ASP I 13 -32.32 69.63 14.36
C ASP I 13 -31.66 68.84 13.25
N GLU I 14 -30.39 69.14 13.02
CA GLU I 14 -29.64 68.58 11.90
C GLU I 14 -29.55 67.07 11.97
N GLU I 15 -29.99 66.42 10.90
CA GLU I 15 -29.91 64.97 10.77
C GLU I 15 -28.74 64.61 9.87
N TYR I 16 -28.01 63.57 10.24
CA TYR I 16 -26.92 63.06 9.43
C TYR I 16 -27.20 61.61 9.09
N TYR I 17 -28.45 61.21 9.32
CA TYR I 17 -28.95 59.90 8.96
C TYR I 17 -30.29 60.13 8.26
N VAL I 18 -30.22 60.44 6.96
CA VAL I 18 -31.37 60.91 6.20
C VAL I 18 -32.37 59.79 5.89
N PRO I 19 -33.62 60.18 5.55
CA PRO I 19 -34.60 59.18 5.15
C PRO I 19 -34.16 58.39 3.93
N GLY I 20 -34.45 57.09 3.93
CA GLY I 20 -34.08 56.23 2.82
C GLY I 20 -33.15 55.10 3.20
N HIS I 21 -33.71 54.05 3.79
CA HIS I 21 -32.97 52.84 4.09
C HIS I 21 -33.93 51.67 4.23
N ARG I 22 -33.48 50.48 3.87
CA ARG I 22 -34.34 49.31 3.85
C ARG I 22 -34.36 48.64 5.22
N THR I 23 -34.61 49.43 6.25
CA THR I 23 -34.75 48.92 7.61
C THR I 23 -36.20 48.66 7.96
N CYS I 24 -36.44 47.75 8.89
CA CYS I 24 -37.80 47.40 9.32
C CYS I 24 -38.58 48.61 9.82
N ALA I 25 -39.90 48.53 9.76
CA ALA I 25 -40.76 49.56 10.30
C ALA I 25 -40.59 49.61 11.81
N GLY I 26 -40.23 50.78 12.33
CA GLY I 26 -39.97 50.92 13.75
C GLY I 26 -38.71 50.19 14.15
N CYS I 27 -37.70 50.25 13.30
CA CYS I 27 -36.43 49.57 13.57
C CYS I 27 -35.66 50.24 14.70
N GLY I 28 -35.42 49.47 15.76
CA GLY I 28 -34.65 49.96 16.89
C GLY I 28 -33.24 50.38 16.55
N PRO I 29 -32.43 49.46 15.99
CA PRO I 29 -31.06 49.76 15.57
C PRO I 29 -30.94 50.91 14.56
N ALA I 30 -31.96 51.13 13.74
CA ALA I 30 -31.92 52.21 12.77
C ALA I 30 -31.99 53.57 13.48
N LEU I 31 -32.84 53.64 14.51
CA LEU I 31 -32.97 54.85 15.31
C LEU I 31 -31.67 55.09 16.07
N THR I 32 -31.06 54.02 16.56
CA THR I 32 -29.76 54.07 17.22
C THR I 32 -28.74 54.77 16.34
N TYR I 33 -28.67 54.33 15.08
CA TYR I 33 -27.76 54.91 14.10
C TYR I 33 -28.10 56.37 13.85
N ARG I 34 -29.39 56.68 13.86
CA ARG I 34 -29.85 58.04 13.59
C ARG I 34 -29.40 59.02 14.68
N LEU I 35 -29.50 58.59 15.93
CA LEU I 35 -29.14 59.44 17.06
C LEU I 35 -27.64 59.63 17.18
N VAL I 36 -26.88 58.58 16.88
CA VAL I 36 -25.42 58.65 16.93
C VAL I 36 -24.90 59.60 15.86
N ALA I 37 -25.43 59.45 14.65
CA ALA I 37 -25.07 60.31 13.53
C ALA I 37 -25.48 61.75 13.79
N LYS I 38 -26.58 61.90 14.53
CA LYS I 38 -27.13 63.20 14.88
C LYS I 38 -26.25 63.99 15.85
N ALA I 39 -25.70 63.27 16.82
CA ALA I 39 -24.85 63.87 17.84
C ALA I 39 -23.43 64.09 17.35
N ALA I 40 -23.03 63.33 16.33
CA ALA I 40 -21.66 63.35 15.84
C ALA I 40 -21.32 64.58 15.02
N GLY I 41 -22.15 64.92 14.04
CA GLY I 41 -21.88 66.06 13.19
C GLY I 41 -21.24 65.67 11.87
N PRO I 42 -20.84 66.68 11.06
CA PRO I 42 -20.29 66.42 9.73
C PRO I 42 -18.88 65.83 9.77
N ASN I 43 -18.08 66.23 10.75
CA ASN I 43 -16.70 65.76 10.85
C ASN I 43 -16.62 64.39 11.51
N THR I 44 -17.27 63.41 10.89
CA THR I 44 -17.37 62.07 11.46
C THR I 44 -17.20 61.00 10.38
N ILE I 45 -16.53 59.91 10.73
CA ILE I 45 -16.38 58.78 9.83
C ILE I 45 -16.96 57.51 10.46
N PHE I 46 -17.88 56.88 9.75
CA PHE I 46 -18.54 55.68 10.28
C PHE I 46 -17.97 54.40 9.67
N ILE I 47 -17.77 53.41 10.54
CA ILE I 47 -17.32 52.09 10.12
C ILE I 47 -18.44 51.10 10.36
N GLY I 48 -18.93 50.48 9.30
CA GLY I 48 -20.07 49.58 9.42
C GLY I 48 -19.74 48.14 9.11
N PRO I 49 -19.47 47.34 10.16
CA PRO I 49 -19.32 45.89 10.01
C PRO I 49 -20.60 45.25 9.48
N THR I 50 -20.47 44.11 8.82
CA THR I 50 -21.60 43.47 8.16
C THR I 50 -22.71 43.10 9.14
N GLY I 51 -23.92 43.53 8.83
CA GLY I 51 -25.08 43.30 9.68
C GLY I 51 -26.25 44.10 9.13
N CYS I 52 -27.33 44.21 9.91
CA CYS I 52 -28.50 44.97 9.48
C CYS I 52 -28.14 46.42 9.17
N MET I 53 -27.38 47.05 10.06
CA MET I 53 -27.07 48.47 9.90
C MET I 53 -26.07 48.70 8.77
N TYR I 54 -25.55 47.61 8.22
CA TYR I 54 -24.79 47.70 6.99
C TYR I 54 -25.71 47.39 5.81
N VAL I 55 -26.23 46.16 5.78
CA VAL I 55 -27.03 45.69 4.65
C VAL I 55 -28.29 46.52 4.42
N ALA I 56 -29.14 46.60 5.45
CA ALA I 56 -30.43 47.26 5.33
C ALA I 56 -30.31 48.75 4.99
N ASN I 57 -29.27 49.39 5.51
CA ASN I 57 -29.10 50.81 5.30
C ASN I 57 -28.60 51.15 3.90
N THR I 58 -27.86 50.24 3.30
CA THR I 58 -27.21 50.52 2.04
C THR I 58 -27.87 49.85 0.83
N SER I 59 -28.85 49.01 1.08
CA SER I 59 -29.56 48.30 0.01
C SER I 59 -30.44 49.26 -0.78
N TYR I 60 -30.17 49.40 -2.07
CA TYR I 60 -29.05 48.74 -2.72
C TYR I 60 -28.17 49.73 -3.48
N GLY I 61 -26.86 49.68 -3.23
CA GLY I 61 -25.92 50.56 -3.88
C GLY I 61 -26.12 52.02 -3.50
N CYS I 62 -26.52 52.25 -2.26
CA CYS I 62 -26.76 53.59 -1.75
C CYS I 62 -26.48 53.66 -0.25
N GLY I 63 -26.96 54.70 0.42
CA GLY I 63 -26.77 54.85 1.84
C GLY I 63 -27.35 56.12 2.42
N PRO I 64 -27.71 56.10 3.71
CA PRO I 64 -28.37 57.23 4.36
C PRO I 64 -27.40 58.18 5.08
N TRP I 65 -26.11 57.85 5.08
CA TRP I 65 -25.13 58.62 5.85
C TRP I 65 -24.61 59.82 5.08
N ARG I 66 -24.76 61.00 5.68
CA ARG I 66 -24.30 62.24 5.07
C ARG I 66 -22.79 62.41 5.28
N VAL I 67 -22.24 61.58 6.16
CA VAL I 67 -20.82 61.63 6.49
C VAL I 67 -20.12 60.41 5.88
N PRO I 68 -18.77 60.44 5.78
CA PRO I 68 -18.06 59.30 5.22
C PRO I 68 -18.39 57.98 5.91
N TRP I 69 -18.41 56.90 5.13
CA TRP I 69 -18.72 55.59 5.67
C TRP I 69 -18.00 54.53 4.85
N ILE I 70 -17.47 53.53 5.54
CA ILE I 70 -16.82 52.43 4.86
C ILE I 70 -17.31 51.11 5.43
N HIS I 71 -17.44 50.12 4.56
CA HIS I 71 -17.80 48.78 4.99
C HIS I 71 -16.62 48.10 5.64
N ALA I 72 -16.89 47.35 6.70
CA ALA I 72 -15.88 46.51 7.31
C ALA I 72 -16.45 45.12 7.44
N GLN I 73 -15.58 44.14 7.64
CA GLN I 73 -16.03 42.79 7.89
C GLN I 73 -16.62 42.73 9.29
N ILE I 74 -17.43 41.70 9.56
CA ILE I 74 -18.00 41.52 10.89
C ILE I 74 -16.90 41.14 11.88
N THR I 75 -15.74 40.77 11.33
CA THR I 75 -14.62 40.29 12.12
C THR I 75 -13.62 41.38 12.53
N ASN I 76 -13.65 42.51 11.83
CA ASN I 76 -12.63 43.53 12.04
C ASN I 76 -13.14 44.96 12.19
N GLY I 77 -14.13 45.17 13.06
CA GLY I 77 -14.66 46.50 13.30
C GLY I 77 -13.62 47.44 13.86
N GLY I 78 -13.00 47.04 14.97
CA GLY I 78 -12.00 47.86 15.63
C GLY I 78 -10.69 47.92 14.88
N ALA I 79 -10.35 46.83 14.19
CA ALA I 79 -9.11 46.76 13.44
C ALA I 79 -9.09 47.76 12.29
N VAL I 80 -10.19 47.85 11.56
CA VAL I 80 -10.30 48.79 10.45
C VAL I 80 -10.29 50.22 10.97
N ALA I 81 -11.03 50.43 12.05
CA ALA I 81 -11.09 51.74 12.70
C ALA I 81 -9.70 52.21 13.11
N SER I 82 -8.89 51.30 13.61
CA SER I 82 -7.53 51.60 14.03
C SER I 82 -6.71 52.16 12.87
N GLY I 83 -6.91 51.58 11.68
CA GLY I 83 -6.18 52.00 10.51
C GLY I 83 -6.56 53.40 10.06
N ILE I 84 -7.85 53.70 10.11
CA ILE I 84 -8.35 55.01 9.73
C ILE I 84 -7.84 56.05 10.71
N GLU I 85 -7.75 55.65 11.97
CA GLU I 85 -7.20 56.51 13.01
C GLU I 85 -5.70 56.71 12.81
N ALA I 86 -4.99 55.60 12.62
CA ALA I 86 -3.55 55.63 12.42
C ALA I 86 -3.18 56.43 11.18
N ALA I 87 -4.00 56.31 10.14
CA ALA I 87 -3.79 57.05 8.91
C ALA I 87 -3.88 58.55 9.17
N TYR I 88 -4.97 58.95 9.81
CA TYR I 88 -5.20 60.37 10.08
C TYR I 88 -4.13 60.95 10.99
N LYS I 89 -3.71 60.20 12.00
CA LYS I 89 -2.66 60.69 12.89
C LYS I 89 -1.32 60.77 12.16
N ALA I 90 -1.17 59.97 11.11
CA ALA I 90 0.07 59.99 10.33
C ALA I 90 0.00 60.99 9.18
N MET I 91 -1.11 61.00 8.45
CA MET I 91 -1.29 61.92 7.34
C MET I 91 -1.24 63.37 7.79
N ILE I 92 -1.69 63.62 9.02
CA ILE I 92 -1.68 64.96 9.59
C ILE I 92 -0.28 65.37 10.06
N ARG I 93 0.40 64.47 10.76
CA ARG I 93 1.72 64.77 11.31
C ARG I 93 2.75 65.08 10.23
N LYS I 94 2.71 64.33 9.13
CA LYS I 94 3.63 64.53 8.02
C LYS I 94 3.11 65.55 7.01
N LYS I 95 2.05 66.25 7.40
CA LYS I 95 1.47 67.33 6.60
C LYS I 95 1.06 66.88 5.21
N LYS I 96 0.43 65.72 5.12
CA LYS I 96 -0.06 65.21 3.84
C LYS I 96 -1.55 65.45 3.70
N THR I 97 -2.13 66.10 4.70
CA THR I 97 -3.53 66.50 4.67
C THR I 97 -3.79 67.66 5.62
N ASP I 98 -4.80 68.45 5.32
CA ASP I 98 -5.21 69.56 6.19
C ASP I 98 -6.49 69.18 6.91
N ALA I 99 -6.95 67.94 6.68
CA ALA I 99 -8.15 67.43 7.32
C ALA I 99 -8.00 67.38 8.83
N GLU I 100 -9.05 67.80 9.52
CA GLU I 100 -9.08 67.77 10.98
C GLU I 100 -9.32 66.36 11.45
N PHE I 101 -8.85 66.02 12.65
CA PHE I 101 -9.06 64.68 13.18
C PHE I 101 -10.54 64.47 13.42
N PRO I 102 -11.14 63.52 12.70
CA PRO I 102 -12.60 63.31 12.74
C PRO I 102 -13.05 62.39 13.87
N ASN I 103 -14.35 62.42 14.16
CA ASN I 103 -14.94 61.43 15.03
C ASN I 103 -14.97 60.09 14.30
N ILE I 104 -14.33 59.10 14.90
CA ILE I 104 -14.26 57.77 14.30
C ILE I 104 -15.17 56.82 15.05
N ILE I 105 -16.28 56.44 14.43
CA ILE I 105 -17.28 55.64 15.11
C ILE I 105 -17.51 54.30 14.41
N VAL I 106 -17.44 53.22 15.19
CA VAL I 106 -17.78 51.89 14.69
C VAL I 106 -19.18 51.52 15.12
N MET I 107 -20.03 51.16 14.15
CA MET I 107 -21.38 50.70 14.45
C MET I 107 -21.49 49.20 14.25
N ALA I 108 -21.08 48.46 15.27
CA ALA I 108 -21.07 47.00 15.19
C ALA I 108 -22.31 46.42 15.83
N GLY I 109 -22.82 45.34 15.25
CA GLY I 109 -23.93 44.61 15.85
C GLY I 109 -23.42 43.86 17.06
N ASP I 110 -24.33 43.19 17.77
CA ASP I 110 -23.94 42.44 18.95
C ASP I 110 -22.96 41.33 18.59
N GLY I 111 -23.21 40.64 17.49
CA GLY I 111 -22.31 39.60 17.04
C GLY I 111 -20.96 40.13 16.63
N GLY I 112 -20.96 41.29 16.00
CA GLY I 112 -19.73 41.89 15.49
C GLY I 112 -18.97 42.68 16.54
N ALA I 113 -19.46 42.66 17.78
CA ALA I 113 -18.80 43.38 18.85
C ALA I 113 -18.53 42.48 20.05
N VAL I 114 -19.37 41.47 20.22
CA VAL I 114 -19.31 40.63 21.41
C VAL I 114 -18.83 39.23 21.08
N ASP I 115 -19.05 38.81 19.83
CA ASP I 115 -18.87 37.42 19.45
C ASP I 115 -17.69 37.19 18.50
N ILE I 116 -17.78 37.74 17.30
CA ILE I 116 -16.78 37.47 16.27
C ILE I 116 -15.88 38.68 16.01
N GLY I 117 -16.25 39.83 16.57
CA GLY I 117 -15.46 41.04 16.42
C GLY I 117 -14.87 41.51 17.72
N LEU I 118 -14.94 40.67 18.74
CA LEU I 118 -14.44 40.99 20.07
C LEU I 118 -12.93 41.18 20.11
N GLN I 119 -12.22 40.32 19.38
CA GLN I 119 -10.77 40.34 19.39
C GLN I 119 -10.21 41.63 18.77
N ALA I 120 -10.83 42.09 17.69
CA ALA I 120 -10.41 43.32 17.04
C ALA I 120 -10.83 44.53 17.87
N LEU I 121 -11.82 44.34 18.73
CA LEU I 121 -12.28 45.39 19.63
C LEU I 121 -11.35 45.56 20.81
N SER I 122 -11.08 44.46 21.50
CA SER I 122 -10.24 44.46 22.70
C SER I 122 -8.85 45.02 22.41
N ALA I 123 -8.31 44.67 21.26
CA ALA I 123 -6.96 45.08 20.89
C ALA I 123 -6.91 46.57 20.55
N MET I 124 -8.04 47.12 20.13
CA MET I 124 -8.11 48.55 19.85
C MET I 124 -8.05 49.33 21.15
N LEU I 125 -8.70 48.80 22.18
CA LEU I 125 -8.69 49.41 23.50
C LEU I 125 -7.30 49.30 24.09
N TYR I 126 -6.62 48.21 23.76
CA TYR I 126 -5.25 47.99 24.21
C TYR I 126 -4.30 48.97 23.56
N ARG I 127 -4.49 49.23 22.28
CA ARG I 127 -3.64 50.15 21.54
C ARG I 127 -4.01 51.61 21.83
N GLY I 128 -5.18 51.79 22.45
CA GLY I 128 -5.60 53.11 22.89
C GLY I 128 -5.86 54.11 21.79
N HIS I 129 -6.45 53.66 20.69
CA HIS I 129 -6.79 54.55 19.58
C HIS I 129 -7.91 55.51 19.98
N ASP I 130 -7.85 56.73 19.47
CA ASP I 130 -8.90 57.71 19.73
C ASP I 130 -10.12 57.37 18.86
N VAL I 131 -10.81 56.30 19.25
CA VAL I 131 -11.94 55.78 18.47
C VAL I 131 -13.13 55.44 19.37
N LEU I 132 -14.32 55.80 18.94
CA LEU I 132 -15.54 55.43 19.65
C LEU I 132 -16.15 54.17 19.04
N PHE I 133 -16.11 53.08 19.79
CA PHE I 133 -16.70 51.83 19.34
C PHE I 133 -18.10 51.66 19.94
N ILE I 134 -19.10 51.60 19.07
CA ILE I 134 -20.48 51.45 19.50
C ILE I 134 -21.03 50.08 19.11
N CYS I 135 -21.68 49.42 20.06
CA CYS I 135 -22.39 48.17 19.77
C CYS I 135 -23.89 48.36 19.87
N TYR I 136 -24.58 48.27 18.75
CA TYR I 136 -26.04 48.25 18.78
C TYR I 136 -26.51 46.81 18.98
N ASP I 137 -27.28 46.59 20.04
CA ASP I 137 -27.62 45.24 20.46
C ASP I 137 -29.09 44.91 20.23
N ASN I 138 -29.35 44.07 19.24
CA ASN I 138 -30.70 43.56 19.03
C ASN I 138 -30.80 42.10 19.47
N GLU I 139 -29.77 41.66 20.21
CA GLU I 139 -29.74 40.37 20.87
C GLU I 139 -29.87 39.18 19.91
N SER I 140 -29.37 39.35 18.69
CA SER I 140 -29.30 38.26 17.72
C SER I 140 -28.48 38.65 16.49
N TYR I 141 -28.14 37.65 15.68
CA TYR I 141 -27.69 37.90 14.33
C TYR I 141 -28.94 38.15 13.48
N ALA I 142 -29.33 39.41 13.38
CA ALA I 142 -30.64 39.77 12.84
C ALA I 142 -30.71 39.66 11.31
N ASN I 143 -29.67 40.10 10.63
CA ASN I 143 -29.70 40.15 9.17
C ASN I 143 -29.70 38.77 8.53
N THR I 144 -29.14 37.79 9.22
CA THR I 144 -29.07 36.43 8.68
C THR I 144 -30.35 35.63 8.97
N GLY I 145 -31.31 36.27 9.64
CA GLY I 145 -32.59 35.63 9.91
C GLY I 145 -32.79 35.28 11.38
N ILE I 146 -32.22 36.10 12.26
CA ILE I 146 -32.35 35.94 13.72
C ILE I 146 -31.76 34.62 14.22
N GLN I 147 -30.45 34.61 14.44
CA GLN I 147 -29.77 33.46 15.03
C GLN I 147 -29.19 33.82 16.39
N THR I 148 -28.99 32.81 17.23
CA THR I 148 -28.54 33.02 18.60
C THR I 148 -27.19 33.72 18.65
N SER I 149 -26.98 34.50 19.70
CA SER I 149 -25.74 35.26 19.89
C SER I 149 -25.44 35.30 21.37
N PRO I 150 -24.18 35.62 21.74
CA PRO I 150 -23.80 35.76 23.15
C PRO I 150 -24.61 36.79 23.94
N THR I 151 -25.28 37.72 23.27
CA THR I 151 -26.08 38.72 23.96
C THR I 151 -27.56 38.37 23.95
N THR I 152 -27.89 37.29 23.25
CA THR I 152 -29.26 36.77 23.23
C THR I 152 -29.65 36.26 24.60
N PRO I 153 -30.77 36.76 25.15
CA PRO I 153 -31.26 36.40 26.48
C PRO I 153 -31.47 34.90 26.65
N TYR I 154 -31.41 34.43 27.89
CA TYR I 154 -31.66 33.03 28.19
C TYR I 154 -33.08 32.64 27.78
N GLY I 155 -33.23 31.42 27.26
CA GLY I 155 -34.53 30.91 26.88
C GLY I 155 -35.15 31.60 25.69
N ALA I 156 -34.35 32.37 24.95
CA ALA I 156 -34.86 33.07 23.78
C ALA I 156 -34.90 32.15 22.56
N ASN I 157 -35.84 32.42 21.66
CA ASN I 157 -36.04 31.61 20.47
C ASN I 157 -35.34 32.19 19.25
N THR I 158 -34.38 31.46 18.70
CA THR I 158 -33.74 31.81 17.45
C THR I 158 -33.78 30.59 16.53
N THR I 159 -33.40 30.77 15.27
CA THR I 159 -33.38 29.65 14.33
C THR I 159 -32.27 28.68 14.71
N PHE I 160 -31.34 29.15 15.53
CA PHE I 160 -30.26 28.31 16.05
C PHE I 160 -30.58 27.80 17.45
N THR I 161 -31.58 28.40 18.09
CA THR I 161 -32.03 27.93 19.40
C THR I 161 -33.55 27.75 19.45
N PRO I 162 -34.08 26.76 18.73
CA PRO I 162 -35.51 26.51 18.78
C PRO I 162 -35.91 25.69 20.00
N PRO I 163 -37.06 26.04 20.63
CA PRO I 163 -37.57 25.25 21.75
C PRO I 163 -37.99 23.86 21.28
N GLY I 164 -37.57 22.84 22.01
CA GLY I 164 -37.90 21.47 21.65
C GLY I 164 -38.04 20.56 22.84
N GLU I 165 -38.22 19.28 22.56
CA GLU I 165 -38.38 18.26 23.59
C GLU I 165 -37.12 18.19 24.45
N VAL I 166 -35.98 18.26 23.78
CA VAL I 166 -34.67 18.19 24.42
C VAL I 166 -34.29 19.51 25.09
N VAL I 167 -34.61 20.62 24.43
CA VAL I 167 -34.33 21.95 24.95
C VAL I 167 -35.60 22.78 24.99
N PRO I 168 -36.36 22.66 26.09
CA PRO I 168 -37.67 23.32 26.25
C PRO I 168 -37.58 24.85 26.15
N GLU I 169 -36.44 25.41 26.55
CA GLU I 169 -36.26 26.85 26.56
C GLU I 169 -35.69 27.38 25.24
N GLY I 170 -35.22 26.47 24.39
CA GLY I 170 -34.62 26.86 23.13
C GLY I 170 -33.15 27.23 23.31
N LYS I 171 -32.90 28.31 24.04
CA LYS I 171 -31.54 28.71 24.37
C LYS I 171 -31.24 28.45 25.84
N LYS I 172 -30.34 27.52 26.11
CA LYS I 172 -30.00 27.13 27.47
C LYS I 172 -28.94 28.02 28.11
N LEU I 173 -28.18 28.74 27.29
CA LEU I 173 -27.07 29.54 27.77
C LEU I 173 -27.50 30.95 28.19
N PHE I 174 -26.98 31.41 29.32
CA PHE I 174 -27.21 32.80 29.75
C PHE I 174 -26.26 33.74 29.03
N PRO I 175 -26.73 34.96 28.73
CA PRO I 175 -26.00 35.91 27.88
C PRO I 175 -24.68 36.41 28.46
N LYS I 176 -23.79 36.82 27.57
CA LYS I 176 -22.51 37.42 27.96
C LYS I 176 -22.68 38.91 28.19
N ASP I 177 -22.14 39.40 29.31
CA ASP I 177 -22.21 40.82 29.61
C ASP I 177 -20.97 41.53 29.08
N ASN I 178 -20.99 41.82 27.78
CA ASN I 178 -19.87 42.44 27.09
C ASN I 178 -19.37 43.79 27.61
N PRO I 179 -20.28 44.70 28.02
CA PRO I 179 -19.78 45.98 28.57
C PRO I 179 -18.84 45.81 29.77
N LYS I 180 -19.10 44.80 30.59
CA LYS I 180 -18.27 44.55 31.77
C LYS I 180 -17.01 43.78 31.42
N VAL I 181 -17.07 43.02 30.33
CA VAL I 181 -15.91 42.27 29.85
C VAL I 181 -14.75 43.19 29.51
N ILE I 182 -15.01 44.20 28.69
CA ILE I 182 -13.94 45.06 28.20
C ILE I 182 -13.67 46.24 29.12
N ALA I 183 -14.53 46.43 30.12
CA ALA I 183 -14.39 47.53 31.07
C ALA I 183 -13.19 47.33 31.99
N HIS I 184 -12.73 46.09 32.11
CA HIS I 184 -11.60 45.76 32.95
C HIS I 184 -10.43 45.26 32.12
N GLY I 185 -9.22 45.60 32.54
CA GLY I 185 -8.03 45.07 31.90
C GLY I 185 -7.39 45.98 30.87
N HIS I 186 -8.07 47.05 30.49
CA HIS I 186 -7.56 47.97 29.48
C HIS I 186 -7.24 49.33 30.08
N PRO I 187 -5.96 49.59 30.35
CA PRO I 187 -5.51 50.86 30.96
C PRO I 187 -5.80 52.07 30.08
N GLU I 188 -5.76 51.87 28.77
CA GLU I 188 -6.00 52.96 27.82
C GLU I 188 -7.48 53.29 27.72
N LEU I 189 -8.33 52.36 28.11
CA LEU I 189 -9.77 52.56 28.06
C LEU I 189 -10.19 53.66 29.03
N LYS I 190 -10.88 54.68 28.52
CA LYS I 190 -11.15 55.87 29.32
C LYS I 190 -12.63 56.05 29.67
N TYR I 191 -13.51 55.50 28.84
CA TYR I 191 -14.95 55.70 29.05
C TYR I 191 -15.78 54.52 28.58
N VAL I 192 -16.58 53.97 29.50
CA VAL I 192 -17.53 52.91 29.16
C VAL I 192 -18.94 53.36 29.52
N ALA I 193 -19.91 52.96 28.71
CA ALA I 193 -21.31 53.33 28.96
C ALA I 193 -22.28 52.37 28.27
N THR I 194 -23.46 52.22 28.85
CA THR I 194 -24.55 51.48 28.22
C THR I 194 -25.71 52.43 27.99
N ALA I 195 -26.31 52.36 26.81
CA ALA I 195 -27.39 53.27 26.45
C ALA I 195 -28.60 52.54 25.87
N SER I 196 -29.72 53.24 25.82
CA SER I 196 -30.95 52.69 25.25
C SER I 196 -31.66 53.75 24.44
N ILE I 197 -32.34 53.32 23.36
CA ILE I 197 -33.05 54.25 22.50
C ILE I 197 -34.30 54.82 23.17
N GLY I 198 -34.73 54.19 24.25
CA GLY I 198 -35.85 54.69 25.04
C GLY I 198 -35.52 56.04 25.66
N TRP I 199 -34.22 56.26 25.89
CA TRP I 199 -33.72 57.51 26.42
C TRP I 199 -32.75 58.14 25.44
N PRO I 200 -33.28 58.87 24.44
CA PRO I 200 -32.52 59.43 23.33
C PRO I 200 -31.50 60.49 23.74
N VAL I 201 -31.86 61.36 24.68
CA VAL I 201 -30.95 62.40 25.13
C VAL I 201 -29.76 61.80 25.89
N ASP I 202 -30.04 60.87 26.79
CA ASP I 202 -28.99 60.17 27.53
C ASP I 202 -28.08 59.43 26.57
N LEU I 203 -28.70 58.84 25.54
CA LEU I 203 -27.97 58.12 24.51
C LEU I 203 -27.03 59.07 23.77
N MET I 204 -27.57 60.19 23.31
CA MET I 204 -26.78 61.15 22.55
C MET I 204 -25.68 61.77 23.39
N ASN I 205 -25.96 62.01 24.67
CA ASN I 205 -24.98 62.60 25.57
C ASN I 205 -23.82 61.64 25.85
N LYS I 206 -24.13 60.36 26.05
CA LYS I 206 -23.10 59.36 26.29
C LYS I 206 -22.20 59.22 25.06
N VAL I 207 -22.80 59.31 23.88
CA VAL I 207 -22.06 59.28 22.62
C VAL I 207 -21.13 60.48 22.52
N ARG I 208 -21.68 61.66 22.77
CA ARG I 208 -20.89 62.90 22.72
C ARG I 208 -19.80 62.90 23.78
N LYS I 209 -20.07 62.27 24.93
CA LYS I 209 -19.08 62.19 26.00
C LYS I 209 -17.92 61.29 25.60
N GLY I 210 -18.23 60.19 24.92
CA GLY I 210 -17.22 59.26 24.46
C GLY I 210 -16.34 59.84 23.38
N LEU I 211 -16.93 60.64 22.51
CA LEU I 211 -16.20 61.27 21.41
C LEU I 211 -15.25 62.35 21.91
N ASN I 212 -15.63 63.02 22.99
CA ASN I 212 -14.82 64.11 23.53
C ASN I 212 -13.54 63.61 24.19
N GLN I 213 -13.50 62.34 24.54
CA GLN I 213 -12.32 61.75 25.16
C GLN I 213 -11.23 61.54 24.11
N GLU I 214 -9.98 61.73 24.52
CA GLU I 214 -8.86 61.56 23.60
C GLU I 214 -8.28 60.14 23.72
N GLY I 215 -9.15 59.14 23.69
CA GLY I 215 -8.72 57.76 23.74
C GLY I 215 -9.86 56.82 23.40
N PRO I 216 -9.67 55.51 23.61
CA PRO I 216 -10.72 54.55 23.26
C PRO I 216 -11.93 54.64 24.17
N ALA I 217 -13.12 54.60 23.56
CA ALA I 217 -14.36 54.61 24.29
C ALA I 217 -15.23 53.47 23.79
N TYR I 218 -16.10 52.97 24.64
CA TYR I 218 -17.01 51.90 24.26
C TYR I 218 -18.41 52.17 24.79
N ILE I 219 -19.39 52.12 23.89
CA ILE I 219 -20.78 52.36 24.28
C ILE I 219 -21.70 51.26 23.78
N HIS I 220 -22.26 50.50 24.71
CA HIS I 220 -23.17 49.41 24.40
C HIS I 220 -24.61 49.89 24.37
N ILE I 221 -25.19 50.01 23.19
CA ILE I 221 -26.55 50.55 23.07
C ILE I 221 -27.58 49.45 22.85
N HIS I 222 -28.65 49.48 23.64
CA HIS I 222 -29.74 48.52 23.55
C HIS I 222 -30.72 48.94 22.47
N ALA I 223 -30.88 48.10 21.45
CA ALA I 223 -31.75 48.42 20.32
C ALA I 223 -32.71 47.29 19.98
N PRO I 224 -33.93 47.35 20.52
CA PRO I 224 -35.00 46.36 20.29
C PRO I 224 -35.29 46.09 18.82
N CYS I 225 -35.46 44.81 18.49
CA CYS I 225 -35.71 44.38 17.12
C CYS I 225 -37.11 43.81 17.00
N PRO I 226 -38.04 44.59 16.40
CA PRO I 226 -39.42 44.18 16.22
C PRO I 226 -39.55 42.87 15.43
N LYS I 227 -38.73 42.71 14.39
CA LYS I 227 -38.75 41.49 13.60
C LYS I 227 -38.23 40.30 14.40
N GLY I 228 -37.13 40.51 15.12
CA GLY I 228 -36.48 39.44 15.83
C GLY I 228 -37.11 39.08 17.16
N TRP I 229 -37.56 40.08 17.89
CA TRP I 229 -38.17 39.85 19.19
C TRP I 229 -39.66 39.58 19.03
N GLN I 230 -40.14 39.75 17.81
CA GLN I 230 -41.54 39.49 17.45
C GLN I 230 -42.50 40.35 18.28
N PHE I 231 -42.55 41.63 17.95
CA PHE I 231 -43.50 42.55 18.56
C PHE I 231 -43.86 43.64 17.56
N PRO I 232 -45.04 44.25 17.70
CA PRO I 232 -45.54 45.31 16.81
C PRO I 232 -44.52 46.41 16.53
N ALA I 233 -44.61 47.01 15.36
CA ALA I 233 -43.64 48.01 14.92
C ALA I 233 -43.78 49.30 15.72
N ASP I 234 -44.86 49.43 16.48
CA ASP I 234 -45.12 50.63 17.25
C ASP I 234 -44.95 50.36 18.75
N LYS I 235 -44.18 49.33 19.08
CA LYS I 235 -43.94 48.98 20.49
C LYS I 235 -42.44 48.98 20.77
N THR I 236 -41.66 49.56 19.86
CA THR I 236 -40.20 49.53 19.97
C THR I 236 -39.70 50.32 21.16
N ILE I 237 -40.30 51.49 21.37
CA ILE I 237 -39.90 52.36 22.47
C ILE I 237 -40.46 51.85 23.79
N GLU I 238 -41.60 51.17 23.72
CA GLU I 238 -42.18 50.55 24.91
C GLU I 238 -41.30 49.39 25.36
N MET I 239 -40.66 48.72 24.41
CA MET I 239 -39.74 47.62 24.74
C MET I 239 -38.45 48.12 25.35
N ALA I 240 -37.94 49.23 24.82
CA ALA I 240 -36.71 49.81 25.32
C ALA I 240 -36.90 50.30 26.75
N LYS I 241 -38.04 50.94 26.98
CA LYS I 241 -38.36 51.45 28.31
C LYS I 241 -38.66 50.31 29.27
N LEU I 242 -39.38 49.29 28.79
CA LEU I 242 -39.71 48.14 29.62
C LEU I 242 -38.47 47.33 29.99
N ALA I 243 -37.52 47.23 29.08
CA ALA I 243 -36.29 46.47 29.31
C ALA I 243 -35.48 47.05 30.46
N VAL I 244 -35.52 48.36 30.59
CA VAL I 244 -34.81 49.05 31.67
C VAL I 244 -35.64 48.97 32.95
N GLN I 245 -36.94 49.19 32.82
CA GLN I 245 -37.86 49.17 33.96
C GLN I 245 -38.04 47.77 34.53
N THR I 246 -37.54 46.77 33.83
CA THR I 246 -37.68 45.39 34.29
C THR I 246 -36.33 44.79 34.65
N GLY I 247 -35.26 45.52 34.35
CA GLY I 247 -33.92 45.11 34.74
C GLY I 247 -33.18 44.25 33.73
N MET I 248 -33.77 44.04 32.56
CA MET I 248 -33.10 43.27 31.51
C MET I 248 -31.89 44.01 30.97
N PHE I 249 -31.97 45.34 30.95
CA PHE I 249 -30.86 46.17 30.51
C PHE I 249 -30.60 47.29 31.51
N GLN I 250 -29.33 47.50 31.84
CA GLN I 250 -28.96 48.49 32.84
C GLN I 250 -28.28 49.70 32.22
N LEU I 251 -28.81 50.89 32.51
CA LEU I 251 -28.25 52.14 32.01
C LEU I 251 -27.31 52.75 33.02
N TYR I 252 -26.02 52.89 32.66
CA TYR I 252 -25.04 53.45 33.58
C TYR I 252 -23.79 53.98 32.89
N GLU I 253 -22.91 54.57 33.68
CA GLU I 253 -21.59 55.01 33.20
C GLU I 253 -20.51 54.47 34.14
N TYR I 254 -19.76 53.49 33.68
CA TYR I 254 -18.71 52.87 34.47
C TYR I 254 -17.35 53.55 34.28
N GLU I 255 -16.94 54.34 35.26
CA GLU I 255 -15.65 55.01 35.20
C GLU I 255 -14.87 54.86 36.52
N ASN I 256 -13.59 54.55 36.41
CA ASN I 256 -12.71 54.40 37.56
C ASN I 256 -13.18 53.38 38.59
N GLY I 257 -13.82 52.32 38.12
CA GLY I 257 -14.18 51.19 38.96
C GLY I 257 -15.51 51.23 39.68
N GLU I 258 -16.31 52.26 39.46
CA GLU I 258 -17.61 52.36 40.12
C GLU I 258 -18.72 52.70 39.13
N TYR I 259 -19.87 52.05 39.29
CA TYR I 259 -21.00 52.27 38.40
C TYR I 259 -21.82 53.49 38.80
N LYS I 260 -22.22 54.27 37.81
CA LYS I 260 -23.08 55.43 38.03
C LYS I 260 -24.34 55.30 37.20
N LEU I 261 -25.44 54.98 37.88
CA LEU I 261 -26.71 54.77 37.22
C LEU I 261 -27.18 56.04 36.50
N SER I 262 -27.75 55.87 35.32
CA SER I 262 -28.16 56.99 34.48
C SER I 262 -29.60 57.40 34.76
N VAL I 263 -30.48 56.41 34.83
CA VAL I 263 -31.89 56.68 35.11
C VAL I 263 -32.28 56.14 36.49
N LYS I 264 -33.15 56.87 37.18
CA LYS I 264 -33.57 56.47 38.51
C LYS I 264 -34.82 55.59 38.48
N VAL I 265 -34.59 54.28 38.63
CA VAL I 265 -35.68 53.33 38.74
C VAL I 265 -36.02 53.05 40.21
N ASP I 266 -37.06 53.71 40.69
CA ASP I 266 -37.48 53.55 42.09
C ASP I 266 -37.91 52.12 42.36
N LYS I 267 -38.62 51.52 41.41
CA LYS I 267 -39.03 50.13 41.50
C LYS I 267 -39.01 49.49 40.12
N ARG I 268 -38.38 48.32 40.01
CA ARG I 268 -38.33 47.63 38.74
C ARG I 268 -39.40 46.55 38.64
N LYS I 269 -40.09 46.49 37.51
CA LYS I 269 -41.13 45.51 37.28
C LYS I 269 -40.53 44.12 37.08
N PRO I 270 -41.31 43.06 37.35
CA PRO I 270 -40.86 41.70 37.08
C PRO I 270 -40.60 41.47 35.59
N VAL I 271 -39.73 40.51 35.28
CA VAL I 271 -39.33 40.27 33.90
C VAL I 271 -40.48 39.76 33.04
N SER I 272 -41.48 39.16 33.69
CA SER I 272 -42.63 38.60 32.99
C SER I 272 -43.44 39.69 32.29
N GLU I 273 -43.46 40.88 32.86
CA GLU I 273 -44.20 42.00 32.28
C GLU I 273 -43.52 42.56 31.04
N TYR I 274 -42.36 41.99 30.71
CA TYR I 274 -41.59 42.42 29.56
C TYR I 274 -41.49 41.30 28.53
N MET I 275 -41.42 40.07 29.04
CA MET I 275 -41.22 38.89 28.19
C MET I 275 -42.51 38.36 27.58
N LYS I 276 -43.65 38.71 28.17
CA LYS I 276 -44.93 38.23 27.66
C LYS I 276 -45.35 39.02 26.42
N LEU I 277 -44.72 40.17 26.21
CA LEU I 277 -45.04 41.01 25.07
C LEU I 277 -44.17 40.67 23.85
N GLN I 278 -43.30 39.68 24.02
CA GLN I 278 -42.41 39.26 22.94
C GLN I 278 -42.54 37.77 22.67
N LYS I 279 -42.86 37.40 21.44
CA LYS I 279 -43.12 36.02 21.09
C LYS I 279 -41.85 35.16 21.03
N ARG I 280 -40.69 35.79 21.21
CA ARG I 280 -39.44 35.05 21.24
C ARG I 280 -39.28 34.32 22.57
N PHE I 281 -40.11 34.72 23.55
CA PHE I 281 -40.14 34.06 24.85
C PHE I 281 -41.44 33.31 25.06
N ALA I 282 -42.23 33.19 24.00
CA ALA I 282 -43.59 32.64 24.09
C ALA I 282 -43.64 31.16 24.45
N HIS I 283 -42.49 30.51 24.44
CA HIS I 283 -42.41 29.08 24.70
C HIS I 283 -42.02 28.79 26.15
N LEU I 284 -41.57 29.82 26.85
CA LEU I 284 -41.01 29.63 28.19
C LEU I 284 -42.08 29.38 29.25
N LYS I 285 -41.79 28.45 30.14
CA LYS I 285 -42.66 28.14 31.26
C LYS I 285 -42.30 29.02 32.47
N PRO I 286 -43.24 29.20 33.41
CA PRO I 286 -43.01 30.02 34.60
C PRO I 286 -41.78 29.61 35.43
N GLU I 287 -41.31 28.38 35.25
CA GLU I 287 -40.10 27.92 35.93
C GLU I 287 -38.84 28.50 35.28
N HIS I 288 -38.89 28.67 33.96
CA HIS I 288 -37.78 29.25 33.21
C HIS I 288 -37.71 30.75 33.50
N ILE I 289 -38.87 31.37 33.62
CA ILE I 289 -38.98 32.79 33.95
C ILE I 289 -38.36 33.09 35.30
N ALA I 290 -38.46 32.13 36.22
CA ALA I 290 -37.88 32.28 37.55
C ALA I 290 -36.35 32.39 37.47
N LYS I 291 -35.74 31.53 36.65
CA LYS I 291 -34.29 31.58 36.44
C LYS I 291 -33.88 32.89 35.79
N MET I 292 -34.72 33.38 34.89
CA MET I 292 -34.51 34.68 34.27
C MET I 292 -34.54 35.78 35.33
N GLN I 293 -35.52 35.72 36.21
CA GLN I 293 -35.69 36.72 37.26
C GLN I 293 -34.50 36.71 38.22
N ALA I 294 -34.09 35.53 38.65
CA ALA I 294 -32.94 35.37 39.53
C ALA I 294 -31.65 35.89 38.88
N PHE I 295 -31.50 35.64 37.59
CA PHE I 295 -30.35 36.09 36.83
C PHE I 295 -30.36 37.62 36.70
N VAL I 296 -31.53 38.17 36.43
CA VAL I 296 -31.70 39.61 36.29
C VAL I 296 -31.45 40.33 37.61
N ASP I 297 -31.89 39.71 38.70
CA ASP I 297 -31.66 40.26 40.04
C ASP I 297 -30.18 40.37 40.38
N ALA I 298 -29.44 39.30 40.14
CA ALA I 298 -28.00 39.26 40.40
C ALA I 298 -27.28 40.27 39.51
N ARG I 299 -27.79 40.43 38.30
CA ARG I 299 -27.21 41.37 37.35
C ARG I 299 -27.42 42.81 37.81
N CYS I 300 -28.56 43.06 38.48
CA CYS I 300 -28.87 44.39 38.98
C CYS I 300 -28.07 44.73 40.24
N ALA I 301 -27.76 43.69 41.02
CA ALA I 301 -26.96 43.87 42.22
C ALA I 301 -25.53 44.25 41.83
N GLU I 302 -25.09 43.70 40.72
CA GLU I 302 -23.73 43.89 40.22
C GLU I 302 -23.46 45.35 39.84
N VAL I 303 -24.51 46.03 39.38
CA VAL I 303 -24.37 47.40 38.90
C VAL I 303 -24.74 48.37 40.03
N GLY I 304 -25.53 47.88 40.98
CA GLY I 304 -25.86 48.68 42.15
C GLY I 304 -27.34 48.98 42.29
N ILE I 305 -28.15 48.27 41.52
CA ILE I 305 -29.60 48.41 41.60
C ILE I 305 -30.13 47.61 42.78
N THR I 306 -30.42 48.31 43.87
CA THR I 306 -30.82 47.68 45.12
C THR I 306 -32.33 47.70 45.32
N VAL I 307 -33.02 48.47 44.47
CA VAL I 307 -34.48 48.60 44.56
C VAL I 307 -35.14 47.24 44.37
N PRO I 308 -36.27 47.01 45.07
CA PRO I 308 -36.96 45.73 44.98
C PRO I 308 -37.74 45.57 43.68
N VAL I 309 -38.18 44.34 43.39
CA VAL I 309 -38.93 44.06 42.19
C VAL I 309 -40.41 44.34 42.38
N GLY J 2 23.52 54.59 -5.71
CA GLY J 2 23.36 54.62 -4.27
C GLY J 2 24.38 53.77 -3.54
N LYS J 3 24.27 53.75 -2.20
CA LYS J 3 25.17 52.95 -1.38
C LYS J 3 24.85 51.46 -1.45
N VAL J 4 25.87 50.66 -1.77
CA VAL J 4 25.72 49.22 -1.86
C VAL J 4 26.05 48.55 -0.52
N ARG J 5 25.14 47.71 -0.05
CA ARG J 5 25.34 47.00 1.21
C ARG J 5 25.09 45.51 1.05
N ASN J 6 25.77 44.72 1.87
CA ASN J 6 25.57 43.27 1.86
C ASN J 6 24.55 42.89 2.92
N ILE J 7 23.27 43.10 2.59
CA ILE J 7 22.19 42.91 3.54
C ILE J 7 21.25 41.79 3.12
N SER J 8 20.45 41.32 4.09
CA SER J 8 19.47 40.28 3.83
C SER J 8 18.24 40.87 3.13
N GLY J 9 17.28 40.02 2.82
CA GLY J 9 16.06 40.48 2.18
C GLY J 9 15.17 41.30 3.10
N CYS J 10 15.10 40.88 4.36
CA CYS J 10 14.28 41.56 5.35
C CYS J 10 14.67 43.03 5.47
N VAL J 11 15.97 43.29 5.59
CA VAL J 11 16.46 44.65 5.68
C VAL J 11 16.30 45.36 4.34
N ALA J 12 16.47 44.62 3.25
CA ALA J 12 16.36 45.17 1.91
C ALA J 12 14.97 45.70 1.63
N VAL J 13 13.96 44.93 2.02
CA VAL J 13 12.57 45.33 1.85
C VAL J 13 12.26 46.57 2.69
N ALA J 14 12.77 46.56 3.92
CA ALA J 14 12.57 47.66 4.87
C ALA J 14 13.11 48.98 4.32
N HIS J 15 14.23 48.90 3.60
CA HIS J 15 14.80 50.09 2.98
C HIS J 15 13.92 50.55 1.83
N GLY J 16 13.26 49.60 1.17
CA GLY J 16 12.30 49.92 0.13
C GLY J 16 11.07 50.54 0.73
N VAL J 17 10.67 50.04 1.89
CA VAL J 17 9.53 50.57 2.64
C VAL J 17 9.85 51.98 3.14
N ARG J 18 11.08 52.16 3.58
CA ARG J 18 11.55 53.45 4.07
C ARG J 18 11.58 54.50 2.96
N LEU J 19 12.07 54.09 1.79
CA LEU J 19 12.16 54.99 0.65
C LEU J 19 10.78 55.25 0.03
N ALA J 20 9.81 54.40 0.35
CA ALA J 20 8.45 54.57 -0.15
C ALA J 20 7.65 55.55 0.71
N ASP J 21 8.22 55.94 1.84
CA ASP J 21 7.57 56.85 2.78
C ASP J 21 6.20 56.33 3.22
N VAL J 22 6.17 55.06 3.61
CA VAL J 22 4.94 54.44 4.09
C VAL J 22 4.42 55.18 5.32
N ASP J 23 3.11 55.41 5.37
CA ASP J 23 2.52 56.23 6.42
C ASP J 23 2.03 55.37 7.59
N VAL J 24 1.49 54.20 7.29
CA VAL J 24 1.00 53.29 8.31
C VAL J 24 1.59 51.90 8.16
N ILE J 25 2.16 51.38 9.25
CA ILE J 25 2.71 50.03 9.26
C ILE J 25 2.10 49.22 10.40
N CYS J 26 1.55 48.06 10.06
CA CYS J 26 1.00 47.15 11.06
C CYS J 26 1.82 45.87 11.13
N SER J 27 2.17 45.45 12.35
CA SER J 27 3.10 44.36 12.53
C SER J 27 2.53 43.14 13.27
N TYR J 28 3.25 42.03 13.16
CA TYR J 28 2.96 40.81 13.94
C TYR J 28 4.13 39.84 13.70
N PRO J 29 4.49 39.06 14.73
CA PRO J 29 5.64 38.17 14.57
C PRO J 29 5.36 36.80 13.93
N ILE J 30 6.10 36.47 12.89
CA ILE J 30 6.18 35.09 12.38
C ILE J 30 7.38 34.96 11.44
N ARG J 31 8.16 33.91 11.65
CA ARG J 31 9.35 33.67 10.83
C ARG J 31 8.96 33.18 9.44
N PRO J 32 9.72 33.58 8.41
CA PRO J 32 10.95 34.38 8.52
C PRO J 32 10.79 35.83 8.10
N TYR J 33 9.57 36.36 8.14
CA TYR J 33 9.32 37.74 7.72
C TYR J 33 9.54 38.71 8.88
N THR J 34 9.63 38.18 10.10
CA THR J 34 9.77 38.99 11.31
C THR J 34 10.83 40.07 11.20
N GLY J 35 11.95 39.73 10.57
CA GLY J 35 13.06 40.66 10.39
C GLY J 35 12.68 41.95 9.69
N ILE J 36 11.63 41.90 8.87
CA ILE J 36 11.15 43.09 8.20
C ILE J 36 10.64 44.11 9.20
N MET J 37 9.71 43.68 10.05
CA MET J 37 9.10 44.54 11.04
C MET J 37 10.06 44.93 12.14
N SER J 38 10.98 44.03 12.48
CA SER J 38 11.99 44.31 13.50
C SER J 38 12.88 45.44 13.05
N GLU J 39 13.24 45.43 11.76
CA GLU J 39 14.03 46.50 11.19
C GLU J 39 13.19 47.77 11.09
N LEU J 40 11.94 47.61 10.69
CA LEU J 40 11.00 48.71 10.60
C LEU J 40 10.75 49.35 11.97
N ALA J 41 10.71 48.51 13.01
CA ALA J 41 10.53 49.01 14.36
C ALA J 41 11.74 49.84 14.82
N ARG J 42 12.94 49.40 14.42
CA ARG J 42 14.16 50.12 14.78
C ARG J 42 14.28 51.42 14.02
N MET J 43 13.97 51.37 12.73
CA MET J 43 14.04 52.53 11.85
C MET J 43 13.13 53.66 12.29
N VAL J 44 11.93 53.31 12.77
CA VAL J 44 10.99 54.30 13.28
C VAL J 44 11.48 54.86 14.61
N ALA J 45 11.94 53.98 15.48
CA ALA J 45 12.44 54.36 16.80
C ALA J 45 13.68 55.25 16.68
N ASP J 46 14.46 55.02 15.63
CA ASP J 46 15.69 55.79 15.42
C ASP J 46 15.42 57.02 14.54
N GLY J 47 14.18 57.17 14.10
CA GLY J 47 13.79 58.34 13.32
C GLY J 47 14.18 58.31 11.86
N GLU J 48 14.51 57.11 11.36
CA GLU J 48 14.82 56.95 9.95
C GLU J 48 13.56 57.00 9.11
N LEU J 49 12.43 56.65 9.73
CA LEU J 49 11.15 56.67 9.04
C LEU J 49 10.02 57.16 9.95
N ASP J 50 9.24 58.10 9.46
CA ASP J 50 8.07 58.57 10.19
C ASP J 50 6.83 57.81 9.71
N ALA J 51 6.35 56.91 10.55
CA ALA J 51 5.19 56.08 10.22
C ALA J 51 4.52 55.58 11.49
N GLU J 52 3.22 55.35 11.42
CA GLU J 52 2.50 54.77 12.54
C GLU J 52 2.76 53.27 12.57
N PHE J 53 3.43 52.82 13.63
CA PHE J 53 3.80 51.43 13.78
C PHE J 53 2.80 50.71 14.66
N VAL J 54 1.78 50.15 14.04
CA VAL J 54 0.66 49.53 14.76
C VAL J 54 0.94 48.08 15.16
N HIS J 55 0.74 47.78 16.43
CA HIS J 55 0.89 46.42 16.92
C HIS J 55 -0.40 45.63 16.75
N GLY J 56 -0.54 44.95 15.62
CA GLY J 56 -1.71 44.14 15.35
C GLY J 56 -1.83 42.97 16.31
N GLU J 57 -3.06 42.57 16.61
CA GLU J 57 -3.29 41.45 17.51
C GLU J 57 -3.19 40.15 16.75
N GLY J 58 -3.03 40.25 15.43
CA GLY J 58 -2.95 39.10 14.57
C GLY J 58 -2.79 39.53 13.12
N GLU J 59 -2.61 38.57 12.23
CA GLU J 59 -2.43 38.88 10.81
C GLU J 59 -3.73 39.33 10.18
N HIS J 60 -4.84 38.73 10.61
CA HIS J 60 -6.17 39.11 10.15
C HIS J 60 -6.40 40.59 10.42
N ALA J 61 -5.90 41.05 11.55
CA ALA J 61 -6.00 42.46 11.94
C ALA J 61 -5.05 43.33 11.13
N GLN J 62 -3.86 42.81 10.84
CA GLN J 62 -2.85 43.54 10.10
C GLN J 62 -3.38 44.11 8.79
N LEU J 63 -3.97 43.25 7.98
CA LEU J 63 -4.52 43.70 6.71
C LEU J 63 -5.80 44.51 6.88
N SER J 64 -6.50 44.29 7.99
CA SER J 64 -7.72 45.03 8.26
C SER J 64 -7.38 46.48 8.59
N VAL J 65 -6.29 46.67 9.33
CA VAL J 65 -5.82 48.00 9.69
C VAL J 65 -5.45 48.78 8.43
N VAL J 66 -4.55 48.21 7.63
CA VAL J 66 -4.09 48.87 6.41
C VAL J 66 -5.21 49.02 5.39
N TYR J 67 -6.24 48.18 5.52
CA TYR J 67 -7.44 48.31 4.70
C TYR J 67 -8.10 49.66 4.95
N GLY J 68 -8.43 49.93 6.21
CA GLY J 68 -9.06 51.19 6.57
C GLY J 68 -8.11 52.36 6.41
N ALA J 69 -6.82 52.09 6.60
CA ALA J 69 -5.79 53.11 6.49
C ALA J 69 -5.59 53.55 5.04
N SER J 70 -5.66 52.60 4.11
CA SER J 70 -5.54 52.92 2.69
C SER J 70 -6.73 53.72 2.22
N ALA J 71 -7.91 53.37 2.73
CA ALA J 71 -9.15 54.06 2.36
C ALA J 71 -9.18 55.49 2.88
N ALA J 72 -8.36 55.77 3.89
CA ALA J 72 -8.26 57.11 4.45
C ALA J 72 -7.18 57.91 3.72
N GLY J 73 -6.59 57.31 2.69
CA GLY J 73 -5.67 58.00 1.80
C GLY J 73 -4.21 57.90 2.17
N ALA J 74 -3.89 56.97 3.07
CA ALA J 74 -2.50 56.81 3.51
C ALA J 74 -1.82 55.64 2.82
N ARG J 75 -0.53 55.78 2.55
CA ARG J 75 0.24 54.66 2.02
C ARG J 75 0.50 53.67 3.15
N VAL J 76 0.18 52.41 2.89
CA VAL J 76 0.20 51.40 3.93
C VAL J 76 1.13 50.24 3.62
N PHE J 77 1.55 49.53 4.66
CA PHE J 77 2.39 48.36 4.48
C PHE J 77 2.19 47.36 5.62
N THR J 78 2.17 46.09 5.28
CA THR J 78 2.16 45.01 6.26
C THR J 78 2.80 43.79 5.65
N GLY J 79 2.69 42.65 6.32
CA GLY J 79 3.26 41.42 5.81
C GLY J 79 3.09 40.26 6.76
N SER J 80 3.38 39.05 6.27
CA SER J 80 3.28 37.85 7.08
C SER J 80 3.94 36.66 6.41
N SER J 81 3.74 35.48 7.00
CA SER J 81 4.33 34.25 6.51
C SER J 81 3.46 33.07 6.89
N GLY J 82 3.57 31.97 6.14
CA GLY J 82 2.93 30.72 6.47
C GLY J 82 1.46 30.79 6.84
N VAL J 83 1.13 30.28 8.02
CA VAL J 83 -0.26 30.24 8.50
C VAL J 83 -0.75 31.63 8.87
N GLY J 84 0.16 32.59 8.91
CA GLY J 84 -0.21 33.98 9.11
C GLY J 84 -0.90 34.51 7.87
N VAL J 85 -0.50 34.00 6.71
CA VAL J 85 -1.08 34.40 5.43
C VAL J 85 -2.52 33.91 5.27
N THR J 86 -2.77 32.68 5.70
CA THR J 86 -4.10 32.09 5.57
C THR J 86 -5.06 32.57 6.66
N TYR J 87 -4.50 33.14 7.72
CA TYR J 87 -5.31 33.67 8.81
C TYR J 87 -5.99 34.96 8.36
N ALA J 88 -5.28 35.75 7.56
CA ALA J 88 -5.80 37.03 7.07
C ALA J 88 -6.48 36.86 5.71
N MET J 89 -6.86 35.63 5.38
CA MET J 89 -7.39 35.30 4.07
C MET J 89 -8.64 36.07 3.71
N GLU J 90 -9.52 36.27 4.68
CA GLU J 90 -10.81 36.91 4.45
C GLU J 90 -10.68 38.37 3.97
N VAL J 91 -9.64 39.06 4.42
CA VAL J 91 -9.54 40.49 4.17
C VAL J 91 -9.05 40.83 2.76
N TYR J 92 -8.46 39.84 2.09
CA TYR J 92 -7.87 40.06 0.77
C TYR J 92 -8.88 40.57 -0.26
N SER J 93 -10.03 39.91 -0.33
CA SER J 93 -11.05 40.27 -1.32
C SER J 93 -11.64 41.68 -1.11
N PRO J 94 -11.99 42.06 0.14
CA PRO J 94 -12.46 43.44 0.30
C PRO J 94 -11.40 44.50 -0.03
N ILE J 95 -10.13 44.20 0.26
CA ILE J 95 -9.05 45.13 -0.02
C ILE J 95 -8.92 45.37 -1.51
N SER J 96 -8.90 44.28 -2.27
CA SER J 96 -8.83 44.34 -3.72
C SER J 96 -10.13 44.87 -4.30
N GLY J 97 -11.24 44.40 -3.75
CA GLY J 97 -12.56 44.76 -4.24
C GLY J 97 -12.90 46.22 -4.07
N GLU J 98 -12.28 46.86 -3.09
CA GLU J 98 -12.46 48.29 -2.90
C GLU J 98 -11.32 49.07 -3.53
N ARG J 99 -10.52 48.37 -4.34
CA ARG J 99 -9.42 48.98 -5.07
C ARG J 99 -8.46 49.73 -4.13
N LEU J 100 -7.93 49.00 -3.15
CA LEU J 100 -6.99 49.57 -2.20
C LEU J 100 -5.61 48.95 -2.37
N PRO J 101 -4.65 49.72 -2.92
CA PRO J 101 -3.30 49.24 -3.22
C PRO J 101 -2.46 48.94 -1.98
N VAL J 102 -2.97 48.06 -1.14
CA VAL J 102 -2.24 47.59 0.03
C VAL J 102 -1.10 46.67 -0.40
N GLN J 103 0.12 46.99 0.01
CA GLN J 103 1.25 46.11 -0.26
C GLN J 103 1.54 45.22 0.94
N MET J 104 1.63 43.91 0.69
CA MET J 104 1.94 42.96 1.74
C MET J 104 3.16 42.10 1.38
N ALA J 105 4.21 42.23 2.17
CA ALA J 105 5.41 41.44 1.95
C ALA J 105 5.23 40.03 2.49
N ILE J 106 5.55 39.02 1.68
CA ILE J 106 5.45 37.64 2.13
C ILE J 106 6.78 36.91 2.02
N ALA J 107 7.43 36.71 3.16
CA ALA J 107 8.56 35.80 3.24
C ALA J 107 8.02 34.40 3.48
N ASP J 108 8.01 33.59 2.42
CA ASP J 108 7.31 32.31 2.43
C ASP J 108 7.70 31.40 3.58
N ARG J 109 6.72 30.65 4.07
CA ARG J 109 6.91 29.69 5.13
C ARG J 109 5.83 28.61 4.96
N THR J 110 6.19 27.35 5.22
CA THR J 110 5.23 26.26 5.06
C THR J 110 4.05 26.39 6.00
N LEU J 111 2.92 25.80 5.63
CA LEU J 111 1.76 25.84 6.51
C LEU J 111 1.97 24.85 7.65
N ASP J 112 0.96 24.69 8.49
CA ASP J 112 1.03 23.68 9.53
C ASP J 112 0.12 22.51 9.17
N PRO J 113 0.69 21.32 8.91
CA PRO J 113 2.12 21.00 8.81
C PRO J 113 2.65 21.40 7.42
N PRO J 114 3.97 21.31 7.18
CA PRO J 114 5.11 20.87 8.00
C PRO J 114 5.32 21.67 9.27
N GLY J 115 5.32 23.00 9.17
CA GLY J 115 5.43 23.81 10.37
C GLY J 115 6.24 25.08 10.27
N ASP J 116 6.99 25.35 11.35
CA ASP J 116 7.62 26.64 11.53
C ASP J 116 9.07 26.68 11.04
N PHE J 117 9.47 25.64 10.30
CA PHE J 117 10.86 25.60 9.82
C PHE J 117 11.04 26.42 8.54
N GLY J 118 10.75 25.79 7.40
CA GLY J 118 11.18 26.31 6.12
C GLY J 118 10.07 26.86 5.23
N GLU J 119 10.45 27.27 4.02
CA GLU J 119 9.54 27.95 3.11
C GLU J 119 8.89 27.03 2.09
N GLU J 120 7.67 27.39 1.71
CA GLU J 120 6.99 26.87 0.53
C GLU J 120 6.22 28.03 -0.08
N HIS J 121 5.99 27.97 -1.39
CA HIS J 121 5.21 29.01 -2.05
C HIS J 121 3.73 28.78 -1.83
N THR J 122 3.41 27.66 -1.18
CA THR J 122 2.03 27.23 -0.95
C THR J 122 1.20 28.31 -0.28
N ASP J 123 1.78 28.97 0.73
CA ASP J 123 1.05 29.97 1.50
C ASP J 123 0.59 31.15 0.62
N ALA J 124 1.51 31.70 -0.16
CA ALA J 124 1.18 32.84 -1.01
C ALA J 124 0.35 32.41 -2.22
N GLU J 125 0.48 31.15 -2.62
CA GLU J 125 -0.25 30.65 -3.78
C GLU J 125 -1.71 30.39 -3.43
N CYS J 126 -2.05 30.53 -2.16
CA CYS J 126 -3.44 30.42 -1.73
C CYS J 126 -4.20 31.69 -2.10
N CYS J 127 -3.44 32.77 -2.29
CA CYS J 127 -4.04 34.08 -2.56
C CYS J 127 -4.08 34.41 -4.04
N ARG J 128 -4.01 33.40 -4.89
CA ARG J 128 -3.92 33.62 -6.34
C ARG J 128 -5.20 34.22 -6.94
N ASP J 129 -6.32 34.08 -6.25
CA ASP J 129 -7.62 34.50 -6.79
C ASP J 129 -8.09 35.84 -6.24
N GLN J 130 -7.35 36.37 -5.27
CA GLN J 130 -7.81 37.53 -4.51
C GLN J 130 -7.73 38.85 -5.29
N GLY J 131 -7.13 38.83 -6.47
CA GLY J 131 -7.08 40.00 -7.31
C GLY J 131 -5.97 40.96 -6.95
N TRP J 132 -4.79 40.43 -6.68
CA TRP J 132 -3.62 41.24 -6.36
C TRP J 132 -2.54 41.15 -7.42
N ILE J 133 -1.58 42.08 -7.35
CA ILE J 133 -0.34 41.98 -8.10
C ILE J 133 0.60 41.07 -7.32
N GLN J 134 1.13 40.04 -7.96
CA GLN J 134 1.93 39.05 -7.23
C GLN J 134 3.12 38.55 -8.03
N GLY J 135 4.27 38.46 -7.38
CA GLY J 135 5.48 37.97 -8.00
C GLY J 135 6.55 37.67 -6.97
N TRP J 136 7.49 36.81 -7.34
CA TRP J 136 8.56 36.42 -6.42
C TRP J 136 9.90 37.07 -6.77
N ALA J 137 10.58 37.56 -5.74
CA ALA J 137 11.93 38.09 -5.88
C ALA J 137 12.94 37.02 -5.49
N SER J 138 13.96 36.84 -6.32
CA SER J 138 14.95 35.78 -6.11
C SER J 138 16.17 36.25 -5.33
N THR J 139 16.36 37.57 -5.29
CA THR J 139 17.49 38.16 -4.57
C THR J 139 17.05 39.31 -3.67
N PRO J 140 17.80 39.56 -2.59
CA PRO J 140 17.54 40.70 -1.70
C PRO J 140 17.44 42.03 -2.46
N GLN J 141 18.25 42.20 -3.51
CA GLN J 141 18.19 43.42 -4.32
C GLN J 141 16.84 43.56 -5.02
N GLU J 142 16.32 42.46 -5.55
CA GLU J 142 15.05 42.48 -6.27
C GLU J 142 13.88 42.74 -5.32
N ALA J 143 14.05 42.30 -4.07
CA ALA J 143 13.02 42.49 -3.05
C ALA J 143 12.81 43.96 -2.76
N LEU J 144 13.90 44.73 -2.76
CA LEU J 144 13.81 46.16 -2.55
C LEU J 144 13.17 46.83 -3.76
N ASP J 145 13.55 46.36 -4.94
CA ASP J 145 13.07 46.94 -6.19
C ASP J 145 11.58 46.68 -6.41
N ASN J 146 11.16 45.43 -6.18
CA ASN J 146 9.75 45.07 -6.36
C ASN J 146 8.84 45.85 -5.43
N THR J 147 9.34 46.17 -4.24
CA THR J 147 8.61 46.99 -3.29
C THR J 147 8.25 48.33 -3.92
N LEU J 148 9.26 48.99 -4.51
CA LEU J 148 9.05 50.27 -5.17
C LEU J 148 8.21 50.13 -6.44
N ILE J 149 8.49 49.09 -7.21
CA ILE J 149 7.77 48.85 -8.46
C ILE J 149 6.29 48.56 -8.21
N TYR J 150 6.03 47.66 -7.25
CA TYR J 150 4.66 47.26 -6.95
C TYR J 150 3.84 48.42 -6.39
N TYR J 151 4.51 49.34 -5.72
CA TYR J 151 3.85 50.55 -5.25
C TYR J 151 3.43 51.45 -6.41
N ARG J 152 4.32 51.66 -7.37
CA ARG J 152 4.01 52.54 -8.51
C ARG J 152 2.91 51.96 -9.39
N VAL J 153 3.02 50.66 -9.69
CA VAL J 153 2.03 49.99 -10.52
C VAL J 153 0.71 49.85 -9.79
N GLY J 154 0.79 49.43 -8.53
CA GLY J 154 -0.40 49.19 -7.72
C GLY J 154 -1.17 50.45 -7.40
N GLU J 155 -0.47 51.56 -7.22
CA GLU J 155 -1.12 52.83 -6.90
C GLU J 155 -1.47 53.62 -8.15
N ASP J 156 -1.17 53.05 -9.32
CA ASP J 156 -1.51 53.70 -10.58
C ASP J 156 -3.02 53.82 -10.71
N GLN J 157 -3.47 55.00 -11.13
CA GLN J 157 -4.89 55.31 -11.16
C GLN J 157 -5.65 54.50 -12.21
N ARG J 158 -4.92 53.82 -13.10
CA ARG J 158 -5.55 52.88 -14.03
C ARG J 158 -5.58 51.47 -13.44
N VAL J 159 -4.88 51.28 -12.33
CA VAL J 159 -4.81 49.96 -11.71
C VAL J 159 -5.49 49.93 -10.34
N LEU J 160 -4.88 50.62 -9.38
CA LEU J 160 -5.40 50.69 -8.00
C LEU J 160 -5.70 49.31 -7.43
N LEU J 161 -4.68 48.48 -7.36
CA LEU J 161 -4.81 47.12 -6.85
C LEU J 161 -3.67 46.81 -5.88
N PRO J 162 -3.96 46.00 -4.84
CA PRO J 162 -2.99 45.57 -3.83
C PRO J 162 -1.97 44.59 -4.40
N GLN J 163 -0.83 44.46 -3.74
CA GLN J 163 0.26 43.64 -4.28
C GLN J 163 0.82 42.67 -3.23
N TYR J 164 1.18 41.48 -3.68
CA TYR J 164 1.92 40.53 -2.85
C TYR J 164 3.39 40.55 -3.23
N ALA J 165 4.19 41.35 -2.54
CA ALA J 165 5.63 41.36 -2.75
C ALA J 165 6.24 40.12 -2.08
N CYS J 166 6.44 39.07 -2.85
CA CYS J 166 6.91 37.80 -2.32
C CYS J 166 8.42 37.62 -2.45
N LEU J 167 8.99 36.89 -1.48
CA LEU J 167 10.40 36.57 -1.48
C LEU J 167 10.60 35.30 -0.65
N ASP J 168 11.51 34.45 -1.09
CA ASP J 168 11.72 33.15 -0.47
C ASP J 168 12.20 33.22 0.97
N GLY J 169 11.62 32.36 1.80
CA GLY J 169 11.99 32.31 3.20
C GLY J 169 13.42 31.82 3.39
N TYR J 170 14.15 32.50 4.28
CA TYR J 170 15.56 32.21 4.57
C TYR J 170 16.47 32.48 3.37
N PHE J 171 16.17 31.87 2.23
CA PHE J 171 17.03 31.97 1.06
C PHE J 171 17.12 33.40 0.54
N VAL J 172 16.05 34.17 0.73
CA VAL J 172 16.09 35.59 0.39
C VAL J 172 15.97 36.45 1.66
N SER J 173 15.11 36.02 2.58
CA SER J 173 14.80 36.81 3.77
C SER J 173 16.01 36.93 4.70
N HIS J 174 16.77 35.84 4.81
CA HIS J 174 17.90 35.79 5.74
C HIS J 174 19.25 35.93 5.04
N ILE J 175 19.39 35.28 3.90
CA ILE J 175 20.66 35.23 3.19
C ILE J 175 21.10 36.60 2.68
N LEU J 176 22.31 37.00 3.04
CA LEU J 176 22.86 38.30 2.65
C LEU J 176 23.09 38.37 1.14
N GLY J 177 22.97 39.57 0.59
CA GLY J 177 23.21 39.79 -0.81
C GLY J 177 23.53 41.24 -1.08
N PRO J 178 24.33 41.51 -2.12
CA PRO J 178 24.69 42.89 -2.47
C PRO J 178 23.47 43.69 -2.91
N VAL J 179 23.11 44.71 -2.13
CA VAL J 179 21.94 45.52 -2.45
C VAL J 179 22.29 46.98 -2.69
N ASP J 180 22.00 47.45 -3.89
CA ASP J 180 22.18 48.85 -4.24
C ASP J 180 21.00 49.65 -3.71
N ILE J 181 21.18 50.27 -2.54
CA ILE J 181 20.14 51.08 -1.92
C ILE J 181 20.03 52.45 -2.58
N PRO J 182 18.90 52.71 -3.24
CA PRO J 182 18.66 53.92 -4.04
C PRO J 182 18.62 55.19 -3.20
N ASP J 183 18.69 56.33 -3.87
CA ASP J 183 18.58 57.62 -3.21
C ASP J 183 17.12 58.01 -3.07
N GLU J 184 16.84 58.92 -2.14
CA GLU J 184 15.48 59.39 -1.90
C GLU J 184 14.95 60.15 -3.11
N ALA J 185 15.86 60.84 -3.80
CA ALA J 185 15.52 61.59 -5.00
C ALA J 185 15.15 60.67 -6.16
N GLN J 186 15.75 59.48 -6.18
CA GLN J 186 15.45 58.48 -7.21
C GLN J 186 14.04 57.94 -7.06
N VAL J 187 13.61 57.74 -5.81
CA VAL J 187 12.30 57.17 -5.54
C VAL J 187 11.18 58.18 -5.77
N LYS J 188 11.43 59.44 -5.41
CA LYS J 188 10.44 60.49 -5.61
C LYS J 188 10.10 60.68 -7.08
N GLU J 189 11.10 60.55 -7.94
CA GLU J 189 10.89 60.63 -9.39
C GLU J 189 10.12 59.41 -9.90
N PHE J 190 10.35 58.28 -9.25
CA PHE J 190 9.77 57.02 -9.68
C PHE J 190 8.38 56.81 -9.08
N LEU J 191 8.24 57.15 -7.80
CA LEU J 191 7.02 56.87 -7.08
C LEU J 191 6.28 58.13 -6.70
N PRO J 192 5.17 58.42 -7.40
CA PRO J 192 4.31 59.55 -7.04
C PRO J 192 3.55 59.22 -5.75
N PRO J 193 3.06 60.25 -5.04
CA PRO J 193 2.28 60.04 -3.82
C PRO J 193 1.03 59.21 -4.07
N TYR J 194 0.58 58.45 -3.08
CA TYR J 194 -0.59 57.62 -3.22
C TYR J 194 -1.86 58.46 -3.28
N LYS J 195 -2.62 58.29 -4.37
CA LYS J 195 -3.88 58.98 -4.53
C LYS J 195 -4.92 58.10 -5.22
N ASN J 196 -6.00 57.79 -4.51
CA ASN J 196 -7.07 56.96 -5.05
C ASN J 196 -8.26 57.83 -5.50
N HIS J 197 -9.24 57.21 -6.14
CA HIS J 197 -10.43 57.92 -6.62
C HIS J 197 -11.48 58.11 -5.53
N HIS J 198 -11.49 57.24 -4.53
CA HIS J 198 -12.39 57.39 -3.39
C HIS J 198 -11.60 57.40 -2.09
N VAL J 199 -12.09 58.14 -1.10
CA VAL J 199 -11.38 58.28 0.17
C VAL J 199 -12.31 58.77 1.28
N LEU J 200 -12.08 58.30 2.50
CA LEU J 200 -12.87 58.75 3.65
C LEU J 200 -12.41 60.12 4.11
N ASP J 201 -13.22 61.13 3.82
CA ASP J 201 -12.90 62.50 4.16
C ASP J 201 -14.20 63.28 4.44
N PRO J 202 -14.35 63.76 5.68
CA PRO J 202 -15.55 64.48 6.13
C PRO J 202 -15.91 65.69 5.26
N ARG J 203 -14.93 66.20 4.52
CA ARG J 203 -15.17 67.34 3.63
C ARG J 203 -15.82 66.85 2.35
N LYS J 204 -15.47 65.65 1.92
CA LYS J 204 -16.09 65.04 0.75
C LYS J 204 -16.52 63.60 1.03
N PRO J 205 -17.66 63.43 1.70
CA PRO J 205 -18.15 62.16 2.23
C PRO J 205 -18.47 61.14 1.13
N GLN J 206 -18.06 59.91 1.35
CA GLN J 206 -18.32 58.83 0.39
C GLN J 206 -18.77 57.57 1.10
N ILE J 207 -19.57 56.78 0.39
CA ILE J 207 -20.07 55.53 0.92
C ILE J 207 -19.33 54.38 0.24
N ILE J 208 -18.33 53.85 0.93
CA ILE J 208 -17.41 52.87 0.37
C ILE J 208 -17.78 51.43 0.73
N GLY J 209 -18.13 50.66 -0.29
CA GLY J 209 -18.49 49.26 -0.12
C GLY J 209 -19.95 48.99 0.20
N PRO J 210 -20.88 49.51 -0.61
CA PRO J 210 -22.29 49.26 -0.32
C PRO J 210 -22.75 47.88 -0.79
N GLN J 211 -23.75 47.32 -0.12
CA GLN J 211 -24.39 46.11 -0.59
C GLN J 211 -25.07 46.44 -1.91
N ILE J 212 -24.57 45.84 -2.99
CA ILE J 212 -25.04 46.21 -4.33
C ILE J 212 -26.24 45.37 -4.79
N GLU J 213 -26.87 45.85 -5.86
CA GLU J 213 -27.98 45.14 -6.50
C GLU J 213 -27.52 43.79 -7.04
N PRO J 214 -28.35 42.77 -6.89
CA PRO J 214 -28.13 41.43 -7.47
C PRO J 214 -27.71 41.49 -8.94
N ALA J 215 -28.28 42.41 -9.70
CA ALA J 215 -27.98 42.56 -11.11
C ALA J 215 -26.64 43.28 -11.35
N MET J 216 -26.14 43.95 -10.32
CA MET J 216 -24.88 44.67 -10.43
C MET J 216 -23.70 43.83 -9.97
N GLY J 217 -23.97 42.56 -9.68
CA GLY J 217 -22.92 41.61 -9.37
C GLY J 217 -21.92 41.47 -10.51
N PRO J 218 -22.39 40.97 -11.67
CA PRO J 218 -21.53 40.83 -12.85
C PRO J 218 -20.81 42.10 -13.34
N PRO J 219 -21.49 43.27 -13.39
CA PRO J 219 -20.72 44.44 -13.84
C PRO J 219 -19.58 44.84 -12.91
N LEU J 220 -19.75 44.64 -11.60
CA LEU J 220 -18.71 44.98 -10.64
C LEU J 220 -17.52 44.04 -10.74
N GLN J 221 -17.79 42.75 -10.95
CA GLN J 221 -16.75 41.76 -11.11
C GLN J 221 -15.94 41.97 -12.38
N TYR J 222 -16.62 42.27 -13.48
CA TYR J 222 -15.96 42.48 -14.76
C TYR J 222 -15.17 43.78 -14.75
N GLN J 223 -15.59 44.73 -13.94
CA GLN J 223 -14.85 45.98 -13.79
C GLN J 223 -13.50 45.75 -13.13
N ARG J 224 -13.49 44.93 -12.09
CA ARG J 224 -12.25 44.59 -11.40
C ARG J 224 -11.41 43.69 -12.29
N TYR J 225 -12.09 42.89 -13.11
CA TYR J 225 -11.44 42.05 -14.09
C TYR J 225 -10.59 42.89 -15.04
N GLN J 226 -11.19 43.97 -15.54
CA GLN J 226 -10.51 44.86 -16.48
C GLN J 226 -9.35 45.59 -15.82
N ALA J 227 -9.47 45.87 -14.54
CA ALA J 227 -8.39 46.52 -13.80
C ALA J 227 -7.20 45.58 -13.68
N VAL J 228 -7.48 44.30 -13.48
CA VAL J 228 -6.44 43.27 -13.42
C VAL J 228 -5.72 43.10 -14.76
N LYS J 229 -6.49 43.15 -15.85
CA LYS J 229 -5.93 42.97 -17.19
C LYS J 229 -4.99 44.08 -17.65
N GLY J 230 -5.23 45.30 -17.17
CA GLY J 230 -4.43 46.44 -17.58
C GLY J 230 -3.17 46.61 -16.77
N VAL J 231 -2.93 45.69 -15.85
CA VAL J 231 -1.78 45.75 -14.96
C VAL J 231 -0.45 45.56 -15.67
N HIS J 232 -0.41 44.60 -16.59
CA HIS J 232 0.83 44.25 -17.30
C HIS J 232 1.46 45.43 -18.04
N LYS J 233 0.66 46.21 -18.75
CA LYS J 233 1.18 47.33 -19.52
C LYS J 233 1.77 48.40 -18.60
N VAL J 234 1.13 48.62 -17.46
CA VAL J 234 1.62 49.59 -16.49
C VAL J 234 2.94 49.10 -15.87
N LEU J 235 3.03 47.78 -15.67
CA LEU J 235 4.24 47.17 -15.13
C LEU J 235 5.41 47.42 -16.08
N GLU J 236 5.16 47.24 -17.38
CA GLU J 236 6.17 47.47 -18.41
C GLU J 236 6.63 48.92 -18.43
N GLU J 237 5.68 49.83 -18.27
CA GLU J 237 5.99 51.26 -18.24
C GLU J 237 6.82 51.59 -17.02
N ALA J 238 6.61 50.85 -15.94
CA ALA J 238 7.35 51.06 -14.71
C ALA J 238 8.76 50.49 -14.82
N CYS J 239 8.88 49.35 -15.52
CA CYS J 239 10.17 48.70 -15.68
C CYS J 239 11.10 49.48 -16.62
N ASP J 240 10.52 50.10 -17.64
CA ASP J 240 11.29 50.95 -18.53
C ASP J 240 11.77 52.19 -17.79
N GLU J 241 10.94 52.68 -16.88
CA GLU J 241 11.28 53.85 -16.09
C GLU J 241 12.18 53.49 -14.91
N PHE J 242 12.02 52.28 -14.39
CA PHE J 242 12.85 51.83 -13.28
C PHE J 242 14.29 51.63 -13.72
N ALA J 243 14.46 51.11 -14.93
CA ALA J 243 15.79 50.90 -15.50
C ALA J 243 16.46 52.24 -15.74
N ARG J 244 15.68 53.21 -16.20
CA ARG J 244 16.21 54.53 -16.51
C ARG J 244 16.67 55.25 -15.27
N ILE J 245 15.93 55.09 -14.17
CA ILE J 245 16.20 55.82 -12.95
C ILE J 245 17.16 55.09 -12.01
N PHE J 246 16.96 53.78 -11.87
CA PHE J 246 17.73 53.00 -10.88
C PHE J 246 18.89 52.21 -11.50
N GLY J 247 18.94 52.17 -12.83
CA GLY J 247 20.03 51.54 -13.54
C GLY J 247 19.98 50.03 -13.64
N ARG J 248 18.85 49.44 -13.21
CA ARG J 248 18.67 48.00 -13.29
C ARG J 248 17.46 47.67 -14.17
N LYS J 249 17.71 46.99 -15.28
CA LYS J 249 16.64 46.66 -16.21
C LYS J 249 16.04 45.29 -15.92
N TYR J 250 14.78 45.30 -15.50
CA TYR J 250 14.04 44.07 -15.24
C TYR J 250 13.14 43.72 -16.40
N ASP J 251 12.96 42.42 -16.65
CA ASP J 251 11.95 42.00 -17.60
C ASP J 251 10.63 41.88 -16.86
N PRO J 252 9.55 42.46 -17.41
CA PRO J 252 8.25 42.51 -16.74
C PRO J 252 7.68 41.14 -16.40
N TYR J 253 8.05 40.11 -17.16
CA TYR J 253 7.41 38.80 -17.00
C TYR J 253 8.38 37.65 -16.78
N LEU J 254 9.39 37.54 -17.64
CA LEU J 254 10.27 36.38 -17.62
C LEU J 254 11.76 36.74 -17.55
N ASP J 255 12.45 36.12 -16.60
CA ASP J 255 13.90 36.23 -16.51
C ASP J 255 14.54 35.03 -17.19
N GLU J 256 14.89 35.20 -18.47
CA GLU J 256 15.42 34.09 -19.27
C GLU J 256 16.95 34.00 -19.19
N TYR J 257 17.44 32.78 -19.00
CA TYR J 257 18.87 32.53 -18.92
C TYR J 257 19.30 31.43 -19.89
N LEU J 258 20.07 31.82 -20.91
CA LEU J 258 20.56 30.90 -21.93
C LEU J 258 19.41 30.14 -22.58
N THR J 259 18.49 30.86 -23.21
CA THR J 259 17.31 30.24 -23.78
C THR J 259 17.24 30.31 -25.30
N ASP J 260 18.12 31.10 -25.90
CA ASP J 260 18.09 31.32 -27.35
C ASP J 260 18.20 30.02 -28.14
N ASP J 261 19.23 29.24 -27.82
CA ASP J 261 19.49 27.99 -28.52
C ASP J 261 19.19 26.79 -27.63
N ALA J 262 18.51 27.04 -26.52
CA ALA J 262 18.16 25.98 -25.58
C ALA J 262 17.13 25.03 -26.19
N GLU J 263 17.30 23.74 -25.92
CA GLU J 263 16.34 22.74 -26.39
C GLU J 263 15.35 22.42 -25.28
N VAL J 264 15.84 22.37 -24.05
CA VAL J 264 14.98 22.22 -22.88
C VAL J 264 15.30 23.29 -21.85
N ILE J 265 14.29 23.74 -21.12
CA ILE J 265 14.48 24.73 -20.07
C ILE J 265 13.73 24.32 -18.81
N ILE J 266 14.14 24.89 -17.68
CA ILE J 266 13.40 24.71 -16.44
C ILE J 266 12.69 26.01 -16.06
N PHE J 267 11.38 25.92 -15.90
CA PHE J 267 10.54 27.05 -15.55
C PHE J 267 10.19 27.04 -14.06
N GLY J 268 10.23 28.22 -13.45
CA GLY J 268 9.92 28.35 -12.04
C GLY J 268 10.09 29.77 -11.54
N GLN J 269 10.06 29.93 -10.22
CA GLN J 269 10.19 31.24 -9.61
C GLN J 269 10.92 31.17 -8.28
N GLY J 270 11.49 32.30 -7.85
CA GLY J 270 12.14 32.36 -6.56
C GLY J 270 13.64 32.21 -6.59
N ALA J 271 14.23 32.09 -5.41
CA ALA J 271 15.68 32.01 -5.25
C ALA J 271 16.25 30.71 -5.80
N HIS J 272 15.46 29.65 -5.78
CA HIS J 272 15.91 28.35 -6.26
C HIS J 272 16.19 28.35 -7.76
N MET J 273 15.66 29.36 -8.46
CA MET J 273 15.92 29.50 -9.89
C MET J 273 17.36 29.97 -10.15
N GLU J 274 17.94 30.63 -9.16
CA GLU J 274 19.33 31.03 -9.23
C GLU J 274 20.23 29.79 -9.14
N THR J 275 19.78 28.82 -8.36
CA THR J 275 20.45 27.53 -8.26
C THR J 275 20.40 26.80 -9.59
N ALA J 276 19.26 26.93 -10.27
CA ALA J 276 19.06 26.29 -11.57
C ALA J 276 19.98 26.90 -12.62
N LYS J 277 20.26 28.20 -12.49
CA LYS J 277 21.18 28.88 -13.41
C LYS J 277 22.59 28.36 -13.23
N ALA J 278 22.91 27.95 -12.01
CA ALA J 278 24.24 27.44 -11.69
C ALA J 278 24.43 26.05 -12.25
N VAL J 279 23.32 25.32 -12.39
CA VAL J 279 23.35 23.97 -12.95
C VAL J 279 23.37 24.07 -14.48
N ALA J 280 22.65 25.04 -15.01
CA ALA J 280 22.60 25.29 -16.44
C ALA J 280 23.99 25.66 -16.98
N ARG J 281 24.70 26.49 -16.22
CA ARG J 281 26.04 26.93 -16.60
C ARG J 281 27.02 25.77 -16.77
N ARG J 282 27.01 24.83 -15.85
CA ARG J 282 27.92 23.71 -15.90
C ARG J 282 27.56 22.71 -17.00
N LEU J 283 26.27 22.51 -17.21
CA LEU J 283 25.81 21.60 -18.26
C LEU J 283 26.06 22.22 -19.63
N ARG J 284 26.02 23.54 -19.69
CA ARG J 284 26.33 24.27 -20.91
C ARG J 284 27.78 24.06 -21.29
N ASN J 285 28.63 23.95 -20.28
CA ASN J 285 30.04 23.69 -20.51
C ASN J 285 30.28 22.24 -20.86
N LEU J 286 29.28 21.40 -20.57
CA LEU J 286 29.34 19.99 -20.93
C LEU J 286 28.69 19.73 -22.28
N GLY J 287 28.23 20.79 -22.92
CA GLY J 287 27.68 20.69 -24.26
C GLY J 287 26.18 20.53 -24.29
N GLU J 288 25.54 20.63 -23.12
CA GLU J 288 24.10 20.44 -23.03
C GLU J 288 23.37 21.77 -23.19
N LYS J 289 22.54 21.84 -24.22
CA LYS J 289 21.81 23.06 -24.54
C LYS J 289 20.60 23.23 -23.64
N VAL J 290 20.85 23.65 -22.40
CA VAL J 290 19.78 23.87 -21.43
C VAL J 290 19.68 25.35 -21.06
N GLY J 291 18.51 25.74 -20.55
CA GLY J 291 18.27 27.12 -20.18
C GLY J 291 17.41 27.22 -18.94
N VAL J 292 17.15 28.44 -18.51
CA VAL J 292 16.34 28.69 -17.32
C VAL J 292 15.43 29.90 -17.54
N ALA J 293 14.15 29.72 -17.22
CA ALA J 293 13.19 30.82 -17.32
C ALA J 293 12.52 31.07 -15.98
N ARG J 294 12.92 32.14 -15.31
CA ARG J 294 12.39 32.47 -13.99
C ARG J 294 11.18 33.39 -14.11
N LEU J 295 10.07 32.99 -13.51
CA LEU J 295 8.84 33.79 -13.54
C LEU J 295 8.93 34.95 -12.57
N ARG J 296 8.78 36.17 -13.08
CA ARG J 296 8.86 37.36 -12.24
C ARG J 296 7.48 37.86 -11.80
N THR J 297 6.47 37.66 -12.63
CA THR J 297 5.11 38.05 -12.30
C THR J 297 4.18 36.85 -12.27
N PHE J 298 3.66 36.53 -11.09
CA PHE J 298 2.75 35.40 -10.94
C PHE J 298 1.31 35.83 -11.19
N ARG J 299 0.96 37.01 -10.68
CA ARG J 299 -0.38 37.56 -10.87
C ARG J 299 -0.32 39.03 -11.24
N PRO J 300 -1.04 39.43 -12.31
CA PRO J 300 -1.78 38.53 -13.21
C PRO J 300 -0.85 37.72 -14.12
N PHE J 301 -1.18 36.45 -14.31
CA PHE J 301 -0.34 35.52 -15.05
C PHE J 301 -0.11 35.95 -16.50
N PRO J 302 1.16 35.97 -16.93
CA PRO J 302 1.53 36.29 -18.31
C PRO J 302 1.24 35.14 -19.26
N THR J 303 -0.03 34.97 -19.63
CA THR J 303 -0.45 33.84 -20.45
C THR J 303 0.09 33.94 -21.88
N GLU J 304 -0.15 35.09 -22.52
CA GLU J 304 0.28 35.28 -23.90
C GLU J 304 1.78 35.53 -23.99
N GLN J 305 2.35 36.15 -22.96
CA GLN J 305 3.78 36.38 -22.91
C GLN J 305 4.55 35.06 -22.90
N ILE J 306 4.04 34.11 -22.13
CA ILE J 306 4.64 32.78 -22.05
C ILE J 306 4.40 31.97 -23.31
N LYS J 307 3.18 32.02 -23.83
CA LYS J 307 2.82 31.26 -25.03
C LYS J 307 3.67 31.67 -26.22
N GLU J 308 4.04 32.94 -26.27
CA GLU J 308 4.80 33.49 -27.37
C GLU J 308 6.29 33.19 -27.24
N ARG J 309 6.81 33.28 -26.03
CA ARG J 309 8.25 33.25 -25.81
C ARG J 309 8.83 31.89 -25.37
N LEU J 310 7.97 31.00 -24.89
CA LEU J 310 8.44 29.73 -24.35
C LEU J 310 7.97 28.51 -25.15
N SER J 311 7.47 28.73 -26.35
CA SER J 311 6.95 27.64 -27.16
C SER J 311 7.97 27.13 -28.20
N LYS J 312 9.24 27.44 -27.97
CA LYS J 312 10.27 27.04 -28.92
C LYS J 312 11.18 25.96 -28.36
N PHE J 313 10.74 25.32 -27.29
CA PHE J 313 11.57 24.30 -26.63
C PHE J 313 10.91 22.94 -26.76
N LYS J 314 11.74 21.90 -26.84
CA LYS J 314 11.24 20.54 -26.96
C LYS J 314 10.54 20.11 -25.69
N ALA J 315 11.15 20.40 -24.54
CA ALA J 315 10.58 20.05 -23.25
C ALA J 315 10.76 21.16 -22.24
N ILE J 316 9.79 21.32 -21.35
CA ILE J 316 9.87 22.31 -20.28
C ILE J 316 9.57 21.67 -18.93
N GLY J 317 10.53 21.74 -18.02
CA GLY J 317 10.33 21.26 -16.67
C GLY J 317 9.87 22.38 -15.77
N VAL J 318 8.80 22.12 -15.02
CA VAL J 318 8.24 23.16 -14.15
C VAL J 318 8.51 22.84 -12.69
N LEU J 319 9.29 23.69 -12.04
CA LEU J 319 9.55 23.49 -10.62
C LEU J 319 8.50 24.24 -9.81
N ASP J 320 7.74 23.48 -9.03
CA ASP J 320 6.78 24.05 -8.11
C ASP J 320 7.23 23.76 -6.68
N VAL J 321 7.82 24.78 -6.07
CA VAL J 321 8.27 24.67 -4.68
C VAL J 321 7.06 24.90 -3.76
N SER J 322 6.13 23.95 -3.81
CA SER J 322 4.87 24.08 -3.09
C SER J 322 4.10 22.76 -3.10
N ALA J 323 3.12 22.66 -2.22
CA ALA J 323 2.30 21.45 -2.13
C ALA J 323 0.83 21.78 -2.36
N ASN J 324 0.47 21.99 -3.62
CA ASN J 324 -0.90 22.26 -3.99
C ASN J 324 -1.63 20.94 -4.23
N PHE J 325 -2.08 20.33 -3.14
CA PHE J 325 -2.65 18.98 -3.21
C PHE J 325 -3.86 18.91 -4.11
N GLY J 326 -4.05 17.76 -4.76
CA GLY J 326 -5.23 17.50 -5.56
C GLY J 326 -5.29 18.18 -6.90
N ILE J 327 -4.36 19.09 -7.18
CA ILE J 327 -4.39 19.85 -8.42
C ILE J 327 -4.21 18.95 -9.63
N SER J 328 -4.62 19.44 -10.80
CA SER J 328 -4.47 18.70 -12.04
C SER J 328 -3.00 18.45 -12.35
N CYS J 329 -2.72 17.29 -12.95
CA CYS J 329 -1.38 16.85 -13.31
C CYS J 329 -0.47 16.58 -12.09
N SER J 330 -1.04 16.70 -10.89
CA SER J 330 -0.35 16.35 -9.64
C SER J 330 1.01 16.99 -9.46
N GLY J 331 1.19 18.18 -10.03
CA GLY J 331 2.41 18.92 -9.86
C GLY J 331 2.17 20.09 -8.93
N GLY J 332 2.19 21.30 -9.49
CA GLY J 332 1.92 22.50 -8.73
C GLY J 332 1.06 23.46 -9.51
N VAL J 333 0.98 24.70 -9.03
CA VAL J 333 0.20 25.72 -9.70
C VAL J 333 0.81 26.08 -11.03
N LEU J 334 2.12 26.26 -11.02
CA LEU J 334 2.86 26.66 -12.21
C LEU J 334 2.73 25.66 -13.35
N LEU J 335 2.76 24.37 -13.02
CA LEU J 335 2.65 23.33 -14.05
C LEU J 335 1.31 23.40 -14.79
N SER J 336 0.23 23.45 -14.02
CA SER J 336 -1.11 23.48 -14.60
C SER J 336 -1.34 24.77 -15.38
N GLU J 337 -0.80 25.87 -14.88
CA GLU J 337 -1.02 27.18 -15.49
C GLU J 337 -0.09 27.42 -16.68
N LEU J 338 1.04 26.71 -16.72
CA LEU J 338 1.93 26.80 -17.86
C LEU J 338 1.37 26.00 -19.03
N ARG J 339 0.90 24.80 -18.74
CA ARG J 339 0.30 23.93 -19.73
C ARG J 339 -0.93 24.58 -20.34
N ALA J 340 -1.66 25.34 -19.54
CA ALA J 340 -2.83 26.06 -20.02
C ALA J 340 -2.44 27.14 -21.03
N ALA J 341 -1.31 27.80 -20.78
CA ALA J 341 -0.83 28.86 -21.68
C ALA J 341 -0.27 28.26 -22.96
N LEU J 342 0.42 27.14 -22.85
CA LEU J 342 1.04 26.48 -24.00
C LEU J 342 0.17 25.34 -24.52
N TYR J 343 -1.13 25.45 -24.30
CA TYR J 343 -2.06 24.40 -24.67
C TYR J 343 -2.09 24.17 -26.19
N ASP J 344 -2.07 25.25 -26.96
CA ASP J 344 -2.11 25.16 -28.41
C ASP J 344 -0.87 24.48 -28.97
N TYR J 345 0.18 24.45 -28.16
CA TYR J 345 1.44 23.81 -28.53
C TYR J 345 1.68 22.58 -27.68
N GLY J 346 0.60 21.95 -27.23
CA GLY J 346 0.68 20.81 -26.32
C GLY J 346 1.26 19.55 -26.94
N ASP J 347 1.11 19.42 -28.25
CA ASP J 347 1.60 18.25 -28.97
C ASP J 347 3.09 18.34 -29.27
N LYS J 348 3.61 19.55 -29.40
CA LYS J 348 5.01 19.75 -29.73
C LYS J 348 5.85 19.92 -28.47
N VAL J 349 5.52 20.94 -27.69
CA VAL J 349 6.26 21.24 -26.46
C VAL J 349 5.84 20.34 -25.30
N LYS J 350 6.65 19.32 -25.01
CA LYS J 350 6.35 18.45 -23.88
C LYS J 350 6.64 19.15 -22.55
N THR J 351 5.78 18.92 -21.57
CA THR J 351 5.95 19.54 -20.26
C THR J 351 5.79 18.52 -19.13
N VAL J 352 6.62 18.68 -18.11
CA VAL J 352 6.58 17.82 -16.93
C VAL J 352 6.82 18.68 -15.70
N GLY J 353 6.20 18.30 -14.58
CA GLY J 353 6.34 19.06 -13.35
C GLY J 353 7.33 18.47 -12.37
N PHE J 354 8.06 19.34 -11.68
CA PHE J 354 8.98 18.91 -10.64
C PHE J 354 8.57 19.53 -9.31
N VAL J 355 8.25 18.68 -8.34
CA VAL J 355 7.86 19.16 -7.02
C VAL J 355 8.97 18.93 -6.02
N ALA J 356 9.62 20.02 -5.60
CA ALA J 356 10.72 19.95 -4.66
C ALA J 356 10.72 21.17 -3.73
N GLY J 357 11.71 21.23 -2.85
CA GLY J 357 11.81 22.32 -1.90
C GLY J 357 10.77 22.20 -0.81
N LEU J 358 10.22 21.01 -0.66
CA LEU J 358 9.21 20.73 0.35
C LEU J 358 9.76 20.91 1.76
N GLY J 359 8.94 21.44 2.65
CA GLY J 359 9.33 21.63 4.03
C GLY J 359 10.42 22.67 4.24
N GLY J 360 10.79 23.35 3.17
CA GLY J 360 11.85 24.36 3.24
C GLY J 360 13.21 23.80 2.86
N GLU J 361 13.22 22.56 2.38
CA GLU J 361 14.46 21.93 1.94
C GLU J 361 15.06 22.65 0.74
N VAL J 362 16.38 22.62 0.65
CA VAL J 362 17.08 23.25 -0.46
C VAL J 362 16.97 22.39 -1.70
N VAL J 363 16.56 22.99 -2.81
CA VAL J 363 16.57 22.29 -4.08
C VAL J 363 18.02 22.27 -4.57
N THR J 364 18.70 21.16 -4.32
CA THR J 364 20.13 21.09 -4.53
C THR J 364 20.51 21.09 -6.00
N HIS J 365 21.79 21.27 -6.27
CA HIS J 365 22.33 21.20 -7.62
C HIS J 365 22.08 19.82 -8.22
N ASP J 366 22.30 18.80 -7.39
CA ASP J 366 22.08 17.41 -7.79
C ASP J 366 20.63 17.20 -8.22
N GLU J 367 19.71 17.79 -7.48
CA GLU J 367 18.29 17.69 -7.81
C GLU J 367 17.97 18.40 -9.12
N PHE J 368 18.55 19.58 -9.32
CA PHE J 368 18.36 20.30 -10.59
C PHE J 368 19.03 19.57 -11.75
N TYR J 369 20.14 18.90 -11.47
CA TYR J 369 20.82 18.08 -12.46
C TYR J 369 19.92 16.95 -12.94
N ARG J 370 19.27 16.29 -11.99
CA ARG J 370 18.38 15.18 -12.30
C ARG J 370 17.13 15.64 -13.03
N MET J 371 16.76 16.90 -12.84
CA MET J 371 15.65 17.50 -13.59
C MET J 371 16.00 17.73 -15.06
N PHE J 372 17.16 18.33 -15.29
CA PHE J 372 17.60 18.64 -16.64
C PHE J 372 17.84 17.40 -17.50
N GLN J 373 18.30 16.34 -16.87
CA GLN J 373 18.52 15.08 -17.58
C GLN J 373 17.18 14.44 -17.94
N LYS J 374 16.20 14.60 -17.07
CA LYS J 374 14.88 14.06 -17.33
C LYS J 374 14.25 14.77 -18.53
N LEU J 375 14.48 16.07 -18.63
CA LEU J 375 14.01 16.85 -19.78
C LEU J 375 14.69 16.40 -21.07
N LYS J 376 15.98 16.10 -20.97
CA LYS J 376 16.74 15.63 -22.12
C LYS J 376 16.29 14.25 -22.56
N GLU J 377 15.86 13.44 -21.61
CA GLU J 377 15.33 12.13 -21.94
C GLU J 377 13.99 12.28 -22.67
N ILE J 378 13.19 13.24 -22.22
CA ILE J 378 11.90 13.50 -22.84
C ILE J 378 12.06 14.16 -24.21
N ALA J 379 13.04 15.06 -24.33
CA ALA J 379 13.26 15.76 -25.59
C ALA J 379 13.76 14.82 -26.67
N LYS J 380 14.47 13.76 -26.25
CA LYS J 380 14.98 12.77 -27.18
C LYS J 380 13.92 11.74 -27.57
N THR J 381 13.11 11.33 -26.59
CA THR J 381 12.12 10.28 -26.81
C THR J 381 10.76 10.84 -27.22
N GLY J 382 10.43 12.02 -26.72
CA GLY J 382 9.14 12.63 -27.01
C GLY J 382 8.01 12.04 -26.20
N LYS J 383 8.34 11.44 -25.06
CA LYS J 383 7.34 10.81 -24.22
C LYS J 383 7.49 11.23 -22.76
N VAL J 384 6.35 11.34 -22.07
CA VAL J 384 6.31 11.70 -20.66
C VAL J 384 5.56 10.62 -19.88
N GLU J 385 6.26 9.90 -19.01
CA GLU J 385 5.62 8.84 -18.22
C GLU J 385 4.56 9.41 -17.31
N GLN J 386 5.01 10.14 -16.29
CA GLN J 386 4.10 10.82 -15.38
C GLN J 386 4.30 12.32 -15.51
N THR J 387 3.22 13.07 -15.31
CA THR J 387 3.23 14.52 -15.50
C THR J 387 4.02 15.26 -14.43
N SER J 388 4.28 14.60 -13.31
CA SER J 388 5.01 15.23 -12.22
C SER J 388 5.90 14.24 -11.48
N TYR J 389 6.99 14.76 -10.94
CA TYR J 389 7.88 13.99 -10.09
C TYR J 389 8.09 14.72 -8.76
N TRP J 390 7.81 14.04 -7.66
CA TRP J 390 7.99 14.62 -6.34
C TRP J 390 9.38 14.31 -5.81
N ILE J 391 10.29 15.25 -6.00
CA ILE J 391 11.69 15.12 -5.66
C ILE J 391 11.91 15.28 -4.16
N PRO J 392 12.73 14.41 -3.55
CA PRO J 392 13.49 13.32 -4.19
C PRO J 392 12.90 11.92 -3.99
N PHE J 393 11.58 11.80 -3.95
CA PHE J 393 10.97 10.49 -3.71
C PHE J 393 10.70 9.75 -5.02
N GLU J 394 10.64 10.49 -6.12
CA GLU J 394 10.29 9.90 -7.41
C GLU J 394 11.33 10.17 -8.48
N LEU J 395 12.26 11.07 -8.19
CA LEU J 395 13.29 11.43 -9.16
C LEU J 395 14.55 11.90 -8.45
N LEU K 6 29.96 16.70 -9.56
CA LEU K 6 29.78 17.66 -10.63
C LEU K 6 29.57 19.06 -10.05
N PHE K 7 29.28 19.11 -8.75
CA PHE K 7 28.97 20.37 -8.09
C PHE K 7 29.78 20.53 -6.81
N ALA K 8 30.88 19.80 -6.73
CA ALA K 8 31.78 19.86 -5.57
C ALA K 8 32.57 21.15 -5.58
N GLU K 9 33.04 21.56 -4.40
CA GLU K 9 33.85 22.77 -4.28
C GLU K 9 35.09 22.52 -3.43
N PRO K 10 36.23 22.26 -4.10
CA PRO K 10 37.50 21.98 -3.42
C PRO K 10 38.19 23.24 -2.91
N ASN K 11 37.89 24.38 -3.54
CA ASN K 11 38.51 25.64 -3.17
C ASN K 11 37.81 26.31 -1.99
N LEU K 12 36.74 25.69 -1.52
CA LEU K 12 35.95 26.25 -0.43
C LEU K 12 36.29 25.62 0.91
N LYS K 13 36.79 26.43 1.83
CA LYS K 13 37.05 25.96 3.19
C LYS K 13 35.88 26.36 4.08
N GLN K 14 35.26 25.38 4.74
CA GLN K 14 34.15 25.66 5.62
C GLN K 14 34.55 25.58 7.09
N ILE K 15 34.06 26.53 7.89
CA ILE K 15 34.35 26.58 9.31
C ILE K 15 33.08 26.47 10.14
N THR K 16 33.09 25.56 11.11
CA THR K 16 31.95 25.37 12.00
C THR K 16 32.29 25.74 13.44
N VAL K 17 31.59 26.74 13.97
CA VAL K 17 31.85 27.23 15.31
C VAL K 17 30.72 26.86 16.28
N TRP K 18 30.97 25.90 17.16
CA TRP K 18 30.00 25.51 18.17
C TRP K 18 30.01 26.47 19.35
N ALA K 19 28.85 26.64 19.99
CA ALA K 19 28.73 27.53 21.13
C ALA K 19 27.56 27.15 22.02
N ARG K 20 27.47 27.78 23.18
CA ARG K 20 26.33 27.61 24.07
C ARG K 20 25.25 28.60 23.68
N GLY K 21 24.02 28.11 23.58
CA GLY K 21 22.91 28.93 23.13
C GLY K 21 22.63 30.14 24.01
N VAL K 22 22.15 31.20 23.38
CA VAL K 22 21.79 32.46 24.04
C VAL K 22 23.00 33.15 24.63
N VAL K 23 23.67 32.49 25.58
CA VAL K 23 24.77 33.09 26.33
C VAL K 23 26.04 33.34 25.52
N MET K 24 26.32 32.48 24.53
CA MET K 24 27.58 32.59 23.80
C MET K 24 27.43 32.58 22.28
N ASN K 25 26.24 32.92 21.79
CA ASN K 25 26.00 32.97 20.34
C ASN K 25 26.77 34.10 19.66
N LYS K 26 26.85 35.25 20.31
CA LYS K 26 27.56 36.41 19.77
C LYS K 26 29.04 36.11 19.62
N ASP K 27 29.60 35.36 20.56
CA ASP K 27 31.01 35.00 20.51
C ASP K 27 31.29 34.14 19.28
N ALA K 28 30.38 33.20 19.01
CA ALA K 28 30.51 32.34 17.84
C ALA K 28 30.34 33.17 16.56
N ARG K 29 29.48 34.18 16.63
CA ARG K 29 29.25 35.06 15.49
C ARG K 29 30.46 35.94 15.22
N ASP K 30 30.96 36.57 16.28
CA ASP K 30 32.10 37.49 16.15
C ASP K 30 33.34 36.78 15.63
N ILE K 31 33.46 35.50 15.94
CA ILE K 31 34.54 34.67 15.42
C ILE K 31 34.42 34.50 13.91
N VAL K 32 33.22 34.15 13.47
CA VAL K 32 32.96 33.89 12.05
C VAL K 32 33.11 35.14 11.18
N VAL K 33 32.52 36.25 11.61
CA VAL K 33 32.56 37.48 10.83
C VAL K 33 33.99 38.00 10.67
N ALA K 34 34.76 37.95 11.75
CA ALA K 34 36.14 38.46 11.75
C ALA K 34 37.01 37.69 10.76
N LEU K 35 36.78 36.38 10.66
CA LEU K 35 37.55 35.55 9.74
C LEU K 35 37.20 35.90 8.29
N THR K 36 35.90 36.05 8.03
CA THR K 36 35.42 36.35 6.68
C THR K 36 35.81 37.76 6.25
N GLU K 37 35.79 38.70 7.19
CA GLU K 37 36.20 40.07 6.90
C GLU K 37 37.69 40.14 6.60
N ALA K 38 38.45 39.28 7.25
CA ALA K 38 39.90 39.22 7.05
C ALA K 38 40.24 38.59 5.69
N ALA K 39 39.44 37.60 5.30
CA ALA K 39 39.65 36.89 4.04
C ALA K 39 39.20 37.72 2.85
N ALA K 40 38.28 38.65 3.10
CA ALA K 40 37.79 39.54 2.04
C ALA K 40 38.89 40.52 1.61
N LYS K 41 39.91 40.64 2.45
CA LYS K 41 41.05 41.51 2.16
C LYS K 41 42.04 40.83 1.21
N GLU K 42 41.95 39.51 1.10
CA GLU K 42 42.84 38.75 0.23
C GLU K 42 42.20 38.47 -1.13
N GLY K 43 40.92 38.77 -1.25
CA GLY K 43 40.20 38.60 -2.49
C GLY K 43 39.34 37.35 -2.55
N LYS K 44 39.27 36.63 -1.43
CA LYS K 44 38.47 35.42 -1.35
C LYS K 44 36.98 35.71 -1.31
N TYR K 45 36.17 34.74 -1.73
CA TYR K 45 34.73 34.82 -1.61
C TYR K 45 34.28 34.20 -0.30
N VAL K 46 33.60 34.99 0.52
CA VAL K 46 33.26 34.57 1.88
C VAL K 46 31.77 34.63 2.17
N GLN K 47 31.34 33.84 3.16
CA GLN K 47 29.97 33.87 3.64
C GLN K 47 29.94 33.66 5.15
N ALA K 48 29.13 34.48 5.83
CA ALA K 48 29.05 34.41 7.29
C ALA K 48 27.59 34.49 7.76
N TRP K 49 27.19 33.52 8.57
CA TRP K 49 25.82 33.48 9.09
C TRP K 49 25.70 32.54 10.28
N GLU K 50 24.62 32.69 11.04
CA GLU K 50 24.35 31.77 12.15
C GLU K 50 23.38 30.69 11.70
N ASN K 51 23.53 29.50 12.27
CA ASN K 51 22.72 28.35 11.90
C ASN K 51 21.22 28.57 12.10
N TYR K 52 20.50 28.65 10.99
CA TYR K 52 19.05 28.84 11.01
C TYR K 52 18.35 27.64 11.62
N VAL K 53 19.01 26.49 11.54
CA VAL K 53 18.47 25.24 12.07
C VAL K 53 18.40 25.30 13.59
N ASP K 54 19.35 26.00 14.20
CA ASP K 54 19.41 26.11 15.66
C ASP K 54 18.38 27.08 16.23
N LEU K 55 17.61 27.72 15.36
CA LEU K 55 16.61 28.70 15.79
C LEU K 55 15.27 28.04 16.08
N PRO K 56 14.59 28.50 17.15
CA PRO K 56 15.08 29.51 18.09
C PRO K 56 16.13 28.95 19.06
N ASP K 57 17.08 29.78 19.44
CA ASP K 57 18.14 29.34 20.34
C ASP K 57 17.64 29.18 21.77
N ARG K 58 18.12 28.14 22.44
CA ARG K 58 17.78 27.88 23.84
C ARG K 58 19.01 28.12 24.70
N ILE K 59 18.81 28.27 26.01
CA ILE K 59 19.93 28.49 26.90
C ILE K 59 20.75 27.22 27.06
N TYR K 60 22.05 27.32 26.80
CA TYR K 60 23.01 26.23 26.94
C TYR K 60 22.79 25.09 25.96
N VAL K 61 21.99 25.31 24.93
CA VAL K 61 21.85 24.29 23.88
C VAL K 61 23.02 24.45 22.91
N PRO K 62 23.63 23.32 22.51
CA PRO K 62 24.70 23.35 21.51
C PRO K 62 24.25 23.98 20.19
N VAL K 63 24.70 25.19 19.93
CA VAL K 63 24.36 25.89 18.68
C VAL K 63 25.59 25.99 17.79
N ARG K 64 25.41 26.56 16.60
CA ARG K 64 26.50 26.62 15.63
C ARG K 64 26.52 27.92 14.83
N ALA K 65 27.71 28.34 14.44
CA ALA K 65 27.89 29.46 13.54
C ALA K 65 28.84 29.05 12.43
N TYR K 66 28.40 29.19 11.18
CA TYR K 66 29.17 28.66 10.06
C TYR K 66 29.89 29.75 9.27
N ALA K 67 30.99 29.37 8.63
CA ALA K 67 31.75 30.25 7.76
C ALA K 67 32.14 29.50 6.49
N ARG K 68 32.15 30.21 5.36
CA ARG K 68 32.56 29.60 4.09
C ARG K 68 33.53 30.52 3.34
N ILE K 69 34.76 30.06 3.16
CA ILE K 69 35.75 30.84 2.43
C ILE K 69 36.25 30.10 1.20
N SER K 70 36.15 30.75 0.04
CA SER K 70 36.53 30.14 -1.22
C SER K 70 37.18 31.16 -2.15
N SER K 71 38.12 30.70 -2.96
CA SER K 71 38.77 31.55 -3.94
C SER K 71 37.87 31.74 -5.16
N ASP K 72 36.85 30.90 -5.26
CA ASP K 72 35.88 30.97 -6.34
C ASP K 72 34.50 31.35 -5.80
N PRO K 73 33.64 31.93 -6.66
CA PRO K 73 32.28 32.28 -6.26
C PRO K 73 31.52 31.11 -5.65
N ILE K 74 30.88 31.34 -4.51
CA ILE K 74 30.14 30.32 -3.80
C ILE K 74 28.78 30.06 -4.43
N GLU K 75 28.49 28.80 -4.72
CA GLU K 75 27.22 28.40 -5.30
C GLU K 75 26.44 27.54 -4.32
N SER K 76 26.92 27.49 -3.09
CA SER K 76 26.27 26.71 -2.04
C SER K 76 25.79 27.58 -0.90
N LYS K 77 25.38 28.81 -1.22
CA LYS K 77 24.94 29.76 -0.20
C LYS K 77 23.67 29.31 0.52
N TYR K 78 22.75 28.71 -0.24
CA TYR K 78 21.43 28.36 0.29
C TYR K 78 21.45 27.14 1.18
N ILE K 79 22.63 26.58 1.42
CA ILE K 79 22.72 25.41 2.29
C ILE K 79 22.74 25.85 3.75
N TYR K 80 21.85 25.25 4.55
CA TYR K 80 21.69 25.63 5.94
C TYR K 80 22.95 25.42 6.79
N GLU K 81 23.54 24.24 6.70
CA GLU K 81 24.68 23.90 7.57
C GLU K 81 25.90 23.45 6.79
N ASN K 82 27.07 23.70 7.34
CA ASN K 82 28.30 23.08 6.83
C ASN K 82 28.35 21.65 7.32
N GLU K 83 28.10 20.71 6.41
CA GLU K 83 27.99 19.30 6.80
C GLU K 83 29.34 18.58 6.85
N THR K 84 30.33 19.13 6.16
CA THR K 84 31.67 18.55 6.17
C THR K 84 32.72 19.59 6.53
N PRO K 85 32.82 19.92 7.82
CA PRO K 85 33.70 21.00 8.30
C PRO K 85 35.19 20.67 8.17
N ASP K 86 35.99 21.71 8.01
CA ASP K 86 37.44 21.57 7.97
C ASP K 86 38.02 22.11 9.27
N ILE K 87 37.31 23.06 9.87
CA ILE K 87 37.72 23.65 11.13
C ILE K 87 36.56 23.69 12.12
N VAL K 88 36.70 22.96 13.23
CA VAL K 88 35.67 22.95 14.26
C VAL K 88 36.11 23.82 15.43
N VAL K 89 35.29 24.82 15.76
CA VAL K 89 35.65 25.77 16.80
C VAL K 89 34.69 25.69 17.98
N LEU K 90 35.24 25.51 19.18
CA LEU K 90 34.45 25.48 20.40
C LEU K 90 34.76 26.68 21.28
N VAL K 91 33.74 27.47 21.58
CA VAL K 91 33.92 28.65 22.44
C VAL K 91 33.87 28.25 23.91
N GLU K 92 33.24 27.12 24.19
CA GLU K 92 33.14 26.61 25.55
C GLU K 92 33.71 25.19 25.63
N GLU K 93 34.41 24.90 26.71
CA GLU K 93 35.19 23.66 26.84
C GLU K 93 34.33 22.39 26.91
N SER K 94 33.15 22.48 27.53
CA SER K 94 32.35 21.28 27.77
C SER K 94 31.66 20.76 26.50
N LEU K 95 31.90 21.43 25.38
CA LEU K 95 31.30 21.04 24.11
C LEU K 95 31.92 19.76 23.57
N ILE K 96 33.06 19.37 24.16
CA ILE K 96 33.76 18.15 23.79
C ILE K 96 33.01 16.92 24.31
N LYS K 97 32.09 17.16 25.24
CA LYS K 97 31.37 16.07 25.89
C LYS K 97 29.95 15.93 25.36
N GLY K 98 29.69 14.82 24.66
CA GLY K 98 28.34 14.49 24.25
C GLY K 98 27.80 15.29 23.07
N VAL K 99 28.69 15.98 22.38
CA VAL K 99 28.28 16.81 21.24
C VAL K 99 29.03 16.41 19.98
N PRO K 100 28.29 16.04 18.92
CA PRO K 100 28.91 15.59 17.67
C PRO K 100 29.68 16.70 16.96
N ILE K 101 30.81 17.10 17.53
CA ILE K 101 31.61 18.16 16.95
C ILE K 101 32.61 17.58 15.95
N LEU K 102 32.62 16.26 15.84
CA LEU K 102 33.53 15.58 14.93
C LEU K 102 32.75 14.81 13.86
N LYS K 103 31.48 15.17 13.70
CA LYS K 103 30.64 14.51 12.71
C LYS K 103 30.90 15.07 11.31
N GLY K 104 31.32 14.20 10.41
CA GLY K 104 31.52 14.58 9.02
C GLY K 104 32.76 15.41 8.75
N ILE K 105 33.71 15.40 9.67
CA ILE K 105 34.93 16.17 9.50
C ILE K 105 35.75 15.63 8.32
N ARG K 106 36.37 16.53 7.58
CA ARG K 106 37.13 16.13 6.40
C ARG K 106 38.59 15.89 6.78
N PRO K 107 39.30 15.05 6.00
CA PRO K 107 40.72 14.80 6.25
C PRO K 107 41.55 16.07 6.31
N GLY K 108 42.52 16.11 7.21
CA GLY K 108 43.36 17.29 7.38
C GLY K 108 42.65 18.40 8.10
N SER K 109 41.80 18.05 9.07
CA SER K 109 41.00 19.02 9.80
C SER K 109 41.66 19.46 11.10
N THR K 110 41.09 20.51 11.70
CA THR K 110 41.64 21.10 12.91
C THR K 110 40.56 21.33 13.96
N LEU K 111 40.84 20.96 15.20
CA LEU K 111 39.90 21.20 16.29
C LEU K 111 40.45 22.27 17.23
N VAL K 112 39.78 23.42 17.24
CA VAL K 112 40.18 24.55 18.08
C VAL K 112 39.28 24.65 19.30
N VAL K 113 39.87 24.54 20.48
CA VAL K 113 39.10 24.55 21.73
C VAL K 113 39.54 25.66 22.69
N ASN K 114 38.56 26.36 23.27
CA ASN K 114 38.85 27.37 24.28
C ASN K 114 38.81 26.78 25.70
N THR K 115 40.00 26.51 26.24
CA THR K 115 40.11 25.92 27.56
C THR K 115 41.50 26.14 28.17
N LYS K 116 41.60 25.90 29.47
CA LYS K 116 42.86 25.99 30.18
C LYS K 116 43.36 24.57 30.47
N ARG K 117 42.52 23.59 30.19
CA ARG K 117 42.82 22.19 30.43
C ARG K 117 43.85 21.69 29.41
N SER K 118 44.52 20.59 29.74
CA SER K 118 45.53 20.02 28.86
C SER K 118 44.93 19.38 27.63
N ILE K 119 45.73 19.27 26.57
CA ILE K 119 45.30 18.64 25.33
C ILE K 119 44.99 17.17 25.55
N ASP K 120 45.79 16.53 26.41
CA ASP K 120 45.63 15.11 26.71
C ASP K 120 44.27 14.82 27.33
N THR K 121 43.81 15.77 28.15
CA THR K 121 42.53 15.64 28.83
C THR K 121 41.37 15.71 27.84
N ILE K 122 41.52 16.56 26.83
CA ILE K 122 40.49 16.73 25.81
C ILE K 122 40.25 15.45 25.03
N LEU K 123 41.33 14.74 24.71
CA LEU K 123 41.25 13.52 23.92
C LEU K 123 40.58 12.38 24.68
N GLU K 124 40.51 12.51 26.00
CA GLU K 124 39.86 11.49 26.83
C GLU K 124 38.35 11.56 26.72
N PHE K 125 37.86 12.67 26.17
CA PHE K 125 36.43 12.86 25.96
C PHE K 125 36.06 12.72 24.49
N LEU K 126 37.06 12.84 23.62
CA LEU K 126 36.82 12.76 22.18
C LEU K 126 36.74 11.31 21.70
N GLY K 127 37.55 10.45 22.29
CA GLY K 127 37.62 9.07 21.86
C GLY K 127 38.35 8.95 20.54
N ASP K 128 37.67 8.42 19.52
CA ASP K 128 38.24 8.34 18.19
C ASP K 128 38.09 9.69 17.49
N THR K 129 39.20 10.23 17.01
CA THR K 129 39.20 11.56 16.40
C THR K 129 38.91 11.52 14.90
N GLY K 130 39.03 10.34 14.30
CA GLY K 130 38.72 10.18 12.89
C GLY K 130 39.65 10.96 11.98
N ASN K 131 39.05 11.76 11.08
CA ASN K 131 39.82 12.53 10.11
C ASN K 131 40.44 13.78 10.69
N LEU K 132 40.42 13.91 12.02
CA LEU K 132 41.01 15.06 12.69
C LEU K 132 42.52 14.95 12.63
N ALA K 133 43.18 15.98 12.12
CA ALA K 133 44.63 15.93 11.95
C ALA K 133 45.36 16.62 13.11
N GLN K 134 44.83 17.76 13.53
CA GLN K 134 45.46 18.50 14.63
C GLN K 134 44.43 19.04 15.61
N ILE K 135 44.86 19.25 16.85
CA ILE K 135 44.01 19.81 17.88
C ILE K 135 44.71 21.00 18.55
N VAL K 136 43.96 22.06 18.80
CA VAL K 136 44.52 23.29 19.34
C VAL K 136 43.80 23.70 20.62
N THR K 137 44.57 24.04 21.66
CA THR K 137 43.99 24.52 22.91
C THR K 137 44.48 25.92 23.25
N VAL K 138 43.54 26.77 23.66
CA VAL K 138 43.86 28.15 24.01
C VAL K 138 43.03 28.62 25.20
N ASP K 139 43.67 29.27 26.16
CA ASP K 139 42.96 29.81 27.31
C ASP K 139 42.54 31.26 27.04
N ALA K 140 41.43 31.42 26.31
CA ALA K 140 40.94 32.74 25.91
C ALA K 140 40.22 33.46 27.05
N ASN K 141 39.89 32.71 28.10
CA ASN K 141 39.19 33.27 29.25
C ASN K 141 40.03 34.33 29.97
N SER K 142 41.32 34.08 30.05
CA SER K 142 42.24 34.98 30.74
C SER K 142 42.69 36.13 29.84
N MET K 143 42.70 35.86 28.54
CA MET K 143 43.16 36.83 27.56
C MET K 143 42.16 37.97 27.39
N ALA K 144 40.88 37.64 27.35
CA ALA K 144 39.82 38.64 27.23
C ALA K 144 38.90 38.59 28.44
N ILE K 166 36.16 37.29 23.84
CA ILE K 166 37.03 36.12 23.71
C ILE K 166 37.04 35.60 22.28
N ALA K 167 36.37 36.32 21.39
CA ALA K 167 36.30 35.94 19.99
C ALA K 167 37.67 36.03 19.32
N ALA K 168 38.34 37.17 19.51
CA ALA K 168 39.63 37.42 18.87
C ALA K 168 40.76 36.46 19.32
N PRO K 169 40.89 36.20 20.63
CA PRO K 169 41.95 35.25 21.01
C PRO K 169 41.73 33.84 20.47
N ILE K 170 40.48 33.42 20.36
CA ILE K 170 40.17 32.10 19.81
C ILE K 170 40.41 32.12 18.30
N ALA K 171 39.98 33.20 17.64
CA ALA K 171 40.16 33.36 16.21
C ALA K 171 41.65 33.42 15.87
N GLY K 172 42.43 34.04 16.75
CA GLY K 172 43.87 34.12 16.59
C GLY K 172 44.51 32.75 16.70
N ALA K 173 43.94 31.91 17.56
CA ALA K 173 44.46 30.57 17.77
C ALA K 173 44.19 29.69 16.55
N VAL K 174 43.14 30.04 15.80
CA VAL K 174 42.79 29.30 14.60
C VAL K 174 43.78 29.61 13.47
N VAL K 175 44.22 30.86 13.41
CA VAL K 175 45.14 31.30 12.37
C VAL K 175 46.52 30.65 12.52
N LYS K 176 46.98 30.53 13.76
CA LYS K 176 48.30 29.97 14.03
C LYS K 176 48.43 28.53 13.55
N ALA K 177 47.31 27.81 13.53
CA ALA K 177 47.33 26.40 13.16
C ALA K 177 46.88 26.15 11.73
N THR K 178 46.01 27.02 11.21
CA THR K 178 45.45 26.82 9.88
C THR K 178 46.03 27.80 8.86
N GLY K 179 46.26 29.04 9.28
CA GLY K 179 46.80 30.05 8.39
C GLY K 179 45.87 30.43 7.26
N ILE K 180 44.57 30.48 7.55
CA ILE K 180 43.58 30.80 6.53
C ILE K 180 43.74 32.23 6.02
N VAL K 181 44.03 33.15 6.93
CA VAL K 181 44.26 34.55 6.58
C VAL K 181 45.51 35.04 7.32
N ASP K 182 46.14 36.08 6.80
CA ASP K 182 47.30 36.69 7.44
C ASP K 182 46.87 37.37 8.75
N VAL K 183 47.78 37.42 9.71
CA VAL K 183 47.47 38.00 11.02
C VAL K 183 47.14 39.49 10.96
N GLU K 184 47.89 40.24 10.16
CA GLU K 184 47.68 41.67 10.03
C GLU K 184 46.31 41.98 9.42
N ASN K 185 45.84 41.09 8.55
CA ASN K 185 44.52 41.24 7.96
C ASN K 185 43.43 41.03 9.01
N LEU K 186 43.67 40.09 9.93
CA LEU K 186 42.72 39.82 10.99
C LEU K 186 42.83 40.87 12.09
N ALA K 187 43.99 41.50 12.20
CA ALA K 187 44.20 42.55 13.19
C ALA K 187 43.55 43.86 12.74
N ALA K 188 43.09 43.89 11.49
CA ALA K 188 42.49 45.08 10.92
C ALA K 188 40.96 44.97 10.87
N VAL K 189 40.44 43.86 11.36
CA VAL K 189 38.99 43.64 11.36
C VAL K 189 38.46 43.42 12.77
N VAL K 190 39.36 43.33 13.74
CA VAL K 190 38.98 43.14 15.13
C VAL K 190 39.06 44.44 15.92
N LYS K 191 38.35 44.49 17.05
CA LYS K 191 38.38 45.68 17.90
C LYS K 191 39.65 45.70 18.72
N ASN K 192 40.00 44.54 19.28
CA ASN K 192 41.19 44.40 20.11
C ASN K 192 42.14 43.34 19.57
N PRO K 193 43.07 43.77 18.70
CA PRO K 193 44.06 42.91 18.06
C PRO K 193 45.13 42.41 19.01
N ALA K 194 45.38 43.17 20.08
CA ALA K 194 46.41 42.82 21.05
C ALA K 194 46.10 41.50 21.74
N ALA K 195 44.85 41.35 22.18
CA ALA K 195 44.42 40.14 22.86
C ALA K 195 44.41 38.94 21.90
N MET K 196 44.20 39.23 20.63
CA MET K 196 44.19 38.20 19.60
C MET K 196 45.57 37.57 19.44
N ARG K 197 46.59 38.41 19.45
CA ARG K 197 47.97 37.97 19.28
C ARG K 197 48.43 37.02 20.38
N ARG K 198 47.89 37.19 21.59
CA ARG K 198 48.21 36.29 22.69
C ARG K 198 47.70 34.89 22.39
N GLY K 199 46.48 34.78 21.90
CA GLY K 199 45.91 33.49 21.52
C GLY K 199 46.69 32.91 20.35
N TYR K 200 47.24 33.80 19.53
CA TYR K 200 48.02 33.40 18.36
C TYR K 200 49.40 32.91 18.78
N ALA K 201 49.83 33.33 19.97
CA ALA K 201 51.16 32.99 20.46
C ALA K 201 51.13 31.83 21.45
N GLU K 202 50.10 31.79 22.29
CA GLU K 202 50.03 30.79 23.35
C GLU K 202 49.26 29.54 22.93
N ALA K 203 48.89 29.46 21.66
CA ALA K 203 48.14 28.32 21.15
C ALA K 203 48.99 27.04 21.13
N GLN K 204 48.46 25.97 21.72
CA GLN K 204 49.15 24.69 21.75
C GLN K 204 48.64 23.77 20.66
N VAL K 205 49.42 23.62 19.60
CA VAL K 205 49.01 22.81 18.45
C VAL K 205 49.66 21.44 18.48
N ARG K 206 48.86 20.39 18.31
CA ARG K 206 49.37 19.03 18.24
C ARG K 206 48.80 18.25 17.08
N GLN K 207 49.67 17.75 16.20
CA GLN K 207 49.23 16.93 15.07
C GLN K 207 48.97 15.48 15.50
N LEU K 208 47.89 14.91 14.98
CA LEU K 208 47.48 13.55 15.32
C LEU K 208 47.75 12.57 14.18
N PRO K 209 48.01 11.30 14.52
CA PRO K 209 48.22 10.25 13.52
C PRO K 209 47.00 10.03 12.64
N VAL K 219 21.15 8.49 5.31
CA VAL K 219 19.94 7.78 4.91
C VAL K 219 19.26 8.44 3.72
N SER K 220 18.52 7.65 2.96
CA SER K 220 17.78 8.15 1.81
C SER K 220 16.45 8.75 2.24
N ALA K 221 15.86 9.56 1.38
CA ALA K 221 14.57 10.17 1.66
C ALA K 221 13.48 9.10 1.75
N THR K 222 13.67 8.00 1.04
CA THR K 222 12.72 6.89 1.08
C THR K 222 12.74 6.24 2.46
N GLU K 223 13.94 5.97 2.97
CA GLU K 223 14.07 5.41 4.31
C GLU K 223 13.65 6.48 5.32
N LEU K 224 13.95 7.73 5.01
CA LEU K 224 13.54 8.86 5.85
C LEU K 224 12.01 8.95 5.87
N LEU K 225 11.38 8.46 4.81
CA LEU K 225 9.93 8.41 4.70
C LEU K 225 9.38 7.28 5.56
N ARG K 226 10.12 6.18 5.64
CA ARG K 226 9.74 5.04 6.45
C ARG K 226 9.80 5.40 7.94
N GLN K 227 10.66 6.36 8.27
CA GLN K 227 10.83 6.82 9.64
C GLN K 227 9.79 7.87 10.02
N MET K 228 8.91 8.20 9.08
CA MET K 228 7.83 9.16 9.34
C MET K 228 6.54 8.44 9.74
N PRO K 229 6.14 8.59 11.01
CA PRO K 229 4.91 7.96 11.49
C PRO K 229 3.68 8.60 10.87
N PHE K 230 2.52 7.98 11.08
CA PHE K 230 1.26 8.50 10.56
C PHE K 230 1.01 9.93 11.05
N ALA K 231 1.05 10.88 10.11
CA ALA K 231 0.77 12.29 10.38
C ALA K 231 1.72 12.89 11.42
N GLY K 232 2.82 12.20 11.69
CA GLY K 232 3.78 12.66 12.68
C GLY K 232 3.35 12.37 14.10
N THR K 233 2.23 11.66 14.24
CA THR K 233 1.71 11.34 15.56
C THR K 233 2.56 10.29 16.25
N VAL K 234 3.08 10.63 17.42
CA VAL K 234 3.89 9.74 18.22
C VAL K 234 3.22 9.45 19.56
N PRO K 235 3.47 8.27 20.13
CA PRO K 235 2.88 7.97 21.45
C PRO K 235 3.58 8.77 22.56
N SER K 236 2.84 9.05 23.63
CA SER K 236 3.37 9.78 24.76
C SER K 236 4.38 8.92 25.54
N PRO K 237 5.48 9.55 26.01
CA PRO K 237 6.48 8.84 26.81
C PRO K 237 5.93 8.35 28.13
N VAL K 238 6.67 7.44 28.78
CA VAL K 238 6.27 6.89 30.06
C VAL K 238 7.11 7.46 31.18
N THR K 239 8.43 7.38 31.04
CA THR K 239 9.34 7.82 32.09
C THR K 239 10.24 8.96 31.62
N GLU K 240 10.53 8.99 30.33
CA GLU K 240 11.47 9.97 29.79
C GLU K 240 11.26 10.20 28.31
N ASN K 241 11.70 11.37 27.83
CA ASN K 241 11.62 11.69 26.41
C ASN K 241 12.99 11.53 25.77
N GLU K 242 13.29 10.33 25.29
CA GLU K 242 14.59 10.03 24.70
C GLU K 242 14.80 10.73 23.36
N GLY K 243 13.73 11.31 22.84
CA GLY K 243 13.82 12.06 21.60
C GLY K 243 14.54 13.38 21.80
N MET K 244 14.75 13.75 23.06
CA MET K 244 15.42 15.01 23.38
C MET K 244 16.27 14.90 24.65
N VAL K 245 17.46 14.32 24.52
CA VAL K 245 18.40 14.24 25.65
C VAL K 245 19.19 15.54 25.82
N THR K 246 19.10 16.13 27.01
CA THR K 246 19.64 17.48 27.23
C THR K 246 20.76 17.54 28.28
N GLY K 247 21.33 16.39 28.63
CA GLY K 247 22.43 16.37 29.58
C GLY K 247 23.68 17.04 29.03
N ASN K 248 23.82 17.01 27.71
CA ASN K 248 24.98 17.60 27.05
C ASN K 248 24.87 19.12 26.88
N TRP K 249 23.93 19.72 27.59
CA TRP K 249 23.78 21.17 27.64
C TRP K 249 24.67 21.77 28.73
N ARG K 250 25.14 20.91 29.63
CA ARG K 250 25.79 21.34 30.86
C ARG K 250 27.14 22.03 30.69
N ILE K 251 27.23 23.25 31.22
CA ILE K 251 28.51 23.92 31.40
C ILE K 251 29.01 23.62 32.80
N GLN K 252 28.07 23.42 33.71
CA GLN K 252 28.36 23.13 35.12
C GLN K 252 27.38 22.09 35.65
N ARG K 253 27.74 21.42 36.73
CA ARG K 253 26.86 20.41 37.32
C ARG K 253 26.62 20.65 38.80
N PRO K 254 25.38 20.42 39.26
CA PRO K 254 25.07 20.54 40.68
C PRO K 254 25.66 19.39 41.50
N ILE K 255 26.40 19.74 42.56
CA ILE K 255 26.99 18.75 43.45
C ILE K 255 26.44 18.90 44.86
N ILE K 256 25.95 17.80 45.41
CA ILE K 256 25.28 17.83 46.71
C ILE K 256 26.21 17.43 47.87
N ASP K 257 26.03 18.10 49.00
CA ASP K 257 26.66 17.71 50.25
C ASP K 257 25.55 17.17 51.16
N ARG K 258 25.38 15.86 51.15
CA ARG K 258 24.22 15.20 51.77
C ARG K 258 24.08 15.39 53.28
N GLU K 259 25.16 15.78 53.93
CA GLU K 259 25.12 16.02 55.36
C GLU K 259 24.55 17.40 55.72
N ALA K 260 24.40 18.23 54.71
CA ALA K 260 23.79 19.55 54.88
C ALA K 260 22.36 19.52 54.34
N CYS K 261 22.00 18.37 53.75
CA CYS K 261 20.69 18.20 53.16
C CYS K 261 19.66 17.77 54.20
N THR K 262 18.55 18.48 54.25
CA THR K 262 17.46 18.16 55.17
C THR K 262 16.41 17.30 54.46
N GLU K 263 16.65 17.01 53.19
CA GLU K 263 15.71 16.28 52.34
C GLU K 263 14.36 16.97 52.34
N CYS K 264 14.39 18.30 52.25
CA CYS K 264 13.18 19.11 52.19
C CYS K 264 12.58 19.05 50.79
N TYR K 265 13.41 18.65 49.82
CA TYR K 265 13.00 18.51 48.43
C TYR K 265 12.45 19.80 47.85
N THR K 266 12.96 20.92 48.32
CA THR K 266 12.64 22.22 47.75
C THR K 266 13.20 22.32 46.35
N CYS K 267 14.41 21.79 46.17
CA CYS K 267 15.07 21.75 44.87
C CYS K 267 14.24 20.93 43.88
N TRP K 268 13.68 19.84 44.39
CA TRP K 268 12.91 18.89 43.58
C TRP K 268 11.67 19.51 42.94
N ILE K 269 11.01 20.41 43.66
CA ILE K 269 9.77 20.99 43.21
C ILE K 269 10.00 22.18 42.26
N TYR K 270 11.24 22.58 42.10
CA TYR K 270 11.55 23.76 41.29
C TYR K 270 12.33 23.45 40.00
N CYS K 271 12.59 22.17 39.74
CA CYS K 271 13.32 21.79 38.53
C CYS K 271 12.42 21.74 37.30
N PRO K 272 12.68 22.61 36.32
CA PRO K 272 11.86 22.67 35.10
C PRO K 272 12.01 21.41 34.25
N ASP K 273 13.03 20.61 34.54
CA ASP K 273 13.37 19.48 33.70
C ASP K 273 13.21 18.14 34.42
N SER K 274 12.58 18.16 35.59
CA SER K 274 12.28 16.93 36.34
C SER K 274 13.48 16.03 36.54
N CYS K 275 14.65 16.62 36.77
CA CYS K 275 15.89 15.86 36.86
C CYS K 275 16.16 15.35 38.28
N ILE K 276 15.29 15.73 39.20
CA ILE K 276 15.45 15.34 40.60
C ILE K 276 14.37 14.32 40.98
N THR K 277 14.79 13.24 41.62
CA THR K 277 13.87 12.21 42.07
C THR K 277 13.97 12.03 43.59
N ARG K 278 12.82 11.94 44.24
CA ARG K 278 12.79 11.81 45.69
C ARG K 278 12.97 10.35 46.11
N THR K 279 14.09 10.06 46.76
CA THR K 279 14.37 8.71 47.24
C THR K 279 14.55 8.75 48.76
N GLU K 280 14.72 7.59 49.37
CA GLU K 280 14.90 7.52 50.81
C GLU K 280 16.27 8.02 51.24
N GLU K 281 17.23 7.96 50.31
CA GLU K 281 18.57 8.47 50.57
C GLU K 281 18.61 9.98 50.36
N GLY K 282 17.51 10.52 49.84
CA GLY K 282 17.42 11.95 49.56
C GLY K 282 17.28 12.24 48.08
N PRO K 283 17.44 13.51 47.69
CA PRO K 283 17.28 13.93 46.30
C PRO K 283 18.34 13.36 45.36
N VAL K 284 17.90 12.62 44.36
CA VAL K 284 18.80 12.04 43.36
C VAL K 284 18.71 12.82 42.05
N PHE K 285 19.87 13.26 41.55
CA PHE K 285 19.91 14.12 40.37
C PHE K 285 20.21 13.34 39.09
N ASN K 286 19.29 13.39 38.13
CA ASN K 286 19.44 12.70 36.86
C ASN K 286 20.30 13.49 35.88
N MET K 287 21.51 13.02 35.65
CA MET K 287 22.48 13.74 34.83
C MET K 287 22.35 13.48 33.34
N LYS K 288 21.37 12.66 32.96
CA LYS K 288 21.16 12.37 31.56
C LYS K 288 20.47 13.54 30.86
N TYR K 289 19.63 14.26 31.58
CA TYR K 289 18.85 15.35 31.00
C TYR K 289 19.15 16.71 31.64
N CYS K 290 19.82 16.69 32.78
CA CYS K 290 20.14 17.92 33.51
C CYS K 290 20.86 18.92 32.64
N LYS K 291 20.33 20.13 32.57
CA LYS K 291 20.91 21.17 31.74
C LYS K 291 21.90 22.00 32.54
N GLY K 292 21.99 21.71 33.84
CA GLY K 292 22.87 22.42 34.74
C GLY K 292 22.55 23.90 34.79
N CYS K 293 21.26 24.22 34.95
CA CYS K 293 20.85 25.62 35.03
C CYS K 293 21.26 26.21 36.36
N GLY K 294 21.28 25.37 37.40
CA GLY K 294 21.70 25.81 38.71
C GLY K 294 20.57 26.38 39.54
N LEU K 295 19.34 26.13 39.10
CA LEU K 295 18.17 26.59 39.85
C LEU K 295 18.06 25.92 41.21
N CYS K 296 18.23 24.60 41.21
CA CYS K 296 18.16 23.80 42.43
C CYS K 296 19.16 24.30 43.46
N THR K 297 20.32 24.73 42.98
CA THR K 297 21.36 25.29 43.84
C THR K 297 20.91 26.63 44.41
N ALA K 298 20.20 27.41 43.59
CA ALA K 298 19.78 28.75 43.98
C ALA K 298 18.66 28.72 45.00
N VAL K 299 17.81 27.69 44.93
CA VAL K 299 16.65 27.60 45.81
C VAL K 299 16.90 26.76 47.05
N CYS K 300 18.03 26.03 47.07
CA CYS K 300 18.37 25.23 48.24
C CYS K 300 18.62 26.12 49.45
N PRO K 301 17.81 25.93 50.50
CA PRO K 301 17.84 26.76 51.71
C PRO K 301 18.96 26.36 52.67
N SER K 302 19.52 25.18 52.46
CA SER K 302 20.53 24.62 53.35
C SER K 302 21.95 24.80 52.82
N GLY K 303 22.06 25.25 51.57
CA GLY K 303 23.36 25.45 50.96
C GLY K 303 24.10 24.15 50.74
N ALA K 304 23.35 23.08 50.52
CA ALA K 304 23.91 21.75 50.32
C ALA K 304 24.22 21.46 48.85
N LEU K 305 24.01 22.44 47.98
CA LEU K 305 24.25 22.26 46.56
C LEU K 305 25.31 23.21 46.02
N THR K 306 26.16 22.71 45.13
CA THR K 306 27.24 23.49 44.55
C THR K 306 27.37 23.25 43.04
N ASN K 307 27.55 24.33 42.28
CA ASN K 307 27.76 24.23 40.84
C ASN K 307 29.22 23.96 40.49
N VAL K 308 29.47 22.78 39.94
CA VAL K 308 30.82 22.38 39.57
C VAL K 308 30.90 22.08 38.07
N PRO K 309 31.92 22.63 37.39
CA PRO K 309 32.15 22.43 35.96
C PRO K 309 32.01 20.97 35.52
N GLU K 310 31.46 20.77 34.33
CA GLU K 310 31.11 19.43 33.86
C GLU K 310 32.33 18.60 33.48
N LEU K 311 33.39 19.26 33.04
CA LEU K 311 34.59 18.56 32.58
C LEU K 311 35.45 18.03 33.73
N ASP K 312 34.94 18.14 34.95
CA ASP K 312 35.58 17.48 36.09
C ASP K 312 34.97 16.10 36.28
N PHE K 313 34.12 15.70 35.33
CA PHE K 313 33.42 14.42 35.40
C PHE K 313 33.47 13.72 34.05
N LYS K 314 33.51 12.39 34.08
CA LYS K 314 33.56 11.62 32.83
C LYS K 314 32.23 10.97 32.52
N ASP K 315 31.37 10.83 33.52
CA ASP K 315 30.06 10.22 33.34
C ASP K 315 28.98 11.28 33.21
N MET L 1 -12.74 14.07 42.73
CA MET L 1 -12.18 15.25 43.37
C MET L 1 -10.68 15.11 43.61
N LEU L 2 -9.93 16.11 43.15
CA LEU L 2 -8.47 16.11 43.33
C LEU L 2 -8.16 16.71 44.69
N ASP L 3 -7.51 15.92 45.55
CA ASP L 3 -7.25 16.31 46.92
C ASP L 3 -6.27 17.47 47.04
N ARG L 4 -6.35 18.18 48.15
CA ARG L 4 -5.45 19.29 48.45
C ARG L 4 -4.03 18.82 48.70
N ILE L 5 -3.07 19.59 48.19
CA ILE L 5 -1.65 19.30 48.43
C ILE L 5 -1.17 20.14 49.60
N ALA L 6 -0.86 19.48 50.70
CA ALA L 6 -0.49 20.17 51.94
C ALA L 6 0.85 20.89 51.85
N SER L 7 1.84 20.21 51.30
CA SER L 7 3.19 20.74 51.24
C SER L 7 4.01 20.11 50.12
N ILE L 8 5.28 20.49 50.06
CA ILE L 8 6.20 19.91 49.09
C ILE L 8 6.45 18.46 49.47
N LYS L 9 6.57 18.20 50.77
CA LYS L 9 6.71 16.84 51.28
C LYS L 9 5.45 16.03 51.00
N LYS L 10 4.30 16.71 51.04
CA LYS L 10 3.01 16.05 50.83
C LYS L 10 2.60 16.13 49.37
N ALA L 11 3.50 16.60 48.53
CA ALA L 11 3.26 16.65 47.09
C ALA L 11 3.50 15.29 46.42
N PRO L 12 2.73 14.97 45.38
CA PRO L 12 2.83 13.71 44.65
C PRO L 12 4.16 13.52 43.94
N ASP L 13 4.66 12.29 43.90
CA ASP L 13 5.92 11.98 43.24
C ASP L 13 5.78 11.89 41.73
N GLU L 14 4.60 11.47 41.27
CA GLU L 14 4.37 11.17 39.87
C GLU L 14 4.53 12.38 38.94
N GLU L 15 5.38 12.20 37.92
CA GLU L 15 5.57 13.21 36.89
C GLU L 15 4.81 12.80 35.62
N TYR L 16 4.15 13.77 34.99
CA TYR L 16 3.47 13.53 33.73
C TYR L 16 4.02 14.49 32.69
N TYR L 17 5.13 15.13 33.06
CA TYR L 17 5.89 16.02 32.22
C TYR L 17 7.35 15.60 32.38
N VAL L 18 7.74 14.56 31.64
CA VAL L 18 9.02 13.90 31.85
C VAL L 18 10.20 14.73 31.34
N PRO L 19 11.41 14.44 31.85
CA PRO L 19 12.62 15.09 31.33
C PRO L 19 12.83 14.82 29.85
N GLY L 20 13.30 15.83 29.13
CA GLY L 20 13.55 15.71 27.70
C GLY L 20 12.73 16.67 26.86
N HIS L 21 13.18 17.92 26.80
CA HIS L 21 12.55 18.91 25.94
C HIS L 21 13.52 20.05 25.63
N ARG L 22 13.37 20.64 24.44
CA ARG L 22 14.31 21.66 23.98
C ARG L 22 13.88 23.04 24.47
N THR L 23 13.59 23.12 25.76
CA THR L 23 13.26 24.38 26.41
C THR L 23 14.55 24.96 26.97
N CYS L 24 14.60 26.28 27.14
CA CYS L 24 15.79 26.93 27.68
C CYS L 24 16.18 26.37 29.04
N ALA L 25 17.46 26.49 29.38
CA ALA L 25 17.93 26.09 30.70
C ALA L 25 17.33 27.01 31.75
N GLY L 26 16.66 26.42 32.74
CA GLY L 26 15.98 27.19 33.76
C GLY L 26 14.78 27.92 33.19
N CYS L 27 14.07 27.25 32.29
CA CYS L 27 12.89 27.81 31.66
C CYS L 27 11.72 27.90 32.64
N GLY L 28 11.24 29.12 32.87
CA GLY L 28 10.09 29.36 33.73
C GLY L 28 8.81 28.64 33.28
N PRO L 29 8.37 28.92 32.04
CA PRO L 29 7.18 28.23 31.50
C PRO L 29 7.30 26.71 31.49
N ALA L 30 8.52 26.18 31.39
CA ALA L 30 8.73 24.74 31.41
C ALA L 30 8.40 24.18 32.78
N LEU L 31 8.81 24.90 33.82
CA LEU L 31 8.47 24.51 35.18
C LEU L 31 6.97 24.60 35.39
N THR L 32 6.38 25.66 34.84
CA THR L 32 4.93 25.84 34.85
C THR L 32 4.25 24.61 34.29
N TYR L 33 4.73 24.15 33.14
CA TYR L 33 4.18 22.98 32.48
C TYR L 33 4.32 21.72 33.35
N ARG L 34 5.46 21.60 34.03
CA ARG L 34 5.73 20.43 34.86
C ARG L 34 4.78 20.33 36.05
N LEU L 35 4.54 21.47 36.68
CA LEU L 35 3.69 21.53 37.88
C LEU L 35 2.22 21.32 37.53
N VAL L 36 1.80 21.86 36.39
CA VAL L 36 0.42 21.73 35.94
C VAL L 36 0.09 20.27 35.63
N ALA L 37 1.00 19.60 34.93
CA ALA L 37 0.82 18.19 34.61
C ALA L 37 0.82 17.34 35.89
N LYS L 38 1.58 17.78 36.88
CA LYS L 38 1.68 17.08 38.16
C LYS L 38 0.38 17.18 38.95
N ALA L 39 -0.24 18.35 38.90
CA ALA L 39 -1.48 18.58 39.63
C ALA L 39 -2.68 18.00 38.88
N ALA L 40 -2.54 17.86 37.58
CA ALA L 40 -3.64 17.39 36.74
C ALA L 40 -3.83 15.89 36.88
N GLY L 41 -2.74 15.13 36.75
CA GLY L 41 -2.80 13.69 36.84
C GLY L 41 -2.84 13.02 35.47
N PRO L 42 -3.02 11.69 35.46
CA PRO L 42 -3.02 10.87 34.24
C PRO L 42 -4.27 11.08 33.38
N ASN L 43 -5.40 11.34 34.02
CA ASN L 43 -6.66 11.51 33.30
C ASN L 43 -6.79 12.93 32.75
N THR L 44 -5.83 13.30 31.90
CA THR L 44 -5.73 14.67 31.40
C THR L 44 -5.35 14.73 29.92
N ILE L 45 -5.96 15.68 29.21
CA ILE L 45 -5.61 15.98 27.82
C ILE L 45 -5.17 17.44 27.72
N PHE L 46 -3.99 17.65 27.15
CA PHE L 46 -3.43 18.99 27.04
C PHE L 46 -3.60 19.58 25.64
N ILE L 47 -3.96 20.86 25.59
CA ILE L 47 -4.06 21.58 24.33
C ILE L 47 -2.99 22.66 24.29
N GLY L 48 -2.07 22.54 23.35
CA GLY L 48 -0.95 23.45 23.25
C GLY L 48 -0.96 24.30 22.00
N PRO L 49 -1.50 25.52 22.11
CA PRO L 49 -1.42 26.50 21.02
C PRO L 49 0.04 26.83 20.69
N THR L 50 0.29 27.26 19.46
CA THR L 50 1.65 27.47 18.99
C THR L 50 2.39 28.52 19.83
N GLY L 51 3.57 28.13 20.32
CA GLY L 51 4.39 28.97 21.17
C GLY L 51 5.56 28.17 21.70
N CYS L 52 6.30 28.71 22.67
CA CYS L 52 7.45 28.03 23.23
C CYS L 52 7.10 26.66 23.80
N MET L 53 6.03 26.59 24.58
CA MET L 53 5.68 25.35 25.26
C MET L 53 5.10 24.32 24.29
N TYR L 54 4.92 24.72 23.04
CA TYR L 54 4.62 23.79 21.97
C TYR L 54 5.91 23.40 21.25
N VAL L 55 6.55 24.37 20.63
CA VAL L 55 7.73 24.13 19.79
C VAL L 55 8.89 23.51 20.55
N ALA L 56 9.32 24.18 21.62
CA ALA L 56 10.49 23.77 22.38
C ALA L 56 10.31 22.39 23.00
N ASN L 57 9.10 22.06 23.41
CA ASN L 57 8.83 20.80 24.06
C ASN L 57 8.78 19.62 23.10
N THR L 58 8.43 19.89 21.84
CA THR L 58 8.21 18.82 20.87
C THR L 58 9.36 18.61 19.89
N SER L 59 10.35 19.50 19.93
CA SER L 59 11.48 19.42 19.02
C SER L 59 12.42 18.26 19.36
N TYR L 60 12.56 17.31 18.45
CA TYR L 60 11.79 17.28 17.20
C TYR L 60 11.12 15.93 17.01
N GLY L 61 9.82 15.96 16.72
CA GLY L 61 9.05 14.75 16.53
C GLY L 61 8.94 13.95 17.81
N CYS L 62 8.86 14.65 18.93
CA CYS L 62 8.75 14.03 20.24
C CYS L 62 7.95 14.92 21.19
N GLY L 63 8.04 14.64 22.48
CA GLY L 63 7.32 15.43 23.47
C GLY L 63 7.53 14.91 24.88
N PRO L 64 7.42 15.80 25.87
CA PRO L 64 7.66 15.44 27.27
C PRO L 64 6.40 15.04 28.03
N TRP L 65 5.24 15.09 27.39
CA TRP L 65 3.98 14.83 28.08
C TRP L 65 3.64 13.34 28.13
N ARG L 66 3.42 12.84 29.34
CA ARG L 66 3.08 11.44 29.54
C ARG L 66 1.59 11.23 29.24
N VAL L 67 0.86 12.33 29.12
CA VAL L 67 -0.57 12.30 28.88
C VAL L 67 -0.86 12.76 27.45
N PRO L 68 -2.07 12.47 26.92
CA PRO L 68 -2.40 12.91 25.56
C PRO L 68 -2.22 14.41 25.37
N TRP L 69 -1.76 14.80 24.19
CA TRP L 69 -1.52 16.20 23.88
C TRP L 69 -1.70 16.44 22.39
N ILE L 70 -2.31 17.57 22.05
CA ILE L 70 -2.51 17.93 20.66
C ILE L 70 -2.14 19.38 20.39
N HIS L 71 -1.58 19.62 19.21
CA HIS L 71 -1.25 20.97 18.77
C HIS L 71 -2.51 21.72 18.35
N ALA L 72 -2.55 23.00 18.69
CA ALA L 72 -3.60 23.89 18.20
C ALA L 72 -2.94 25.11 17.57
N GLN L 73 -3.69 25.86 16.78
CA GLN L 73 -3.16 27.11 16.27
C GLN L 73 -3.11 28.11 17.42
N ILE L 74 -2.30 29.15 17.27
CA ILE L 74 -2.21 30.19 18.29
C ILE L 74 -3.50 30.99 18.34
N THR L 75 -4.33 30.81 17.31
CA THR L 75 -5.56 31.58 17.14
C THR L 75 -6.80 30.93 17.74
N ASN L 76 -6.76 29.62 18.00
CA ASN L 76 -7.95 28.91 18.42
C ASN L 76 -7.77 27.97 19.61
N GLY L 77 -7.16 28.47 20.68
CA GLY L 77 -6.93 27.67 21.86
C GLY L 77 -8.20 27.19 22.53
N GLY L 78 -9.11 28.11 22.82
CA GLY L 78 -10.36 27.77 23.50
C GLY L 78 -11.32 27.03 22.59
N ALA L 79 -11.25 27.32 21.30
CA ALA L 79 -12.13 26.68 20.33
C ALA L 79 -11.84 25.19 20.23
N VAL L 80 -10.57 24.82 20.22
CA VAL L 80 -10.19 23.41 20.13
C VAL L 80 -10.59 22.63 21.39
N ALA L 81 -10.35 23.23 22.55
CA ALA L 81 -10.73 22.62 23.82
C ALA L 81 -12.23 22.35 23.86
N SER L 82 -13.00 23.30 23.33
CA SER L 82 -14.45 23.18 23.27
C SER L 82 -14.86 21.95 22.48
N GLY L 83 -14.14 21.68 21.39
CA GLY L 83 -14.43 20.56 20.54
C GLY L 83 -14.12 19.22 21.19
N ILE L 84 -13.02 19.17 21.91
CA ILE L 84 -12.61 17.95 22.61
C ILE L 84 -13.58 17.65 23.76
N GLU L 85 -14.03 18.72 24.40
CA GLU L 85 -14.98 18.61 25.51
C GLU L 85 -16.34 18.14 24.99
N ALA L 86 -16.82 18.81 23.95
CA ALA L 86 -18.12 18.49 23.37
C ALA L 86 -18.14 17.05 22.85
N ALA L 87 -17.01 16.62 22.30
CA ALA L 87 -16.90 15.26 21.78
C ALA L 87 -17.07 14.24 22.89
N TYR L 88 -16.33 14.41 23.98
CA TYR L 88 -16.39 13.48 25.09
C TYR L 88 -17.77 13.43 25.71
N LYS L 89 -18.41 14.57 25.85
CA LYS L 89 -19.76 14.62 26.40
C LYS L 89 -20.75 13.98 25.43
N ALA L 90 -20.37 13.92 24.15
CA ALA L 90 -21.20 13.30 23.13
C ALA L 90 -20.89 11.82 22.99
N MET L 91 -19.60 11.50 22.95
CA MET L 91 -19.16 10.11 22.82
C MET L 91 -19.60 9.26 24.01
N ILE L 92 -19.65 9.89 25.19
CA ILE L 92 -20.06 9.20 26.41
C ILE L 92 -21.58 8.99 26.46
N ARG L 93 -22.32 10.03 26.15
CA ARG L 93 -23.78 9.98 26.21
C ARG L 93 -24.34 8.98 25.21
N LYS L 94 -23.71 8.92 24.03
CA LYS L 94 -24.16 8.01 22.98
C LYS L 94 -23.48 6.65 23.10
N LYS L 95 -22.74 6.47 24.19
CA LYS L 95 -22.08 5.20 24.52
C LYS L 95 -21.17 4.68 23.41
N LYS L 96 -20.38 5.56 22.83
CA LYS L 96 -19.44 5.20 21.78
C LYS L 96 -18.05 5.05 22.38
N THR L 97 -17.98 5.21 23.70
CA THR L 97 -16.74 5.03 24.45
C THR L 97 -17.07 4.69 25.90
N ASP L 98 -16.15 3.97 26.55
CA ASP L 98 -16.32 3.65 27.96
C ASP L 98 -15.38 4.51 28.82
N ALA L 99 -14.61 5.36 28.15
CA ALA L 99 -13.71 6.27 28.83
C ALA L 99 -14.48 7.31 29.64
N GLU L 100 -14.02 7.56 30.87
CA GLU L 100 -14.62 8.62 31.68
C GLU L 100 -14.12 9.98 31.22
N PHE L 101 -14.91 11.02 31.49
CA PHE L 101 -14.57 12.38 31.07
C PHE L 101 -13.28 12.88 31.73
N PRO L 102 -12.27 13.18 30.91
CA PRO L 102 -10.93 13.57 31.36
C PRO L 102 -10.79 15.05 31.65
N ASN L 103 -9.72 15.42 32.36
CA ASN L 103 -9.34 16.81 32.53
C ASN L 103 -8.82 17.40 31.23
N ILE L 104 -9.47 18.45 30.74
CA ILE L 104 -9.08 19.08 29.49
C ILE L 104 -8.44 20.43 29.75
N ILE L 105 -7.12 20.51 29.56
CA ILE L 105 -6.37 21.71 29.92
C ILE L 105 -5.69 22.37 28.71
N VAL L 106 -5.89 23.67 28.58
CA VAL L 106 -5.21 24.44 27.55
C VAL L 106 -4.00 25.15 28.12
N MET L 107 -2.84 24.91 27.52
CA MET L 107 -1.62 25.60 27.90
C MET L 107 -1.23 26.62 26.85
N ALA L 108 -1.86 27.79 26.90
CA ALA L 108 -1.63 28.83 25.90
C ALA L 108 -0.65 29.89 26.40
N GLY L 109 0.15 30.43 25.50
CA GLY L 109 1.03 31.53 25.83
C GLY L 109 0.26 32.82 25.99
N ASP L 110 0.94 33.89 26.39
CA ASP L 110 0.29 35.17 26.58
C ASP L 110 -0.27 35.70 25.26
N GLY L 111 0.47 35.51 24.17
CA GLY L 111 -0.01 35.91 22.86
C GLY L 111 -1.19 35.08 22.40
N GLY L 112 -1.17 33.79 22.73
CA GLY L 112 -2.21 32.88 22.31
C GLY L 112 -3.44 32.86 23.20
N ALA L 113 -3.47 33.73 24.20
CA ALA L 113 -4.60 33.78 25.13
C ALA L 113 -5.14 35.20 25.29
N VAL L 114 -4.28 36.19 25.12
CA VAL L 114 -4.62 37.58 25.42
C VAL L 114 -4.73 38.42 24.15
N ASP L 115 -4.04 37.99 23.11
CA ASP L 115 -3.87 38.82 21.92
C ASP L 115 -4.61 38.25 20.72
N ILE L 116 -4.19 37.08 20.26
CA ILE L 116 -4.71 36.49 19.04
C ILE L 116 -5.63 35.32 19.33
N GLY L 117 -5.62 34.85 20.57
CA GLY L 117 -6.46 33.75 20.98
C GLY L 117 -7.52 34.14 22.00
N LEU L 118 -7.68 35.45 22.20
CA LEU L 118 -8.61 35.97 23.19
C LEU L 118 -10.07 35.67 22.83
N GLN L 119 -10.39 35.78 21.55
CA GLN L 119 -11.75 35.59 21.07
C GLN L 119 -12.22 34.15 21.24
N ALA L 120 -11.33 33.20 21.00
CA ALA L 120 -11.64 31.79 21.16
C ALA L 120 -11.70 31.43 22.64
N LEU L 121 -11.05 32.24 23.47
CA LEU L 121 -11.08 32.05 24.91
C LEU L 121 -12.41 32.50 25.49
N SER L 122 -12.80 33.73 25.17
CA SER L 122 -14.03 34.33 25.67
C SER L 122 -15.26 33.51 25.33
N ALA L 123 -15.31 33.00 24.11
CA ALA L 123 -16.46 32.24 23.64
C ALA L 123 -16.50 30.86 24.28
N MET L 124 -15.33 30.37 24.68
CA MET L 124 -15.25 29.09 25.35
C MET L 124 -15.84 29.19 26.75
N LEU L 125 -15.60 30.32 27.41
CA LEU L 125 -16.15 30.58 28.73
C LEU L 125 -17.66 30.81 28.64
N TYR L 126 -18.09 31.40 27.53
CA TYR L 126 -19.50 31.66 27.28
C TYR L 126 -20.30 30.38 27.09
N ARG L 127 -19.72 29.41 26.40
CA ARG L 127 -20.38 28.13 26.17
C ARG L 127 -20.30 27.25 27.42
N GLY L 128 -19.44 27.63 28.35
CA GLY L 128 -19.35 26.96 29.65
C GLY L 128 -18.86 25.53 29.59
N HIS L 129 -17.87 25.26 28.75
CA HIS L 129 -17.32 23.93 28.65
C HIS L 129 -16.52 23.59 29.91
N ASP L 130 -16.56 22.33 30.32
CA ASP L 130 -15.79 21.87 31.48
C ASP L 130 -14.32 21.75 31.11
N VAL L 131 -13.68 22.90 30.94
CA VAL L 131 -12.30 22.96 30.48
C VAL L 131 -11.48 23.98 31.28
N LEU L 132 -10.26 23.61 31.64
CA LEU L 132 -9.34 24.53 32.30
C LEU L 132 -8.42 25.23 31.31
N PHE L 133 -8.62 26.54 31.13
CA PHE L 133 -7.78 27.32 30.23
C PHE L 133 -6.68 28.03 31.00
N ILE L 134 -5.44 27.66 30.72
CA ILE L 134 -4.30 28.25 31.41
C ILE L 134 -3.45 29.10 30.45
N CYS L 135 -3.08 30.29 30.91
CA CYS L 135 -2.12 31.10 30.18
C CYS L 135 -0.80 31.18 30.91
N TYR L 136 0.24 30.60 30.33
CA TYR L 136 1.59 30.77 30.86
C TYR L 136 2.15 32.06 30.26
N ASP L 137 2.54 32.99 31.12
CA ASP L 137 2.90 34.34 30.68
C ASP L 137 4.38 34.63 30.85
N ASN L 138 5.10 34.69 29.74
CA ASN L 138 6.48 35.12 29.76
C ASN L 138 6.61 36.54 29.22
N GLU L 139 5.45 37.21 29.12
CA GLU L 139 5.38 38.63 28.78
C GLU L 139 5.97 38.97 27.42
N SER L 140 5.89 38.04 26.47
CA SER L 140 6.28 38.28 25.09
C SER L 140 5.88 37.13 24.17
N TYR L 141 5.97 37.36 22.86
CA TYR L 141 6.00 36.27 21.89
C TYR L 141 7.42 35.73 21.87
N ALA L 142 7.69 34.74 22.73
CA ALA L 142 9.06 34.32 23.00
C ALA L 142 9.68 33.47 21.90
N ASN L 143 8.90 32.55 21.32
CA ASN L 143 9.45 31.60 20.36
C ASN L 143 9.88 32.23 19.05
N THR L 144 9.27 33.35 18.70
CA THR L 144 9.61 34.03 17.45
C THR L 144 10.79 34.97 17.61
N GLY L 145 11.35 35.03 18.81
CA GLY L 145 12.51 35.87 19.06
C GLY L 145 12.19 37.06 19.93
N ILE L 146 11.26 36.87 20.86
CA ILE L 146 10.86 37.87 21.85
C ILE L 146 10.30 39.14 21.21
N GLN L 147 9.00 39.14 20.92
CA GLN L 147 8.33 40.33 20.39
C GLN L 147 7.27 40.82 21.37
N THR L 148 6.96 42.12 21.29
CA THR L 148 6.04 42.76 22.23
C THR L 148 4.66 42.10 22.24
N SER L 149 4.01 42.15 23.39
CA SER L 149 2.70 41.53 23.58
C SER L 149 1.82 42.38 24.51
N PRO L 150 0.49 42.17 24.47
CA PRO L 150 -0.39 42.89 25.39
C PRO L 150 -0.05 42.67 26.87
N THR L 151 0.69 41.62 27.19
CA THR L 151 1.10 41.37 28.56
C THR L 151 2.54 41.79 28.79
N THR L 152 3.22 42.21 27.73
CA THR L 152 4.58 42.72 27.86
C THR L 152 4.52 44.04 28.61
N PRO L 153 5.27 44.14 29.73
CA PRO L 153 5.28 45.33 30.58
C PRO L 153 5.64 46.62 29.84
N TYR L 154 5.20 47.73 30.37
CA TYR L 154 5.51 49.05 29.82
C TYR L 154 7.02 49.29 29.79
N GLY L 155 7.47 49.94 28.72
CA GLY L 155 8.87 50.30 28.59
C GLY L 155 9.81 49.13 28.40
N ALA L 156 9.25 47.96 28.08
CA ALA L 156 10.06 46.78 27.88
C ALA L 156 10.66 46.75 26.48
N ASN L 157 11.84 46.14 26.36
CA ASN L 157 12.55 46.09 25.10
C ASN L 157 12.31 44.79 24.33
N THR L 158 11.71 44.91 23.16
CA THR L 158 11.51 43.79 22.25
C THR L 158 12.00 44.18 20.86
N THR L 159 12.04 43.20 19.96
CA THR L 159 12.47 43.47 18.59
C THR L 159 11.43 44.30 17.86
N PHE L 160 10.21 44.33 18.40
CA PHE L 160 9.13 45.13 17.83
C PHE L 160 8.97 46.45 18.58
N THR L 161 9.58 46.53 19.77
CA THR L 161 9.58 47.76 20.54
C THR L 161 10.98 48.15 21.00
N PRO L 162 11.85 48.54 20.05
CA PRO L 162 13.20 48.94 20.41
C PRO L 162 13.27 50.38 20.92
N PRO L 163 14.08 50.63 21.95
CA PRO L 163 14.30 51.99 22.44
C PRO L 163 15.08 52.83 21.44
N GLY L 164 14.61 54.04 21.20
CA GLY L 164 15.28 54.95 20.29
C GLY L 164 15.07 56.37 20.76
N GLU L 165 15.57 57.33 20.00
CA GLU L 165 15.40 58.73 20.35
C GLU L 165 13.94 59.12 20.30
N VAL L 166 13.22 58.57 19.33
CA VAL L 166 11.81 58.87 19.15
C VAL L 166 10.95 58.19 20.21
N VAL L 167 11.28 56.94 20.54
CA VAL L 167 10.57 56.20 21.57
C VAL L 167 11.57 55.67 22.60
N PRO L 168 11.91 56.50 23.59
CA PRO L 168 12.93 56.22 24.61
C PRO L 168 12.64 55.00 25.46
N GLU L 169 11.37 54.70 25.71
CA GLU L 169 11.03 53.56 26.55
C GLU L 169 10.85 52.29 25.72
N GLY L 170 10.81 52.45 24.40
CA GLY L 170 10.61 51.31 23.53
C GLY L 170 9.13 50.98 23.41
N LYS L 171 8.52 50.57 24.53
CA LYS L 171 7.10 50.29 24.56
C LYS L 171 6.34 51.37 25.33
N LYS L 172 5.46 52.09 24.63
CA LYS L 172 4.71 53.18 25.24
C LYS L 172 3.45 52.69 25.92
N LEU L 173 3.00 51.49 25.53
CA LEU L 173 1.73 50.96 26.01
C LEU L 173 1.85 50.19 27.32
N PHE L 174 0.90 50.44 28.23
CA PHE L 174 0.80 49.69 29.46
C PHE L 174 0.06 48.38 29.20
N PRO L 175 0.45 47.31 29.90
CA PRO L 175 -0.05 45.96 29.60
C PRO L 175 -1.53 45.75 29.87
N LYS L 176 -2.12 44.79 29.16
CA LYS L 176 -3.51 44.41 29.37
C LYS L 176 -3.61 43.37 30.49
N ASP L 177 -4.55 43.59 31.41
CA ASP L 177 -4.76 42.67 32.52
C ASP L 177 -5.81 41.63 32.16
N ASN L 178 -5.37 40.58 31.46
CA ASN L 178 -6.26 39.54 30.95
C ASN L 178 -7.13 38.82 32.00
N PRO L 179 -6.59 38.51 33.19
CA PRO L 179 -7.44 37.86 34.20
C PRO L 179 -8.68 38.67 34.56
N LYS L 180 -8.56 39.99 34.57
CA LYS L 180 -9.68 40.86 34.93
C LYS L 180 -10.60 41.10 33.75
N VAL L 181 -10.05 40.97 32.54
CA VAL L 181 -10.84 41.11 31.32
C VAL L 181 -11.95 40.07 31.28
N ILE L 182 -11.57 38.82 31.48
CA ILE L 182 -12.51 37.71 31.36
C ILE L 182 -13.22 37.38 32.68
N ALA L 183 -12.78 37.99 33.77
CA ALA L 183 -13.38 37.73 35.08
C ALA L 183 -14.80 38.29 35.16
N HIS L 184 -15.10 39.23 34.29
CA HIS L 184 -16.43 39.84 34.25
C HIS L 184 -17.13 39.56 32.94
N GLY L 185 -18.44 39.37 32.99
CA GLY L 185 -19.24 39.21 31.80
C GLY L 185 -19.55 37.76 31.42
N HIS L 186 -18.90 36.82 32.08
CA HIS L 186 -19.10 35.40 31.77
C HIS L 186 -19.76 34.64 32.92
N PRO L 187 -21.07 34.41 32.81
CA PRO L 187 -21.87 33.73 33.84
C PRO L 187 -21.44 32.28 34.10
N GLU L 188 -20.98 31.59 33.05
CA GLU L 188 -20.60 30.19 33.18
C GLU L 188 -19.25 30.03 33.86
N LEU L 189 -18.47 31.11 33.86
CA LEU L 189 -17.15 31.09 34.48
C LEU L 189 -17.28 30.93 36.00
N LYS L 190 -16.60 29.91 36.54
CA LYS L 190 -16.80 29.53 37.93
C LYS L 190 -15.58 29.83 38.80
N TYR L 191 -14.41 29.86 38.19
CA TYR L 191 -13.18 30.03 38.95
C TYR L 191 -12.09 30.77 38.19
N VAL L 192 -11.61 31.86 38.77
CA VAL L 192 -10.47 32.59 38.23
C VAL L 192 -9.37 32.64 39.27
N ALA L 193 -8.12 32.56 38.82
CA ALA L 193 -6.98 32.59 39.73
C ALA L 193 -5.71 33.04 39.03
N THR L 194 -4.81 33.67 39.78
CA THR L 194 -3.49 34.00 39.27
C THR L 194 -2.43 33.28 40.08
N ALA L 195 -1.45 32.70 39.41
CA ALA L 195 -0.42 31.91 40.09
C ALA L 195 0.98 32.27 39.61
N SER L 196 1.98 31.86 40.37
CA SER L 196 3.37 32.08 40.02
C SER L 196 4.21 30.86 40.38
N ILE L 197 5.24 30.58 39.58
CA ILE L 197 6.10 29.42 39.81
C ILE L 197 6.96 29.59 41.07
N GLY L 198 7.04 30.82 41.58
CA GLY L 198 7.73 31.06 42.83
C GLY L 198 7.01 30.33 43.96
N TRP L 199 5.71 30.11 43.76
CA TRP L 199 4.90 29.37 44.71
C TRP L 199 4.29 28.13 44.04
N PRO L 200 5.07 27.04 43.96
CA PRO L 200 4.67 25.83 43.24
C PRO L 200 3.48 25.11 43.84
N VAL L 201 3.42 25.05 45.17
CA VAL L 201 2.32 24.38 45.87
C VAL L 201 1.02 25.16 45.65
N ASP L 202 1.12 26.49 45.78
CA ASP L 202 -0.02 27.35 45.52
C ASP L 202 -0.53 27.19 44.10
N LEU L 203 0.40 27.04 43.16
CA LEU L 203 0.07 26.84 41.76
C LEU L 203 -0.72 25.56 41.55
N MET L 204 -0.19 24.45 42.08
CA MET L 204 -0.81 23.14 41.90
C MET L 204 -2.20 23.04 42.55
N ASN L 205 -2.36 23.69 43.69
CA ASN L 205 -3.65 23.68 44.39
C ASN L 205 -4.73 24.42 43.61
N LYS L 206 -4.35 25.54 43.00
CA LYS L 206 -5.27 26.31 42.17
C LYS L 206 -5.72 25.52 40.94
N VAL L 207 -4.78 24.77 40.37
CA VAL L 207 -5.07 23.93 39.21
C VAL L 207 -6.08 22.84 39.57
N ARG L 208 -5.83 22.13 40.66
CA ARG L 208 -6.76 21.11 41.12
C ARG L 208 -8.09 21.72 41.51
N LYS L 209 -8.05 22.93 42.03
CA LYS L 209 -9.27 23.64 42.40
C LYS L 209 -10.04 24.02 41.14
N GLY L 210 -9.31 24.43 40.11
CA GLY L 210 -9.92 24.77 38.84
C GLY L 210 -10.46 23.56 38.12
N LEU L 211 -9.73 22.44 38.21
CA LEU L 211 -10.13 21.21 37.56
C LEU L 211 -11.35 20.57 38.21
N ASN L 212 -11.49 20.75 39.52
CA ASN L 212 -12.60 20.15 40.26
C ASN L 212 -13.94 20.80 39.95
N GLN L 213 -13.93 21.99 39.38
CA GLN L 213 -15.18 22.68 39.08
C GLN L 213 -15.82 22.07 37.84
N GLU L 214 -17.15 22.05 37.82
CA GLU L 214 -17.90 21.45 36.73
C GLU L 214 -18.20 22.50 35.66
N GLY L 215 -17.20 23.30 35.34
CA GLY L 215 -17.33 24.32 34.31
C GLY L 215 -15.99 24.90 33.92
N PRO L 216 -16.00 25.99 33.15
CA PRO L 216 -14.77 26.64 32.67
C PRO L 216 -13.98 27.34 33.77
N ALA L 217 -12.66 27.17 33.75
CA ALA L 217 -11.78 27.85 34.69
C ALA L 217 -10.65 28.55 33.95
N TYR L 218 -10.11 29.61 34.55
CA TYR L 218 -9.00 30.32 33.93
C TYR L 218 -7.94 30.68 34.97
N ILE L 219 -6.70 30.30 34.68
CA ILE L 219 -5.59 30.58 35.60
C ILE L 219 -4.43 31.23 34.85
N HIS L 220 -4.17 32.49 35.17
CA HIS L 220 -3.11 33.26 34.55
C HIS L 220 -1.83 33.11 35.35
N ILE L 221 -0.87 32.35 34.81
CA ILE L 221 0.35 32.04 35.52
C ILE L 221 1.55 32.87 35.06
N HIS L 222 2.25 33.46 36.01
CA HIS L 222 3.44 34.25 35.71
C HIS L 222 4.64 33.32 35.63
N ALA L 223 5.26 33.27 34.45
CA ALA L 223 6.41 32.39 34.23
C ALA L 223 7.55 33.14 33.56
N PRO L 224 8.49 33.64 34.36
CA PRO L 224 9.67 34.40 33.93
C PRO L 224 10.48 33.73 32.81
N CYS L 225 10.89 34.53 31.84
CA CYS L 225 11.65 34.04 30.69
C CYS L 225 13.08 34.57 30.74
N PRO L 226 14.03 33.73 31.16
CA PRO L 226 15.44 34.11 31.26
C PRO L 226 16.01 34.60 29.93
N LYS L 227 15.64 33.91 28.85
CA LYS L 227 16.07 34.29 27.51
C LYS L 227 15.44 35.61 27.09
N GLY L 228 14.15 35.76 27.37
CA GLY L 228 13.39 36.93 26.94
C GLY L 228 13.55 38.16 27.80
N TRP L 229 13.62 37.98 29.11
CA TRP L 229 13.74 39.10 30.03
C TRP L 229 15.20 39.48 30.23
N GLN L 230 16.07 38.64 29.67
CA GLN L 230 17.52 38.85 29.73
C GLN L 230 18.07 38.88 31.16
N PHE L 231 18.08 37.70 31.79
CA PHE L 231 18.69 37.52 33.11
C PHE L 231 19.22 36.09 33.21
N PRO L 232 20.21 35.86 34.09
CA PRO L 232 20.81 34.53 34.26
C PRO L 232 19.79 33.41 34.40
N ALA L 233 20.18 32.22 33.94
CA ALA L 233 19.27 31.07 33.88
C ALA L 233 18.91 30.50 35.25
N ASP L 234 19.63 30.93 36.29
CA ASP L 234 19.37 30.40 37.62
C ASP L 234 18.73 31.43 38.55
N LYS L 235 18.10 32.45 37.98
CA LYS L 235 17.45 33.47 38.80
C LYS L 235 15.98 33.67 38.43
N THR L 236 15.42 32.73 37.67
CA THR L 236 14.04 32.82 37.23
C THR L 236 13.06 32.70 38.40
N ILE L 237 13.37 31.83 39.35
CA ILE L 237 12.51 31.63 40.50
C ILE L 237 12.65 32.80 41.47
N GLU L 238 13.84 33.40 41.50
CA GLU L 238 14.06 34.60 42.28
C GLU L 238 13.30 35.77 41.67
N MET L 239 13.18 35.74 40.34
CA MET L 239 12.45 36.75 39.60
C MET L 239 10.95 36.60 39.80
N ALA L 240 10.48 35.36 39.91
CA ALA L 240 9.07 35.07 40.13
C ALA L 240 8.60 35.60 41.48
N LYS L 241 9.41 35.40 42.51
CA LYS L 241 9.09 35.88 43.85
C LYS L 241 9.17 37.40 43.88
N LEU L 242 10.15 37.95 43.17
CA LEU L 242 10.36 39.39 43.10
C LEU L 242 9.19 40.07 42.39
N ALA L 243 8.63 39.40 41.39
CA ALA L 243 7.52 39.96 40.62
C ALA L 243 6.28 40.19 41.49
N VAL L 244 6.07 39.32 42.46
CA VAL L 244 4.95 39.46 43.38
C VAL L 244 5.24 40.46 44.50
N GLN L 245 6.46 40.37 45.05
CA GLN L 245 6.87 41.20 46.17
C GLN L 245 7.04 42.68 45.81
N THR L 246 6.98 42.99 44.52
CA THR L 246 7.12 44.37 44.08
C THR L 246 5.80 44.90 43.51
N GLY L 247 4.85 44.00 43.36
CA GLY L 247 3.52 44.36 42.89
C GLY L 247 3.40 44.26 41.37
N MET L 248 4.45 43.76 40.73
CA MET L 248 4.45 43.58 39.28
C MET L 248 3.47 42.49 38.88
N PHE L 249 3.32 41.49 39.74
CA PHE L 249 2.35 40.42 39.53
C PHE L 249 1.56 40.19 40.82
N GLN L 250 0.25 40.05 40.68
CA GLN L 250 -0.61 39.91 41.84
C GLN L 250 -1.14 38.49 41.95
N LEU L 251 -0.91 37.86 43.10
CA LEU L 251 -1.38 36.50 43.35
C LEU L 251 -2.71 36.56 44.08
N TYR L 252 -3.76 36.06 43.45
CA TYR L 252 -5.08 36.08 44.07
C TYR L 252 -6.04 35.06 43.46
N GLU L 253 -7.22 34.98 44.06
CA GLU L 253 -8.32 34.16 43.55
C GLU L 253 -9.59 35.01 43.51
N TYR L 254 -10.04 35.37 42.31
CA TYR L 254 -11.22 36.20 42.15
C TYR L 254 -12.50 35.38 42.10
N GLU L 255 -13.25 35.40 43.20
CA GLU L 255 -14.50 34.66 43.29
C GLU L 255 -15.63 35.52 43.85
N ASN L 256 -16.81 35.40 43.24
CA ASN L 256 -18.01 36.09 43.69
C ASN L 256 -17.87 37.61 43.76
N GLY L 257 -17.09 38.18 42.85
CA GLY L 257 -16.99 39.63 42.75
C GLY L 257 -15.96 40.22 43.69
N GLU L 258 -15.25 39.36 44.40
CA GLU L 258 -14.25 39.83 45.36
C GLU L 258 -12.91 39.11 45.20
N TYR L 259 -11.84 39.87 45.32
CA TYR L 259 -10.48 39.34 45.21
C TYR L 259 -9.98 38.77 46.54
N LYS L 260 -9.31 37.61 46.47
CA LYS L 260 -8.74 36.97 47.65
C LYS L 260 -7.24 36.74 47.49
N LEU L 261 -6.43 37.56 48.15
CA LEU L 261 -4.98 37.47 48.05
C LEU L 261 -4.45 36.13 48.57
N SER L 262 -3.46 35.59 47.87
CA SER L 262 -2.93 34.27 48.18
C SER L 262 -1.75 34.35 49.13
N VAL L 263 -0.82 35.26 48.84
CA VAL L 263 0.34 35.47 49.69
C VAL L 263 0.24 36.84 50.36
N LYS L 264 0.71 36.90 51.60
CA LYS L 264 0.63 38.14 52.37
C LYS L 264 1.85 38.99 52.08
N VAL L 265 1.67 40.06 51.30
CA VAL L 265 2.76 40.97 51.02
C VAL L 265 2.73 42.08 52.06
N ASP L 266 3.53 41.89 53.11
CA ASP L 266 3.64 42.82 54.22
C ASP L 266 4.21 44.17 53.78
N LYS L 267 5.21 44.11 52.90
CA LYS L 267 5.86 45.30 52.38
C LYS L 267 6.21 45.10 50.92
N ARG L 268 5.89 46.08 50.08
CA ARG L 268 6.24 45.97 48.68
C ARG L 268 7.53 46.72 48.40
N LYS L 269 8.45 46.04 47.72
CA LYS L 269 9.70 46.63 47.31
C LYS L 269 9.43 47.56 46.14
N PRO L 270 10.29 48.57 45.95
CA PRO L 270 10.13 49.38 44.74
C PRO L 270 10.32 48.53 43.49
N VAL L 271 9.71 48.93 42.38
CA VAL L 271 9.75 48.14 41.16
C VAL L 271 11.18 48.07 40.59
N SER L 272 12.01 49.04 40.97
CA SER L 272 13.38 49.11 40.47
C SER L 272 14.21 47.91 40.91
N GLU L 273 13.90 47.35 42.07
CA GLU L 273 14.64 46.20 42.60
C GLU L 273 14.31 44.92 41.83
N TYR L 274 13.39 45.05 40.88
CA TYR L 274 12.94 43.92 40.06
C TYR L 274 13.34 44.16 38.61
N MET L 275 13.32 45.42 38.21
CA MET L 275 13.60 45.80 36.84
C MET L 275 15.09 45.96 36.55
N LYS L 276 15.89 46.15 37.61
CA LYS L 276 17.32 46.35 37.43
C LYS L 276 18.04 45.03 37.17
N LEU L 277 17.36 43.92 37.45
CA LEU L 277 17.93 42.61 37.24
C LEU L 277 17.63 42.09 35.84
N GLN L 278 16.93 42.89 35.05
CA GLN L 278 16.54 42.50 33.70
C GLN L 278 17.00 43.52 32.67
N LYS L 279 17.76 43.05 31.68
CA LYS L 279 18.35 43.94 30.69
C LYS L 279 17.31 44.45 29.69
N ARG L 280 16.08 43.95 29.80
CA ARG L 280 15.00 44.42 28.94
C ARG L 280 14.48 45.78 29.41
N PHE L 281 14.86 46.15 30.63
CA PHE L 281 14.51 47.46 31.17
C PHE L 281 15.76 48.34 31.30
N ALA L 282 16.86 47.88 30.74
CA ALA L 282 18.16 48.54 30.93
C ALA L 282 18.25 49.91 30.27
N HIS L 283 17.24 50.26 29.46
CA HIS L 283 17.25 51.51 28.73
C HIS L 283 16.44 52.59 29.43
N LEU L 284 15.67 52.17 30.42
CA LEU L 284 14.72 53.07 31.08
C LEU L 284 15.37 54.07 32.04
N LYS L 285 14.89 55.31 31.98
CA LYS L 285 15.30 56.37 32.89
C LYS L 285 14.37 56.41 34.11
N PRO L 286 14.82 57.04 35.23
CA PRO L 286 14.02 57.08 36.46
C PRO L 286 12.60 57.63 36.31
N GLU L 287 12.31 58.37 35.23
CA GLU L 287 10.96 58.86 35.02
C GLU L 287 10.07 57.71 34.55
N HIS L 288 10.65 56.80 33.78
CA HIS L 288 9.92 55.65 33.27
C HIS L 288 9.67 54.67 34.42
N ILE L 289 10.65 54.52 35.29
CA ILE L 289 10.51 53.70 36.48
C ILE L 289 9.40 54.26 37.37
N ALA L 290 9.31 55.59 37.39
CA ALA L 290 8.27 56.28 38.15
C ALA L 290 6.89 55.99 37.55
N LYS L 291 6.80 56.04 36.22
CA LYS L 291 5.56 55.72 35.54
C LYS L 291 5.18 54.27 35.78
N MET L 292 6.19 53.41 35.82
CA MET L 292 6.00 52.01 36.16
C MET L 292 5.47 51.88 37.58
N GLN L 293 6.06 52.62 38.50
CA GLN L 293 5.68 52.57 39.90
C GLN L 293 4.26 53.06 40.14
N ALA L 294 3.92 54.19 39.54
CA ALA L 294 2.57 54.74 39.65
C ALA L 294 1.54 53.76 39.09
N PHE L 295 1.92 53.10 37.99
CA PHE L 295 1.06 52.11 37.36
C PHE L 295 0.91 50.86 38.24
N VAL L 296 2.02 50.42 38.83
CA VAL L 296 2.00 49.23 39.68
C VAL L 296 1.20 49.51 40.95
N ASP L 297 1.32 50.70 41.50
CA ASP L 297 0.54 51.10 42.67
C ASP L 297 -0.95 51.06 42.36
N ALA L 298 -1.32 51.64 41.22
CA ALA L 298 -2.70 51.64 40.78
C ALA L 298 -3.19 50.23 40.52
N ARG L 299 -2.30 49.38 40.00
CA ARG L 299 -2.63 47.99 39.73
C ARG L 299 -2.85 47.21 41.03
N CYS L 300 -2.09 47.55 42.06
CA CYS L 300 -2.19 46.89 43.36
C CYS L 300 -3.44 47.34 44.10
N ALA L 301 -3.87 48.57 43.83
CA ALA L 301 -5.05 49.14 44.45
C ALA L 301 -6.31 48.39 44.01
N GLU L 302 -6.27 47.89 42.78
CA GLU L 302 -7.43 47.23 42.16
C GLU L 302 -7.84 45.95 42.89
N VAL L 303 -6.86 45.24 43.43
CA VAL L 303 -7.11 43.96 44.08
C VAL L 303 -7.22 44.14 45.59
N GLY L 304 -6.66 45.23 46.09
CA GLY L 304 -6.78 45.56 47.49
C GLY L 304 -5.48 45.69 48.26
N ILE L 305 -4.37 45.75 47.53
CA ILE L 305 -3.08 45.98 48.16
C ILE L 305 -2.92 47.47 48.42
N THR L 306 -3.16 47.88 49.66
CA THR L 306 -3.18 49.29 50.02
C THR L 306 -1.88 49.70 50.71
N VAL L 307 -1.07 48.71 51.08
CA VAL L 307 0.18 48.96 51.78
C VAL L 307 1.14 49.81 50.95
N PRO L 308 1.90 50.68 51.62
CA PRO L 308 2.83 51.57 50.92
C PRO L 308 4.10 50.84 50.47
N VAL L 309 4.87 51.48 49.59
CA VAL L 309 6.11 50.90 49.10
C VAL L 309 7.28 51.22 50.02
N VAL L 310 8.05 50.21 50.38
CA VAL L 310 9.24 50.40 51.20
C VAL L 310 10.49 50.42 50.33
FE1 SF4 M . -14.69 -34.44 25.75
FE2 SF4 M . -17.13 -33.79 24.71
FE3 SF4 M . -14.85 -32.70 23.66
FE4 SF4 M . -15.42 -35.35 23.27
S1 SF4 M . -16.61 -33.57 22.50
S2 SF4 M . -13.42 -34.45 23.86
S3 SF4 M . -16.41 -35.87 25.26
S4 SF4 M . -15.66 -32.39 25.76
FE1 SF4 N . -28.00 -37.23 26.68
FE2 SF4 N . -28.28 -36.44 24.08
FE3 SF4 N . -27.38 -34.67 25.96
FE4 SF4 N . -25.78 -36.73 25.16
S1 SF4 N . -26.52 -35.00 23.87
S2 SF4 N . -26.15 -36.04 27.30
S3 SF4 N . -27.32 -38.38 24.83
S4 SF4 N . -29.43 -35.66 25.87
FE1 SF4 O . -7.45 -27.49 11.86
FE2 SF4 O . -7.79 -29.92 13.08
FE3 SF4 O . -5.38 -29.28 11.94
FE4 SF4 O . -6.19 -28.02 14.24
S1 SF4 O . -5.72 -30.24 13.98
S2 SF4 O . -5.28 -27.05 12.39
S3 SF4 O . -8.45 -27.89 13.88
S4 SF4 O . -7.37 -29.55 10.86
N1' TPP P . 5.32 -29.76 -0.02
C2' TPP P . 5.45 -31.07 -0.08
CM2 TPP P . 5.73 -31.71 -1.44
N3' TPP P . 5.33 -31.84 1.00
C4' TPP P . 5.09 -31.30 2.21
N4' TPP P . 4.99 -32.14 3.36
C5' TPP P . 4.95 -29.91 2.33
C6' TPP P . 5.09 -29.14 1.14
C7' TPP P . 4.68 -29.19 3.70
N3 TPP P . 3.45 -29.44 4.37
C2 TPP P . 3.28 -30.22 5.50
S1 TPP P . 1.77 -30.33 6.12
C5 TPP P . 1.27 -29.33 4.93
C4 TPP P . 2.25 -28.89 4.03
CM4 TPP P . 2.02 -27.96 2.85
C6 TPP P . -0.19 -28.94 4.88
C7 TPP P . -1.09 -29.86 4.01
O7 TPP P . -2.27 -29.11 3.66
PA TPP P . -3.62 -29.88 3.46
O1A TPP P . -4.73 -28.90 3.20
O2A TPP P . -3.49 -30.84 2.30
O3A TPP P . -3.95 -30.71 4.78
PB TPP P . -4.19 -30.07 6.22
O1B TPP P . -5.10 -28.88 6.10
O2B TPP P . -4.84 -31.13 7.07
O3B TPP P . -2.88 -29.64 6.83
MG MG Q . -6.19 -28.23 4.57
FE1 SF4 R . 3.61 -28.93 -50.25
FE2 SF4 R . 0.90 -28.92 -50.53
FE3 SF4 R . 2.06 -30.38 -48.53
FE4 SF4 R . 2.05 -27.65 -48.40
S1 SF4 R . 0.24 -29.03 -48.36
S2 SF4 R . 3.82 -29.04 -47.98
S3 SF4 R . 2.29 -27.12 -50.60
S4 SF4 R . 2.29 -30.71 -50.78
FE1 SF4 S . -6.63 -22.97 -56.89
FE2 SF4 S . -8.28 -23.00 -54.69
FE3 SF4 S . -7.55 -25.35 -55.90
FE4 SF4 S . -5.70 -23.89 -54.48
S1 SF4 S . -7.56 -24.91 -53.66
S2 SF4 S . -5.41 -24.86 -56.52
S3 SF4 S . -6.38 -21.78 -54.96
S4 SF4 S . -8.80 -23.68 -56.80
FE1 SF4 T . 2.32 -36.66 -35.42
FE2 SF4 T . 3.18 -34.29 -36.47
FE3 SF4 T . 4.50 -35.42 -34.35
FE4 SF4 T . 4.67 -36.56 -36.82
S1 SF4 T . 5.44 -34.50 -36.21
S2 SF4 T . 4.31 -37.63 -34.85
S3 SF4 T . 2.58 -36.15 -37.63
S4 SF4 T . 2.35 -34.65 -34.37
C1 O2T U . 9.47 -37.48 -22.52
C3 O2T U . 9.43 -36.78 -21.17
C4 O2T U . 9.00 -37.50 -20.05
N5 O2T U . 8.95 -36.91 -18.85
C6 O2T U . 9.30 -35.61 -18.71
N7 O2T U . 9.72 -34.89 -19.77
C8 O2T U . 9.79 -35.45 -20.99
N9 O2T U . 10.25 -34.63 -22.13
C10 O2T U . 9.23 -34.98 -17.34
N11 O2T U . 8.77 -36.73 -23.58
C12 O2T U . 9.43 -36.21 -24.64
S13 O2T U . 8.32 -35.36 -25.76
C14 O2T U . 6.93 -35.82 -24.67
C15 O2T U . 7.35 -36.51 -23.59
C19 O2T U . 5.53 -35.38 -25.01
C20 O2T U . 4.87 -36.34 -25.99
O21 O2T U . 3.45 -36.28 -25.84
P22 O2T U . 2.56 -34.93 -25.82
O23 O2T U . 3.17 -34.05 -27.02
P24 O2T U . 3.05 -34.41 -28.58
O25 O2T U . 1.13 -35.30 -26.18
O27 O2T U . 2.78 -34.20 -24.53
O28 O2T U . 1.58 -34.68 -28.82
O29 O2T U . 3.56 -33.16 -29.25
O30 O2T U . 3.92 -35.62 -28.79
C2 O2T U . 6.50 -37.06 -22.49
C16 O2T U . 10.93 -36.24 -24.97
O17 O2T U . 10.95 -35.52 -26.21
O18 O2T U . 11.51 -35.54 -23.88
C5 O2T U . 11.48 -37.68 -25.31
O6 O2T U . 12.14 -38.30 -24.41
O7 O2T U . 11.22 -38.10 -26.49
MG MG V . 0.25 -35.92 -27.93
FE1 SF4 W . -43.65 57.49 9.70
FE2 SF4 W . -44.07 58.22 12.30
FE3 SF4 W . -43.12 55.72 11.72
FE4 SF4 W . -41.52 57.90 11.35
S1 SF4 W . -42.35 57.14 13.33
S2 SF4 W . -41.81 56.17 9.91
S3 SF4 W . -43.04 59.46 10.68
S4 SF4 W . -45.16 56.59 11.16
FE1 SF4 X . -47.22 67.04 18.61
FE2 SF4 X . -45.71 66.14 20.70
FE3 SF4 X . -47.73 64.59 19.69
FE4 SF4 X . -45.45 64.99 18.22
S1 SF4 X . -45.61 63.92 20.22
S2 SF4 X . -47.60 65.10 17.47
S3 SF4 X . -44.95 67.14 18.79
S4 SF4 X . -47.94 66.61 20.71
FE1 SF4 Y . -34.16 44.18 13.44
FE2 SF4 Y . -33.64 46.57 12.22
FE3 SF4 Y . -32.73 44.24 11.10
FE4 SF4 Y . -35.40 44.81 11.09
S1 SF4 Y . -33.76 45.97 10.02
S2 SF4 Y . -34.43 42.82 11.62
S3 SF4 Y . -35.62 45.88 13.09
S4 SF4 Y . -32.11 45.13 13.10
N1' TPP Z . -19.20 35.55 8.75
C2' TPP Z . -18.46 36.52 8.27
CM2 TPP Z . -16.94 36.47 8.53
N3' TPP Z . -18.97 37.54 7.59
C4' TPP Z . -20.30 37.62 7.35
N4' TPP Z . -20.84 38.71 6.61
C5' TPP Z . -21.13 36.60 7.85
C6' TPP Z . -20.52 35.54 8.56
C7' TPP Z . -22.69 36.57 7.61
N3 TPP Z . -23.44 37.69 8.07
C2 TPP Z . -23.93 38.72 7.26
S1 TPP Z . -24.81 39.88 8.00
C5 TPP Z . -24.60 39.09 9.40
C4 TPP Z . -23.85 37.91 9.34
CM4 TPP Z . -23.52 36.98 10.51
C6 TPP Z . -25.26 39.70 10.64
C7 TPP Z . -24.28 40.30 11.70
O7 TPP Z . -24.93 40.19 12.97
PA TPP Z . -24.90 41.43 13.96
O1A TPP Z . -23.45 41.79 14.24
O2A TPP Z . -25.57 41.06 15.24
O3A TPP Z . -25.65 42.66 13.30
PB TPP Z . -27.22 42.67 12.95
O1B TPP Z . -27.67 44.11 12.85
O2B TPP Z . -27.47 41.97 11.63
O3B TPP Z . -27.98 41.98 14.04
MG MG AA . -27.37 41.85 15.96
FE1 SF4 BA . 19.84 20.41 36.77
FE2 SF4 BA . 18.98 21.78 38.97
FE3 SF4 BA . 18.46 22.75 36.48
FE4 SF4 BA . 17.17 20.51 37.36
S1 SF4 BA . 16.99 22.62 38.22
S2 SF4 BA . 18.13 20.82 35.32
S3 SF4 BA . 18.82 19.54 38.60
S4 SF4 BA . 20.50 22.49 37.44
FE1 SF4 CA . 18.65 18.92 50.28
FE2 SF4 CA . 16.44 20.52 50.37
FE3 SF4 CA . 18.84 21.56 49.56
FE4 SF4 CA . 17.49 19.79 47.96
S1 SF4 CA . 16.81 21.87 48.58
S2 SF4 CA . 19.72 19.77 48.44
S3 SF4 CA . 16.57 18.42 49.52
S4 SF4 CA . 18.33 20.73 51.62
FE1 SF4 DA . 11.52 31.75 27.36
FE2 SF4 DA . 11.16 29.11 28.01
FE3 SF4 DA . 10.88 29.93 25.41
FE4 SF4 DA . 13.36 29.88 26.56
S1 SF4 DA . 12.00 28.09 26.15
S2 SF4 DA . 12.46 31.55 25.30
S3 SF4 DA . 12.84 30.47 28.70
S4 SF4 DA . 9.59 30.55 27.19
N1' TPP EA . 0.73 33.54 13.60
C2' TPP EA . -0.09 32.51 13.65
CM2 TPP EA . -1.58 32.74 13.32
N3' TPP EA . 0.32 31.30 14.00
C4' TPP EA . 1.62 31.07 14.29
N4' TPP EA . 2.05 29.75 14.65
C5' TPP EA . 2.53 32.13 14.25
C6' TPP EA . 2.02 33.40 13.87
C7' TPP EA . 4.07 31.95 14.57
N3 TPP EA . 4.45 31.77 15.93
C2 TPP EA . 5.02 30.61 16.45
S1 TPP EA . 5.41 30.60 18.03
C5 TPP EA . 4.86 32.13 18.12
C4 TPP EA . 4.36 32.68 16.93
CM4 TPP EA . 3.81 34.10 16.79
C6 TPP EA . 4.92 32.87 19.45
C7 TPP EA . 3.78 32.46 20.42
O7 TPP EA . 3.72 33.42 21.49
PA TPP EA . 2.99 33.01 22.82
O1A TPP EA . 2.96 34.18 23.77
O2A TPP EA . 1.58 32.59 22.51
O3A TPP EA . 3.80 31.81 23.49
PB TPP EA . 5.37 31.83 23.76
O1B TPP EA . 5.78 33.17 24.29
O2B TPP EA . 5.69 30.77 24.80
O3B TPP EA . 6.14 31.52 22.50
MG MG FA . 4.78 34.36 25.51
#